data_9B9U
#
_entry.id   9B9U
#
_cell.length_a   1.00
_cell.length_b   1.00
_cell.length_c   1.00
_cell.angle_alpha   90.00
_cell.angle_beta   90.00
_cell.angle_gamma   90.00
#
_symmetry.space_group_name_H-M   'P 1'
#
loop_
_entity.id
_entity.type
_entity.pdbx_description
1 polymer 'Spike glycoprotein'
2 branched 2-acetamido-2-deoxy-beta-D-glucopyranose-(1-4)-2-acetamido-2-deoxy-beta-D-glucopyranose
3 branched beta-D-mannopyranose-(1-4)-2-acetamido-2-deoxy-beta-D-glucopyranose-(1-4)-2-acetamido-2-deoxy-beta-D-glucopyranose
4 branched alpha-D-mannopyranose-(1-3)-[alpha-D-mannopyranose-(1-6)]beta-D-mannopyranose-(1-4)-2-acetamido-2-deoxy-beta-D-glucopyranose-(1-4)-2-acetamido-2-deoxy-beta-D-glucopyranose
5 branched beta-D-mannopyranose-(1-4)-2-acetamido-2-deoxy-beta-D-glucopyranose-(1-4)-[alpha-L-fucopyranose-(1-6)]2-acetamido-2-deoxy-beta-D-glucopyranose
6 branched alpha-D-mannopyranose-(1-3)-beta-D-mannopyranose-(1-4)-2-acetamido-2-deoxy-beta-D-glucopyranose-(1-4)-[alpha-L-fucopyranose-(1-6)]2-acetamido-2-deoxy-beta-D-glucopyranose
7 branched alpha-D-mannopyranose-(1-3)-beta-D-mannopyranose-(1-4)-2-acetamido-2-deoxy-beta-D-glucopyranose-(1-4)-2-acetamido-2-deoxy-beta-D-glucopyranose
8 branched alpha-D-mannopyranose-(1-6)-beta-D-mannopyranose-(1-4)-2-acetamido-2-deoxy-beta-D-glucopyranose-(1-4)-2-acetamido-2-deoxy-beta-D-glucopyranose
9 branched 2-acetamido-2-deoxy-beta-D-glucopyranose-(1-4)-[alpha-L-fucopyranose-(1-6)]2-acetamido-2-deoxy-beta-D-glucopyranose
10 branched alpha-D-mannopyranose-(1-3)-[alpha-D-mannopyranose-(1-6)]beta-D-mannopyranose-(1-4)-2-acetamido-2-deoxy-beta-D-glucopyranose-(1-4)-[alpha-L-fucopyranose-(1-6)]2-acetamido-2-deoxy-beta-D-glucopyranose
11 non-polymer 2-acetamido-2-deoxy-beta-D-glucopyranose
#
_entity_poly.entity_id   1
_entity_poly.type   'polypeptide(L)'
_entity_poly.pdbx_seq_one_letter_code
;MFVFLVLLPLVSSQCVNLSAWSHPQFEKGGGSGGGSGGSSAWSHPQFEKSALVPRGSTTRTQLPPAYTNSFTRGVYYPDK
VFRSSVLHSTQDLFLPFFSNVTWFHAIHVSGTNGTKRFDNPVLPFNDGVYFASTEKSNIIRGWIFGTTLDSKTQSLLIVN
NATNVVIKVCEFQFCNDPFLGVYYHKNNKSWMESEFRVYSSANNCTFEYVSQPFLMDLEGKQGNFKNLREFVFKNIDGYF
KIYSKHTPINLVRDLPQGFSALEPLVDLPIGINITRFQTLLALHRSYLTPGDSSSGWTAGAAAYYVGYLQPRTFLLKYNE
NGTITDAVDCALDPLSETKCTLKSFTVEKGIYQTSNFRVQPTESIVRFPNITNLCPFGEVFNATRFASVYAWNRKRISNC
VADYSVLYNSASFSTFKCYGVSPTKLNDLCFTNVYADSFVIRGDEVRQIAPGQTGKIADYNYKLPDDFTGCVIAWNSNNL
DSKVGGNYNYLYRLFRKSNLKPFERDISTEIYQAGSTPCNGVEGFNCYFPLQSYGFQPTNGVGYQPYRVVVLSFELLHAP
ATVCGPKKSTNLVKNKCVNFNFNGLTGTGVLTESNKKFLPFQQFGRDIADTTDAVRDPQTLEILDITPCSFGGVSVITPG
TNTSNQVAVLYQGVNCTEVPVAIHADQLTPTWRVYSTGSNVFQTRAGCLIGAEHVNNSYECDIPIGAGICASYQTQTNSP
GSASSVASQSIIAYTMSLGAENSVAYSNNSIAIPTNFTISVTTEILPVSMTKTSVDCTMYICGDSTECSNLLLQYGSFCT
QLNRALTGIAVEQDKNTQEVFAQVKQIYKTPPIKDFGGFNFSQILPDPSKPSKRSFIEDLLFNKVTLADAGFIKQYGDCL
GDIAARDLICAQKFNGLTVLPPLLTDEMIAQYTSALLAGTITSGWTFGAGAALQIPFAMQMAYRFNGIGVTQNVLYENQK
LIANQFNSAIGKIQDSLSSTASALGKLQDVVNQNAQALNTLVKQLSSNFGAISSVLNDILSRLDPPEAEVQIDRLITGRL
QSLQTYVTQQLIRAAEIRASANLAATKMSECVLGQSKRVDFCGKGYHLMSFPQSAPHGVVFLHVTYVPAQEKNFTTAPAI
CHDGKAHFPREGVFVSNGTHWFVTQRNFYEPQIITTDNTFVSGNCDVVIGIVNNTVYDPLQPELDSFKEELDKYFKNHTS
PDVDLGDISGINASVVNIQKEIDRLNEVAKNLNESLIDLQELGKYEQYIKWPWYIWLGFIAGLIAIVMVTIMLCCMTSCC
SCLKGCCSCGSCCKFDEDDSEPVLKGVKLKYT
;
_entity_poly.pdbx_strand_id   A,B,C
#
# COMPACT_ATOMS: atom_id res chain seq x y z
N ALA A 66 29.38 -41.72 30.76
CA ALA A 66 29.84 -40.34 30.72
C ALA A 66 29.16 -39.59 29.56
N TYR A 67 29.65 -38.39 29.28
CA TYR A 67 29.11 -37.55 28.22
C TYR A 67 30.26 -37.00 27.39
N THR A 68 30.08 -37.01 26.07
CA THR A 68 31.07 -36.49 25.13
C THR A 68 30.41 -35.45 24.24
N ASN A 69 31.16 -34.41 23.90
CA ASN A 69 30.62 -33.28 23.16
C ASN A 69 30.49 -33.64 21.69
N SER A 70 29.27 -33.55 21.15
CA SER A 70 29.00 -33.74 19.73
C SER A 70 29.07 -32.37 19.07
N PHE A 71 30.24 -32.02 18.56
CA PHE A 71 30.51 -30.65 18.12
C PHE A 71 29.58 -30.23 16.98
N THR A 72 29.70 -30.87 15.82
CA THR A 72 28.90 -30.52 14.66
C THR A 72 28.47 -31.76 13.89
N ARG A 73 28.04 -32.78 14.63
CA ARG A 73 27.66 -34.05 14.03
C ARG A 73 26.15 -34.12 13.84
N GLY A 74 25.70 -35.19 13.19
CA GLY A 74 24.29 -35.40 12.97
C GLY A 74 23.62 -34.40 12.05
N VAL A 75 24.28 -34.04 10.96
CA VAL A 75 23.71 -33.17 9.93
C VAL A 75 23.51 -34.01 8.68
N TYR A 76 22.28 -34.00 8.17
CA TYR A 76 21.90 -34.83 7.03
C TYR A 76 21.14 -34.00 6.01
N TYR A 77 21.19 -34.43 4.76
CA TYR A 77 20.47 -33.77 3.68
C TYR A 77 18.98 -33.81 3.98
N PRO A 78 18.36 -32.69 4.36
CA PRO A 78 16.96 -32.74 4.79
C PRO A 78 16.00 -33.22 3.73
N ASP A 79 16.23 -32.91 2.45
CA ASP A 79 15.26 -33.14 1.39
C ASP A 79 15.94 -33.85 0.23
N LYS A 80 15.15 -34.06 -0.83
CA LYS A 80 15.60 -34.78 -2.02
C LYS A 80 16.01 -33.85 -3.15
N VAL A 81 16.10 -32.55 -2.89
CA VAL A 81 16.31 -31.54 -3.92
C VAL A 81 17.78 -31.18 -3.96
N PHE A 82 18.34 -31.07 -5.18
CA PHE A 82 19.72 -30.67 -5.37
C PHE A 82 19.83 -29.15 -5.28
N ARG A 83 20.81 -28.69 -4.50
CA ARG A 83 21.10 -27.28 -4.35
C ARG A 83 22.60 -27.09 -4.45
N SER A 84 23.02 -25.97 -5.03
CA SER A 84 24.43 -25.71 -5.25
C SER A 84 24.74 -24.25 -4.97
N SER A 85 25.84 -24.02 -4.25
CA SER A 85 26.33 -22.66 -4.01
C SER A 85 25.25 -21.78 -3.39
N VAL A 86 24.53 -22.31 -2.41
CA VAL A 86 23.42 -21.58 -1.81
C VAL A 86 23.30 -21.91 -0.33
N LEU A 87 22.79 -20.96 0.44
CA LEU A 87 22.52 -21.15 1.85
C LEU A 87 21.02 -21.33 2.06
N HIS A 88 20.64 -22.48 2.60
CA HIS A 88 19.25 -22.86 2.76
C HIS A 88 18.91 -23.02 4.23
N SER A 89 17.76 -22.49 4.64
CA SER A 89 17.29 -22.60 6.02
C SER A 89 16.17 -23.63 6.07
N THR A 90 16.37 -24.67 6.87
CA THR A 90 15.40 -25.76 6.98
C THR A 90 15.06 -26.03 8.43
N GLN A 91 13.76 -26.17 8.71
CA GLN A 91 13.27 -26.49 10.05
C GLN A 91 12.95 -27.98 10.10
N ASP A 92 13.72 -28.74 10.87
CA ASP A 92 13.52 -30.18 10.91
C ASP A 92 14.12 -30.73 12.19
N LEU A 93 13.98 -32.04 12.36
CA LEU A 93 14.57 -32.73 13.51
C LEU A 93 16.07 -32.90 13.27
N PHE A 94 16.88 -32.18 14.04
CA PHE A 94 18.32 -32.22 13.93
C PHE A 94 18.93 -32.47 15.30
N LEU A 95 20.18 -32.90 15.32
CA LEU A 95 20.91 -33.05 16.57
C LEU A 95 21.46 -31.70 17.00
N PRO A 96 21.06 -31.16 18.15
CA PRO A 96 21.57 -29.84 18.54
C PRO A 96 23.08 -29.84 18.65
N PHE A 97 23.69 -28.74 18.21
CA PHE A 97 25.14 -28.63 18.24
C PHE A 97 25.64 -28.61 19.68
N PHE A 98 26.82 -29.20 19.88
CA PHE A 98 27.46 -29.23 21.20
C PHE A 98 26.53 -29.81 22.25
N SER A 99 25.89 -30.92 21.90
CA SER A 99 25.05 -31.67 22.82
C SER A 99 25.91 -32.65 23.61
N ASN A 100 25.27 -33.57 24.32
CA ASN A 100 25.96 -34.55 25.13
C ASN A 100 25.57 -35.98 24.74
N VAL A 101 25.74 -36.34 23.47
CA VAL A 101 25.51 -37.71 23.04
C VAL A 101 26.06 -38.68 24.08
N THR A 102 25.20 -39.58 24.56
CA THR A 102 25.61 -40.51 25.61
C THR A 102 26.57 -41.56 25.05
N TRP A 103 27.51 -41.98 25.90
CA TRP A 103 28.53 -42.96 25.55
C TRP A 103 28.25 -44.26 26.30
N PHE A 104 28.24 -45.37 25.58
CA PHE A 104 27.98 -46.69 26.14
C PHE A 104 29.15 -47.61 25.84
N HIS A 105 29.61 -48.29 26.89
CA HIS A 105 30.74 -49.20 26.86
C HIS A 105 30.33 -50.54 27.46
N ALA A 106 30.96 -51.61 26.97
CA ALA A 106 30.71 -52.96 27.45
C ALA A 106 31.91 -53.47 28.23
N ILE A 107 31.65 -53.99 29.42
CA ILE A 107 32.70 -54.48 30.33
C ILE A 107 32.80 -55.99 30.13
N HIS A 108 33.89 -56.43 29.52
CA HIS A 108 34.14 -57.85 29.30
C HIS A 108 32.95 -58.54 28.66
N LYS A 116 30.48 -61.93 34.87
CA LYS A 116 30.60 -60.47 34.91
C LYS A 116 29.30 -59.84 34.44
N ARG A 117 29.37 -58.56 34.04
CA ARG A 117 28.20 -57.80 33.61
C ARG A 117 28.39 -57.32 32.18
N PHE A 118 27.29 -57.30 31.43
CA PHE A 118 27.26 -56.83 30.05
C PHE A 118 26.32 -55.64 29.96
N ASP A 119 26.79 -54.55 29.38
CA ASP A 119 26.04 -53.30 29.30
C ASP A 119 25.38 -53.21 27.92
N ASN A 120 24.06 -53.31 27.89
CA ASN A 120 23.29 -53.20 26.67
C ASN A 120 21.83 -52.89 27.00
N PRO A 121 21.53 -51.70 27.49
CA PRO A 121 20.17 -51.40 27.95
C PRO A 121 19.24 -51.05 26.79
N VAL A 122 17.95 -50.96 27.12
CA VAL A 122 16.92 -50.62 26.16
C VAL A 122 16.73 -49.11 26.22
N LEU A 123 17.31 -48.40 25.26
CA LEU A 123 17.28 -46.94 25.25
C LEU A 123 15.91 -46.44 24.78
N PRO A 124 15.45 -45.29 25.29
CA PRO A 124 14.25 -44.68 24.75
C PRO A 124 14.48 -44.16 23.34
N PHE A 125 13.40 -44.10 22.57
CA PHE A 125 13.42 -43.58 21.20
C PHE A 125 12.30 -42.54 21.08
N ASN A 126 12.68 -41.26 21.07
CA ASN A 126 11.73 -40.17 20.96
C ASN A 126 12.23 -39.19 19.92
N ASP A 127 11.38 -38.89 18.94
CA ASP A 127 11.69 -37.89 17.91
C ASP A 127 13.03 -38.16 17.25
N GLY A 128 13.30 -39.43 16.94
CA GLY A 128 14.50 -39.82 16.25
C GLY A 128 15.67 -40.05 17.19
N VAL A 129 16.72 -40.64 16.64
CA VAL A 129 17.92 -40.95 17.41
C VAL A 129 19.13 -40.86 16.48
N TYR A 130 20.23 -40.32 17.03
CA TYR A 130 21.51 -40.26 16.35
C TYR A 130 22.42 -41.32 16.96
N PHE A 131 22.86 -42.27 16.14
CA PHE A 131 23.72 -43.36 16.58
C PHE A 131 25.06 -43.21 15.88
N ALA A 132 26.15 -43.43 16.60
CA ALA A 132 27.46 -43.34 15.95
C ALA A 132 28.46 -44.20 16.71
N SER A 133 29.34 -44.88 15.98
CA SER A 133 30.28 -45.74 16.69
C SER A 133 31.52 -45.98 15.84
N THR A 134 32.59 -46.37 16.54
CA THR A 134 33.84 -46.78 15.92
C THR A 134 33.74 -48.26 15.54
N GLU A 135 32.87 -48.53 14.58
CA GLU A 135 32.58 -49.89 14.17
C GLU A 135 33.84 -50.59 13.70
N LYS A 136 34.23 -51.64 14.41
CA LYS A 136 35.40 -52.45 14.06
C LYS A 136 34.95 -53.87 13.78
N SER A 137 35.36 -54.41 12.63
CA SER A 137 35.00 -55.77 12.23
C SER A 137 33.49 -55.95 12.16
N ASN A 138 32.75 -54.87 11.91
CA ASN A 138 31.30 -54.91 11.83
C ASN A 138 30.71 -55.52 13.11
N ILE A 139 31.25 -55.10 14.25
CA ILE A 139 30.77 -55.64 15.53
C ILE A 139 29.31 -55.27 15.74
N ILE A 140 28.93 -54.04 15.40
CA ILE A 140 27.54 -53.61 15.50
C ILE A 140 26.80 -54.17 14.29
N ARG A 141 26.00 -55.21 14.50
CA ARG A 141 25.37 -55.94 13.42
C ARG A 141 23.91 -55.55 13.18
N GLY A 142 23.38 -54.61 13.95
CA GLY A 142 22.05 -54.10 13.68
C GLY A 142 21.40 -53.57 14.93
N TRP A 143 20.09 -53.32 14.81
CA TRP A 143 19.33 -52.66 15.86
C TRP A 143 17.98 -53.34 15.98
N ILE A 144 17.33 -53.09 17.12
CA ILE A 144 15.98 -53.55 17.40
C ILE A 144 15.16 -52.32 17.75
N PHE A 145 14.06 -52.10 17.05
CA PHE A 145 13.17 -50.97 17.30
C PHE A 145 11.78 -51.48 17.66
N GLY A 146 11.10 -50.75 18.52
CA GLY A 146 9.72 -51.08 18.81
C GLY A 146 9.23 -50.34 20.04
N THR A 147 8.11 -50.84 20.58
CA THR A 147 7.52 -50.27 21.78
C THR A 147 7.44 -51.27 22.92
N THR A 148 7.17 -52.53 22.63
CA THR A 148 7.13 -53.59 23.63
C THR A 148 8.29 -54.55 23.54
N LEU A 149 8.71 -54.94 22.34
CA LEU A 149 9.79 -55.90 22.16
C LEU A 149 9.49 -57.20 22.90
N ASP A 150 8.23 -57.64 22.84
CA ASP A 150 7.82 -58.83 23.57
C ASP A 150 6.89 -59.72 22.75
N SER A 151 6.84 -59.55 21.44
CA SER A 151 5.99 -60.32 20.54
C SER A 151 4.52 -59.94 20.65
N LYS A 152 4.20 -58.86 21.36
CA LYS A 152 2.81 -58.39 21.47
C LYS A 152 2.52 -57.19 20.59
N THR A 153 3.54 -56.46 20.15
CA THR A 153 3.38 -55.31 19.29
C THR A 153 4.42 -55.38 18.18
N GLN A 154 4.14 -54.69 17.07
CA GLN A 154 5.01 -54.75 15.92
C GLN A 154 6.43 -54.32 16.29
N SER A 155 7.40 -55.08 15.82
CA SER A 155 8.81 -54.84 16.09
C SER A 155 9.55 -54.61 14.76
N LEU A 156 10.87 -54.51 14.84
CA LEU A 156 11.69 -54.23 13.66
C LEU A 156 13.08 -54.80 13.91
N LEU A 157 13.67 -55.39 12.86
CA LEU A 157 14.83 -56.26 13.01
C LEU A 157 15.90 -55.93 11.97
N ILE A 158 16.27 -54.66 11.86
CA ILE A 158 17.39 -54.28 10.99
C ILE A 158 18.65 -54.95 11.50
N VAL A 159 19.20 -55.88 10.72
CA VAL A 159 20.42 -56.59 11.11
C VAL A 159 21.26 -56.86 9.87
N ASN A 160 22.54 -56.49 9.94
CA ASN A 160 23.52 -56.87 8.93
C ASN A 160 24.30 -58.08 9.44
N ASN A 161 23.60 -59.22 9.47
CA ASN A 161 24.19 -60.44 10.00
C ASN A 161 25.45 -60.84 9.21
N ALA A 162 25.37 -60.75 7.89
CA ALA A 162 26.35 -61.35 7.00
C ALA A 162 26.27 -60.62 5.66
N THR A 163 26.76 -61.28 4.60
CA THR A 163 26.85 -60.71 3.27
C THR A 163 25.71 -59.74 2.96
N ASN A 164 24.48 -60.13 3.28
CA ASN A 164 23.32 -59.30 3.01
C ASN A 164 22.86 -58.59 4.28
N VAL A 165 21.87 -57.72 4.13
CA VAL A 165 21.24 -57.00 5.23
C VAL A 165 19.76 -57.34 5.23
N VAL A 166 19.27 -57.81 6.37
CA VAL A 166 17.88 -58.23 6.54
C VAL A 166 17.16 -57.19 7.37
N ILE A 167 15.96 -56.80 6.93
CA ILE A 167 15.09 -55.90 7.67
C ILE A 167 13.76 -56.61 7.79
N LYS A 168 13.57 -57.32 8.89
CA LYS A 168 12.37 -58.10 9.15
C LYS A 168 11.46 -57.29 10.07
N VAL A 169 10.25 -57.02 9.60
CA VAL A 169 9.27 -56.29 10.40
C VAL A 169 8.17 -57.25 10.80
N CYS A 170 8.32 -57.88 11.96
CA CYS A 170 7.35 -58.84 12.42
C CYS A 170 7.18 -58.64 13.93
N GLU A 171 6.52 -59.59 14.59
CA GLU A 171 6.42 -59.61 16.04
C GLU A 171 7.26 -60.78 16.54
N PHE A 172 8.24 -60.47 17.39
CA PHE A 172 9.28 -61.41 17.77
C PHE A 172 9.26 -61.64 19.28
N GLN A 173 9.52 -62.89 19.67
CA GLN A 173 9.66 -63.24 21.08
C GLN A 173 11.10 -62.99 21.51
N PHE A 174 11.44 -61.72 21.65
CA PHE A 174 12.80 -61.33 21.94
C PHE A 174 13.26 -61.96 23.25
N CYS A 175 14.45 -62.56 23.23
CA CYS A 175 15.01 -63.18 24.42
C CYS A 175 15.41 -62.13 25.44
N ASN A 176 15.61 -62.58 26.68
CA ASN A 176 16.08 -61.66 27.72
C ASN A 176 17.45 -61.11 27.38
N ASP A 177 18.25 -61.84 26.61
CA ASP A 177 19.57 -61.41 26.18
C ASP A 177 19.72 -61.67 24.68
N PRO A 178 19.08 -60.85 23.84
CA PRO A 178 19.20 -61.01 22.38
C PRO A 178 20.56 -60.52 21.89
N PHE A 179 21.41 -61.47 21.50
CA PHE A 179 22.72 -61.13 20.97
C PHE A 179 23.25 -62.33 20.19
N LEU A 180 24.32 -62.07 19.43
CA LEU A 180 24.97 -63.10 18.62
C LEU A 180 26.15 -63.62 19.44
N GLY A 181 25.91 -64.67 20.23
CA GLY A 181 26.94 -65.17 21.12
C GLY A 181 28.19 -65.65 20.40
N VAL A 182 29.33 -65.01 20.70
CA VAL A 182 30.62 -65.36 20.10
C VAL A 182 31.58 -65.72 21.22
N TYR A 183 32.22 -66.88 21.10
CA TYR A 183 33.20 -67.34 22.09
C TYR A 183 34.56 -66.74 21.75
N TYR A 184 35.01 -65.80 22.57
CA TYR A 184 36.30 -65.13 22.37
C TYR A 184 37.39 -65.96 23.04
N HIS A 185 37.82 -67.00 22.34
CA HIS A 185 38.87 -67.90 22.83
C HIS A 185 38.53 -68.44 24.21
N LYS A 189 40.62 -69.19 17.50
CA LYS A 189 39.85 -68.35 16.60
C LYS A 189 38.44 -68.88 16.41
N SER A 190 37.52 -68.42 17.25
CA SER A 190 36.12 -68.82 17.22
C SER A 190 35.21 -67.60 17.14
N TRP A 191 35.58 -66.66 16.27
CA TRP A 191 34.81 -65.43 16.08
C TRP A 191 33.64 -65.73 15.13
N MET A 192 32.67 -66.48 15.66
CA MET A 192 31.56 -66.96 14.86
C MET A 192 30.37 -67.14 15.79
N GLU A 193 29.36 -66.29 15.65
CA GLU A 193 28.13 -66.42 16.41
C GLU A 193 27.71 -67.88 16.54
N SER A 194 27.48 -68.31 17.78
CA SER A 194 27.05 -69.67 18.08
C SER A 194 25.67 -69.72 18.69
N GLU A 195 25.40 -68.88 19.69
CA GLU A 195 24.09 -68.80 20.34
C GLU A 195 23.29 -67.69 19.68
N PHE A 196 22.20 -68.06 19.02
CA PHE A 196 21.30 -67.13 18.34
C PHE A 196 20.07 -66.95 19.24
N ARG A 197 20.11 -65.91 20.07
CA ARG A 197 19.01 -65.58 20.98
C ARG A 197 18.27 -64.33 20.54
N VAL A 198 18.40 -63.94 19.26
CA VAL A 198 17.76 -62.71 18.80
C VAL A 198 16.25 -62.81 18.95
N TYR A 199 15.67 -63.91 18.51
CA TYR A 199 14.22 -64.10 18.62
C TYR A 199 13.92 -65.59 18.48
N SER A 200 12.68 -65.95 18.82
CA SER A 200 12.21 -67.32 18.71
C SER A 200 11.42 -67.55 17.43
N SER A 201 10.40 -66.73 17.19
CA SER A 201 9.59 -66.87 15.99
C SER A 201 9.04 -65.50 15.60
N ALA A 202 8.68 -65.36 14.33
CA ALA A 202 8.00 -64.18 13.87
C ALA A 202 6.49 -64.28 14.03
N ASN A 203 5.97 -65.48 14.26
CA ASN A 203 4.53 -65.65 14.42
C ASN A 203 3.83 -64.85 13.32
N ASN A 204 3.29 -63.68 13.65
CA ASN A 204 2.24 -63.10 12.81
C ASN A 204 2.78 -62.10 11.80
N CYS A 205 3.60 -61.14 12.24
CA CYS A 205 4.53 -60.57 11.29
C CYS A 205 3.92 -59.70 10.18
N THR A 206 4.75 -58.94 9.48
CA THR A 206 4.30 -57.97 8.49
C THR A 206 5.39 -57.79 7.43
N PHE A 207 5.35 -56.66 6.72
CA PHE A 207 6.25 -56.36 5.60
C PHE A 207 7.66 -56.86 5.87
N GLU A 208 8.30 -57.37 4.81
CA GLU A 208 9.62 -57.96 4.85
C GLU A 208 10.54 -57.21 3.89
N TYR A 209 11.84 -57.21 4.20
CA TYR A 209 12.81 -56.65 3.25
C TYR A 209 14.14 -57.37 3.45
N VAL A 210 14.79 -57.73 2.34
CA VAL A 210 16.06 -58.44 2.38
C VAL A 210 16.87 -57.93 1.19
N SER A 211 17.93 -57.18 1.46
CA SER A 211 18.65 -56.54 0.36
C SER A 211 20.01 -56.08 0.87
N GLN A 212 20.67 -55.26 0.06
CA GLN A 212 21.94 -54.65 0.43
C GLN A 212 23.01 -55.72 0.61
N PRO A 213 23.40 -56.41 -0.46
CA PRO A 213 24.51 -57.38 -0.37
C PRO A 213 25.87 -56.71 -0.34
N PHE A 214 26.07 -55.85 0.66
CA PHE A 214 27.29 -55.07 0.79
C PHE A 214 27.84 -55.24 2.20
N LEU A 215 29.16 -55.27 2.30
CA LEU A 215 29.85 -55.41 3.58
C LEU A 215 30.08 -54.03 4.20
N MET A 216 29.86 -53.94 5.50
CA MET A 216 30.04 -52.68 6.23
C MET A 216 29.18 -51.59 5.59
N LYS A 226 39.19 -47.88 13.46
CA LYS A 226 39.86 -46.66 13.02
C LYS A 226 38.93 -45.79 12.17
N ASN A 227 37.69 -46.24 12.00
CA ASN A 227 36.71 -45.53 11.19
C ASN A 227 35.44 -45.31 11.99
N LEU A 228 34.74 -44.23 11.68
CA LEU A 228 33.50 -43.88 12.33
C LEU A 228 32.33 -44.12 11.38
N ARG A 229 31.32 -44.81 11.89
CA ARG A 229 30.06 -45.03 11.19
C ARG A 229 28.98 -44.23 11.93
N GLU A 230 28.31 -43.35 11.21
CA GLU A 230 27.26 -42.51 11.75
C GLU A 230 25.94 -42.88 11.09
N PHE A 231 24.88 -42.90 11.89
CA PHE A 231 23.53 -43.22 11.44
C PHE A 231 22.55 -42.29 12.12
N VAL A 232 21.45 -42.03 11.42
CA VAL A 232 20.34 -41.23 11.94
C VAL A 232 19.06 -41.99 11.62
N PHE A 233 18.33 -42.39 12.66
CA PHE A 233 17.06 -43.11 12.51
C PHE A 233 15.94 -42.21 12.99
N LYS A 234 15.06 -41.78 12.09
CA LYS A 234 13.93 -40.94 12.47
C LYS A 234 12.64 -41.49 11.88
N ASN A 235 11.61 -41.55 12.71
CA ASN A 235 10.30 -42.08 12.32
C ASN A 235 9.33 -40.91 12.19
N ILE A 236 8.92 -40.59 10.96
CA ILE A 236 8.05 -39.46 10.70
C ILE A 236 7.02 -39.85 9.65
N ASP A 237 5.76 -39.53 9.92
CA ASP A 237 4.62 -39.76 9.02
C ASP A 237 4.71 -41.14 8.36
N GLY A 238 4.92 -42.17 9.18
CA GLY A 238 4.91 -43.54 8.71
C GLY A 238 6.11 -43.97 7.90
N TYR A 239 7.16 -43.15 7.87
CA TYR A 239 8.39 -43.44 7.14
C TYR A 239 9.53 -43.51 8.15
N PHE A 240 10.32 -44.57 8.06
CA PHE A 240 11.47 -44.79 8.94
C PHE A 240 12.72 -44.35 8.19
N LYS A 241 12.92 -43.05 8.12
CA LYS A 241 14.06 -42.52 7.40
C LYS A 241 15.34 -42.95 8.10
N ILE A 242 16.28 -43.45 7.31
CA ILE A 242 17.60 -43.87 7.79
C ILE A 242 18.64 -43.19 6.93
N TYR A 243 19.54 -42.44 7.57
CA TYR A 243 20.67 -41.78 6.94
C TYR A 243 21.95 -42.37 7.51
N SER A 244 23.02 -42.38 6.71
CA SER A 244 24.28 -42.98 7.15
C SER A 244 25.44 -42.26 6.51
N LYS A 245 26.61 -42.41 7.13
CA LYS A 245 27.85 -41.88 6.55
C LYS A 245 29.03 -42.59 7.21
N HIS A 246 30.09 -42.81 6.43
CA HIS A 246 31.29 -43.51 6.87
C HIS A 246 32.51 -42.63 6.67
N THR A 247 33.43 -42.64 7.63
CA THR A 247 34.66 -41.89 7.41
C THR A 247 35.77 -42.27 8.40
N PRO A 248 37.01 -42.42 7.96
CA PRO A 248 38.09 -42.70 8.90
C PRO A 248 38.32 -41.54 9.85
N ILE A 249 38.71 -41.87 11.08
CA ILE A 249 38.91 -40.90 12.14
C ILE A 249 40.21 -41.24 12.85
N ASN A 250 40.54 -40.43 13.87
CA ASN A 250 41.75 -40.63 14.66
C ASN A 250 41.53 -40.54 16.16
N LEU A 251 40.45 -39.92 16.61
CA LEU A 251 40.21 -39.79 18.05
C LEU A 251 39.77 -41.13 18.64
N VAL A 252 39.84 -41.23 19.97
CA VAL A 252 39.56 -42.47 20.67
C VAL A 252 38.39 -42.30 21.62
N ARG A 253 38.53 -41.42 22.61
CA ARG A 253 37.54 -41.25 23.65
C ARG A 253 36.57 -40.11 23.39
N ASP A 254 36.66 -39.45 22.22
CA ASP A 254 35.80 -38.33 21.92
C ASP A 254 35.39 -38.39 20.45
N LEU A 255 34.24 -37.80 20.15
CA LEU A 255 33.77 -37.73 18.78
C LEU A 255 34.74 -36.88 17.95
N PRO A 256 34.83 -37.13 16.65
CA PRO A 256 35.82 -36.44 15.84
C PRO A 256 35.44 -34.99 15.59
N GLN A 257 36.47 -34.16 15.37
CA GLN A 257 36.29 -32.74 15.08
C GLN A 257 36.29 -32.54 13.58
N GLY A 258 35.23 -31.96 13.06
CA GLY A 258 35.08 -31.75 11.64
C GLY A 258 33.61 -31.78 11.26
N PHE A 259 33.37 -31.71 9.95
CA PHE A 259 32.02 -31.71 9.42
C PHE A 259 31.90 -32.78 8.35
N SER A 260 30.79 -33.53 8.39
CA SER A 260 30.53 -34.58 7.41
C SER A 260 29.01 -34.78 7.34
N ALA A 261 28.39 -34.21 6.31
CA ALA A 261 26.95 -34.34 6.15
C ALA A 261 26.59 -35.78 5.81
N LEU A 262 25.50 -36.25 6.41
CA LEU A 262 25.03 -37.61 6.17
C LEU A 262 24.10 -37.63 4.96
N GLU A 263 24.09 -38.78 4.27
CA GLU A 263 23.27 -38.95 3.08
C GLU A 263 22.13 -39.90 3.38
N PRO A 264 20.96 -39.73 2.76
CA PRO A 264 19.88 -40.68 2.96
C PRO A 264 20.29 -42.08 2.54
N LEU A 265 19.86 -43.06 3.32
CA LEU A 265 20.12 -44.45 3.02
C LEU A 265 18.85 -45.20 2.61
N VAL A 266 17.75 -45.03 3.33
CA VAL A 266 16.52 -45.72 2.96
C VAL A 266 15.33 -45.08 3.68
N ASP A 267 14.13 -45.30 3.13
CA ASP A 267 12.90 -44.61 3.52
C ASP A 267 11.75 -45.60 3.70
N LEU A 268 11.98 -46.65 4.49
CA LEU A 268 11.02 -47.73 4.59
C LEU A 268 9.66 -47.19 5.05
N PRO A 269 8.56 -47.48 4.32
CA PRO A 269 7.24 -47.05 4.81
C PRO A 269 6.59 -48.06 5.75
N ILE A 270 7.17 -48.18 6.95
CA ILE A 270 6.67 -49.15 7.92
C ILE A 270 5.32 -48.72 8.47
N GLY A 271 5.15 -47.44 8.77
CA GLY A 271 3.89 -46.97 9.31
C GLY A 271 3.56 -47.48 10.70
N ILE A 272 4.55 -47.50 11.60
CA ILE A 272 4.35 -47.94 12.97
C ILE A 272 4.95 -46.88 13.90
N ASN A 273 4.92 -47.19 15.20
CA ASN A 273 5.42 -46.29 16.24
C ASN A 273 6.55 -46.98 16.99
N ILE A 274 7.55 -46.20 17.36
CA ILE A 274 8.70 -46.70 18.12
C ILE A 274 8.92 -45.80 19.31
N THR A 275 9.00 -46.40 20.51
CA THR A 275 9.33 -45.69 21.72
C THR A 275 10.65 -46.12 22.35
N ARG A 276 11.12 -47.34 22.06
CA ARG A 276 12.37 -47.85 22.61
C ARG A 276 13.10 -48.63 21.53
N PHE A 277 14.42 -48.73 21.72
CA PHE A 277 15.26 -49.48 20.80
C PHE A 277 16.49 -49.99 21.55
N GLN A 278 17.17 -50.96 20.94
CA GLN A 278 18.34 -51.58 21.54
C GLN A 278 19.25 -52.11 20.44
N THR A 279 20.53 -51.77 20.52
CA THR A 279 21.47 -52.27 19.52
C THR A 279 21.79 -53.74 19.78
N LEU A 280 22.30 -54.41 18.76
CA LEU A 280 22.66 -55.82 18.85
C LEU A 280 24.15 -55.98 18.66
N LEU A 281 24.79 -56.75 19.54
CA LEU A 281 26.23 -56.91 19.54
C LEU A 281 26.59 -58.39 19.49
N ALA A 282 27.83 -58.65 19.09
CA ALA A 282 28.40 -59.99 19.10
C ALA A 282 29.62 -59.99 20.01
N LEU A 283 29.66 -60.94 20.94
CA LEU A 283 30.75 -61.01 21.91
C LEU A 283 32.07 -61.35 21.22
N ALA A 301 34.21 -53.73 25.26
CA ALA A 301 34.01 -54.22 23.90
C ALA A 301 33.23 -53.20 23.07
N ALA A 302 31.91 -53.24 23.18
CA ALA A 302 31.07 -52.28 22.46
C ALA A 302 31.36 -50.86 22.95
N ALA A 303 31.34 -49.92 22.01
CA ALA A 303 31.58 -48.51 22.32
C ALA A 303 30.78 -47.69 21.32
N TYR A 304 29.60 -47.20 21.74
CA TYR A 304 28.75 -46.46 20.81
C TYR A 304 28.09 -45.28 21.51
N TYR A 305 27.72 -44.29 20.70
CA TYR A 305 27.13 -43.05 21.17
C TYR A 305 25.71 -42.93 20.66
N VAL A 306 24.81 -42.49 21.55
CA VAL A 306 23.39 -42.35 21.26
C VAL A 306 23.00 -40.90 21.51
N GLY A 307 22.43 -40.26 20.49
CA GLY A 307 21.95 -38.90 20.60
C GLY A 307 20.44 -38.82 20.63
N TYR A 308 19.93 -37.61 20.44
CA TYR A 308 18.49 -37.38 20.44
C TYR A 308 18.20 -36.13 19.63
N LEU A 309 17.51 -36.30 18.50
CA LEU A 309 17.16 -35.16 17.67
C LEU A 309 16.07 -34.32 18.33
N GLN A 310 16.02 -33.06 17.94
CA GLN A 310 15.04 -32.10 18.41
C GLN A 310 14.60 -31.24 17.24
N PRO A 311 13.41 -30.64 17.33
CA PRO A 311 12.97 -29.78 16.23
C PRO A 311 13.69 -28.44 16.24
N ARG A 312 14.58 -28.20 15.28
CA ARG A 312 15.35 -26.97 15.24
C ARG A 312 15.52 -26.53 13.80
N THR A 313 15.79 -25.23 13.64
CA THR A 313 16.07 -24.64 12.34
C THR A 313 17.57 -24.56 12.13
N PHE A 314 18.02 -24.97 10.95
CA PHE A 314 19.43 -25.00 10.58
C PHE A 314 19.66 -24.21 9.31
N LEU A 315 20.82 -23.56 9.24
CA LEU A 315 21.27 -22.87 8.03
C LEU A 315 22.39 -23.71 7.43
N LEU A 316 22.14 -24.26 6.25
CA LEU A 316 23.02 -25.23 5.60
C LEU A 316 23.68 -24.56 4.41
N LYS A 317 24.99 -24.77 4.24
CA LYS A 317 25.73 -24.18 3.14
C LYS A 317 26.02 -25.25 2.10
N TYR A 318 25.53 -25.04 0.88
CA TYR A 318 25.78 -25.93 -0.24
C TYR A 318 26.85 -25.32 -1.13
N ASN A 319 27.93 -26.05 -1.33
CA ASN A 319 29.05 -25.60 -2.14
C ASN A 319 28.70 -25.78 -3.62
N GLU A 320 29.70 -25.58 -4.50
CA GLU A 320 29.44 -25.65 -5.94
C GLU A 320 29.13 -27.07 -6.39
N ASN A 321 29.65 -28.07 -5.69
CA ASN A 321 29.43 -29.46 -6.06
C ASN A 321 28.13 -30.03 -5.49
N GLY A 322 27.37 -29.23 -4.75
CA GLY A 322 26.10 -29.68 -4.20
C GLY A 322 26.18 -30.41 -2.89
N THR A 323 27.37 -30.48 -2.28
CA THR A 323 27.53 -31.14 -0.99
C THR A 323 27.54 -30.10 0.12
N ILE A 324 27.13 -30.53 1.32
CA ILE A 324 27.06 -29.65 2.47
C ILE A 324 28.46 -29.54 3.08
N THR A 325 28.94 -28.31 3.21
CA THR A 325 30.25 -28.04 3.78
C THR A 325 30.18 -27.61 5.24
N ASP A 326 29.16 -26.84 5.61
CA ASP A 326 29.04 -26.34 6.97
C ASP A 326 27.59 -25.98 7.25
N ALA A 327 27.28 -25.86 8.54
CA ALA A 327 25.93 -25.55 8.98
C ALA A 327 25.99 -24.73 10.25
N VAL A 328 24.89 -24.01 10.50
CA VAL A 328 24.75 -23.14 11.65
C VAL A 328 23.43 -23.47 12.34
N ASP A 329 23.47 -23.61 13.66
CA ASP A 329 22.27 -23.88 14.44
C ASP A 329 21.66 -22.54 14.86
N CYS A 330 20.47 -22.25 14.35
CA CYS A 330 19.85 -20.94 14.55
C CYS A 330 19.37 -20.72 15.96
N ALA A 331 19.67 -21.58 16.94
CA ALA A 331 19.26 -21.34 18.32
C ALA A 331 20.34 -21.69 19.33
N LEU A 332 21.55 -22.00 18.89
CA LEU A 332 22.60 -22.37 19.82
C LEU A 332 23.01 -21.20 20.70
N ASP A 333 23.18 -20.02 20.11
CA ASP A 333 23.64 -18.85 20.85
C ASP A 333 23.29 -17.61 20.04
N PRO A 334 23.38 -16.42 20.65
CA PRO A 334 23.01 -15.20 19.93
C PRO A 334 23.79 -14.97 18.65
N LEU A 335 25.08 -15.33 18.63
CA LEU A 335 25.84 -15.17 17.39
C LEU A 335 25.28 -16.02 16.27
N SER A 336 24.93 -17.27 16.58
CA SER A 336 24.31 -18.13 15.58
C SER A 336 22.95 -17.60 15.18
N GLU A 337 22.19 -17.03 16.12
CA GLU A 337 20.91 -16.43 15.77
C GLU A 337 21.10 -15.29 14.77
N THR A 338 22.11 -14.44 15.01
CA THR A 338 22.38 -13.34 14.07
C THR A 338 22.79 -13.88 12.71
N LYS A 339 23.66 -14.89 12.68
CA LYS A 339 24.05 -15.49 11.42
C LYS A 339 22.83 -16.01 10.67
N CYS A 340 21.92 -16.69 11.38
CA CYS A 340 20.75 -17.26 10.74
C CYS A 340 19.83 -16.16 10.21
N THR A 341 19.64 -15.09 11.00
CA THR A 341 18.77 -14.00 10.55
C THR A 341 19.35 -13.30 9.33
N LEU A 342 20.68 -13.11 9.29
CA LEU A 342 21.31 -12.45 8.16
C LEU A 342 21.56 -13.41 6.99
N LYS A 343 21.31 -14.71 7.16
CA LYS A 343 21.52 -15.69 6.10
C LYS A 343 22.96 -15.63 5.60
N SER A 344 23.90 -15.48 6.53
CA SER A 344 25.31 -15.40 6.19
C SER A 344 26.11 -16.03 7.31
N PHE A 345 27.17 -16.75 6.93
CA PHE A 345 28.04 -17.38 7.92
C PHE A 345 29.05 -16.41 8.53
N THR A 346 29.16 -15.20 7.98
CA THR A 346 30.00 -14.15 8.54
C THR A 346 29.15 -12.90 8.72
N VAL A 347 29.17 -12.34 9.92
CA VAL A 347 28.39 -11.15 10.25
C VAL A 347 29.34 -9.98 10.46
N GLU A 348 29.04 -8.87 9.81
CA GLU A 348 29.87 -7.68 9.91
C GLU A 348 29.62 -6.97 11.24
N LYS A 349 30.59 -6.16 11.64
CA LYS A 349 30.47 -5.42 12.89
C LYS A 349 29.22 -4.55 12.90
N GLY A 350 28.53 -4.54 14.02
CA GLY A 350 27.35 -3.72 14.17
C GLY A 350 26.41 -4.33 15.20
N ILE A 351 25.20 -3.76 15.27
CA ILE A 351 24.15 -4.22 16.16
C ILE A 351 22.96 -4.61 15.31
N TYR A 352 22.48 -5.85 15.48
CA TYR A 352 21.48 -6.44 14.61
C TYR A 352 20.26 -6.88 15.42
N GLN A 353 19.08 -6.65 14.85
CA GLN A 353 17.85 -7.13 15.44
C GLN A 353 17.74 -8.64 15.33
N THR A 354 17.05 -9.25 16.28
CA THR A 354 16.85 -10.69 16.30
C THR A 354 15.47 -10.96 16.87
N SER A 355 15.21 -12.21 17.25
CA SER A 355 13.88 -12.60 17.70
C SER A 355 13.42 -11.73 18.86
N ASN A 356 12.15 -11.33 18.80
CA ASN A 356 11.56 -10.54 19.88
C ASN A 356 11.47 -11.36 21.16
N PHE A 357 11.49 -10.66 22.29
CA PHE A 357 11.37 -11.26 23.61
C PHE A 357 10.05 -10.82 24.22
N ARG A 358 9.32 -11.78 24.79
CA ARG A 358 8.04 -11.51 25.42
C ARG A 358 7.85 -12.46 26.60
N VAL A 359 7.38 -11.91 27.71
CA VAL A 359 7.20 -12.68 28.93
C VAL A 359 5.94 -13.52 28.79
N GLN A 360 6.10 -14.84 28.78
CA GLN A 360 4.96 -15.72 28.65
C GLN A 360 4.14 -15.72 29.94
N PRO A 361 2.82 -15.78 29.85
CA PRO A 361 2.01 -15.77 31.08
C PRO A 361 2.31 -16.99 31.94
N THR A 362 2.34 -16.76 33.26
CA THR A 362 2.64 -17.85 34.19
C THR A 362 1.44 -18.79 34.34
N GLU A 363 0.23 -18.24 34.41
CA GLU A 363 -0.95 -19.05 34.67
C GLU A 363 -2.19 -18.33 34.17
N SER A 364 -3.31 -19.03 34.23
CA SER A 364 -4.60 -18.54 33.78
C SER A 364 -5.52 -18.31 34.98
N ILE A 365 -6.18 -17.15 34.99
CA ILE A 365 -7.07 -16.74 36.06
C ILE A 365 -8.43 -16.39 35.45
N VAL A 366 -9.49 -16.99 35.98
CA VAL A 366 -10.85 -16.76 35.52
C VAL A 366 -11.67 -16.30 36.71
N ARG A 367 -12.41 -15.20 36.53
CA ARG A 367 -13.24 -14.65 37.60
C ARG A 367 -14.64 -14.39 37.07
N PHE A 368 -15.64 -14.79 37.83
CA PHE A 368 -17.03 -14.60 37.47
C PHE A 368 -17.81 -14.30 38.74
N PRO A 369 -18.98 -13.68 38.62
CA PRO A 369 -19.82 -13.45 39.81
C PRO A 369 -20.30 -14.78 40.37
N ASN A 370 -20.51 -14.82 41.67
CA ASN A 370 -20.99 -16.07 42.28
C ASN A 370 -22.37 -16.44 41.78
N ILE A 371 -22.59 -17.76 41.71
CA ILE A 371 -23.80 -18.38 41.19
C ILE A 371 -24.84 -18.36 42.31
N THR A 372 -25.72 -17.35 42.29
CA THR A 372 -26.78 -17.22 43.28
C THR A 372 -28.14 -17.65 42.76
N ASN A 373 -28.48 -17.26 41.54
CA ASN A 373 -29.76 -17.61 40.94
C ASN A 373 -29.78 -19.06 40.50
N LEU A 374 -30.25 -19.95 41.36
CA LEU A 374 -30.32 -21.37 41.07
C LEU A 374 -31.75 -21.76 40.72
N CYS A 375 -31.89 -22.62 39.72
CA CYS A 375 -33.21 -23.07 39.32
C CYS A 375 -33.82 -23.95 40.40
N PRO A 376 -35.16 -24.04 40.47
CA PRO A 376 -35.83 -24.88 41.48
C PRO A 376 -35.83 -26.36 41.14
N PHE A 377 -34.66 -26.87 40.72
CA PHE A 377 -34.55 -28.29 40.40
C PHE A 377 -34.79 -29.14 41.64
N GLY A 378 -34.33 -28.67 42.80
CA GLY A 378 -34.59 -29.38 44.04
C GLY A 378 -36.07 -29.56 44.29
N GLU A 379 -36.84 -28.48 44.14
CA GLU A 379 -38.29 -28.59 44.31
C GLU A 379 -38.90 -29.48 43.26
N VAL A 380 -38.42 -29.40 42.01
CA VAL A 380 -39.03 -30.17 40.93
C VAL A 380 -38.83 -31.66 41.17
N PHE A 381 -37.64 -32.07 41.58
CA PHE A 381 -37.34 -33.48 41.80
C PHE A 381 -37.57 -33.96 43.23
N ASN A 382 -38.02 -33.10 44.13
CA ASN A 382 -38.36 -33.51 45.49
C ASN A 382 -39.84 -33.36 45.79
N ALA A 383 -40.66 -33.12 44.78
CA ALA A 383 -42.08 -32.90 45.02
C ALA A 383 -42.71 -34.13 45.65
N THR A 384 -43.67 -33.88 46.55
CA THR A 384 -44.30 -34.98 47.29
C THR A 384 -45.00 -35.95 46.34
N ARG A 385 -45.72 -35.43 45.35
CA ARG A 385 -46.47 -36.27 44.43
C ARG A 385 -46.63 -35.55 43.11
N PHE A 386 -46.32 -36.25 42.01
CA PHE A 386 -46.46 -35.67 40.69
C PHE A 386 -47.91 -35.78 40.20
N ALA A 387 -48.20 -35.09 39.10
CA ALA A 387 -49.53 -35.11 38.53
C ALA A 387 -49.76 -36.42 37.78
N SER A 388 -50.93 -36.53 37.15
CA SER A 388 -51.28 -37.74 36.43
C SER A 388 -50.46 -37.85 35.14
N VAL A 389 -50.40 -39.08 34.61
CA VAL A 389 -49.64 -39.31 33.38
C VAL A 389 -50.25 -38.52 32.23
N TYR A 390 -51.58 -38.53 32.12
CA TYR A 390 -52.25 -37.80 31.05
C TYR A 390 -52.49 -36.33 31.39
N ALA A 391 -52.23 -35.91 32.63
CA ALA A 391 -52.35 -34.53 33.06
C ALA A 391 -51.04 -34.07 33.69
N TRP A 392 -49.93 -34.37 33.02
CA TRP A 392 -48.61 -34.04 33.55
C TRP A 392 -48.51 -32.54 33.82
N ASN A 393 -47.99 -32.21 35.00
CA ASN A 393 -47.76 -30.81 35.35
C ASN A 393 -46.60 -30.25 34.53
N ARG A 394 -46.68 -28.95 34.24
CA ARG A 394 -45.64 -28.25 33.50
C ARG A 394 -45.21 -27.03 34.31
N LYS A 395 -43.93 -26.96 34.65
CA LYS A 395 -43.38 -25.84 35.40
C LYS A 395 -42.31 -25.15 34.55
N ARG A 396 -42.48 -23.84 34.33
CA ARG A 396 -41.52 -23.09 33.53
C ARG A 396 -40.37 -22.61 34.42
N ILE A 397 -39.15 -22.92 33.99
CA ILE A 397 -37.92 -22.60 34.69
C ILE A 397 -37.12 -21.70 33.76
N SER A 398 -36.80 -20.51 34.24
CA SER A 398 -36.04 -19.54 33.48
C SER A 398 -35.42 -18.55 34.44
N ASN A 399 -34.41 -17.82 33.95
CA ASN A 399 -33.71 -16.82 34.74
C ASN A 399 -33.08 -17.47 35.98
N CYS A 400 -32.19 -18.41 35.72
CA CYS A 400 -31.50 -19.13 36.79
C CYS A 400 -30.35 -19.90 36.17
N VAL A 401 -29.59 -20.60 37.03
CA VAL A 401 -28.48 -21.43 36.61
C VAL A 401 -28.90 -22.88 36.74
N ALA A 402 -28.89 -23.60 35.62
CA ALA A 402 -29.31 -25.00 35.59
C ALA A 402 -28.14 -25.89 35.95
N ASP A 403 -27.68 -25.76 37.19
CA ASP A 403 -26.59 -26.58 37.68
C ASP A 403 -27.02 -28.03 37.79
N TYR A 404 -26.13 -28.93 37.40
CA TYR A 404 -26.41 -30.37 37.45
C TYR A 404 -25.42 -31.15 38.30
N SER A 405 -24.47 -30.49 38.98
CA SER A 405 -23.54 -31.24 39.82
C SER A 405 -24.28 -32.03 40.89
N VAL A 406 -25.14 -31.36 41.64
CA VAL A 406 -25.90 -32.01 42.70
C VAL A 406 -26.91 -32.98 42.13
N LEU A 407 -27.28 -32.83 40.86
CA LEU A 407 -28.25 -33.74 40.24
C LEU A 407 -27.57 -35.03 39.79
N TYR A 408 -26.55 -34.91 38.95
CA TYR A 408 -25.91 -36.10 38.39
C TYR A 408 -25.10 -36.84 39.44
N ASN A 409 -24.31 -36.11 40.24
CA ASN A 409 -23.49 -36.78 41.23
C ASN A 409 -24.33 -37.52 42.28
N SER A 410 -25.58 -37.12 42.47
CA SER A 410 -26.46 -37.83 43.38
C SER A 410 -26.74 -39.23 42.86
N ALA A 411 -26.72 -40.21 43.78
CA ALA A 411 -27.04 -41.58 43.46
C ALA A 411 -28.53 -41.89 43.59
N SER A 412 -29.34 -40.92 44.00
CA SER A 412 -30.77 -41.16 44.19
C SER A 412 -31.42 -41.58 42.87
N PHE A 413 -31.08 -40.90 41.78
CA PHE A 413 -31.66 -41.24 40.49
C PHE A 413 -31.16 -42.59 40.01
N SER A 414 -32.00 -43.28 39.22
CA SER A 414 -31.67 -44.58 38.67
C SER A 414 -31.34 -44.53 37.19
N THR A 415 -32.19 -43.92 36.38
CA THR A 415 -32.02 -43.85 34.93
C THR A 415 -32.08 -42.41 34.47
N PHE A 416 -31.12 -42.01 33.65
CA PHE A 416 -31.06 -40.64 33.14
C PHE A 416 -30.22 -40.66 31.87
N LYS A 417 -30.85 -40.35 30.74
CA LYS A 417 -30.17 -40.30 29.45
C LYS A 417 -30.54 -39.00 28.74
N CYS A 418 -29.53 -38.30 28.23
CA CYS A 418 -29.74 -37.14 27.37
C CYS A 418 -29.48 -37.58 25.93
N TYR A 419 -30.52 -37.54 25.11
CA TYR A 419 -30.44 -37.98 23.72
C TYR A 419 -30.11 -36.85 22.76
N GLY A 420 -29.97 -35.63 23.24
CA GLY A 420 -29.65 -34.50 22.39
C GLY A 420 -28.48 -33.66 22.89
N VAL A 421 -28.11 -33.85 24.16
CA VAL A 421 -27.03 -33.12 24.78
C VAL A 421 -26.24 -34.08 25.66
N SER A 422 -25.14 -33.58 26.24
CA SER A 422 -24.30 -34.36 27.14
C SER A 422 -24.06 -33.57 28.42
N PRO A 423 -23.97 -34.25 29.56
CA PRO A 423 -23.70 -33.53 30.82
C PRO A 423 -22.39 -32.76 30.79
N THR A 424 -21.37 -33.27 30.09
CA THR A 424 -20.08 -32.58 30.07
C THR A 424 -20.20 -31.20 29.44
N LYS A 425 -20.94 -31.10 28.34
CA LYS A 425 -21.13 -29.83 27.65
C LYS A 425 -22.37 -29.09 28.14
N LEU A 426 -23.12 -29.64 29.09
CA LEU A 426 -24.27 -28.93 29.64
C LEU A 426 -23.82 -27.70 30.42
N ASN A 427 -22.70 -27.80 31.13
CA ASN A 427 -22.25 -26.67 31.96
C ASN A 427 -21.99 -25.43 31.12
N ASP A 428 -21.35 -25.60 29.97
CA ASP A 428 -20.99 -24.48 29.11
C ASP A 428 -21.97 -24.27 27.96
N LEU A 429 -23.26 -24.52 28.20
CA LEU A 429 -24.30 -24.33 27.22
C LEU A 429 -25.41 -23.46 27.80
N CYS A 430 -25.94 -22.57 26.98
CA CYS A 430 -26.96 -21.62 27.41
C CYS A 430 -28.27 -21.92 26.71
N PHE A 431 -29.36 -21.87 27.48
CA PHE A 431 -30.71 -22.16 27.03
C PHE A 431 -31.62 -20.96 27.31
N THR A 432 -32.72 -20.89 26.57
CA THR A 432 -33.70 -19.82 26.72
C THR A 432 -34.70 -20.13 27.83
N ASN A 433 -35.38 -21.27 27.76
CA ASN A 433 -36.36 -21.64 28.76
C ASN A 433 -36.45 -23.16 28.84
N VAL A 434 -36.65 -23.66 30.06
CA VAL A 434 -36.73 -25.10 30.34
C VAL A 434 -38.01 -25.38 31.11
N TYR A 435 -38.81 -26.32 30.63
CA TYR A 435 -40.03 -26.74 31.31
C TYR A 435 -39.81 -28.12 31.92
N ALA A 436 -40.19 -28.25 33.19
CA ALA A 436 -40.13 -29.52 33.89
C ALA A 436 -41.51 -30.14 33.90
N ASP A 437 -41.60 -31.37 33.38
CA ASP A 437 -42.85 -32.12 33.34
C ASP A 437 -42.69 -33.36 34.22
N SER A 438 -43.36 -33.37 35.38
CA SER A 438 -43.22 -34.43 36.36
C SER A 438 -44.52 -35.24 36.46
N PHE A 439 -44.39 -36.56 36.35
CA PHE A 439 -45.52 -37.46 36.43
C PHE A 439 -45.01 -38.83 36.88
N VAL A 440 -45.93 -39.64 37.42
CA VAL A 440 -45.62 -40.99 37.87
C VAL A 440 -46.26 -41.98 36.90
N ILE A 441 -45.49 -42.98 36.48
CA ILE A 441 -46.00 -43.99 35.56
C ILE A 441 -45.60 -45.38 36.01
N ARG A 442 -46.34 -46.37 35.51
CA ARG A 442 -45.97 -47.76 35.72
C ARG A 442 -44.63 -48.05 35.05
N GLY A 443 -43.84 -48.91 35.70
CA GLY A 443 -42.51 -49.19 35.20
C GLY A 443 -42.49 -49.64 33.76
N ASP A 444 -43.53 -50.36 33.33
CA ASP A 444 -43.60 -50.82 31.95
C ASP A 444 -43.72 -49.64 30.98
N GLU A 445 -44.48 -48.60 31.36
CA GLU A 445 -44.68 -47.47 30.47
C GLU A 445 -43.39 -46.70 30.20
N VAL A 446 -42.34 -46.94 30.99
CA VAL A 446 -41.07 -46.26 30.75
C VAL A 446 -40.55 -46.58 29.36
N ARG A 447 -40.75 -47.83 28.92
CA ARG A 447 -40.38 -48.18 27.55
C ARG A 447 -41.19 -47.38 26.54
N GLN A 448 -42.48 -47.20 26.80
CA GLN A 448 -43.32 -46.41 25.90
C GLN A 448 -42.89 -44.95 25.86
N ILE A 449 -42.29 -44.45 26.95
CA ILE A 449 -41.81 -43.07 26.97
C ILE A 449 -40.79 -42.81 25.87
N ALA A 450 -40.14 -43.85 25.36
CA ALA A 450 -39.14 -43.67 24.32
C ALA A 450 -39.79 -43.01 23.09
N PRO A 451 -39.14 -42.05 22.46
CA PRO A 451 -39.75 -41.40 21.29
C PRO A 451 -40.01 -42.39 20.17
N GLY A 452 -41.13 -42.19 19.47
CA GLY A 452 -41.46 -43.03 18.33
C GLY A 452 -41.57 -44.50 18.67
N GLN A 453 -42.25 -44.83 19.76
CA GLN A 453 -42.42 -46.21 20.20
C GLN A 453 -43.89 -46.58 20.14
N THR A 454 -44.14 -47.88 19.93
CA THR A 454 -45.51 -48.35 19.76
C THR A 454 -46.30 -48.18 21.06
N GLY A 455 -47.61 -48.04 20.91
CA GLY A 455 -48.50 -47.87 22.04
C GLY A 455 -49.27 -46.56 21.99
N LYS A 456 -50.60 -46.67 21.90
CA LYS A 456 -51.43 -45.47 21.83
C LYS A 456 -51.40 -44.67 23.13
N ILE A 457 -51.05 -45.32 24.25
CA ILE A 457 -50.93 -44.59 25.51
C ILE A 457 -49.87 -43.49 25.40
N ALA A 458 -48.81 -43.77 24.64
CA ALA A 458 -47.73 -42.78 24.50
C ALA A 458 -48.27 -41.46 23.97
N ASP A 459 -49.00 -41.50 22.85
CA ASP A 459 -49.52 -40.26 22.28
C ASP A 459 -50.80 -39.78 22.96
N TYR A 460 -51.44 -40.64 23.77
CA TYR A 460 -52.58 -40.17 24.56
C TYR A 460 -52.12 -39.32 25.73
N ASN A 461 -51.04 -39.72 26.40
CA ASN A 461 -50.57 -38.99 27.57
C ASN A 461 -49.52 -37.95 27.21
N TYR A 462 -48.39 -38.38 26.64
CA TYR A 462 -47.30 -37.46 26.32
C TYR A 462 -46.48 -38.08 25.20
N LYS A 463 -46.68 -37.60 23.98
CA LYS A 463 -45.93 -38.09 22.83
C LYS A 463 -44.57 -37.42 22.76
N LEU A 464 -43.55 -38.20 22.43
CA LEU A 464 -42.20 -37.68 22.26
C LEU A 464 -41.86 -37.62 20.78
N PRO A 465 -41.71 -36.44 20.18
CA PRO A 465 -41.41 -36.37 18.74
C PRO A 465 -40.00 -36.87 18.46
N ASP A 466 -39.76 -37.12 17.17
CA ASP A 466 -38.47 -37.65 16.73
C ASP A 466 -37.34 -36.66 16.93
N ASP A 467 -37.63 -35.39 17.20
CA ASP A 467 -36.61 -34.36 17.38
C ASP A 467 -36.64 -33.78 18.79
N PHE A 468 -36.95 -34.62 19.79
CA PHE A 468 -37.01 -34.17 21.17
C PHE A 468 -35.64 -34.34 21.82
N THR A 469 -34.94 -33.23 22.03
CA THR A 469 -33.65 -33.24 22.70
C THR A 469 -33.75 -33.05 24.20
N GLY A 470 -34.94 -32.78 24.73
CA GLY A 470 -35.10 -32.59 26.16
C GLY A 470 -34.71 -33.83 26.94
N CYS A 471 -33.88 -33.65 27.96
CA CYS A 471 -33.42 -34.80 28.74
C CYS A 471 -34.54 -35.36 29.60
N VAL A 472 -34.41 -36.63 29.99
CA VAL A 472 -35.42 -37.31 30.78
C VAL A 472 -34.78 -37.95 32.00
N ILE A 473 -35.37 -37.70 33.17
CA ILE A 473 -35.00 -38.29 34.44
C ILE A 473 -36.07 -39.31 34.78
N ALA A 474 -35.67 -40.53 35.15
CA ALA A 474 -36.62 -41.56 35.54
C ALA A 474 -36.00 -42.33 36.70
N TRP A 475 -36.63 -42.26 37.87
CA TRP A 475 -36.09 -42.91 39.06
C TRP A 475 -37.20 -43.60 39.83
N ASN A 476 -36.84 -44.75 40.39
CA ASN A 476 -37.82 -45.58 41.10
C ASN A 476 -38.36 -44.84 42.31
N SER A 477 -39.68 -44.88 42.48
CA SER A 477 -40.38 -44.31 43.62
C SER A 477 -41.38 -45.32 44.16
N ASN A 478 -40.94 -46.58 44.29
CA ASN A 478 -41.85 -47.63 44.69
C ASN A 478 -42.46 -47.34 46.06
N ASN A 479 -41.61 -47.07 47.06
CA ASN A 479 -42.13 -46.81 48.39
C ASN A 479 -43.00 -45.56 48.42
N LEU A 480 -42.55 -44.49 47.75
CA LEU A 480 -43.27 -43.23 47.82
C LEU A 480 -44.63 -43.32 47.15
N ASP A 481 -44.71 -43.99 46.00
CA ASP A 481 -45.93 -44.03 45.20
C ASP A 481 -46.68 -45.36 45.32
N SER A 482 -46.33 -46.19 46.29
CA SER A 482 -47.01 -47.47 46.51
C SER A 482 -47.79 -47.40 47.82
N LYS A 483 -49.08 -47.72 47.74
CA LYS A 483 -49.95 -47.78 48.91
C LYS A 483 -50.06 -49.22 49.40
N VAL A 484 -50.48 -49.36 50.66
CA VAL A 484 -50.64 -50.70 51.23
C VAL A 484 -51.69 -51.49 50.45
N GLY A 485 -52.81 -50.86 50.12
CA GLY A 485 -53.85 -51.49 49.33
C GLY A 485 -53.72 -51.32 47.84
N GLY A 486 -52.85 -50.44 47.38
CA GLY A 486 -52.67 -50.20 45.97
C GLY A 486 -53.16 -48.84 45.53
N ASN A 487 -52.29 -48.05 44.90
CA ASN A 487 -52.64 -46.73 44.41
C ASN A 487 -53.31 -46.88 43.05
N TYR A 488 -54.64 -46.76 43.04
CA TYR A 488 -55.42 -46.90 41.82
C TYR A 488 -55.65 -45.58 41.10
N ASN A 489 -55.10 -44.48 41.62
CA ASN A 489 -55.29 -43.19 40.97
C ASN A 489 -54.66 -43.18 39.58
N TYR A 490 -53.48 -43.78 39.43
CA TYR A 490 -52.79 -43.83 38.15
C TYR A 490 -53.46 -44.88 37.25
N LEU A 491 -54.71 -44.58 36.90
CA LEU A 491 -55.46 -45.47 36.03
C LEU A 491 -54.88 -45.46 34.63
N TYR A 492 -54.90 -46.62 33.97
CA TYR A 492 -54.30 -46.78 32.65
C TYR A 492 -55.32 -47.24 31.62
N ARG A 493 -56.48 -46.58 31.61
CA ARG A 493 -57.53 -46.87 30.63
C ARG A 493 -57.39 -46.03 29.37
N LEU A 494 -56.17 -45.62 29.02
CA LEU A 494 -55.96 -44.73 27.89
C LEU A 494 -56.18 -45.45 26.57
N PHE A 495 -57.44 -45.77 26.27
CA PHE A 495 -57.85 -46.27 24.98
C PHE A 495 -59.13 -45.57 24.53
N ARG A 496 -59.16 -44.25 24.72
CA ARG A 496 -60.37 -43.48 24.47
C ARG A 496 -60.80 -43.60 23.01
N LYS A 497 -62.12 -43.65 22.80
CA LYS A 497 -62.64 -43.80 21.45
C LYS A 497 -62.22 -42.64 20.56
N SER A 498 -62.28 -41.42 21.08
CA SER A 498 -61.80 -40.27 20.33
C SER A 498 -60.28 -40.30 20.27
N ASN A 499 -59.73 -40.12 19.06
CA ASN A 499 -58.29 -40.18 18.87
C ASN A 499 -57.65 -38.86 19.27
N LEU A 500 -56.55 -38.95 20.02
CA LEU A 500 -55.78 -37.79 20.44
C LEU A 500 -54.48 -37.75 19.64
N LYS A 501 -54.29 -36.68 18.87
CA LYS A 501 -53.11 -36.58 18.03
C LYS A 501 -51.88 -36.25 18.88
N PRO A 502 -50.69 -36.60 18.39
CA PRO A 502 -49.48 -36.25 19.14
C PRO A 502 -49.39 -34.75 19.38
N PHE A 503 -49.12 -34.37 20.63
CA PHE A 503 -49.04 -32.97 21.03
C PHE A 503 -50.23 -32.18 20.51
N GLU A 504 -51.43 -32.72 20.77
CA GLU A 504 -52.64 -32.01 20.36
C GLU A 504 -52.82 -30.70 21.11
N ARG A 505 -52.10 -30.50 22.20
CA ARG A 505 -52.21 -29.27 22.98
C ARG A 505 -50.82 -28.70 23.28
N PRO A 530 -54.96 -49.67 28.41
CA PRO A 530 -54.64 -51.01 28.93
C PRO A 530 -54.69 -51.08 30.45
N LEU A 531 -55.73 -51.72 30.98
CA LEU A 531 -55.92 -51.85 32.43
C LEU A 531 -55.20 -53.10 32.92
N GLN A 532 -53.87 -53.06 32.83
CA GLN A 532 -53.02 -54.15 33.29
C GLN A 532 -52.49 -53.91 34.70
N SER A 533 -52.89 -52.83 35.36
CA SER A 533 -52.43 -52.50 36.70
C SER A 533 -53.52 -52.85 37.70
N TYR A 534 -53.17 -53.69 38.68
CA TYR A 534 -54.10 -54.10 39.74
C TYR A 534 -53.95 -53.27 41.01
N GLY A 535 -52.72 -52.92 41.38
CA GLY A 535 -52.49 -52.12 42.57
C GLY A 535 -51.02 -51.89 42.83
N PHE A 536 -50.65 -50.66 43.18
CA PHE A 536 -49.27 -50.32 43.47
C PHE A 536 -48.98 -50.69 44.92
N GLN A 537 -48.26 -51.78 45.12
CA GLN A 537 -47.94 -52.31 46.43
C GLN A 537 -46.44 -52.46 46.56
N PRO A 538 -45.92 -52.46 47.80
CA PRO A 538 -44.47 -52.61 47.98
C PRO A 538 -43.92 -53.93 47.45
N THR A 539 -44.77 -54.94 47.28
CA THR A 539 -44.34 -56.24 46.78
C THR A 539 -44.30 -56.32 45.26
N ASN A 540 -44.63 -55.23 44.56
CA ASN A 540 -44.59 -55.25 43.11
C ASN A 540 -43.18 -55.49 42.62
N GLY A 541 -43.07 -56.29 41.56
CA GLY A 541 -41.77 -56.64 41.01
C GLY A 541 -41.23 -55.57 40.07
N VAL A 542 -40.02 -55.82 39.57
CA VAL A 542 -39.37 -54.89 38.66
C VAL A 542 -40.20 -54.76 37.39
N GLY A 543 -40.39 -53.52 36.95
CA GLY A 543 -41.22 -53.22 35.81
C GLY A 543 -42.67 -52.90 36.15
N TYR A 544 -43.11 -53.21 37.36
CA TYR A 544 -44.45 -52.88 37.82
C TYR A 544 -44.48 -51.85 38.94
N GLN A 545 -43.36 -51.63 39.62
CA GLN A 545 -43.32 -50.62 40.66
C GLN A 545 -43.50 -49.23 40.03
N PRO A 546 -44.14 -48.30 40.74
CA PRO A 546 -44.29 -46.95 40.19
C PRO A 546 -42.93 -46.28 40.05
N TYR A 547 -42.80 -45.46 39.00
CA TYR A 547 -41.56 -44.74 38.73
C TYR A 547 -41.88 -43.27 38.54
N ARG A 548 -41.06 -42.41 39.15
CA ARG A 548 -41.20 -40.97 39.02
C ARG A 548 -40.39 -40.52 37.81
N VAL A 549 -41.07 -39.88 36.85
CA VAL A 549 -40.47 -39.44 35.60
C VAL A 549 -40.59 -37.92 35.54
N VAL A 550 -39.48 -37.25 35.32
CA VAL A 550 -39.46 -35.81 35.12
C VAL A 550 -38.76 -35.54 33.79
N VAL A 551 -39.27 -34.58 33.05
CA VAL A 551 -38.77 -34.27 31.72
C VAL A 551 -38.27 -32.84 31.70
N LEU A 552 -36.99 -32.67 31.30
CA LEU A 552 -36.34 -31.38 31.12
C LEU A 552 -36.45 -31.03 29.64
N SER A 553 -37.58 -30.40 29.28
CA SER A 553 -37.88 -30.05 27.90
C SER A 553 -37.68 -28.56 27.69
N PHE A 554 -36.75 -28.18 26.82
CA PHE A 554 -36.37 -26.78 26.68
C PHE A 554 -36.57 -26.32 25.24
N GLU A 555 -36.85 -25.03 25.09
CA GLU A 555 -37.12 -24.44 23.79
C GLU A 555 -36.12 -23.34 23.48
N LEU A 556 -36.02 -23.02 22.19
CA LEU A 556 -35.07 -22.04 21.69
C LEU A 556 -35.79 -21.06 20.76
N LEU A 557 -35.17 -19.90 20.57
CA LEU A 557 -35.70 -18.86 19.69
C LEU A 557 -37.04 -18.34 20.20
N HIS A 558 -37.08 -17.99 21.48
CA HIS A 558 -38.23 -17.34 22.09
C HIS A 558 -37.89 -16.09 22.87
N ALA A 559 -36.64 -15.90 23.27
CA ALA A 559 -36.21 -14.76 24.05
C ALA A 559 -34.70 -14.82 24.21
N PRO A 560 -34.04 -13.73 24.62
CA PRO A 560 -32.59 -13.82 24.86
C PRO A 560 -32.28 -14.88 25.91
N ALA A 561 -31.18 -15.59 25.69
CA ALA A 561 -30.82 -16.68 26.59
C ALA A 561 -30.70 -16.17 28.02
N THR A 562 -31.33 -16.87 28.95
CA THR A 562 -31.37 -16.46 30.35
C THR A 562 -31.06 -17.61 31.30
N VAL A 563 -30.92 -18.83 30.80
CA VAL A 563 -30.55 -19.99 31.62
C VAL A 563 -29.18 -20.44 31.15
N CYS A 564 -28.24 -20.58 32.07
CA CYS A 564 -26.91 -21.06 31.71
C CYS A 564 -26.32 -21.84 32.87
N GLY A 565 -25.42 -22.77 32.54
CA GLY A 565 -24.79 -23.59 33.53
C GLY A 565 -23.86 -22.78 34.42
N PRO A 566 -23.57 -23.30 35.61
CA PRO A 566 -22.69 -22.57 36.53
C PRO A 566 -21.31 -22.38 35.93
N LYS A 567 -20.70 -21.24 36.24
CA LYS A 567 -19.39 -20.87 35.72
C LYS A 567 -18.41 -20.80 36.89
N LYS A 568 -17.34 -21.57 36.80
CA LYS A 568 -16.38 -21.65 37.90
C LYS A 568 -15.55 -20.37 37.99
N SER A 569 -14.91 -20.19 39.13
CA SER A 569 -14.03 -19.06 39.37
C SER A 569 -12.75 -19.54 40.02
N THR A 570 -11.66 -18.80 39.80
CA THR A 570 -10.36 -19.12 40.34
C THR A 570 -9.91 -18.01 41.29
N ASN A 571 -8.86 -18.31 42.05
CA ASN A 571 -8.33 -17.34 42.99
C ASN A 571 -7.71 -16.16 42.26
N LEU A 572 -7.64 -15.03 42.97
CA LEU A 572 -7.13 -13.80 42.40
C LEU A 572 -5.62 -13.70 42.63
N VAL A 573 -4.89 -13.35 41.58
CA VAL A 573 -3.44 -13.19 41.65
C VAL A 573 -3.09 -11.81 41.10
N LYS A 574 -1.95 -11.28 41.54
CA LYS A 574 -1.54 -9.93 41.18
C LYS A 574 -0.04 -9.92 40.91
N ASN A 575 0.39 -8.92 40.15
CA ASN A 575 1.80 -8.68 39.87
C ASN A 575 2.46 -9.86 39.16
N LYS A 576 1.69 -10.55 38.32
CA LYS A 576 2.22 -11.68 37.55
C LYS A 576 1.54 -11.70 36.20
N CYS A 577 2.32 -11.86 35.14
CA CYS A 577 1.77 -11.94 33.80
C CYS A 577 0.89 -13.17 33.69
N VAL A 578 -0.43 -12.96 33.62
CA VAL A 578 -1.40 -14.05 33.63
C VAL A 578 -2.44 -13.81 32.55
N ASN A 579 -3.17 -14.87 32.24
CA ASN A 579 -4.27 -14.80 31.27
C ASN A 579 -5.57 -14.63 32.06
N PHE A 580 -6.10 -13.42 32.07
CA PHE A 580 -7.29 -13.10 32.85
C PHE A 580 -8.54 -13.19 31.98
N ASN A 581 -9.63 -13.66 32.61
CA ASN A 581 -10.95 -13.73 31.98
C ASN A 581 -11.97 -13.17 32.97
N PHE A 582 -12.36 -11.92 32.75
CA PHE A 582 -13.35 -11.22 33.60
C PHE A 582 -14.65 -11.03 32.83
N ASN A 583 -15.70 -11.76 33.22
CA ASN A 583 -17.03 -11.61 32.62
C ASN A 583 -16.96 -11.71 31.09
N GLY A 584 -16.16 -12.65 30.60
CA GLY A 584 -16.03 -12.87 29.17
C GLY A 584 -15.01 -11.99 28.49
N LEU A 585 -14.40 -11.04 29.20
CA LEU A 585 -13.31 -10.23 28.66
C LEU A 585 -12.02 -11.02 28.88
N THR A 586 -11.46 -11.52 27.78
CA THR A 586 -10.24 -12.31 27.82
C THR A 586 -9.06 -11.43 27.44
N GLY A 587 -7.99 -11.52 28.22
CA GLY A 587 -6.78 -10.79 27.90
C GLY A 587 -5.61 -11.37 28.65
N THR A 588 -4.42 -10.91 28.29
CA THR A 588 -3.20 -11.29 28.98
C THR A 588 -2.52 -10.04 29.50
N GLY A 589 -2.09 -10.08 30.75
CA GLY A 589 -1.44 -8.92 31.33
C GLY A 589 -1.10 -9.12 32.78
N VAL A 590 -0.62 -8.04 33.39
CA VAL A 590 -0.26 -8.00 34.80
C VAL A 590 -1.33 -7.18 35.51
N LEU A 591 -1.99 -7.81 36.49
CA LEU A 591 -3.03 -7.16 37.28
C LEU A 591 -2.41 -6.51 38.50
N THR A 592 -2.75 -5.24 38.73
CA THR A 592 -2.21 -4.48 39.85
C THR A 592 -3.35 -3.76 40.55
N GLU A 593 -3.17 -3.45 41.83
CA GLU A 593 -4.15 -2.64 42.53
C GLU A 593 -4.17 -1.24 41.94
N SER A 594 -5.38 -0.74 41.67
CA SER A 594 -5.57 0.54 41.00
C SER A 594 -6.23 1.53 41.94
N ASN A 595 -5.79 2.78 41.88
CA ASN A 595 -6.38 3.86 42.65
C ASN A 595 -7.51 4.55 41.90
N LYS A 596 -7.81 4.13 40.67
CA LYS A 596 -8.92 4.71 39.94
C LYS A 596 -10.23 4.42 40.65
N LYS A 597 -11.24 5.24 40.34
CA LYS A 597 -12.57 5.12 40.95
C LYS A 597 -13.60 4.97 39.86
N PHE A 598 -14.16 3.77 39.72
CA PHE A 598 -15.23 3.53 38.77
C PHE A 598 -16.57 3.95 39.38
N LEU A 599 -17.52 4.27 38.51
CA LEU A 599 -18.88 4.44 38.95
C LEU A 599 -19.51 3.08 39.22
N PRO A 600 -20.55 3.03 40.05
CA PRO A 600 -21.08 1.71 40.45
C PRO A 600 -21.47 0.82 39.27
N PHE A 601 -22.03 1.41 38.22
CA PHE A 601 -22.51 0.63 37.09
C PHE A 601 -21.41 0.26 36.11
N GLN A 602 -20.25 0.91 36.18
CA GLN A 602 -19.20 0.68 35.21
C GLN A 602 -18.37 -0.56 35.58
N GLN A 603 -17.91 -1.26 34.56
CA GLN A 603 -17.13 -2.49 34.73
C GLN A 603 -15.72 -2.36 34.20
N PHE A 604 -15.55 -1.91 32.96
CA PHE A 604 -14.25 -1.87 32.31
C PHE A 604 -13.67 -0.47 32.37
N GLY A 605 -12.47 -0.33 31.80
CA GLY A 605 -11.84 0.96 31.64
C GLY A 605 -11.04 0.98 30.36
N ARG A 606 -11.25 1.99 29.51
CA ARG A 606 -10.61 2.07 28.21
C ARG A 606 -9.76 3.33 28.13
N ASP A 607 -8.61 3.20 27.48
CA ASP A 607 -7.72 4.33 27.28
C ASP A 607 -8.14 5.09 26.02
N ILE A 608 -7.44 6.18 25.73
CA ILE A 608 -7.79 7.01 24.58
C ILE A 608 -7.77 6.19 23.30
N ALA A 609 -6.87 5.22 23.19
CA ALA A 609 -6.77 4.39 21.99
C ALA A 609 -7.80 3.27 21.95
N ASP A 610 -8.79 3.29 22.85
CA ASP A 610 -9.84 2.28 22.85
C ASP A 610 -9.28 0.89 23.19
N THR A 611 -8.45 0.84 24.22
CA THR A 611 -7.84 -0.39 24.69
C THR A 611 -8.09 -0.54 26.18
N THR A 612 -8.43 -1.76 26.60
CA THR A 612 -8.72 -2.00 28.01
C THR A 612 -7.47 -1.79 28.86
N ASP A 613 -7.63 -1.02 29.93
CA ASP A 613 -6.54 -0.75 30.86
C ASP A 613 -6.93 -0.91 32.32
N ALA A 614 -8.21 -0.94 32.66
CA ALA A 614 -8.67 -1.22 34.01
C ALA A 614 -9.88 -2.13 33.96
N VAL A 615 -10.08 -2.91 35.02
CA VAL A 615 -11.18 -3.86 35.07
C VAL A 615 -11.63 -4.00 36.52
N ARG A 616 -12.92 -4.25 36.71
CA ARG A 616 -13.48 -4.42 38.05
C ARG A 616 -13.77 -5.90 38.26
N ASP A 617 -13.21 -6.46 39.32
CA ASP A 617 -13.37 -7.88 39.59
C ASP A 617 -14.82 -8.18 39.96
N PRO A 618 -15.50 -9.09 39.28
CA PRO A 618 -16.91 -9.32 39.61
C PRO A 618 -17.14 -9.78 41.03
N GLN A 619 -16.31 -10.68 41.55
CA GLN A 619 -16.51 -11.20 42.90
C GLN A 619 -16.35 -10.11 43.93
N THR A 620 -15.16 -9.54 44.04
CA THR A 620 -14.88 -8.43 44.94
C THR A 620 -14.88 -7.14 44.12
N LEU A 621 -15.72 -6.19 44.51
CA LEU A 621 -15.82 -4.95 43.77
C LEU A 621 -14.58 -4.09 44.00
N GLU A 622 -13.59 -4.24 43.13
CA GLU A 622 -12.35 -3.48 43.23
C GLU A 622 -11.81 -3.29 41.81
N ILE A 623 -11.01 -2.24 41.64
CA ILE A 623 -10.49 -1.86 40.34
C ILE A 623 -9.05 -2.34 40.24
N LEU A 624 -8.75 -3.11 39.20
CA LEU A 624 -7.43 -3.64 38.94
C LEU A 624 -6.92 -3.06 37.63
N ASP A 625 -5.74 -2.46 37.67
CA ASP A 625 -5.05 -2.03 36.47
C ASP A 625 -4.50 -3.24 35.71
N ILE A 626 -4.50 -3.11 34.38
CA ILE A 626 -4.02 -4.14 33.47
C ILE A 626 -2.84 -3.55 32.71
N THR A 627 -1.69 -4.18 32.83
CA THR A 627 -0.51 -3.69 32.13
C THR A 627 0.04 -4.80 31.23
N PRO A 628 0.31 -4.53 29.95
CA PRO A 628 0.77 -5.62 29.08
C PRO A 628 2.06 -6.24 29.60
N CYS A 629 2.18 -7.55 29.43
CA CYS A 629 3.37 -8.24 29.90
C CYS A 629 4.59 -7.69 29.18
N SER A 630 5.70 -7.60 29.91
CA SER A 630 6.89 -6.96 29.38
C SER A 630 7.33 -7.63 28.08
N PHE A 631 7.71 -6.81 27.12
CA PHE A 631 8.13 -7.30 25.81
C PHE A 631 9.07 -6.28 25.18
N GLY A 632 9.78 -6.74 24.16
CA GLY A 632 10.69 -5.87 23.42
C GLY A 632 11.62 -6.62 22.52
N GLY A 633 12.27 -5.91 21.59
CA GLY A 633 13.19 -6.57 20.69
C GLY A 633 14.47 -6.99 21.38
N VAL A 634 15.16 -7.93 20.74
CA VAL A 634 16.46 -8.40 21.19
C VAL A 634 17.47 -8.09 20.10
N SER A 635 18.51 -7.33 20.45
CA SER A 635 19.55 -6.96 19.51
C SER A 635 20.86 -7.59 19.96
N VAL A 636 21.67 -8.01 19.00
CA VAL A 636 22.96 -8.65 19.29
C VAL A 636 24.06 -7.72 18.83
N ILE A 637 24.87 -7.25 19.77
CA ILE A 637 26.01 -6.41 19.50
C ILE A 637 27.21 -7.32 19.32
N THR A 638 27.85 -7.24 18.15
CA THR A 638 28.99 -8.08 17.85
C THR A 638 30.01 -7.28 17.05
N PRO A 639 31.30 -7.51 17.28
CA PRO A 639 32.30 -7.05 16.32
C PRO A 639 32.37 -8.04 15.17
N GLY A 640 33.29 -7.85 14.23
CA GLY A 640 33.36 -8.79 13.12
C GLY A 640 33.67 -10.19 13.56
N THR A 641 33.27 -11.17 12.75
CA THR A 641 33.43 -12.58 13.12
C THR A 641 34.90 -12.95 13.34
N ASN A 642 35.81 -12.40 12.53
CA ASN A 642 37.22 -12.69 12.71
C ASN A 642 37.87 -11.84 13.80
N THR A 643 37.24 -10.74 14.20
CA THR A 643 37.75 -10.01 15.36
C THR A 643 37.58 -10.85 16.62
N SER A 644 36.41 -11.46 16.78
CA SER A 644 36.12 -12.32 17.91
C SER A 644 34.72 -12.89 17.70
N ASN A 645 34.47 -14.03 18.34
CA ASN A 645 33.15 -14.64 18.33
C ASN A 645 32.33 -14.22 19.54
N GLN A 646 32.86 -13.34 20.37
CA GLN A 646 32.12 -12.86 21.54
C GLN A 646 31.00 -11.92 21.08
N VAL A 647 29.93 -11.87 21.88
CA VAL A 647 28.79 -11.03 21.59
C VAL A 647 28.18 -10.54 22.89
N ALA A 648 27.37 -9.49 22.78
CA ALA A 648 26.55 -9.00 23.89
C ALA A 648 25.13 -8.88 23.38
N VAL A 649 24.14 -8.95 24.28
CA VAL A 649 22.75 -8.89 23.89
C VAL A 649 22.06 -7.77 24.64
N LEU A 650 21.30 -6.96 23.92
CA LEU A 650 20.52 -5.86 24.45
C LEU A 650 19.05 -6.23 24.35
N TYR A 651 18.33 -6.10 25.46
CA TYR A 651 16.88 -6.32 25.49
C TYR A 651 16.21 -4.96 25.50
N GLN A 652 15.83 -4.48 24.32
CA GLN A 652 15.39 -3.10 24.17
C GLN A 652 14.16 -2.83 25.01
N GLY A 653 14.21 -1.78 25.82
CA GLY A 653 13.06 -1.34 26.60
C GLY A 653 12.51 -2.39 27.53
N VAL A 654 13.39 -3.07 28.27
CA VAL A 654 12.98 -4.15 29.16
C VAL A 654 13.78 -4.02 30.45
N ASN A 655 13.12 -4.26 31.59
CA ASN A 655 13.86 -4.37 32.84
C ASN A 655 14.90 -5.46 32.76
N CYS A 656 16.00 -5.24 33.47
CA CYS A 656 17.06 -6.23 33.57
C CYS A 656 16.73 -7.31 34.59
N THR A 657 15.66 -7.14 35.37
CA THR A 657 15.21 -8.16 36.32
C THR A 657 14.25 -9.16 35.69
N GLU A 658 13.66 -8.84 34.55
CA GLU A 658 12.74 -9.75 33.86
C GLU A 658 13.42 -10.57 32.77
N VAL A 659 14.61 -10.16 32.34
CA VAL A 659 15.25 -10.82 31.20
C VAL A 659 15.43 -12.31 31.45
N PRO A 660 16.02 -12.75 32.57
CA PRO A 660 16.25 -14.19 32.75
C PRO A 660 14.97 -15.01 32.71
N VAL A 661 13.80 -14.37 32.66
CA VAL A 661 12.56 -15.12 32.52
C VAL A 661 12.58 -15.95 31.24
N ALA A 662 13.07 -15.36 30.14
CA ALA A 662 13.12 -16.07 28.87
C ALA A 662 14.41 -16.86 28.73
N TYR A 675 22.60 -17.36 28.74
CA TYR A 675 22.88 -15.99 29.15
C TYR A 675 21.99 -15.59 30.32
N SER A 676 21.25 -16.55 30.87
CA SER A 676 20.39 -16.27 32.02
C SER A 676 21.22 -15.86 33.23
N THR A 677 22.33 -16.57 33.48
CA THR A 677 23.15 -16.26 34.65
C THR A 677 23.63 -14.81 34.61
N GLY A 678 24.22 -14.40 33.49
CA GLY A 678 24.68 -13.03 33.36
C GLY A 678 26.08 -12.82 33.87
N SER A 679 26.20 -12.31 35.10
CA SER A 679 27.41 -11.86 35.75
C SER A 679 27.90 -10.54 35.16
N ASN A 680 27.27 -10.04 34.11
CA ASN A 680 27.60 -8.73 33.52
C ASN A 680 26.30 -8.15 32.99
N VAL A 681 25.64 -7.35 33.82
CA VAL A 681 24.38 -6.72 33.46
C VAL A 681 24.53 -5.21 33.61
N PHE A 682 23.81 -4.47 32.77
CA PHE A 682 23.93 -3.02 32.77
C PHE A 682 22.59 -2.45 32.34
N GLN A 683 21.84 -1.89 33.30
CA GLN A 683 20.53 -1.31 33.03
C GLN A 683 20.72 0.08 32.44
N THR A 684 20.69 0.17 31.11
CA THR A 684 20.78 1.44 30.41
C THR A 684 19.38 1.92 30.05
N ARG A 685 19.29 3.21 29.68
CA ARG A 685 18.00 3.77 29.31
C ARG A 685 17.41 3.06 28.10
N ALA A 686 18.24 2.39 27.30
CA ALA A 686 17.76 1.66 26.13
C ALA A 686 17.35 0.21 26.46
N GLY A 687 17.60 -0.26 27.67
CA GLY A 687 17.27 -1.62 28.05
C GLY A 687 18.38 -2.25 28.87
N CYS A 688 18.12 -3.50 29.25
CA CYS A 688 19.14 -4.29 29.94
C CYS A 688 20.15 -4.82 28.94
N LEU A 689 21.43 -4.60 29.24
CA LEU A 689 22.53 -5.04 28.40
C LEU A 689 23.29 -6.15 29.11
N ILE A 690 23.55 -7.23 28.39
CA ILE A 690 24.16 -8.43 28.95
C ILE A 690 25.40 -8.76 28.13
N GLY A 691 26.48 -9.13 28.82
CA GLY A 691 27.71 -9.53 28.17
C GLY A 691 28.69 -8.42 27.90
N ALA A 692 28.38 -7.19 28.25
CA ALA A 692 29.25 -6.05 28.03
C ALA A 692 29.66 -5.46 29.38
N GLU A 693 30.96 -5.24 29.56
CA GLU A 693 31.45 -4.63 30.78
C GLU A 693 31.17 -3.14 30.75
N HIS A 694 30.66 -2.61 31.86
CA HIS A 694 30.35 -1.19 31.95
C HIS A 694 31.61 -0.46 32.38
N VAL A 695 32.24 0.24 31.45
CA VAL A 695 33.38 1.11 31.74
C VAL A 695 32.91 2.53 31.59
N ASN A 696 33.59 3.42 32.28
CA ASN A 696 32.99 4.67 32.71
C ASN A 696 34.01 5.79 32.47
N ASN A 697 34.97 5.46 31.61
CA ASN A 697 35.72 6.36 30.75
C ASN A 697 34.80 6.89 29.65
N SER A 698 35.38 7.43 28.59
CA SER A 698 34.60 7.91 27.44
C SER A 698 35.43 7.82 26.16
N TYR A 699 34.83 7.25 25.11
CA TYR A 699 35.48 7.11 23.80
C TYR A 699 34.49 7.47 22.70
N GLU A 700 35.00 7.59 21.48
CA GLU A 700 34.14 7.83 20.34
C GLU A 700 33.22 6.62 20.11
N CYS A 701 31.97 6.90 19.74
CA CYS A 701 31.00 5.84 19.57
C CYS A 701 31.45 4.86 18.49
N ASP A 702 31.34 3.56 18.79
CA ASP A 702 31.68 2.50 17.86
C ASP A 702 30.46 1.73 17.41
N ILE A 703 29.71 1.16 18.35
CA ILE A 703 28.42 0.54 18.04
C ILE A 703 27.36 1.28 18.86
N PRO A 704 26.50 2.09 18.23
CA PRO A 704 25.49 2.82 19.00
C PRO A 704 24.52 1.85 19.66
N ILE A 705 24.02 2.24 20.83
CA ILE A 705 23.01 1.46 21.55
C ILE A 705 21.76 2.29 21.82
N GLY A 706 21.94 3.49 22.33
CA GLY A 706 20.84 4.40 22.60
C GLY A 706 21.08 5.16 23.88
N ALA A 707 20.44 6.33 23.98
CA ALA A 707 20.53 7.17 25.18
C ALA A 707 21.98 7.52 25.49
N GLY A 708 22.79 7.70 24.45
CA GLY A 708 24.17 8.09 24.64
C GLY A 708 25.11 6.96 25.02
N ILE A 709 24.67 5.71 24.92
CA ILE A 709 25.49 4.56 25.28
C ILE A 709 26.01 3.92 24.00
N CYS A 710 27.30 3.58 24.00
CA CYS A 710 27.91 2.91 22.86
C CYS A 710 28.76 1.74 23.36
N ALA A 711 28.93 0.75 22.50
CA ALA A 711 29.67 -0.45 22.83
C ALA A 711 30.82 -0.63 21.85
N SER A 712 31.92 -1.19 22.34
CA SER A 712 33.09 -1.41 21.50
C SER A 712 33.89 -2.59 22.02
N TYR A 713 34.76 -3.12 21.16
CA TYR A 713 35.59 -4.26 21.49
C TYR A 713 36.99 -3.78 21.83
N GLN A 714 37.38 -3.88 23.10
CA GLN A 714 38.68 -3.36 23.52
C GLN A 714 39.28 -4.28 24.57
N THR A 715 40.58 -4.10 24.81
CA THR A 715 41.31 -4.90 25.79
C THR A 715 40.73 -4.70 27.19
N SER A 728 41.17 -10.28 29.07
CA SER A 728 41.77 -9.72 27.87
C SER A 728 40.73 -8.90 27.10
N GLN A 729 40.60 -9.14 25.80
CA GLN A 729 39.65 -8.39 24.99
C GLN A 729 38.23 -8.74 25.38
N SER A 730 37.37 -7.71 25.39
CA SER A 730 35.97 -7.88 25.75
C SER A 730 35.19 -6.70 25.21
N ILE A 731 33.86 -6.84 25.25
CA ILE A 731 32.97 -5.77 24.84
C ILE A 731 32.71 -4.85 26.03
N ILE A 732 32.87 -3.55 25.81
CA ILE A 732 32.72 -2.54 26.84
C ILE A 732 31.61 -1.59 26.43
N ALA A 733 30.77 -1.22 27.40
CA ALA A 733 29.71 -0.25 27.21
C ALA A 733 30.05 1.02 27.97
N TYR A 734 29.83 2.17 27.33
CA TYR A 734 30.26 3.43 27.92
C TYR A 734 29.38 4.56 27.41
N THR A 735 29.54 5.73 28.03
CA THR A 735 28.91 6.96 27.58
C THR A 735 29.83 7.65 26.59
N MET A 736 29.39 7.76 25.34
CA MET A 736 30.25 8.25 24.27
C MET A 736 30.67 9.70 24.52
N SER A 737 31.92 9.98 24.20
CA SER A 737 32.46 11.34 24.32
C SER A 737 32.12 12.14 23.06
N LEU A 738 31.72 13.39 23.27
CA LEU A 738 31.39 14.27 22.16
C LEU A 738 32.62 14.88 21.51
N GLY A 739 33.77 14.81 22.16
CA GLY A 739 34.99 15.38 21.61
C GLY A 739 35.87 15.91 22.73
N ALA A 740 37.12 16.20 22.36
CA ALA A 740 38.07 16.73 23.33
C ALA A 740 37.60 18.08 23.85
N GLU A 741 37.70 18.26 25.16
CA GLU A 741 37.34 19.54 25.77
C GLU A 741 38.40 20.58 25.41
N ASN A 742 37.95 21.77 25.00
CA ASN A 742 38.85 22.85 24.64
C ASN A 742 38.32 24.14 25.25
N SER A 743 39.24 24.97 25.72
CA SER A 743 38.92 26.27 26.29
C SER A 743 39.71 27.31 25.52
N VAL A 744 39.05 27.97 24.55
CA VAL A 744 39.74 28.96 23.75
C VAL A 744 40.25 30.07 24.66
N ALA A 745 41.51 30.45 24.48
CA ALA A 745 42.13 31.48 25.31
C ALA A 745 41.65 32.86 24.86
N TYR A 746 40.33 33.04 24.90
CA TYR A 746 39.73 34.29 24.47
C TYR A 746 40.10 35.44 25.41
N SER A 747 40.31 36.61 24.84
CA SER A 747 40.52 37.82 25.61
C SER A 747 40.05 39.03 24.83
N ASN A 748 39.92 40.13 25.54
CA ASN A 748 40.12 41.44 24.96
C ASN A 748 41.59 41.62 24.64
N ASN A 749 41.85 42.03 23.39
CA ASN A 749 43.11 42.53 22.85
C ASN A 749 44.10 41.41 22.56
N SER A 750 43.62 40.17 22.48
CA SER A 750 44.44 39.03 22.11
C SER A 750 43.87 38.42 20.84
N ILE A 751 44.72 38.20 19.84
CA ILE A 751 44.29 37.63 18.57
C ILE A 751 45.25 36.54 18.16
N ALA A 752 44.74 35.51 17.48
CA ALA A 752 45.56 34.41 17.00
C ALA A 752 45.54 34.39 15.48
N ILE A 753 46.73 34.39 14.89
CA ILE A 753 46.90 34.48 13.44
C ILE A 753 47.75 33.30 12.99
N PRO A 754 47.34 32.58 11.95
CA PRO A 754 48.16 31.47 11.44
C PRO A 754 49.44 31.97 10.77
N THR A 755 50.41 31.07 10.74
CA THR A 755 51.71 31.33 10.15
C THR A 755 52.04 30.39 9.01
N ASN A 756 51.56 29.15 9.06
CA ASN A 756 51.91 28.17 8.05
C ASN A 756 50.67 27.31 7.81
N PHE A 757 50.07 27.48 6.64
CA PHE A 757 48.93 26.68 6.25
C PHE A 757 49.35 25.26 5.84
N THR A 758 48.33 24.44 5.63
CA THR A 758 48.46 23.14 4.97
C THR A 758 47.40 23.03 3.90
N ILE A 759 47.69 22.25 2.88
CA ILE A 759 46.73 21.97 1.81
C ILE A 759 46.11 20.60 2.09
N SER A 760 44.79 20.56 2.19
CA SER A 760 44.08 19.34 2.54
C SER A 760 43.19 18.91 1.38
N VAL A 761 43.27 17.63 1.03
CA VAL A 761 42.42 17.06 -0.01
C VAL A 761 41.53 16.01 0.66
N THR A 762 40.22 16.15 0.50
CA THR A 762 39.26 15.24 1.11
C THR A 762 38.34 14.70 0.04
N THR A 763 37.78 13.52 0.29
CA THR A 763 36.93 12.85 -0.70
C THR A 763 35.48 12.85 -0.21
N GLU A 764 34.56 13.09 -1.14
CA GLU A 764 33.13 13.08 -0.86
C GLU A 764 32.43 12.23 -1.92
N ILE A 765 31.62 11.27 -1.47
CA ILE A 765 30.95 10.32 -2.36
C ILE A 765 29.46 10.64 -2.37
N LEU A 766 28.88 10.69 -3.57
CA LEU A 766 27.46 10.98 -3.71
C LEU A 766 26.81 10.03 -4.72
N PRO A 767 25.78 9.29 -4.31
CA PRO A 767 25.01 8.50 -5.30
C PRO A 767 24.37 9.43 -6.31
N VAL A 768 24.32 8.97 -7.57
CA VAL A 768 23.79 9.78 -8.65
C VAL A 768 22.64 9.06 -9.33
N SER A 769 22.64 7.73 -9.27
CA SER A 769 21.61 6.95 -9.93
C SER A 769 21.58 5.55 -9.33
N MET A 770 20.54 4.80 -9.68
CA MET A 770 20.39 3.42 -9.26
C MET A 770 19.97 2.58 -10.47
N THR A 771 20.19 1.28 -10.36
CA THR A 771 19.97 0.39 -11.49
C THR A 771 18.53 0.49 -11.98
N LYS A 772 18.37 0.61 -13.30
CA LYS A 772 17.03 0.55 -13.89
C LYS A 772 16.45 -0.84 -13.71
N THR A 773 15.13 -0.90 -13.57
CA THR A 773 14.44 -2.17 -13.42
C THR A 773 13.07 -2.07 -14.08
N SER A 774 12.81 -2.96 -15.03
CA SER A 774 11.51 -3.09 -15.66
C SER A 774 10.93 -4.45 -15.31
N VAL A 775 9.69 -4.45 -14.85
CA VAL A 775 9.02 -5.66 -14.39
C VAL A 775 7.79 -5.89 -15.26
N ASP A 776 7.73 -7.07 -15.87
CA ASP A 776 6.55 -7.47 -16.65
C ASP A 776 5.49 -7.93 -15.65
N CYS A 777 4.49 -7.09 -15.40
CA CYS A 777 3.48 -7.40 -14.41
C CYS A 777 2.76 -8.69 -14.76
N THR A 778 2.35 -8.84 -16.02
CA THR A 778 1.61 -10.03 -16.42
C THR A 778 2.44 -11.28 -16.21
N MET A 779 3.69 -11.27 -16.68
CA MET A 779 4.54 -12.45 -16.53
C MET A 779 4.76 -12.78 -15.07
N TYR A 780 5.09 -11.77 -14.27
CA TYR A 780 5.39 -12.02 -12.86
C TYR A 780 4.18 -12.60 -12.15
N ILE A 781 2.99 -12.05 -12.39
CA ILE A 781 1.82 -12.51 -11.65
C ILE A 781 1.33 -13.86 -12.17
N CYS A 782 1.27 -14.05 -13.48
CA CYS A 782 0.58 -15.17 -14.10
C CYS A 782 1.46 -15.81 -15.17
N GLY A 783 2.71 -16.10 -14.83
CA GLY A 783 3.65 -16.63 -15.81
C GLY A 783 3.08 -17.73 -16.68
N ASP A 784 2.95 -17.45 -17.97
CA ASP A 784 2.51 -18.42 -18.97
C ASP A 784 1.25 -19.17 -18.50
N SER A 785 0.18 -18.41 -18.33
CA SER A 785 -1.09 -18.99 -17.91
C SER A 785 -2.22 -18.11 -18.44
N THR A 786 -2.91 -18.58 -19.47
CA THR A 786 -3.99 -17.80 -20.06
C THR A 786 -5.13 -17.59 -19.07
N GLU A 787 -5.47 -18.63 -18.31
CA GLU A 787 -6.56 -18.51 -17.33
C GLU A 787 -6.21 -17.46 -16.29
N CYS A 788 -4.99 -17.51 -15.77
CA CYS A 788 -4.57 -16.54 -14.76
C CYS A 788 -4.52 -15.12 -15.35
N SER A 789 -4.07 -14.99 -16.59
CA SER A 789 -4.05 -13.67 -17.23
C SER A 789 -5.47 -13.12 -17.35
N ASN A 790 -6.40 -13.95 -17.81
CA ASN A 790 -7.78 -13.51 -17.96
C ASN A 790 -8.37 -13.11 -16.62
N LEU A 791 -8.07 -13.88 -15.57
CA LEU A 791 -8.53 -13.50 -14.24
C LEU A 791 -7.93 -12.17 -13.82
N LEU A 792 -6.64 -11.95 -14.13
CA LEU A 792 -6.00 -10.70 -13.78
C LEU A 792 -6.61 -9.52 -14.51
N LEU A 793 -7.13 -9.74 -15.71
CA LEU A 793 -7.75 -8.65 -16.46
C LEU A 793 -8.91 -8.01 -15.71
N GLN A 794 -9.51 -8.72 -14.76
CA GLN A 794 -10.62 -8.18 -14.00
C GLN A 794 -10.19 -7.10 -13.01
N TYR A 795 -8.89 -6.90 -12.81
CA TYR A 795 -8.40 -5.94 -11.83
C TYR A 795 -8.11 -4.57 -12.44
N GLY A 796 -8.36 -4.38 -13.73
CA GLY A 796 -8.20 -3.07 -14.34
C GLY A 796 -6.82 -2.83 -14.92
N SER A 797 -6.29 -1.63 -14.69
CA SER A 797 -5.03 -1.19 -15.28
C SER A 797 -3.89 -1.15 -14.26
N PHE A 798 -3.92 -2.04 -13.28
CA PHE A 798 -2.85 -2.06 -12.28
C PHE A 798 -1.50 -2.36 -12.91
N CYS A 799 -1.45 -3.33 -13.82
CA CYS A 799 -0.19 -3.66 -14.47
C CYS A 799 0.34 -2.48 -15.27
N THR A 800 -0.55 -1.80 -16.00
CA THR A 800 -0.13 -0.64 -16.77
C THR A 800 0.39 0.45 -15.85
N GLN A 801 -0.28 0.68 -14.72
CA GLN A 801 0.17 1.70 -13.78
C GLN A 801 1.56 1.38 -13.23
N LEU A 802 1.77 0.12 -12.84
CA LEU A 802 3.08 -0.26 -12.30
C LEU A 802 4.17 -0.12 -13.36
N ASN A 803 3.88 -0.56 -14.59
CA ASN A 803 4.86 -0.41 -15.67
C ASN A 803 5.18 1.05 -15.91
N ARG A 804 4.17 1.93 -15.88
CA ARG A 804 4.41 3.35 -16.09
C ARG A 804 5.29 3.91 -14.98
N ALA A 805 5.03 3.53 -13.73
CA ALA A 805 5.84 4.02 -12.62
C ALA A 805 7.29 3.60 -12.77
N LEU A 806 7.51 2.31 -13.09
CA LEU A 806 8.88 1.82 -13.23
C LEU A 806 9.59 2.49 -14.40
N THR A 807 8.87 2.71 -15.51
CA THR A 807 9.46 3.39 -16.65
C THR A 807 9.85 4.82 -16.29
N GLY A 808 8.99 5.51 -15.53
CA GLY A 808 9.34 6.84 -15.06
C GLY A 808 10.61 6.85 -14.23
N ILE A 809 10.73 5.88 -13.31
CA ILE A 809 11.95 5.78 -12.51
C ILE A 809 13.16 5.56 -13.40
N ALA A 810 13.03 4.65 -14.38
CA ALA A 810 14.15 4.33 -15.25
C ALA A 810 14.60 5.55 -16.04
N VAL A 811 13.66 6.32 -16.57
CA VAL A 811 14.02 7.52 -17.31
C VAL A 811 14.66 8.54 -16.37
N GLU A 812 14.15 8.65 -15.14
CA GLU A 812 14.70 9.61 -14.20
C GLU A 812 16.16 9.28 -13.86
N GLN A 813 16.52 8.00 -13.87
CA GLN A 813 17.92 7.65 -13.59
C GLN A 813 18.85 8.26 -14.64
N ASP A 814 18.51 8.09 -15.92
CA ASP A 814 19.32 8.68 -16.98
C ASP A 814 19.31 10.19 -16.90
N LYS A 815 18.16 10.77 -16.56
CA LYS A 815 18.11 12.23 -16.39
C LYS A 815 19.07 12.69 -15.30
N ASN A 816 19.11 11.95 -14.18
CA ASN A 816 20.01 12.30 -13.09
C ASN A 816 21.46 12.26 -13.55
N THR A 817 21.85 11.16 -14.22
CA THR A 817 23.24 11.06 -14.66
C THR A 817 23.58 12.18 -15.64
N GLN A 818 22.68 12.47 -16.58
CA GLN A 818 22.94 13.53 -17.54
C GLN A 818 23.11 14.87 -16.84
N GLU A 819 22.22 15.19 -15.90
CA GLU A 819 22.31 16.47 -15.21
C GLU A 819 23.60 16.57 -14.43
N VAL A 820 24.01 15.48 -13.78
CA VAL A 820 25.21 15.55 -12.94
C VAL A 820 26.46 15.72 -13.79
N PHE A 821 26.58 14.94 -14.86
CA PHE A 821 27.87 14.87 -15.58
C PHE A 821 27.93 15.76 -16.81
N ALA A 822 26.89 15.76 -17.65
CA ALA A 822 26.94 16.48 -18.92
C ALA A 822 26.74 17.99 -18.69
N GLN A 823 27.69 18.57 -17.96
CA GLN A 823 27.69 19.99 -17.67
C GLN A 823 28.71 20.75 -18.53
N VAL A 824 29.34 20.08 -19.49
CA VAL A 824 30.29 20.71 -20.41
C VAL A 824 29.77 20.53 -21.82
N LYS A 825 29.69 21.63 -22.56
CA LYS A 825 29.22 21.60 -23.93
C LYS A 825 30.32 21.23 -24.92
N GLN A 826 31.54 20.99 -24.44
CA GLN A 826 32.67 20.75 -25.32
C GLN A 826 33.68 19.87 -24.59
N ILE A 827 34.15 18.82 -25.26
CA ILE A 827 35.07 17.88 -24.64
C ILE A 827 36.47 18.47 -24.72
N TYR A 828 36.97 18.94 -23.58
CA TYR A 828 38.31 19.51 -23.52
C TYR A 828 39.34 18.41 -23.35
N LYS A 829 40.55 18.66 -23.87
CA LYS A 829 41.63 17.69 -23.85
C LYS A 829 42.86 18.32 -23.21
N THR A 830 43.45 17.63 -22.24
CA THR A 830 44.64 18.14 -21.59
C THR A 830 45.82 18.16 -22.55
N PRO A 831 46.71 19.15 -22.44
CA PRO A 831 47.84 19.21 -23.36
C PRO A 831 48.78 18.04 -23.15
N PRO A 832 49.52 17.63 -24.17
CA PRO A 832 50.45 16.50 -23.99
C PRO A 832 51.50 16.74 -22.93
N ILE A 833 51.95 17.97 -22.75
CA ILE A 833 52.99 18.30 -21.79
C ILE A 833 52.32 18.80 -20.51
N LYS A 834 52.63 18.14 -19.39
CA LYS A 834 52.00 18.45 -18.11
C LYS A 834 52.91 19.36 -17.29
N ASP A 835 53.02 20.61 -17.76
CA ASP A 835 53.82 21.62 -17.08
C ASP A 835 52.89 22.52 -16.28
N PHE A 836 52.47 22.01 -15.12
CA PHE A 836 51.52 22.71 -14.25
C PHE A 836 52.22 23.35 -13.05
N GLY A 837 53.42 23.85 -13.25
CA GLY A 837 54.12 24.55 -12.17
C GLY A 837 54.35 23.70 -10.94
N GLY A 838 54.66 22.42 -11.12
CA GLY A 838 54.93 21.51 -10.04
C GLY A 838 53.72 20.70 -9.60
N PHE A 839 52.53 21.27 -9.73
CA PHE A 839 51.32 20.51 -9.42
C PHE A 839 51.20 19.31 -10.34
N ASN A 840 50.74 18.20 -9.78
CA ASN A 840 50.82 16.90 -10.45
C ASN A 840 49.46 16.23 -10.38
N PHE A 841 48.94 15.80 -11.53
CA PHE A 841 47.59 15.27 -11.62
C PHE A 841 47.52 13.95 -12.39
N SER A 842 48.62 13.19 -12.43
CA SER A 842 48.61 11.96 -13.20
C SER A 842 47.58 10.96 -12.65
N GLN A 843 47.49 10.87 -11.32
CA GLN A 843 46.62 9.88 -10.69
C GLN A 843 45.14 10.16 -10.92
N ILE A 844 44.77 11.35 -11.39
CA ILE A 844 43.39 11.67 -11.67
C ILE A 844 43.12 11.85 -13.16
N LEU A 845 44.15 12.06 -13.98
CA LEU A 845 43.96 12.18 -15.41
C LEU A 845 43.84 10.80 -16.06
N PRO A 846 43.25 10.72 -17.25
CA PRO A 846 43.04 9.41 -17.88
C PRO A 846 44.36 8.71 -18.16
N ASP A 847 44.33 7.38 -18.06
CA ASP A 847 45.48 6.55 -18.40
C ASP A 847 45.22 5.84 -19.72
N PRO A 848 45.90 6.22 -20.81
CA PRO A 848 45.60 5.58 -22.11
C PRO A 848 45.86 4.08 -22.11
N SER A 849 46.69 3.55 -21.21
CA SER A 849 47.00 2.13 -21.23
C SER A 849 45.75 1.28 -21.02
N LYS A 850 44.89 1.68 -20.08
CA LYS A 850 43.71 0.88 -19.79
C LYS A 850 42.79 0.85 -21.00
N PRO A 851 42.12 -0.28 -21.27
CA PRO A 851 41.15 -0.30 -22.38
C PRO A 851 40.04 0.73 -22.19
N SER A 852 39.59 0.93 -20.97
CA SER A 852 38.67 2.01 -20.63
C SER A 852 39.49 3.15 -20.05
N LYS A 853 39.45 4.30 -20.69
CA LYS A 853 40.34 5.42 -20.36
C LYS A 853 39.86 6.05 -19.05
N ARG A 854 40.12 5.36 -17.95
CA ARG A 854 39.83 5.85 -16.61
C ARG A 854 41.14 6.09 -15.88
N SER A 855 41.10 7.02 -14.92
CA SER A 855 42.29 7.34 -14.14
C SER A 855 42.53 6.26 -13.11
N PHE A 856 43.67 6.38 -12.42
CA PHE A 856 44.03 5.40 -11.39
C PHE A 856 42.99 5.38 -10.28
N ILE A 857 42.58 6.56 -9.82
CA ILE A 857 41.60 6.62 -8.74
C ILE A 857 40.25 6.13 -9.20
N GLU A 858 39.88 6.42 -10.46
CA GLU A 858 38.62 5.89 -10.99
C GLU A 858 38.65 4.37 -11.04
N ASP A 859 39.77 3.78 -11.45
CA ASP A 859 39.89 2.33 -11.44
C ASP A 859 39.77 1.78 -10.03
N LEU A 860 40.42 2.43 -9.07
CA LEU A 860 40.32 1.98 -7.69
C LEU A 860 38.87 2.01 -7.21
N LEU A 861 38.16 3.11 -7.50
CA LEU A 861 36.77 3.22 -7.08
C LEU A 861 35.91 2.16 -7.74
N PHE A 862 36.13 1.90 -9.03
CA PHE A 862 35.34 0.90 -9.72
C PHE A 862 35.57 -0.48 -9.15
N ASN A 863 36.81 -0.78 -8.78
CA ASN A 863 37.10 -2.09 -8.19
C ASN A 863 36.57 -2.20 -6.77
N LYS A 864 36.48 -1.08 -6.04
CA LYS A 864 36.06 -1.14 -4.65
C LYS A 864 34.58 -1.50 -4.50
N VAL A 865 33.79 -1.40 -5.56
CA VAL A 865 32.36 -1.68 -5.49
C VAL A 865 32.08 -3.03 -6.12
N THR A 866 31.50 -3.94 -5.34
CA THR A 866 31.13 -5.27 -5.83
C THR A 866 29.70 -5.21 -6.38
N LEU A 867 29.58 -4.57 -7.54
CA LEU A 867 28.27 -4.37 -8.15
C LEU A 867 27.66 -5.70 -8.56
N ALA A 868 26.34 -5.78 -8.43
CA ALA A 868 25.57 -6.96 -8.85
C ALA A 868 24.48 -6.52 -9.80
N ASP A 869 24.12 -7.41 -10.72
CA ASP A 869 23.10 -7.13 -11.74
C ASP A 869 23.51 -5.92 -12.59
N ALA A 870 24.63 -6.08 -13.29
CA ALA A 870 25.14 -4.99 -14.12
C ALA A 870 24.15 -4.63 -15.22
N GLY A 871 23.55 -5.63 -15.86
CA GLY A 871 22.58 -5.38 -16.91
C GLY A 871 23.14 -5.63 -18.29
N PHE A 872 23.96 -6.68 -18.44
CA PHE A 872 24.54 -7.02 -19.72
C PHE A 872 23.50 -7.75 -20.58
N ILE A 873 23.92 -8.10 -21.81
CA ILE A 873 23.03 -8.84 -22.70
C ILE A 873 22.69 -10.19 -22.11
N LYS A 874 23.69 -10.88 -21.54
CA LYS A 874 23.48 -12.19 -20.94
C LYS A 874 23.01 -13.19 -21.99
N ASP A 887 24.81 -15.73 -11.00
CA ASP A 887 23.73 -16.70 -10.98
C ASP A 887 22.43 -16.07 -10.50
N LEU A 888 22.52 -15.36 -9.36
CA LEU A 888 21.35 -14.68 -8.82
C LEU A 888 20.76 -13.69 -9.81
N ILE A 889 21.60 -13.14 -10.69
CA ILE A 889 21.11 -12.20 -11.70
C ILE A 889 20.19 -12.92 -12.70
N CYS A 890 20.60 -14.11 -13.15
CA CYS A 890 19.83 -14.83 -14.15
C CYS A 890 18.46 -15.24 -13.61
N ALA A 891 18.40 -15.70 -12.36
CA ALA A 891 17.13 -16.13 -11.80
C ALA A 891 16.11 -15.00 -11.81
N GLN A 892 16.54 -13.79 -11.44
CA GLN A 892 15.66 -12.63 -11.56
C GLN A 892 15.30 -12.37 -13.02
N LYS A 893 16.28 -12.48 -13.93
CA LYS A 893 15.95 -12.30 -15.34
C LYS A 893 14.90 -13.29 -15.81
N PHE A 894 14.74 -14.42 -15.12
CA PHE A 894 13.88 -15.48 -15.58
C PHE A 894 12.49 -15.47 -14.94
N ASN A 895 12.11 -14.38 -14.28
CA ASN A 895 10.79 -14.27 -13.66
C ASN A 895 10.11 -12.96 -14.01
N GLY A 896 10.40 -12.41 -15.20
CA GLY A 896 9.76 -11.18 -15.63
C GLY A 896 10.41 -9.91 -15.13
N LEU A 897 11.49 -10.02 -14.37
CA LEU A 897 12.22 -8.86 -13.87
C LEU A 897 13.48 -8.71 -14.71
N THR A 898 13.62 -7.56 -15.38
CA THR A 898 14.76 -7.31 -16.25
C THR A 898 15.40 -5.99 -15.87
N VAL A 899 16.68 -5.86 -16.19
CA VAL A 899 17.46 -4.67 -15.86
C VAL A 899 17.87 -4.00 -17.17
N LEU A 900 17.46 -2.74 -17.33
CA LEU A 900 17.80 -2.01 -18.55
C LEU A 900 19.18 -1.37 -18.41
N PRO A 901 20.00 -1.40 -19.46
CA PRO A 901 21.33 -0.79 -19.34
C PRO A 901 21.22 0.72 -19.28
N PRO A 902 22.15 1.39 -18.60
CA PRO A 902 22.13 2.86 -18.57
C PRO A 902 22.42 3.44 -19.94
N LEU A 903 21.86 4.64 -20.17
CA LEU A 903 22.07 5.30 -21.47
C LEU A 903 23.53 5.66 -21.68
N LEU A 904 24.20 6.15 -20.64
CA LEU A 904 25.60 6.56 -20.73
C LEU A 904 26.47 5.43 -20.20
N THR A 905 27.37 4.92 -21.04
CA THR A 905 28.28 3.88 -20.61
C THR A 905 29.36 4.47 -19.70
N ASP A 906 30.01 3.59 -18.94
CA ASP A 906 31.08 4.03 -18.06
C ASP A 906 32.17 4.76 -18.84
N GLU A 907 32.41 4.35 -20.08
CA GLU A 907 33.39 5.05 -20.90
C GLU A 907 32.97 6.50 -21.15
N MET A 908 31.68 6.72 -21.43
CA MET A 908 31.22 8.08 -21.66
C MET A 908 31.21 8.91 -20.37
N ILE A 909 30.89 8.27 -19.25
CA ILE A 909 30.98 8.98 -17.97
C ILE A 909 32.41 9.40 -17.70
N ALA A 910 33.36 8.49 -17.96
CA ALA A 910 34.77 8.82 -17.81
C ALA A 910 35.18 9.94 -18.75
N GLN A 911 34.64 9.94 -19.97
CA GLN A 911 34.94 11.02 -20.90
C GLN A 911 34.44 12.36 -20.38
N TYR A 912 33.21 12.40 -19.87
CA TYR A 912 32.71 13.61 -19.24
C TYR A 912 33.62 14.07 -18.11
N THR A 913 33.99 13.15 -17.23
CA THR A 913 34.82 13.54 -16.09
C THR A 913 36.18 14.05 -16.55
N SER A 914 36.77 13.38 -17.54
CA SER A 914 38.07 13.82 -18.06
C SER A 914 37.95 15.21 -18.69
N ALA A 915 36.88 15.46 -19.44
CA ALA A 915 36.69 16.79 -20.02
C ALA A 915 36.58 17.84 -18.94
N LEU A 916 35.79 17.56 -17.89
CA LEU A 916 35.63 18.52 -16.81
C LEU A 916 36.97 18.79 -16.13
N LEU A 917 37.73 17.73 -15.84
CA LEU A 917 38.98 17.90 -15.12
C LEU A 917 40.01 18.65 -15.97
N ALA A 918 40.10 18.31 -17.26
CA ALA A 918 41.03 19.01 -18.13
C ALA A 918 40.66 20.48 -18.25
N GLY A 919 39.37 20.76 -18.45
CA GLY A 919 38.94 22.15 -18.50
C GLY A 919 39.29 22.90 -17.23
N THR A 920 39.06 22.28 -16.07
CA THR A 920 39.43 22.89 -14.82
C THR A 920 40.91 23.23 -14.80
N ILE A 921 41.77 22.21 -14.91
CA ILE A 921 43.19 22.42 -14.71
C ILE A 921 43.80 23.32 -15.79
N THR A 922 43.15 23.49 -16.94
CA THR A 922 43.73 24.31 -17.99
C THR A 922 43.10 25.69 -18.12
N SER A 923 41.92 25.93 -17.53
CA SER A 923 41.26 27.22 -17.73
C SER A 923 40.58 27.75 -16.48
N GLY A 924 40.89 27.20 -15.30
CA GLY A 924 40.24 27.70 -14.10
C GLY A 924 38.73 27.53 -14.18
N TRP A 925 38.00 28.59 -13.82
CA TRP A 925 36.55 28.56 -13.84
C TRP A 925 35.96 29.20 -15.09
N THR A 926 36.80 29.64 -16.03
CA THR A 926 36.30 30.37 -17.18
C THR A 926 35.49 29.48 -18.11
N PHE A 927 35.86 28.21 -18.23
CA PHE A 927 35.14 27.31 -19.12
C PHE A 927 33.72 27.04 -18.63
N GLY A 928 33.46 27.24 -17.33
CA GLY A 928 32.11 27.08 -16.83
C GLY A 928 31.22 28.29 -17.04
N ALA A 929 31.82 29.44 -17.37
CA ALA A 929 31.06 30.66 -17.64
C ALA A 929 31.02 31.00 -19.12
N GLY A 930 31.90 30.44 -19.93
CA GLY A 930 31.89 30.71 -21.36
C GLY A 930 32.94 29.92 -22.10
N ALA A 931 33.65 30.57 -23.03
CA ALA A 931 34.73 29.91 -23.74
C ALA A 931 35.90 29.65 -22.80
N ALA A 932 36.54 28.51 -22.95
CA ALA A 932 37.67 28.16 -22.10
C ALA A 932 38.84 29.09 -22.40
N LEU A 933 39.31 29.79 -21.38
CA LEU A 933 40.44 30.70 -21.49
C LEU A 933 41.62 30.11 -20.74
N GLN A 934 42.72 29.86 -21.46
CA GLN A 934 43.88 29.26 -20.84
C GLN A 934 44.53 30.23 -19.85
N ILE A 935 45.18 29.66 -18.85
CA ILE A 935 45.88 30.44 -17.82
C ILE A 935 46.82 29.50 -17.09
N PRO A 936 48.07 29.89 -16.83
CA PRO A 936 48.99 28.97 -16.14
C PRO A 936 48.44 28.57 -14.78
N PHE A 937 48.69 27.32 -14.41
CA PHE A 937 48.09 26.78 -13.20
C PHE A 937 48.55 27.53 -11.96
N ALA A 938 49.80 28.00 -11.94
CA ALA A 938 50.26 28.81 -10.82
C ALA A 938 49.43 30.08 -10.68
N MET A 939 49.17 30.77 -11.80
CA MET A 939 48.35 31.96 -11.75
C MET A 939 46.91 31.64 -11.34
N GLN A 940 46.40 30.50 -11.79
CA GLN A 940 45.05 30.09 -11.37
C GLN A 940 45.00 29.89 -9.87
N MET A 941 45.99 29.19 -9.32
CA MET A 941 46.04 29.02 -7.87
C MET A 941 46.20 30.34 -7.15
N ALA A 942 46.92 31.29 -7.75
CA ALA A 942 47.01 32.63 -7.15
C ALA A 942 45.65 33.28 -7.10
N TYR A 943 44.87 33.15 -8.19
CA TYR A 943 43.51 33.68 -8.18
C TYR A 943 42.69 33.03 -7.06
N ARG A 944 42.82 31.71 -6.90
CA ARG A 944 42.05 31.02 -5.87
C ARG A 944 42.46 31.50 -4.47
N PHE A 945 43.76 31.67 -4.26
CA PHE A 945 44.23 32.19 -2.97
C PHE A 945 43.65 33.57 -2.70
N ASN A 946 43.67 34.44 -3.70
CA ASN A 946 43.00 35.73 -3.56
C ASN A 946 41.52 35.52 -3.22
N GLY A 947 40.92 34.48 -3.77
CA GLY A 947 39.53 34.21 -3.48
C GLY A 947 39.28 33.89 -2.01
N ILE A 948 40.17 33.12 -1.39
CA ILE A 948 39.98 32.73 0.00
C ILE A 948 40.48 33.81 0.94
N GLY A 949 40.92 34.94 0.38
CA GLY A 949 41.38 36.05 1.20
C GLY A 949 42.83 36.02 1.58
N VAL A 950 43.69 35.39 0.79
CA VAL A 950 45.12 35.32 1.04
C VAL A 950 45.83 35.96 -0.13
N THR A 951 46.79 36.84 0.15
CA THR A 951 47.53 37.52 -0.90
C THR A 951 48.27 36.53 -1.78
N GLN A 952 48.31 36.82 -3.08
CA GLN A 952 48.88 35.88 -4.04
C GLN A 952 50.39 35.75 -3.90
N ASN A 953 51.06 36.72 -3.29
CA ASN A 953 52.50 36.59 -3.07
C ASN A 953 52.80 35.37 -2.21
N VAL A 954 51.89 35.00 -1.31
CA VAL A 954 52.09 33.81 -0.49
C VAL A 954 52.29 32.59 -1.37
N LEU A 955 51.38 32.40 -2.34
CA LEU A 955 51.52 31.26 -3.25
C LEU A 955 52.75 31.42 -4.12
N TYR A 956 52.96 32.61 -4.68
CA TYR A 956 54.09 32.77 -5.59
C TYR A 956 55.42 32.59 -4.90
N GLU A 957 55.45 32.64 -3.56
CA GLU A 957 56.66 32.39 -2.80
C GLU A 957 56.75 30.99 -2.24
N ASN A 958 55.63 30.32 -2.02
CA ASN A 958 55.62 28.96 -1.46
C ASN A 958 55.19 27.91 -2.47
N GLN A 959 55.22 28.24 -3.76
CA GLN A 959 54.70 27.34 -4.79
C GLN A 959 55.23 25.92 -4.62
N LYS A 960 56.53 25.76 -4.34
CA LYS A 960 57.08 24.42 -4.19
C LYS A 960 56.42 23.68 -3.05
N LEU A 961 56.25 24.36 -1.91
CA LEU A 961 55.63 23.72 -0.75
C LEU A 961 54.18 23.35 -1.04
N ILE A 962 53.43 24.26 -1.67
CA ILE A 962 52.03 23.96 -1.97
C ILE A 962 51.93 22.78 -2.92
N ALA A 963 52.78 22.75 -3.95
CA ALA A 963 52.74 21.64 -4.90
C ALA A 963 53.07 20.32 -4.21
N ASN A 964 54.10 20.32 -3.36
CA ASN A 964 54.46 19.09 -2.66
C ASN A 964 53.33 18.64 -1.75
N GLN A 965 52.70 19.57 -1.04
CA GLN A 965 51.61 19.20 -0.15
C GLN A 965 50.43 18.63 -0.93
N PHE A 966 50.09 19.24 -2.07
CA PHE A 966 49.00 18.73 -2.88
C PHE A 966 49.31 17.33 -3.40
N ASN A 967 50.53 17.11 -3.88
CA ASN A 967 50.90 15.77 -4.37
C ASN A 967 50.84 14.75 -3.25
N SER A 968 51.34 15.11 -2.07
CA SER A 968 51.29 14.19 -0.94
C SER A 968 49.86 13.86 -0.55
N ALA A 969 48.98 14.87 -0.55
CA ALA A 969 47.58 14.63 -0.23
C ALA A 969 46.93 13.70 -1.24
N ILE A 970 47.23 13.89 -2.53
CA ILE A 970 46.67 13.01 -3.54
C ILE A 970 47.16 11.58 -3.33
N GLY A 971 48.45 11.42 -3.04
CA GLY A 971 48.96 10.09 -2.74
C GLY A 971 48.28 9.47 -1.55
N LYS A 972 48.02 10.26 -0.51
CA LYS A 972 47.34 9.75 0.67
C LYS A 972 45.92 9.32 0.33
N ILE A 973 45.23 10.07 -0.51
CA ILE A 973 43.89 9.67 -0.94
C ILE A 973 43.95 8.33 -1.67
N GLN A 974 44.93 8.18 -2.57
CA GLN A 974 45.07 6.93 -3.29
C GLN A 974 45.30 5.77 -2.31
N ASP A 975 46.21 5.96 -1.36
CA ASP A 975 46.51 4.90 -0.40
C ASP A 975 45.29 4.56 0.44
N SER A 976 44.56 5.57 0.89
CA SER A 976 43.37 5.31 1.69
C SER A 976 42.34 4.52 0.90
N LEU A 977 42.06 4.94 -0.33
CA LEU A 977 41.08 4.22 -1.13
C LEU A 977 41.53 2.79 -1.39
N SER A 978 42.82 2.58 -1.62
CA SER A 978 43.32 1.22 -1.83
C SER A 978 43.17 0.38 -0.57
N SER A 979 43.41 0.96 0.60
CA SER A 979 43.45 0.18 1.84
C SER A 979 42.05 -0.07 2.40
N THR A 980 41.35 0.98 2.78
CA THR A 980 40.07 0.79 3.46
C THR A 980 38.97 0.47 2.46
N ALA A 981 37.85 -0.02 2.98
CA ALA A 981 36.72 -0.44 2.17
C ALA A 981 35.42 0.26 2.53
N SER A 982 35.40 1.10 3.57
CA SER A 982 34.20 1.80 3.99
C SER A 982 34.03 3.15 3.30
N ALA A 983 34.94 3.51 2.39
CA ALA A 983 34.84 4.81 1.74
C ALA A 983 33.59 4.91 0.87
N LEU A 984 33.27 3.84 0.13
CA LEU A 984 32.15 3.83 -0.80
C LEU A 984 30.88 3.25 -0.18
N GLY A 985 30.70 3.48 1.12
CA GLY A 985 29.57 2.89 1.82
C GLY A 985 28.24 3.30 1.23
N LYS A 986 28.11 4.57 0.82
CA LYS A 986 26.82 5.05 0.32
C LYS A 986 26.42 4.32 -0.96
N LEU A 987 27.35 4.22 -1.92
CA LEU A 987 27.06 3.52 -3.15
C LEU A 987 26.81 2.04 -2.88
N GLN A 988 27.59 1.45 -1.98
CA GLN A 988 27.39 0.04 -1.66
C GLN A 988 26.00 -0.20 -1.06
N ASP A 989 25.55 0.70 -0.19
CA ASP A 989 24.21 0.57 0.39
C ASP A 989 23.14 0.74 -0.67
N VAL A 990 23.33 1.67 -1.62
CA VAL A 990 22.34 1.80 -2.70
C VAL A 990 22.23 0.49 -3.46
N VAL A 991 23.36 -0.09 -3.85
CA VAL A 991 23.34 -1.33 -4.61
C VAL A 991 22.71 -2.45 -3.79
N ASN A 992 23.09 -2.55 -2.52
CA ASN A 992 22.56 -3.59 -1.66
C ASN A 992 21.06 -3.45 -1.48
N GLN A 993 20.57 -2.23 -1.32
CA GLN A 993 19.13 -2.01 -1.16
C GLN A 993 18.38 -2.45 -2.40
N ASN A 994 18.88 -2.08 -3.58
CA ASN A 994 18.21 -2.51 -4.81
C ASN A 994 18.21 -4.02 -4.93
N ALA A 995 19.35 -4.66 -4.67
CA ALA A 995 19.43 -6.10 -4.79
C ALA A 995 18.51 -6.79 -3.79
N GLN A 996 18.47 -6.28 -2.55
CA GLN A 996 17.62 -6.88 -1.54
C GLN A 996 16.14 -6.74 -1.89
N ALA A 997 15.75 -5.58 -2.41
CA ALA A 997 14.37 -5.40 -2.83
C ALA A 997 14.00 -6.40 -3.93
N LEU A 998 14.88 -6.55 -4.92
CA LEU A 998 14.60 -7.50 -5.99
C LEU A 998 14.54 -8.93 -5.45
N ASN A 999 15.44 -9.28 -4.54
CA ASN A 999 15.44 -10.63 -3.99
C ASN A 999 14.17 -10.89 -3.20
N THR A 1000 13.71 -9.92 -2.42
CA THR A 1000 12.46 -10.08 -1.69
C THR A 1000 11.29 -10.26 -2.65
N LEU A 1001 11.26 -9.45 -3.72
CA LEU A 1001 10.19 -9.59 -4.71
C LEU A 1001 10.18 -10.99 -5.31
N VAL A 1002 11.37 -11.50 -5.68
CA VAL A 1002 11.45 -12.83 -6.26
C VAL A 1002 11.01 -13.89 -5.26
N LYS A 1003 11.49 -13.79 -4.02
CA LYS A 1003 11.16 -14.78 -2.99
C LYS A 1003 9.69 -14.74 -2.62
N GLN A 1004 8.99 -13.64 -2.86
CA GLN A 1004 7.56 -13.58 -2.59
C GLN A 1004 6.76 -14.52 -3.47
N LEU A 1005 7.35 -15.05 -4.54
CA LEU A 1005 6.64 -15.97 -5.44
C LEU A 1005 6.48 -17.35 -4.84
N SER A 1006 7.14 -17.65 -3.72
CA SER A 1006 7.04 -18.96 -3.09
C SER A 1006 5.97 -19.02 -2.01
N SER A 1007 5.19 -17.96 -1.83
CA SER A 1007 4.19 -17.91 -0.78
C SER A 1007 2.86 -18.43 -1.27
N ASN A 1008 2.21 -19.24 -0.42
CA ASN A 1008 0.91 -19.80 -0.78
C ASN A 1008 -0.17 -18.74 -0.81
N PHE A 1009 -0.14 -17.80 0.13
CA PHE A 1009 -1.19 -16.79 0.27
C PHE A 1009 -2.55 -17.45 0.55
N GLY A 1010 -2.53 -18.62 1.18
CA GLY A 1010 -3.75 -19.35 1.46
C GLY A 1010 -4.17 -20.32 0.39
N ALA A 1011 -3.49 -20.34 -0.75
CA ALA A 1011 -3.82 -21.28 -1.81
C ALA A 1011 -3.29 -22.67 -1.46
N ILE A 1012 -3.76 -23.66 -2.22
CA ILE A 1012 -3.33 -25.04 -1.98
C ILE A 1012 -1.84 -25.19 -2.27
N SER A 1013 -1.35 -24.46 -3.27
CA SER A 1013 0.06 -24.53 -3.64
C SER A 1013 0.51 -23.16 -4.12
N SER A 1014 1.83 -22.96 -4.14
CA SER A 1014 2.42 -21.73 -4.64
C SER A 1014 2.81 -21.83 -6.11
N VAL A 1015 2.54 -22.95 -6.76
CA VAL A 1015 2.91 -23.17 -8.16
C VAL A 1015 1.65 -23.11 -9.01
N LEU A 1016 1.60 -22.13 -9.91
CA LEU A 1016 0.42 -21.94 -10.73
C LEU A 1016 0.16 -23.14 -11.62
N ASN A 1017 1.21 -23.71 -12.20
CA ASN A 1017 1.04 -24.89 -13.04
C ASN A 1017 0.49 -26.06 -12.24
N ASP A 1018 0.99 -26.26 -11.01
CA ASP A 1018 0.48 -27.33 -10.17
C ASP A 1018 -1.00 -27.11 -9.87
N ILE A 1019 -1.39 -25.87 -9.54
CA ILE A 1019 -2.79 -25.60 -9.29
C ILE A 1019 -3.62 -25.91 -10.52
N LEU A 1020 -3.16 -25.49 -11.69
CA LEU A 1020 -3.93 -25.67 -12.91
C LEU A 1020 -4.02 -27.14 -13.32
N SER A 1021 -3.03 -27.94 -12.95
CA SER A 1021 -2.98 -29.34 -13.36
C SER A 1021 -3.66 -30.27 -12.37
N ARG A 1022 -4.27 -29.74 -11.30
CA ARG A 1022 -4.95 -30.56 -10.31
C ARG A 1022 -6.44 -30.29 -10.25
N LEU A 1023 -6.85 -29.03 -10.13
CA LEU A 1023 -8.25 -28.69 -9.95
C LEU A 1023 -8.91 -28.35 -11.28
N ASP A 1024 -10.24 -28.46 -11.30
CA ASP A 1024 -11.02 -28.12 -12.47
C ASP A 1024 -11.22 -26.61 -12.57
N PRO A 1025 -11.55 -26.11 -13.76
CA PRO A 1025 -11.63 -24.66 -13.97
C PRO A 1025 -12.48 -23.99 -12.90
N PRO A 1026 -13.68 -24.49 -12.63
CA PRO A 1026 -14.55 -23.80 -11.65
C PRO A 1026 -14.01 -23.60 -10.25
N GLU A 1027 -13.20 -24.53 -9.74
CA GLU A 1027 -12.68 -24.41 -8.38
C GLU A 1027 -11.23 -23.91 -8.33
N ALA A 1028 -10.47 -24.06 -9.42
CA ALA A 1028 -9.12 -23.52 -9.45
C ALA A 1028 -9.11 -22.00 -9.41
N GLU A 1029 -10.23 -21.36 -9.79
CA GLU A 1029 -10.26 -19.91 -9.84
C GLU A 1029 -10.06 -19.29 -8.47
N VAL A 1030 -10.52 -19.94 -7.40
CA VAL A 1030 -10.33 -19.40 -6.06
C VAL A 1030 -8.85 -19.34 -5.73
N GLN A 1031 -8.13 -20.44 -5.97
CA GLN A 1031 -6.70 -20.47 -5.69
C GLN A 1031 -5.95 -19.46 -6.57
N ILE A 1032 -6.32 -19.39 -7.84
CA ILE A 1032 -5.67 -18.42 -8.72
C ILE A 1032 -5.92 -17.01 -8.25
N ASP A 1033 -7.12 -16.73 -7.74
CA ASP A 1033 -7.43 -15.40 -7.23
C ASP A 1033 -6.59 -15.08 -6.00
N ARG A 1034 -6.43 -16.06 -5.09
CA ARG A 1034 -5.59 -15.83 -3.92
C ARG A 1034 -4.17 -15.51 -4.33
N LEU A 1035 -3.61 -16.30 -5.26
CA LEU A 1035 -2.25 -16.06 -5.72
C LEU A 1035 -2.13 -14.70 -6.39
N ILE A 1036 -3.11 -14.33 -7.21
CA ILE A 1036 -3.08 -13.05 -7.90
C ILE A 1036 -3.10 -11.92 -6.89
N THR A 1037 -3.96 -12.01 -5.89
CA THR A 1037 -4.03 -10.95 -4.88
C THR A 1037 -2.69 -10.81 -4.16
N GLY A 1038 -2.12 -11.93 -3.73
CA GLY A 1038 -0.85 -11.85 -3.02
C GLY A 1038 0.26 -11.25 -3.87
N ARG A 1039 0.40 -11.73 -5.11
CA ARG A 1039 1.48 -11.25 -5.95
C ARG A 1039 1.26 -9.80 -6.37
N LEU A 1040 0.02 -9.39 -6.58
CA LEU A 1040 -0.26 -7.99 -6.89
C LEU A 1040 0.10 -7.10 -5.71
N GLN A 1041 -0.22 -7.53 -4.49
CA GLN A 1041 0.17 -6.75 -3.33
C GLN A 1041 1.68 -6.65 -3.21
N SER A 1042 2.39 -7.74 -3.48
CA SER A 1042 3.85 -7.70 -3.44
C SER A 1042 4.40 -6.73 -4.47
N LEU A 1043 3.85 -6.75 -5.69
CA LEU A 1043 4.31 -5.84 -6.73
C LEU A 1043 4.04 -4.39 -6.34
N GLN A 1044 2.86 -4.11 -5.78
CA GLN A 1044 2.55 -2.74 -5.39
C GLN A 1044 3.50 -2.26 -4.30
N THR A 1045 3.79 -3.12 -3.32
CA THR A 1045 4.74 -2.75 -2.27
C THR A 1045 6.10 -2.45 -2.87
N TYR A 1046 6.57 -3.32 -3.77
CA TYR A 1046 7.87 -3.10 -4.38
C TYR A 1046 7.91 -1.78 -5.15
N VAL A 1047 6.85 -1.49 -5.90
CA VAL A 1047 6.85 -0.28 -6.71
C VAL A 1047 6.82 0.97 -5.82
N THR A 1048 6.07 0.92 -4.72
CA THR A 1048 6.05 2.07 -3.82
C THR A 1048 7.42 2.30 -3.19
N GLN A 1049 8.06 1.22 -2.72
CA GLN A 1049 9.39 1.35 -2.17
C GLN A 1049 10.36 1.92 -3.20
N GLN A 1050 10.25 1.45 -4.45
CA GLN A 1050 11.14 1.94 -5.49
C GLN A 1050 10.89 3.41 -5.78
N LEU A 1051 9.63 3.85 -5.75
CA LEU A 1051 9.34 5.25 -5.97
C LEU A 1051 9.96 6.12 -4.88
N ILE A 1052 9.84 5.70 -3.62
CA ILE A 1052 10.43 6.47 -2.53
C ILE A 1052 11.94 6.51 -2.67
N ARG A 1053 12.55 5.36 -2.96
CA ARG A 1053 14.00 5.31 -3.11
C ARG A 1053 14.46 6.17 -4.29
N ALA A 1054 13.70 6.19 -5.38
CA ALA A 1054 14.05 7.02 -6.53
C ALA A 1054 13.95 8.50 -6.19
N ALA A 1055 12.96 8.87 -5.38
CA ALA A 1055 12.89 10.26 -4.93
C ALA A 1055 14.13 10.62 -4.12
N GLU A 1056 14.54 9.74 -3.21
CA GLU A 1056 15.75 10.01 -2.43
C GLU A 1056 16.97 10.13 -3.33
N ILE A 1057 17.10 9.23 -4.30
CA ILE A 1057 18.26 9.26 -5.19
C ILE A 1057 18.22 10.50 -6.07
N ARG A 1058 17.04 10.95 -6.48
CA ARG A 1058 16.95 12.18 -7.25
C ARG A 1058 17.39 13.38 -6.43
N ALA A 1059 17.01 13.42 -5.15
CA ALA A 1059 17.51 14.49 -4.28
C ALA A 1059 19.02 14.45 -4.20
N SER A 1060 19.59 13.24 -4.03
CA SER A 1060 21.05 13.12 -3.96
C SER A 1060 21.70 13.56 -5.27
N ALA A 1061 21.09 13.22 -6.40
CA ALA A 1061 21.66 13.59 -7.70
C ALA A 1061 21.59 15.09 -7.92
N ASN A 1062 20.50 15.74 -7.48
CA ASN A 1062 20.44 17.19 -7.56
C ASN A 1062 21.52 17.82 -6.71
N LEU A 1063 21.74 17.30 -5.51
CA LEU A 1063 22.83 17.80 -4.68
C LEU A 1063 24.17 17.61 -5.37
N ALA A 1064 24.38 16.46 -6.00
CA ALA A 1064 25.64 16.20 -6.69
C ALA A 1064 25.84 17.16 -7.86
N ALA A 1065 24.78 17.44 -8.61
CA ALA A 1065 24.89 18.37 -9.72
C ALA A 1065 25.23 19.77 -9.23
N THR A 1066 24.56 20.20 -8.15
CA THR A 1066 24.87 21.51 -7.58
C THR A 1066 26.32 21.55 -7.09
N LYS A 1067 26.79 20.47 -6.46
CA LYS A 1067 28.16 20.43 -6.00
C LYS A 1067 29.13 20.53 -7.17
N MET A 1068 28.87 19.79 -8.25
CA MET A 1068 29.72 19.89 -9.43
C MET A 1068 29.77 21.33 -9.93
N SER A 1069 28.59 21.93 -10.13
CA SER A 1069 28.56 23.27 -10.70
C SER A 1069 29.28 24.28 -9.82
N GLU A 1070 29.11 24.18 -8.50
CA GLU A 1070 29.60 25.22 -7.60
C GLU A 1070 31.00 24.96 -7.07
N CYS A 1071 31.53 23.75 -7.19
CA CYS A 1071 32.86 23.42 -6.70
C CYS A 1071 33.85 23.15 -7.81
N VAL A 1072 33.45 22.44 -8.87
CA VAL A 1072 34.36 22.14 -9.95
C VAL A 1072 34.41 23.29 -10.96
N LEU A 1073 33.25 23.79 -11.35
CA LEU A 1073 33.19 24.88 -12.33
C LEU A 1073 33.52 26.23 -11.72
N GLY A 1074 33.68 26.32 -10.41
CA GLY A 1074 34.02 27.59 -9.79
C GLY A 1074 34.45 27.37 -8.36
N GLN A 1075 34.82 28.46 -7.71
CA GLN A 1075 35.25 28.45 -6.32
C GLN A 1075 34.09 28.92 -5.44
N SER A 1076 33.78 28.12 -4.42
CA SER A 1076 32.60 28.33 -3.61
C SER A 1076 32.99 29.00 -2.29
N LYS A 1077 32.26 30.06 -1.92
CA LYS A 1077 32.41 30.70 -0.63
C LYS A 1077 31.51 30.10 0.43
N ARG A 1078 30.61 29.19 0.06
CA ARG A 1078 29.75 28.54 1.03
C ARG A 1078 30.59 27.65 1.94
N VAL A 1079 30.35 27.76 3.24
CA VAL A 1079 31.16 27.07 4.23
C VAL A 1079 30.78 25.60 4.29
N ASP A 1080 31.79 24.73 4.33
CA ASP A 1080 31.61 23.29 4.46
C ASP A 1080 30.79 22.69 3.32
N PHE A 1081 30.65 23.41 2.21
CA PHE A 1081 29.95 22.88 1.05
C PHE A 1081 30.91 22.05 0.20
N CYS A 1082 31.99 22.66 -0.27
CA CYS A 1082 33.01 21.95 -1.04
C CYS A 1082 34.17 21.58 -0.11
N GLY A 1083 33.86 20.71 0.84
CA GLY A 1083 34.86 20.18 1.75
C GLY A 1083 35.10 21.08 2.96
N LYS A 1084 35.86 20.53 3.90
CA LYS A 1084 36.18 21.26 5.12
C LYS A 1084 37.35 22.21 4.90
N GLY A 1085 37.23 23.41 5.43
CA GLY A 1085 38.22 24.45 5.24
C GLY A 1085 37.84 25.39 4.11
N TYR A 1086 38.75 26.32 3.84
CA TYR A 1086 38.53 27.27 2.76
C TYR A 1086 38.72 26.58 1.43
N HIS A 1087 37.67 26.55 0.62
CA HIS A 1087 37.69 25.80 -0.63
C HIS A 1087 38.65 26.46 -1.62
N LEU A 1088 39.44 25.61 -2.30
CA LEU A 1088 40.27 26.04 -3.41
C LEU A 1088 39.78 25.47 -4.73
N MET A 1089 39.63 24.15 -4.84
CA MET A 1089 39.15 23.60 -6.10
C MET A 1089 38.75 22.15 -5.91
N SER A 1090 37.85 21.67 -6.76
CA SER A 1090 37.39 20.30 -6.67
C SER A 1090 37.63 19.57 -7.99
N PHE A 1091 37.87 18.27 -7.88
CA PHE A 1091 38.13 17.42 -9.03
C PHE A 1091 37.11 16.29 -9.04
N PRO A 1092 36.36 16.08 -10.13
CA PRO A 1092 35.40 14.99 -10.16
C PRO A 1092 36.00 13.68 -10.62
N GLN A 1093 35.45 12.58 -10.10
CA GLN A 1093 35.87 11.23 -10.44
C GLN A 1093 34.63 10.36 -10.52
N SER A 1094 34.45 9.68 -11.65
CA SER A 1094 33.27 8.83 -11.81
C SER A 1094 33.38 7.61 -10.92
N ALA A 1095 32.26 7.16 -10.36
CA ALA A 1095 32.21 5.95 -9.56
C ALA A 1095 30.94 5.21 -9.92
N PRO A 1096 30.91 3.90 -9.70
CA PRO A 1096 29.72 3.12 -10.09
C PRO A 1096 28.46 3.69 -9.45
N HIS A 1097 27.56 4.19 -10.31
CA HIS A 1097 26.29 4.75 -9.87
C HIS A 1097 26.49 5.93 -8.92
N GLY A 1098 27.51 6.73 -9.17
CA GLY A 1098 27.73 7.89 -8.34
C GLY A 1098 28.96 8.67 -8.77
N VAL A 1099 29.24 9.73 -8.01
CA VAL A 1099 30.38 10.58 -8.30
C VAL A 1099 31.17 10.80 -7.02
N VAL A 1100 32.45 11.09 -7.19
CA VAL A 1100 33.37 11.32 -6.08
C VAL A 1100 34.06 12.65 -6.33
N PHE A 1101 34.06 13.51 -5.32
CA PHE A 1101 34.69 14.82 -5.40
C PHE A 1101 35.93 14.83 -4.55
N LEU A 1102 37.05 15.26 -5.13
CA LEU A 1102 38.29 15.52 -4.41
C LEU A 1102 38.32 17.02 -4.16
N HIS A 1103 37.96 17.41 -2.93
CA HIS A 1103 37.91 18.80 -2.52
C HIS A 1103 39.28 19.20 -2.00
N VAL A 1104 39.90 20.16 -2.67
CA VAL A 1104 41.17 20.74 -2.25
C VAL A 1104 40.86 22.04 -1.53
N THR A 1105 41.29 22.10 -0.26
CA THR A 1105 40.97 23.16 0.67
C THR A 1105 42.25 23.65 1.34
N TYR A 1106 42.18 24.89 1.83
CA TYR A 1106 43.29 25.55 2.49
C TYR A 1106 43.00 25.60 3.99
N VAL A 1107 43.91 25.06 4.80
CA VAL A 1107 43.68 24.92 6.24
C VAL A 1107 44.83 25.56 7.01
N PRO A 1108 44.63 26.70 7.68
CA PRO A 1108 45.72 27.26 8.49
C PRO A 1108 46.14 26.26 9.57
N ALA A 1109 47.46 26.16 9.79
CA ALA A 1109 47.99 25.12 10.65
C ALA A 1109 48.66 25.68 11.91
N GLN A 1110 49.66 26.54 11.77
CA GLN A 1110 50.49 26.99 12.90
C GLN A 1110 50.09 28.40 13.26
N GLU A 1111 49.46 28.57 14.42
CA GLU A 1111 48.95 29.85 14.87
C GLU A 1111 49.90 30.46 15.90
N LYS A 1112 50.46 31.62 15.58
CA LYS A 1112 51.28 32.40 16.52
C LYS A 1112 50.52 33.68 16.80
N ASN A 1113 50.24 33.94 18.09
CA ASN A 1113 49.18 34.86 18.46
C ASN A 1113 49.67 36.00 19.35
N PHE A 1114 49.11 37.17 19.08
CA PHE A 1114 49.67 38.47 19.43
C PHE A 1114 48.69 39.32 20.23
N THR A 1115 49.06 40.59 20.50
CA THR A 1115 48.19 41.55 21.15
C THR A 1115 47.61 42.49 20.11
N THR A 1116 46.29 42.66 20.10
CA THR A 1116 45.64 43.38 19.01
C THR A 1116 44.90 44.61 19.52
N ALA A 1117 44.68 45.56 18.62
CA ALA A 1117 44.02 46.83 18.93
C ALA A 1117 43.13 47.24 17.76
N PRO A 1118 41.90 47.71 18.03
CA PRO A 1118 41.00 48.05 16.93
C PRO A 1118 41.49 49.17 16.02
N ALA A 1119 42.22 50.15 16.56
CA ALA A 1119 42.64 51.30 15.77
C ALA A 1119 43.97 51.80 16.32
N ILE A 1120 44.51 52.83 15.68
CA ILE A 1120 45.78 53.42 16.08
C ILE A 1120 45.64 54.93 16.16
N CYS A 1121 46.11 55.51 17.26
CA CYS A 1121 46.20 56.96 17.41
C CYS A 1121 47.59 57.42 16.98
N HIS A 1122 47.63 58.34 16.02
CA HIS A 1122 48.90 58.86 15.51
C HIS A 1122 49.07 60.34 15.82
N ASP A 1123 48.14 61.17 15.39
CA ASP A 1123 48.22 62.62 15.59
C ASP A 1123 46.84 63.16 15.98
N GLY A 1124 46.18 62.47 16.90
CA GLY A 1124 44.82 62.80 17.26
C GLY A 1124 43.77 62.22 16.33
N LYS A 1125 44.18 61.47 15.31
CA LYS A 1125 43.27 60.84 14.38
C LYS A 1125 43.31 59.33 14.57
N ALA A 1126 42.21 58.67 14.25
CA ALA A 1126 42.10 57.22 14.38
C ALA A 1126 42.34 56.56 13.04
N HIS A 1127 43.34 55.69 12.98
CA HIS A 1127 43.70 54.95 11.78
C HIS A 1127 43.19 53.53 11.91
N PHE A 1128 42.49 53.05 10.87
CA PHE A 1128 42.00 51.69 10.80
C PHE A 1128 42.62 50.97 9.61
N PRO A 1129 42.83 49.66 9.69
CA PRO A 1129 43.47 48.96 8.56
C PRO A 1129 42.53 48.86 7.37
N ARG A 1130 43.08 49.14 6.18
CA ARG A 1130 42.31 48.97 4.95
C ARG A 1130 41.90 47.51 4.77
N GLU A 1131 42.87 46.60 4.87
CA GLU A 1131 42.59 45.17 4.76
C GLU A 1131 43.63 44.46 5.61
N GLY A 1132 43.20 43.93 6.74
CA GLY A 1132 44.08 43.26 7.67
C GLY A 1132 43.68 43.59 9.09
N VAL A 1133 44.65 43.45 9.99
CA VAL A 1133 44.41 43.69 11.41
C VAL A 1133 45.74 44.11 12.03
N PHE A 1134 45.64 44.95 13.06
CA PHE A 1134 46.81 45.39 13.81
C PHE A 1134 47.22 44.33 14.82
N VAL A 1135 48.51 44.03 14.86
CA VAL A 1135 49.05 43.02 15.77
C VAL A 1135 50.34 43.55 16.38
N SER A 1136 50.56 43.23 17.65
CA SER A 1136 51.72 43.65 18.41
C SER A 1136 52.42 42.41 18.94
N ASN A 1137 53.72 42.34 18.67
CA ASN A 1137 54.65 41.36 19.23
C ASN A 1137 55.12 41.73 20.63
N GLY A 1138 54.66 42.85 21.16
CA GLY A 1138 55.31 43.50 22.28
C GLY A 1138 56.07 44.75 21.91
N THR A 1139 55.92 45.25 20.68
CA THR A 1139 56.65 46.41 20.22
C THR A 1139 56.05 46.94 18.91
N TRP A 1141 54.06 47.78 16.75
CA TRP A 1141 52.83 47.37 16.07
C TRP A 1141 53.06 47.17 14.58
N PHE A 1142 52.29 46.24 14.01
CA PHE A 1142 52.32 45.96 12.58
C PHE A 1142 50.88 45.74 12.12
N VAL A 1143 50.70 45.77 10.80
CA VAL A 1143 49.42 45.45 10.17
C VAL A 1143 49.63 44.26 9.27
N THR A 1144 48.80 43.22 9.42
CA THR A 1144 48.99 41.99 8.66
C THR A 1144 47.64 41.47 8.17
N GLN A 1145 47.69 40.73 7.07
CA GLN A 1145 46.48 40.09 6.58
C GLN A 1145 45.95 39.11 7.64
N ARG A 1146 44.67 38.78 7.52
CA ARG A 1146 43.96 38.09 8.58
C ARG A 1146 44.09 36.57 8.53
N ASN A 1147 44.67 36.02 7.45
CA ASN A 1147 44.79 34.56 7.31
C ASN A 1147 46.23 34.11 7.14
N PHE A 1148 47.20 34.98 7.37
CA PHE A 1148 48.60 34.62 7.23
C PHE A 1148 49.48 35.70 7.86
N TYR A 1149 50.39 35.32 8.75
CA TYR A 1149 51.21 36.31 9.45
C TYR A 1149 52.23 36.89 8.49
N GLU A 1150 51.94 38.11 8.01
CA GLU A 1150 52.85 38.85 7.14
C GLU A 1150 52.97 40.27 7.68
N PRO A 1151 53.69 40.45 8.78
CA PRO A 1151 53.73 41.78 9.42
C PRO A 1151 54.33 42.81 8.48
N GLN A 1152 53.79 44.03 8.57
CA GLN A 1152 54.27 45.14 7.77
C GLN A 1152 54.21 46.41 8.59
N ILE A 1153 55.08 47.36 8.26
CA ILE A 1153 55.09 48.64 8.96
C ILE A 1153 53.78 49.37 8.69
N ILE A 1154 53.20 49.95 9.74
CA ILE A 1154 51.94 50.65 9.62
C ILE A 1154 52.22 52.00 8.95
N THR A 1155 51.70 52.18 7.74
CA THR A 1155 51.85 53.42 6.98
C THR A 1155 50.47 53.95 6.61
N THR A 1156 50.47 55.09 5.90
CA THR A 1156 49.22 55.68 5.47
C THR A 1156 48.55 54.87 4.36
N ASP A 1157 49.32 54.05 3.64
CA ASP A 1157 48.72 53.21 2.60
C ASP A 1157 47.99 52.01 3.19
N ASN A 1158 48.49 51.45 4.29
CA ASN A 1158 47.85 50.31 4.92
C ASN A 1158 46.58 50.68 5.66
N THR A 1159 46.41 51.95 6.02
CA THR A 1159 45.33 52.37 6.90
C THR A 1159 44.63 53.60 6.34
N PHE A 1160 43.44 53.84 6.85
CA PHE A 1160 42.65 55.02 6.51
C PHE A 1160 42.16 55.69 7.79
N VAL A 1161 42.03 57.00 7.72
CA VAL A 1161 41.69 57.82 8.88
C VAL A 1161 40.19 57.97 8.97
N SER A 1162 39.67 57.98 10.21
CA SER A 1162 38.25 58.22 10.43
C SER A 1162 38.05 58.69 11.86
N GLY A 1163 37.63 59.95 12.02
CA GLY A 1163 37.29 60.46 13.34
C GLY A 1163 38.52 60.78 14.17
N ASN A 1164 38.30 60.81 15.49
CA ASN A 1164 39.36 61.12 16.44
C ASN A 1164 39.50 60.01 17.46
N CYS A 1165 40.32 60.24 18.50
CA CYS A 1165 40.78 59.17 19.38
C CYS A 1165 39.89 58.95 20.60
N ASP A 1166 38.84 59.75 20.78
CA ASP A 1166 38.04 59.71 22.00
C ASP A 1166 36.76 58.91 21.84
N VAL A 1167 36.61 58.16 20.76
CA VAL A 1167 35.40 57.39 20.48
C VAL A 1167 35.67 55.89 20.47
N VAL A 1168 36.71 55.47 19.76
CA VAL A 1168 36.98 54.04 19.61
C VAL A 1168 37.40 53.46 20.95
N ILE A 1169 36.81 52.32 21.31
CA ILE A 1169 37.13 51.63 22.55
C ILE A 1169 38.30 50.68 22.27
N GLY A 1170 39.37 50.83 23.05
CA GLY A 1170 40.54 49.98 22.90
C GLY A 1170 41.63 50.54 22.01
N ILE A 1171 41.49 51.79 21.54
CA ILE A 1171 42.52 52.36 20.69
C ILE A 1171 43.83 52.45 21.45
N VAL A 1172 44.94 52.38 20.71
CA VAL A 1172 46.27 52.40 21.28
C VAL A 1172 47.11 53.42 20.53
N ASN A 1173 48.16 53.91 21.19
CA ASN A 1173 49.02 54.95 20.63
C ASN A 1173 50.20 54.31 19.91
N ASN A 1174 50.49 54.82 18.71
CA ASN A 1174 51.64 54.37 17.94
C ASN A 1174 51.82 55.30 16.75
N THR A 1175 53.08 55.46 16.33
CA THR A 1175 53.36 56.29 15.17
C THR A 1175 52.93 55.59 13.89
N VAL A 1176 52.49 56.40 12.92
CA VAL A 1176 52.13 55.92 11.59
C VAL A 1176 53.10 56.56 10.61
N TYR A 1177 53.79 55.72 9.84
CA TYR A 1177 54.88 56.17 8.97
C TYR A 1177 54.32 56.63 7.63
N ASP A 1178 54.64 57.88 7.26
CA ASP A 1178 54.19 58.45 6.00
C ASP A 1178 55.25 58.25 4.94
N PRO A 1179 55.00 57.52 3.85
CA PRO A 1179 56.07 57.26 2.89
C PRO A 1179 56.66 58.51 2.25
N LEU A 1180 55.87 59.56 2.05
CA LEU A 1180 56.39 60.79 1.44
C LEU A 1180 57.25 61.59 2.41
N GLN A 1181 56.99 61.44 3.71
CA GLN A 1181 57.68 62.26 4.70
C GLN A 1181 59.19 62.07 4.68
N PRO A 1182 59.73 60.85 4.72
CA PRO A 1182 61.20 60.72 4.70
C PRO A 1182 61.83 61.29 3.44
N GLU A 1183 61.19 61.12 2.29
CA GLU A 1183 61.74 61.68 1.06
C GLU A 1183 61.81 63.20 1.15
N LEU A 1184 60.72 63.83 1.57
CA LEU A 1184 60.72 65.29 1.67
C LEU A 1184 61.70 65.76 2.73
N ASP A 1185 61.80 65.04 3.85
CA ASP A 1185 62.72 65.44 4.92
C ASP A 1185 64.16 65.35 4.46
N SER A 1186 64.51 64.26 3.77
CA SER A 1186 65.86 64.13 3.23
C SER A 1186 66.15 65.23 2.22
N PHE A 1187 65.17 65.57 1.38
CA PHE A 1187 65.37 66.67 0.44
C PHE A 1187 65.62 67.98 1.19
N LYS A 1188 64.86 68.23 2.25
CA LYS A 1188 65.00 69.48 3.00
C LYS A 1188 66.35 69.52 3.71
N ALA B 66 -48.55 21.37 24.91
CA ALA B 66 -47.63 22.41 24.44
C ALA B 66 -46.34 21.77 23.95
N TYR B 67 -45.70 22.40 22.96
CA TYR B 67 -44.46 21.89 22.38
C TYR B 67 -43.29 22.52 23.11
N THR B 68 -43.00 21.99 24.30
CA THR B 68 -41.87 22.51 25.06
C THR B 68 -40.57 22.12 24.39
N ASN B 69 -39.51 22.89 24.61
CA ASN B 69 -38.22 22.59 24.01
C ASN B 69 -37.19 22.29 25.09
N SER B 70 -36.55 21.13 24.98
CA SER B 70 -35.45 20.78 25.85
C SER B 70 -34.21 21.56 25.46
N PHE B 71 -33.21 21.55 26.35
CA PHE B 71 -31.96 22.27 26.10
C PHE B 71 -30.78 21.31 25.96
N THR B 72 -30.53 20.48 26.96
CA THR B 72 -29.44 19.52 26.89
C THR B 72 -29.79 18.19 27.57
N ARG B 73 -31.06 17.97 27.89
CA ARG B 73 -31.45 16.77 28.61
C ARG B 73 -31.52 15.56 27.67
N GLY B 74 -31.58 14.38 28.27
CA GLY B 74 -31.65 13.14 27.52
C GLY B 74 -30.32 12.45 27.30
N VAL B 75 -29.25 12.89 27.96
CA VAL B 75 -27.94 12.27 27.82
C VAL B 75 -27.80 11.17 28.86
N TYR B 76 -27.45 9.97 28.41
CA TYR B 76 -27.25 8.83 29.29
C TYR B 76 -25.97 8.11 28.91
N TYR B 77 -25.40 7.41 29.87
CA TYR B 77 -24.16 6.68 29.61
C TYR B 77 -24.46 5.58 28.60
N PRO B 78 -23.82 5.59 27.42
CA PRO B 78 -24.17 4.60 26.40
C PRO B 78 -23.69 3.19 26.68
N ASP B 79 -22.82 3.00 27.68
CA ASP B 79 -22.27 1.68 27.98
C ASP B 79 -21.77 1.70 29.41
N LYS B 80 -21.05 0.64 29.79
CA LYS B 80 -20.55 0.45 31.14
C LYS B 80 -19.01 0.49 31.17
N VAL B 81 -18.43 1.42 30.43
CA VAL B 81 -16.98 1.57 30.32
C VAL B 81 -16.58 2.88 30.98
N PHE B 82 -15.49 2.84 31.74
CA PHE B 82 -14.99 4.01 32.44
C PHE B 82 -13.93 4.71 31.58
N ARG B 83 -14.09 6.00 31.38
CA ARG B 83 -13.16 6.82 30.61
C ARG B 83 -12.89 8.11 31.37
N SER B 84 -11.62 8.46 31.52
CA SER B 84 -11.21 9.62 32.30
C SER B 84 -10.58 10.65 31.37
N SER B 85 -11.14 11.86 31.37
CA SER B 85 -10.62 12.98 30.60
C SER B 85 -10.50 12.61 29.12
N VAL B 86 -11.54 11.98 28.60
CA VAL B 86 -11.60 11.55 27.20
C VAL B 86 -12.84 12.14 26.56
N LEU B 87 -12.69 12.70 25.37
CA LEU B 87 -13.82 13.20 24.59
C LEU B 87 -14.28 12.10 23.62
N HIS B 88 -15.01 11.15 24.17
CA HIS B 88 -15.45 10.01 23.39
C HIS B 88 -16.58 10.44 22.46
N SER B 89 -16.76 9.72 21.36
CA SER B 89 -17.86 9.95 20.44
C SER B 89 -18.62 8.65 20.22
N THR B 90 -19.94 8.72 20.29
CA THR B 90 -20.79 7.55 20.16
C THR B 90 -21.90 7.79 19.15
N GLN B 91 -22.28 6.73 18.45
CA GLN B 91 -23.40 6.76 17.50
C GLN B 91 -24.50 5.88 18.07
N ASP B 92 -25.49 6.49 18.72
CA ASP B 92 -26.46 5.71 19.47
C ASP B 92 -27.80 6.43 19.45
N LEU B 93 -28.83 5.74 19.94
CA LEU B 93 -30.14 6.35 20.09
C LEU B 93 -30.10 7.41 21.17
N PHE B 94 -30.28 8.67 20.78
CA PHE B 94 -30.21 9.79 21.71
C PHE B 94 -31.37 10.73 21.45
N LEU B 95 -31.68 11.56 22.46
CA LEU B 95 -32.69 12.59 22.30
C LEU B 95 -32.06 13.83 21.70
N PRO B 96 -32.49 14.27 20.52
CA PRO B 96 -31.82 15.42 19.89
C PRO B 96 -31.91 16.66 20.77
N PHE B 97 -30.82 17.45 20.77
CA PHE B 97 -30.81 18.71 21.49
C PHE B 97 -31.80 19.67 20.86
N PHE B 98 -32.47 20.46 21.71
CA PHE B 98 -33.40 21.48 21.26
C PHE B 98 -34.42 20.89 20.28
N SER B 99 -35.24 19.99 20.81
CA SER B 99 -36.32 19.36 20.07
C SER B 99 -37.60 19.46 20.89
N ASN B 100 -38.73 19.54 20.20
CA ASN B 100 -40.01 19.61 20.90
C ASN B 100 -40.35 18.31 21.62
N VAL B 101 -40.78 18.47 22.86
CA VAL B 101 -41.23 17.42 23.74
C VAL B 101 -42.63 17.82 24.21
N THR B 102 -43.55 16.86 24.21
CA THR B 102 -44.92 17.15 24.61
C THR B 102 -45.04 17.25 26.12
N TRP B 103 -45.84 18.24 26.56
CA TRP B 103 -46.11 18.56 27.96
C TRP B 103 -47.56 18.23 28.24
N PHE B 104 -47.79 17.35 29.21
CA PHE B 104 -49.13 16.91 29.58
C PHE B 104 -49.50 17.46 30.95
N HIS B 105 -50.77 17.30 31.30
CA HIS B 105 -51.31 17.69 32.60
C HIS B 105 -51.60 16.42 33.40
N ALA B 106 -50.85 16.22 34.48
CA ALA B 106 -51.03 15.04 35.33
C ALA B 106 -52.20 15.28 36.29
N ILE B 107 -53.40 15.24 35.72
CA ILE B 107 -54.62 15.46 36.49
C ILE B 107 -55.17 14.13 36.98
N LYS B 116 -62.88 14.88 35.53
CA LYS B 116 -63.52 15.23 34.26
C LYS B 116 -62.50 15.27 33.14
N ARG B 117 -61.29 15.74 33.48
CA ARG B 117 -60.18 15.85 32.53
C ARG B 117 -59.05 14.96 33.02
N PHE B 118 -58.95 13.75 32.47
CA PHE B 118 -57.90 12.80 32.82
C PHE B 118 -56.98 12.66 31.62
N ASP B 119 -55.74 13.16 31.75
CA ASP B 119 -54.75 13.07 30.69
C ASP B 119 -53.97 11.78 30.89
N ASN B 120 -54.30 10.77 30.06
CA ASN B 120 -53.64 9.47 30.17
C ASN B 120 -53.82 8.69 28.88
N PRO B 121 -53.27 9.17 27.76
CA PRO B 121 -53.45 8.45 26.49
C PRO B 121 -52.40 7.37 26.26
N VAL B 122 -52.52 6.66 25.16
CA VAL B 122 -51.59 5.58 24.80
C VAL B 122 -50.64 6.15 23.76
N LEU B 123 -49.41 6.49 24.20
CA LEU B 123 -48.51 7.12 23.24
C LEU B 123 -47.63 6.09 22.54
N PRO B 124 -47.22 6.37 21.30
CA PRO B 124 -46.36 5.42 20.58
C PRO B 124 -44.99 5.30 21.23
N PHE B 125 -44.35 4.16 20.98
CA PHE B 125 -43.01 3.87 21.47
C PHE B 125 -42.12 3.70 20.24
N ASN B 126 -41.57 4.83 19.77
CA ASN B 126 -40.78 4.84 18.54
C ASN B 126 -39.30 4.70 18.89
N ASP B 127 -38.92 3.45 19.17
CA ASP B 127 -37.52 3.09 19.39
C ASP B 127 -36.88 3.96 20.47
N GLY B 128 -37.60 4.12 21.58
CA GLY B 128 -37.07 4.84 22.73
C GLY B 128 -37.98 5.95 23.21
N VAL B 129 -37.91 6.29 24.49
CA VAL B 129 -38.72 7.38 25.05
C VAL B 129 -37.94 8.03 26.18
N TYR B 130 -38.03 9.35 26.25
CA TYR B 130 -37.46 10.16 27.33
C TYR B 130 -38.64 10.67 28.15
N PHE B 131 -38.79 10.14 29.36
CA PHE B 131 -39.89 10.49 30.25
C PHE B 131 -39.37 11.33 31.41
N ALA B 132 -39.89 12.54 31.56
CA ALA B 132 -39.46 13.40 32.65
C ALA B 132 -40.67 13.90 33.41
N SER B 133 -40.51 14.10 34.71
CA SER B 133 -41.64 14.60 35.50
C SER B 133 -41.15 15.27 36.77
N THR B 134 -41.99 16.19 37.25
CA THR B 134 -41.76 16.96 38.47
C THR B 134 -42.71 16.55 39.59
N GLU B 135 -43.32 15.36 39.47
CA GLU B 135 -44.31 14.93 40.44
C GLU B 135 -43.64 14.60 41.78
N LYS B 136 -44.47 14.51 42.82
CA LYS B 136 -44.01 14.20 44.16
C LYS B 136 -44.89 13.11 44.75
N SER B 137 -44.29 12.26 45.58
CA SER B 137 -44.97 11.14 46.22
C SER B 137 -45.45 10.10 45.21
N ASN B 138 -44.80 10.03 44.04
CA ASN B 138 -45.11 9.04 43.02
C ASN B 138 -46.55 9.19 42.52
N ILE B 139 -46.84 10.37 41.97
CA ILE B 139 -48.13 10.59 41.34
C ILE B 139 -48.30 9.65 40.16
N ILE B 140 -47.28 9.57 39.31
CA ILE B 140 -47.27 8.64 38.18
C ILE B 140 -46.68 7.33 38.67
N ARG B 141 -47.54 6.30 38.79
CA ARG B 141 -47.11 5.05 39.41
C ARG B 141 -46.17 4.27 38.50
N GLY B 142 -46.64 3.88 37.32
CA GLY B 142 -45.87 3.02 36.46
C GLY B 142 -46.19 3.13 34.98
N TRP B 143 -45.75 2.16 34.19
CA TRP B 143 -45.89 2.20 32.75
C TRP B 143 -46.35 0.86 32.22
N ILE B 144 -46.87 0.89 30.99
CA ILE B 144 -47.34 -0.27 30.24
C ILE B 144 -46.61 -0.26 28.91
N PHE B 145 -46.04 -1.40 28.53
CA PHE B 145 -45.36 -1.54 27.25
C PHE B 145 -45.90 -2.75 26.51
N GLY B 146 -46.10 -2.60 25.20
CA GLY B 146 -46.49 -3.74 24.40
C GLY B 146 -46.87 -3.33 23.00
N THR B 147 -47.65 -4.20 22.34
CA THR B 147 -48.08 -3.96 20.97
C THR B 147 -49.59 -4.03 20.87
N THR B 148 -50.23 -4.82 21.75
CA THR B 148 -51.68 -4.94 21.82
C THR B 148 -52.27 -4.34 23.08
N LEU B 149 -51.64 -4.57 24.24
CA LEU B 149 -52.10 -4.00 25.51
C LEU B 149 -53.53 -4.44 25.82
N ASP B 150 -53.86 -5.70 25.51
CA ASP B 150 -55.17 -6.24 25.83
C ASP B 150 -55.08 -7.67 26.33
N SER B 151 -53.94 -8.10 26.85
CA SER B 151 -53.68 -9.44 27.36
C SER B 151 -53.62 -10.50 26.27
N LYS B 152 -53.85 -10.14 25.00
CA LYS B 152 -53.72 -11.11 23.93
C LYS B 152 -52.27 -11.43 23.65
N THR B 153 -51.37 -10.47 23.87
CA THR B 153 -49.93 -10.66 23.75
C THR B 153 -49.27 -10.17 25.02
N GLN B 154 -48.15 -10.81 25.37
CA GLN B 154 -47.47 -10.48 26.62
C GLN B 154 -47.14 -9.00 26.65
N SER B 155 -47.45 -8.35 27.78
CA SER B 155 -47.21 -6.94 27.98
C SER B 155 -46.39 -6.75 29.25
N LEU B 156 -45.49 -5.76 29.21
CA LEU B 156 -44.56 -5.49 30.30
C LEU B 156 -45.08 -4.36 31.17
N LEU B 157 -45.17 -4.63 32.48
CA LEU B 157 -45.80 -3.73 33.45
C LEU B 157 -44.77 -3.30 34.47
N ILE B 158 -44.68 -2.00 34.72
CA ILE B 158 -43.75 -1.43 35.68
C ILE B 158 -44.51 -0.77 36.83
N VAL B 159 -45.74 -1.20 37.12
CA VAL B 159 -46.54 -0.56 38.15
C VAL B 159 -45.74 -0.52 39.44
N ASN B 160 -45.65 0.67 40.04
CA ASN B 160 -44.75 0.89 41.15
C ASN B 160 -45.41 1.84 42.14
N ASN B 161 -45.22 1.57 43.43
CA ASN B 161 -45.67 2.46 44.48
C ASN B 161 -44.60 2.58 45.54
N ALA B 162 -44.95 3.15 46.71
CA ALA B 162 -43.96 3.44 47.73
C ALA B 162 -42.98 2.29 47.95
N THR B 163 -43.50 1.08 48.14
CA THR B 163 -42.64 -0.03 48.52
C THR B 163 -41.54 -0.28 47.49
N ASN B 164 -41.92 -0.68 46.28
CA ASN B 164 -40.96 -1.01 45.24
C ASN B 164 -41.70 -1.33 43.95
N VAL B 165 -40.93 -1.53 42.88
CA VAL B 165 -41.49 -1.84 41.58
C VAL B 165 -41.99 -3.28 41.54
N VAL B 166 -42.94 -3.54 40.65
CA VAL B 166 -43.56 -4.85 40.51
C VAL B 166 -43.36 -5.34 39.08
N ILE B 167 -42.18 -5.11 38.52
CA ILE B 167 -41.92 -5.42 37.11
C ILE B 167 -42.49 -6.80 36.81
N LYS B 168 -43.34 -6.87 35.78
CA LYS B 168 -44.16 -8.05 35.55
C LYS B 168 -44.51 -8.06 34.06
N VAL B 169 -43.83 -8.90 33.30
CA VAL B 169 -44.13 -9.07 31.87
C VAL B 169 -45.08 -10.26 31.77
N CYS B 170 -46.37 -9.96 31.76
CA CYS B 170 -47.39 -10.99 31.78
C CYS B 170 -48.59 -10.50 31.00
N GLU B 171 -49.38 -11.45 30.48
CA GLU B 171 -50.57 -11.08 29.72
C GLU B 171 -51.67 -10.61 30.67
N PHE B 172 -51.44 -9.45 31.29
CA PHE B 172 -52.36 -8.92 32.28
C PHE B 172 -53.50 -8.17 31.60
N GLN B 173 -54.73 -8.45 32.01
CA GLN B 173 -55.89 -7.77 31.46
C GLN B 173 -55.84 -6.29 31.83
N PHE B 174 -56.10 -5.43 30.86
CA PHE B 174 -56.05 -3.98 31.04
C PHE B 174 -57.45 -3.42 30.93
N CYS B 175 -57.90 -2.75 31.99
CA CYS B 175 -59.17 -2.04 31.94
C CYS B 175 -59.02 -0.74 31.17
N ASN B 176 -60.11 -0.31 30.53
CA ASN B 176 -60.10 0.94 29.79
C ASN B 176 -59.94 2.15 30.70
N ASP B 177 -60.12 1.98 32.00
CA ASP B 177 -59.99 3.07 32.98
C ASP B 177 -59.14 2.61 34.16
N PRO B 178 -57.86 2.31 33.92
CA PRO B 178 -57.01 1.74 35.00
C PRO B 178 -56.26 2.78 35.82
N PHE B 179 -56.98 3.50 36.69
CA PHE B 179 -56.36 4.41 37.62
C PHE B 179 -57.03 4.26 38.99
N LEU B 180 -56.23 4.47 40.04
CA LEU B 180 -56.73 4.28 41.39
C LEU B 180 -57.88 5.24 41.69
N GLY B 181 -57.72 6.51 41.34
CA GLY B 181 -58.78 7.48 41.53
C GLY B 181 -59.06 7.79 42.98
N VAL B 182 -58.10 8.43 43.67
CA VAL B 182 -58.23 8.77 45.08
C VAL B 182 -58.25 10.29 45.20
N TYR B 183 -59.31 10.80 45.85
CA TYR B 183 -59.39 12.22 46.21
C TYR B 183 -58.96 12.32 47.67
N TYR B 184 -57.66 12.49 47.87
CA TYR B 184 -57.05 12.40 49.19
C TYR B 184 -56.62 13.78 49.66
N HIS B 185 -56.96 14.13 50.90
CA HIS B 185 -56.49 15.34 51.54
C HIS B 185 -56.75 16.58 50.68
N LYS B 186 -58.00 16.71 50.22
CA LYS B 186 -58.43 17.86 49.43
C LYS B 186 -59.47 18.70 50.14
N ASN B 187 -60.56 18.08 50.61
CA ASN B 187 -61.66 18.80 51.23
C ASN B 187 -61.80 18.55 52.73
N ASN B 188 -61.50 17.34 53.21
CA ASN B 188 -61.58 17.06 54.63
C ASN B 188 -60.36 16.29 55.13
N LYS B 189 -59.20 16.50 54.50
CA LYS B 189 -57.92 16.01 55.01
C LYS B 189 -57.97 14.55 55.44
N SER B 190 -58.24 13.65 54.50
CA SER B 190 -58.17 12.22 54.76
C SER B 190 -57.92 11.50 53.44
N TRP B 191 -57.41 10.27 53.55
CA TRP B 191 -57.10 9.45 52.39
C TRP B 191 -58.20 8.41 52.21
N MET B 192 -58.87 8.45 51.06
CA MET B 192 -59.96 7.54 50.75
C MET B 192 -59.67 6.85 49.42
N GLU B 193 -60.37 5.75 49.18
CA GLU B 193 -60.22 4.96 47.95
C GLU B 193 -61.61 4.60 47.45
N SER B 194 -62.03 5.24 46.35
CA SER B 194 -63.33 4.93 45.76
C SER B 194 -63.30 3.63 44.97
N GLU B 195 -62.25 3.41 44.18
CA GLU B 195 -62.12 2.20 43.37
C GLU B 195 -60.66 1.75 43.36
N PHE B 196 -60.47 0.47 43.06
CA PHE B 196 -59.16 -0.16 42.99
C PHE B 196 -59.01 -0.92 41.69
N ARG B 197 -59.39 -0.27 40.58
CA ARG B 197 -59.36 -0.89 39.26
C ARG B 197 -58.01 -0.76 38.57
N VAL B 198 -56.95 -0.44 39.32
CA VAL B 198 -55.61 -0.42 38.72
C VAL B 198 -55.24 -1.80 38.19
N TYR B 199 -55.65 -2.85 38.91
CA TYR B 199 -55.43 -4.22 38.48
C TYR B 199 -56.78 -4.88 38.18
N SER B 200 -56.91 -5.46 36.99
CA SER B 200 -58.13 -6.12 36.57
C SER B 200 -58.06 -7.64 36.76
N SER B 201 -57.07 -8.28 36.15
CA SER B 201 -56.89 -9.72 36.27
C SER B 201 -55.56 -10.11 35.67
N ALA B 202 -54.88 -11.07 36.29
CA ALA B 202 -53.63 -11.62 35.76
C ALA B 202 -53.97 -12.96 35.12
N ASN B 203 -54.50 -12.91 33.90
CA ASN B 203 -54.99 -14.12 33.24
C ASN B 203 -53.87 -15.11 33.01
N ASN B 204 -52.72 -14.65 32.54
CA ASN B 204 -51.59 -15.53 32.26
C ASN B 204 -50.30 -14.72 32.38
N CYS B 205 -49.20 -15.43 32.59
CA CYS B 205 -47.90 -14.79 32.74
C CYS B 205 -46.81 -15.69 32.19
N THR B 206 -45.65 -15.08 31.94
CA THR B 206 -44.49 -15.81 31.42
C THR B 206 -43.24 -15.52 32.26
N PHE B 207 -43.15 -14.32 32.83
CA PHE B 207 -42.01 -13.96 33.67
C PHE B 207 -42.39 -12.77 34.52
N GLU B 208 -41.98 -12.79 35.79
CA GLU B 208 -42.25 -11.71 36.71
C GLU B 208 -41.03 -11.47 37.59
N TYR B 209 -40.91 -10.26 38.12
CA TYR B 209 -39.81 -9.91 39.00
C TYR B 209 -40.26 -8.82 39.97
N VAL B 210 -39.92 -8.98 41.24
CA VAL B 210 -40.21 -8.00 42.28
C VAL B 210 -38.89 -7.58 42.92
N SER B 211 -38.69 -6.28 43.07
CA SER B 211 -37.47 -5.77 43.68
C SER B 211 -37.65 -5.64 45.20
N GLN B 212 -36.56 -5.29 45.85
CA GLN B 212 -36.58 -5.15 47.30
C GLN B 212 -37.50 -4.00 47.70
N PRO B 213 -38.25 -4.12 48.80
CA PRO B 213 -39.11 -3.00 49.23
C PRO B 213 -38.31 -1.82 49.77
N PHE B 214 -37.76 -1.01 48.87
CA PHE B 214 -37.05 0.20 49.25
C PHE B 214 -38.07 1.28 49.60
N LEU B 215 -37.61 2.51 49.81
CA LEU B 215 -38.50 3.61 50.17
C LEU B 215 -37.86 4.91 49.70
N MET B 216 -38.36 5.45 48.59
CA MET B 216 -37.87 6.72 48.09
C MET B 216 -38.41 7.87 48.94
N ASP B 217 -37.88 9.07 48.68
CA ASP B 217 -38.28 10.27 49.42
C ASP B 217 -39.65 10.73 48.91
N LEU B 218 -40.65 9.91 49.22
CA LEU B 218 -42.03 10.19 48.84
C LEU B 218 -42.81 10.94 49.90
N GLU B 219 -42.17 11.31 51.00
CA GLU B 219 -42.85 12.04 52.06
C GLU B 219 -43.34 13.38 51.55
N GLY B 220 -44.48 13.83 52.10
CA GLY B 220 -45.07 15.09 51.67
C GLY B 220 -44.22 16.29 52.04
N LYS B 221 -43.62 16.92 51.02
CA LYS B 221 -42.83 18.14 51.21
C LYS B 221 -43.12 19.04 50.00
N GLN B 222 -44.11 19.91 50.14
CA GLN B 222 -44.50 20.77 49.03
C GLN B 222 -43.34 21.68 48.64
N GLY B 223 -42.94 22.57 49.55
CA GLY B 223 -41.76 23.41 49.37
C GLY B 223 -41.48 23.80 47.93
N ASN B 224 -40.28 23.49 47.47
CA ASN B 224 -39.91 23.59 46.07
C ASN B 224 -39.48 22.21 45.58
N PHE B 225 -39.90 21.86 44.36
CA PHE B 225 -39.65 20.53 43.84
C PHE B 225 -38.15 20.23 43.85
N LYS B 226 -37.81 19.02 44.27
CA LYS B 226 -36.44 18.52 44.26
C LYS B 226 -36.37 17.12 43.67
N ASN B 227 -37.31 16.79 42.78
CA ASN B 227 -37.42 15.47 42.19
C ASN B 227 -37.75 15.65 40.70
N LEU B 228 -36.70 15.71 39.86
CA LEU B 228 -36.90 15.64 38.42
C LEU B 228 -36.58 14.21 38.00
N ARG B 229 -37.61 13.37 37.95
CA ARG B 229 -37.42 11.95 37.65
C ARG B 229 -37.23 11.78 36.15
N GLU B 230 -35.99 11.98 35.71
CA GLU B 230 -35.64 11.77 34.31
C GLU B 230 -35.36 10.30 34.03
N PHE B 231 -36.00 9.78 32.99
CA PHE B 231 -35.97 8.38 32.60
C PHE B 231 -35.77 8.28 31.09
N VAL B 232 -35.11 7.22 30.67
CA VAL B 232 -35.01 6.86 29.26
C VAL B 232 -35.29 5.37 29.15
N PHE B 233 -36.29 5.03 28.35
CA PHE B 233 -36.71 3.65 28.14
C PHE B 233 -36.31 3.24 26.73
N LYS B 234 -35.57 2.14 26.61
CA LYS B 234 -35.10 1.68 25.32
C LYS B 234 -35.23 0.17 25.26
N ASN B 235 -35.37 -0.37 24.05
CA ASN B 235 -35.46 -1.82 23.86
C ASN B 235 -34.75 -2.17 22.56
N ILE B 236 -33.62 -2.85 22.68
CA ILE B 236 -32.82 -3.25 21.51
C ILE B 236 -32.29 -4.66 21.73
N ASP B 237 -32.29 -5.45 20.67
CA ASP B 237 -31.76 -6.82 20.71
C ASP B 237 -32.44 -7.61 21.82
N GLY B 238 -33.76 -7.45 21.93
CA GLY B 238 -34.52 -8.17 22.93
C GLY B 238 -34.15 -7.84 24.36
N TYR B 239 -33.42 -6.74 24.56
CA TYR B 239 -33.03 -6.27 25.89
C TYR B 239 -33.73 -4.95 26.15
N PHE B 240 -34.45 -4.87 27.26
CA PHE B 240 -35.16 -3.66 27.67
C PHE B 240 -34.30 -2.96 28.72
N LYS B 241 -33.76 -1.80 28.38
CA LYS B 241 -32.88 -1.04 29.25
C LYS B 241 -33.59 0.21 29.76
N ILE B 242 -33.49 0.41 31.07
CA ILE B 242 -34.06 1.56 31.76
C ILE B 242 -32.90 2.36 32.32
N TYR B 243 -32.73 3.57 31.80
CA TYR B 243 -31.77 4.54 32.30
C TYR B 243 -32.56 5.57 33.10
N SER B 244 -32.00 6.06 34.19
CA SER B 244 -32.72 7.06 34.97
C SER B 244 -31.74 7.81 35.86
N LYS B 245 -32.19 8.95 36.37
CA LYS B 245 -31.37 9.67 37.33
C LYS B 245 -32.25 10.68 38.05
N HIS B 246 -32.07 10.75 39.38
CA HIS B 246 -32.81 11.70 40.21
C HIS B 246 -32.02 12.99 40.30
N THR B 247 -32.52 14.04 39.66
CA THR B 247 -31.89 15.35 39.69
C THR B 247 -32.77 16.31 40.48
N PRO B 248 -32.35 16.77 41.66
CA PRO B 248 -33.10 17.82 42.34
C PRO B 248 -33.05 19.12 41.56
N ILE B 249 -34.13 19.89 41.63
CA ILE B 249 -34.25 21.14 40.91
C ILE B 249 -34.58 22.25 41.89
N ASN B 250 -34.53 23.49 41.40
CA ASN B 250 -34.76 24.68 42.19
C ASN B 250 -36.01 25.45 41.80
N LEU B 251 -36.41 25.40 40.54
CA LEU B 251 -37.55 26.14 40.03
C LEU B 251 -38.68 25.18 39.68
N VAL B 252 -39.87 25.45 40.21
CA VAL B 252 -41.04 24.60 39.95
C VAL B 252 -41.64 24.85 38.59
N ARG B 253 -41.12 25.81 37.83
CA ARG B 253 -41.59 26.10 36.49
C ARG B 253 -41.15 24.97 35.56
N ASP B 254 -41.40 25.14 34.27
CA ASP B 254 -41.00 24.17 33.25
C ASP B 254 -39.52 23.83 33.39
N LEU B 255 -39.10 22.72 32.78
CA LEU B 255 -37.77 22.12 32.94
C LEU B 255 -36.67 23.19 32.99
N PRO B 256 -35.99 23.35 34.13
CA PRO B 256 -34.87 24.30 34.18
C PRO B 256 -33.69 23.81 33.36
N GLN B 257 -32.88 24.76 32.90
CA GLN B 257 -31.69 24.44 32.14
C GLN B 257 -30.66 23.77 33.04
N GLY B 258 -30.01 22.73 32.53
CA GLY B 258 -28.98 22.03 33.27
C GLY B 258 -28.54 20.79 32.53
N PHE B 259 -27.42 20.26 32.97
CA PHE B 259 -26.82 19.06 32.38
C PHE B 259 -26.61 18.00 33.46
N SER B 260 -27.09 16.79 33.19
CA SER B 260 -26.91 15.68 34.11
C SER B 260 -27.15 14.39 33.35
N ALA B 261 -26.12 13.55 33.26
CA ALA B 261 -26.25 12.29 32.54
C ALA B 261 -27.05 11.29 33.37
N LEU B 262 -27.73 10.39 32.67
CA LEU B 262 -28.56 9.37 33.30
C LEU B 262 -27.78 8.07 33.42
N GLU B 263 -27.68 7.56 34.64
CA GLU B 263 -26.99 6.30 34.86
C GLU B 263 -27.87 5.13 34.42
N PRO B 264 -27.27 3.98 34.10
CA PRO B 264 -28.07 2.77 33.94
C PRO B 264 -28.70 2.37 35.26
N LEU B 265 -29.98 2.01 35.19
CA LEU B 265 -30.74 1.61 36.37
C LEU B 265 -31.13 0.14 36.31
N VAL B 266 -31.69 -0.33 35.20
CA VAL B 266 -32.08 -1.74 35.12
C VAL B 266 -31.93 -2.21 33.68
N ASP B 267 -31.54 -3.47 33.52
CA ASP B 267 -31.53 -4.14 32.22
C ASP B 267 -32.30 -5.44 32.36
N LEU B 268 -33.20 -5.70 31.40
CA LEU B 268 -34.10 -6.84 31.49
C LEU B 268 -33.99 -7.67 30.21
N PRO B 269 -33.80 -8.99 30.31
CA PRO B 269 -33.80 -9.84 29.11
C PRO B 269 -35.21 -10.33 28.76
N ILE B 270 -36.10 -9.38 28.47
CA ILE B 270 -37.49 -9.73 28.20
C ILE B 270 -37.64 -10.27 26.79
N GLY B 271 -37.05 -9.58 25.81
CA GLY B 271 -37.20 -10.01 24.44
C GLY B 271 -38.64 -9.94 23.98
N ILE B 272 -39.37 -8.89 24.36
CA ILE B 272 -40.74 -8.71 23.92
C ILE B 272 -40.72 -7.49 23.00
N ASN B 273 -41.89 -7.07 22.59
CA ASN B 273 -42.06 -6.31 21.37
C ASN B 273 -43.12 -5.22 21.54
N ILE B 274 -42.60 -4.00 21.59
CA ILE B 274 -43.18 -2.82 22.22
C ILE B 274 -43.42 -1.80 21.11
N THR B 275 -44.67 -1.63 20.71
CA THR B 275 -45.00 -0.63 19.69
C THR B 275 -45.75 0.56 20.28
N ARG B 276 -46.43 0.36 21.40
CA ARG B 276 -47.10 1.42 22.13
C ARG B 276 -46.78 1.29 23.61
N PHE B 277 -47.01 2.39 24.33
CA PHE B 277 -46.82 2.42 25.77
C PHE B 277 -47.83 3.37 26.37
N GLN B 278 -48.00 3.26 27.68
CA GLN B 278 -49.05 4.01 28.38
C GLN B 278 -48.61 4.23 29.82
N THR B 279 -48.95 5.39 30.38
CA THR B 279 -48.62 5.63 31.77
C THR B 279 -49.79 5.22 32.67
N LEU B 280 -49.49 5.10 33.97
CA LEU B 280 -50.47 4.72 34.97
C LEU B 280 -50.54 5.82 36.02
N LEU B 281 -51.75 6.24 36.35
CA LEU B 281 -52.00 7.27 37.34
C LEU B 281 -52.86 6.71 38.46
N ALA B 282 -52.69 7.30 39.65
CA ALA B 282 -53.45 6.88 40.84
C ALA B 282 -54.52 7.90 41.22
N LEU B 283 -54.93 8.75 40.29
CA LEU B 283 -55.95 9.75 40.57
C LEU B 283 -56.96 9.82 39.43
N SER B 293 -67.97 14.65 42.34
CA SER B 293 -66.79 14.14 41.65
C SER B 293 -66.16 15.23 40.78
N SER B 294 -66.76 15.48 39.62
CA SER B 294 -66.26 16.48 38.69
C SER B 294 -66.73 17.89 39.02
N SER B 295 -67.68 18.04 39.94
CA SER B 295 -68.21 19.35 40.28
C SER B 295 -67.24 20.07 41.21
N GLY B 296 -66.66 21.17 40.73
CA GLY B 296 -65.72 21.93 41.54
C GLY B 296 -64.49 21.13 41.93
N TRP B 297 -63.95 20.36 41.00
CA TRP B 297 -62.79 19.53 41.30
C TRP B 297 -61.51 20.35 41.16
N THR B 298 -60.67 20.28 42.19
CA THR B 298 -59.39 20.99 42.19
C THR B 298 -58.35 20.13 41.48
N ALA B 299 -58.00 20.51 40.25
CA ALA B 299 -57.06 19.73 39.46
C ALA B 299 -55.69 19.72 40.13
N GLY B 300 -55.06 18.54 40.15
CA GLY B 300 -53.75 18.42 40.74
C GLY B 300 -52.69 19.15 39.94
N ALA B 301 -51.63 19.55 40.63
CA ALA B 301 -50.52 20.29 40.02
C ALA B 301 -49.38 19.31 39.77
N ALA B 302 -49.24 18.88 38.52
CA ALA B 302 -48.16 17.99 38.12
C ALA B 302 -48.19 17.79 36.61
N ALA B 303 -47.04 17.46 36.02
CA ALA B 303 -46.95 17.29 34.58
C ALA B 303 -45.80 16.35 34.24
N TYR B 304 -45.88 15.76 33.06
CA TYR B 304 -44.84 14.86 32.58
C TYR B 304 -44.59 15.10 31.09
N TYR B 305 -43.31 15.14 30.73
CA TYR B 305 -42.87 15.37 29.36
C TYR B 305 -42.50 14.04 28.71
N VAL B 306 -42.83 13.94 27.41
CA VAL B 306 -42.61 12.71 26.64
C VAL B 306 -41.82 13.09 25.38
N GLY B 307 -40.50 12.87 25.40
CA GLY B 307 -39.67 13.06 24.24
C GLY B 307 -39.33 11.74 23.57
N TYR B 308 -38.86 11.81 22.33
CA TYR B 308 -38.62 10.62 21.52
C TYR B 308 -37.15 10.55 21.10
N LEU B 309 -36.58 9.36 21.21
CA LEU B 309 -35.19 9.14 20.82
C LEU B 309 -35.07 9.05 19.30
N GLN B 310 -33.82 9.11 18.83
CA GLN B 310 -33.51 9.08 17.41
C GLN B 310 -32.04 8.70 17.25
N PRO B 311 -31.67 7.93 16.23
CA PRO B 311 -30.26 7.59 16.06
C PRO B 311 -29.44 8.82 15.72
N ARG B 312 -28.49 9.16 16.59
CA ARG B 312 -27.67 10.35 16.38
C ARG B 312 -26.27 10.10 16.91
N THR B 313 -25.34 10.93 16.45
CA THR B 313 -23.96 10.89 16.89
C THR B 313 -23.73 12.02 17.89
N PHE B 314 -23.13 11.67 19.04
CA PHE B 314 -22.86 12.60 20.12
C PHE B 314 -21.39 12.56 20.48
N LEU B 315 -20.90 13.68 21.01
CA LEU B 315 -19.55 13.77 21.56
C LEU B 315 -19.71 14.00 23.06
N LEU B 316 -19.32 12.99 23.84
CA LEU B 316 -19.43 13.01 25.28
C LEU B 316 -18.09 13.35 25.91
N LYS B 317 -18.12 14.26 26.88
CA LYS B 317 -16.93 14.67 27.61
C LYS B 317 -16.93 13.98 28.97
N TYR B 318 -15.92 13.13 29.19
CA TYR B 318 -15.74 12.47 30.48
C TYR B 318 -14.72 13.25 31.30
N ASN B 319 -15.08 13.59 32.52
CA ASN B 319 -14.14 14.25 33.42
C ASN B 319 -13.15 13.21 33.96
N GLU B 320 -12.28 13.65 34.87
CA GLU B 320 -11.27 12.75 35.41
C GLU B 320 -11.89 11.61 36.20
N ASN B 321 -13.12 11.77 36.67
CA ASN B 321 -13.80 10.75 37.48
C ASN B 321 -14.67 9.81 36.67
N GLY B 322 -14.72 9.98 35.34
CA GLY B 322 -15.56 9.13 34.52
C GLY B 322 -17.00 9.55 34.43
N THR B 323 -17.35 10.73 34.92
CA THR B 323 -18.72 11.24 34.86
C THR B 323 -18.86 12.15 33.65
N ILE B 324 -19.88 11.91 32.83
CA ILE B 324 -20.15 12.72 31.66
C ILE B 324 -20.48 14.13 32.11
N THR B 325 -19.61 15.09 31.80
CA THR B 325 -19.79 16.48 32.21
C THR B 325 -20.47 17.33 31.16
N ASP B 326 -20.25 17.04 29.88
CA ASP B 326 -20.83 17.84 28.80
C ASP B 326 -21.03 16.95 27.59
N ALA B 327 -21.87 17.41 26.67
CA ALA B 327 -22.14 16.68 25.45
C ALA B 327 -22.37 17.66 24.30
N VAL B 328 -22.12 17.18 23.09
CA VAL B 328 -22.33 17.95 21.87
C VAL B 328 -23.07 17.09 20.88
N ASP B 329 -24.13 17.64 20.29
CA ASP B 329 -24.91 16.95 19.27
C ASP B 329 -24.26 17.20 17.92
N CYS B 330 -23.70 16.16 17.33
CA CYS B 330 -22.89 16.28 16.12
C CYS B 330 -23.69 16.64 14.88
N ALA B 331 -24.99 16.92 14.97
CA ALA B 331 -25.75 17.35 13.80
C ALA B 331 -26.72 18.47 14.13
N LEU B 332 -26.55 19.15 15.27
CA LEU B 332 -27.45 20.24 15.63
C LEU B 332 -27.23 21.45 14.74
N ASP B 333 -25.97 21.83 14.51
CA ASP B 333 -25.65 23.04 13.76
C ASP B 333 -24.21 22.92 13.28
N PRO B 334 -23.79 23.79 12.35
CA PRO B 334 -22.43 23.67 11.79
C PRO B 334 -21.34 23.73 12.84
N LEU B 335 -21.50 24.58 13.86
CA LEU B 335 -20.47 24.66 14.90
C LEU B 335 -20.35 23.33 15.65
N SER B 336 -21.48 22.71 15.98
CA SER B 336 -21.44 21.42 16.64
C SER B 336 -20.82 20.37 15.74
N GLU B 337 -21.13 20.42 14.44
CA GLU B 337 -20.53 19.47 13.51
C GLU B 337 -19.02 19.64 13.46
N THR B 338 -18.54 20.88 13.46
CA THR B 338 -17.09 21.12 13.48
C THR B 338 -16.47 20.60 14.77
N LYS B 339 -17.13 20.84 15.91
CA LYS B 339 -16.62 20.32 17.18
C LYS B 339 -16.52 18.81 17.13
N CYS B 340 -17.54 18.14 16.60
CA CYS B 340 -17.51 16.68 16.50
C CYS B 340 -16.38 16.23 15.57
N THR B 341 -16.19 16.92 14.45
CA THR B 341 -15.14 16.52 13.51
C THR B 341 -13.77 16.65 14.15
N LEU B 342 -13.53 17.74 14.89
CA LEU B 342 -12.23 17.94 15.53
C LEU B 342 -12.09 17.18 16.84
N LYS B 343 -13.16 16.56 17.34
CA LYS B 343 -13.13 15.86 18.62
C LYS B 343 -12.64 16.77 19.73
N SER B 344 -13.06 18.03 19.68
CA SER B 344 -12.65 19.03 20.65
C SER B 344 -13.84 19.94 20.95
N PHE B 345 -13.95 20.34 22.21
CA PHE B 345 -15.03 21.25 22.62
C PHE B 345 -14.70 22.71 22.33
N THR B 346 -13.48 23.01 21.92
CA THR B 346 -13.07 24.35 21.52
C THR B 346 -12.44 24.28 20.15
N VAL B 347 -12.80 25.24 19.29
CA VAL B 347 -12.34 25.28 17.90
C VAL B 347 -11.54 26.55 17.69
N GLU B 348 -10.33 26.41 17.16
CA GLU B 348 -9.51 27.56 16.85
C GLU B 348 -9.96 28.20 15.54
N LYS B 349 -9.61 29.47 15.38
CA LYS B 349 -10.00 30.21 14.18
C LYS B 349 -9.48 29.51 12.94
N GLY B 350 -10.34 29.42 11.92
CA GLY B 350 -9.95 28.81 10.67
C GLY B 350 -11.17 28.31 9.92
N ILE B 351 -10.89 27.56 8.86
CA ILE B 351 -11.92 26.94 8.03
C ILE B 351 -11.71 25.43 8.08
N TYR B 352 -12.79 24.70 8.36
CA TYR B 352 -12.71 23.26 8.58
C TYR B 352 -13.68 22.53 7.66
N GLN B 353 -13.21 21.41 7.12
CA GLN B 353 -14.04 20.56 6.27
C GLN B 353 -14.97 19.73 7.14
N THR B 354 -16.19 19.50 6.64
CA THR B 354 -17.19 18.73 7.37
C THR B 354 -17.94 17.86 6.37
N SER B 355 -19.08 17.32 6.79
CA SER B 355 -19.83 16.37 5.97
C SER B 355 -20.18 16.99 4.62
N ASN B 356 -20.09 16.17 3.58
CA ASN B 356 -20.36 16.63 2.22
C ASN B 356 -21.85 16.94 2.05
N PHE B 357 -22.13 17.89 1.16
CA PHE B 357 -23.48 18.26 0.78
C PHE B 357 -23.95 17.43 -0.40
N ARG B 358 -25.22 17.04 -0.34
CA ARG B 358 -25.85 16.19 -1.35
C ARG B 358 -27.31 16.58 -1.48
N VAL B 359 -27.79 16.69 -2.71
CA VAL B 359 -29.19 17.01 -2.98
C VAL B 359 -29.97 15.71 -3.10
N GLN B 360 -30.93 15.52 -2.21
CA GLN B 360 -31.69 14.27 -2.19
C GLN B 360 -32.72 14.25 -3.32
N PRO B 361 -33.08 13.06 -3.79
CA PRO B 361 -34.09 12.98 -4.86
C PRO B 361 -35.47 13.31 -4.33
N THR B 362 -36.21 14.13 -5.08
CA THR B 362 -37.54 14.53 -4.64
C THR B 362 -38.54 13.40 -4.76
N GLU B 363 -38.50 12.66 -5.88
CA GLU B 363 -39.47 11.60 -6.13
C GLU B 363 -38.85 10.56 -7.05
N SER B 364 -39.45 9.37 -7.05
CA SER B 364 -38.99 8.26 -7.86
C SER B 364 -39.85 8.15 -9.12
N ILE B 365 -39.21 7.77 -10.23
CA ILE B 365 -39.86 7.64 -11.52
C ILE B 365 -39.49 6.29 -12.13
N VAL B 366 -40.48 5.62 -12.71
CA VAL B 366 -40.30 4.32 -13.34
C VAL B 366 -40.85 4.39 -14.76
N ARG B 367 -40.04 3.96 -15.73
CA ARG B 367 -40.43 3.99 -17.14
C ARG B 367 -40.13 2.63 -17.74
N PHE B 368 -41.18 1.92 -18.17
CA PHE B 368 -41.07 0.59 -18.76
C PHE B 368 -41.76 0.57 -20.11
N PRO B 369 -41.37 -0.34 -20.99
CA PRO B 369 -42.17 -0.58 -22.19
C PRO B 369 -43.58 -0.90 -21.78
N ASN B 370 -44.47 -0.83 -22.74
CA ASN B 370 -45.88 -0.65 -22.46
C ASN B 370 -46.64 -1.79 -23.14
N ILE B 371 -46.04 -2.98 -22.94
CA ILE B 371 -46.51 -4.33 -23.26
C ILE B 371 -47.61 -4.76 -22.31
N THR B 372 -48.47 -5.69 -22.76
CA THR B 372 -49.51 -6.26 -21.90
C THR B 372 -49.62 -7.77 -21.96
N ASN B 373 -49.33 -8.40 -23.10
CA ASN B 373 -49.49 -9.84 -23.23
C ASN B 373 -48.60 -10.58 -22.23
N LEU B 374 -49.19 -11.56 -21.54
CA LEU B 374 -48.45 -12.34 -20.55
C LEU B 374 -47.60 -13.41 -21.23
N CYS B 375 -46.46 -13.72 -20.61
CA CYS B 375 -45.56 -14.71 -21.16
C CYS B 375 -46.19 -16.09 -21.10
N PRO B 376 -45.78 -17.02 -21.99
CA PRO B 376 -46.35 -18.36 -22.04
C PRO B 376 -45.83 -19.28 -20.94
N PHE B 377 -45.83 -18.78 -19.70
CA PHE B 377 -45.41 -19.60 -18.57
C PHE B 377 -46.35 -20.80 -18.40
N GLY B 378 -47.65 -20.58 -18.56
CA GLY B 378 -48.56 -21.71 -18.53
C GLY B 378 -48.28 -22.71 -19.64
N GLU B 379 -48.04 -22.21 -20.85
CA GLU B 379 -47.80 -23.10 -21.98
C GLU B 379 -46.53 -23.92 -21.78
N VAL B 380 -45.53 -23.36 -21.10
CA VAL B 380 -44.25 -24.05 -20.98
C VAL B 380 -44.20 -24.96 -19.76
N PHE B 381 -44.81 -24.55 -18.64
CA PHE B 381 -44.59 -25.25 -17.38
C PHE B 381 -45.37 -26.56 -17.29
N ASN B 382 -46.55 -26.64 -17.89
CA ASN B 382 -47.41 -27.82 -17.72
C ASN B 382 -47.89 -28.33 -19.07
N ALA B 383 -47.00 -28.40 -20.05
CA ALA B 383 -47.29 -29.15 -21.26
C ALA B 383 -47.30 -30.63 -20.93
N THR B 384 -48.17 -31.38 -21.61
CA THR B 384 -48.36 -32.79 -21.28
C THR B 384 -47.06 -33.57 -21.42
N ARG B 385 -46.27 -33.26 -22.44
CA ARG B 385 -45.07 -34.01 -22.77
C ARG B 385 -43.83 -33.15 -22.55
N PHE B 386 -42.85 -33.69 -21.83
CA PHE B 386 -41.53 -33.09 -21.69
C PHE B 386 -40.50 -34.01 -22.33
N ALA B 387 -39.58 -33.43 -23.09
CA ALA B 387 -38.58 -34.21 -23.78
C ALA B 387 -37.59 -34.83 -22.79
N SER B 388 -36.85 -35.82 -23.27
CA SER B 388 -35.87 -36.48 -22.44
C SER B 388 -34.71 -35.54 -22.12
N VAL B 389 -33.99 -35.87 -21.04
CA VAL B 389 -32.89 -35.01 -20.61
C VAL B 389 -31.84 -34.91 -21.69
N TYR B 390 -31.49 -36.03 -22.33
CA TYR B 390 -30.54 -35.99 -23.44
C TYR B 390 -31.07 -35.21 -24.62
N ALA B 391 -32.40 -35.07 -24.74
CA ALA B 391 -33.01 -34.30 -25.80
C ALA B 391 -33.85 -33.18 -25.21
N TRP B 392 -33.31 -32.50 -24.20
CA TRP B 392 -34.03 -31.44 -23.50
C TRP B 392 -34.57 -30.41 -24.48
N ASN B 393 -35.80 -29.95 -24.24
CA ASN B 393 -36.44 -29.02 -25.17
C ASN B 393 -36.26 -27.59 -24.70
N ARG B 394 -35.88 -26.71 -25.62
CA ARG B 394 -35.65 -25.30 -25.34
C ARG B 394 -36.74 -24.46 -25.97
N LYS B 395 -37.36 -23.60 -25.17
CA LYS B 395 -38.43 -22.73 -25.58
C LYS B 395 -38.00 -21.28 -25.39
N ARG B 396 -38.45 -20.41 -26.28
CA ARG B 396 -38.09 -19.00 -26.25
C ARG B 396 -39.23 -18.20 -25.63
N ILE B 397 -38.89 -17.28 -24.73
CA ILE B 397 -39.84 -16.35 -24.14
C ILE B 397 -39.30 -14.95 -24.36
N SER B 398 -40.08 -14.14 -25.07
CA SER B 398 -39.66 -12.77 -25.36
C SER B 398 -40.89 -11.95 -25.71
N ASN B 399 -40.75 -10.64 -25.57
CA ASN B 399 -41.81 -9.69 -25.92
C ASN B 399 -43.09 -10.02 -25.14
N CYS B 400 -42.98 -9.94 -23.81
CA CYS B 400 -44.11 -10.20 -22.94
C CYS B 400 -43.77 -9.68 -21.55
N VAL B 401 -44.75 -9.74 -20.66
CA VAL B 401 -44.59 -9.37 -19.26
C VAL B 401 -44.69 -10.64 -18.42
N ALA B 402 -43.70 -10.88 -17.59
CA ALA B 402 -43.60 -12.10 -16.79
C ALA B 402 -43.87 -11.76 -15.33
N ASP B 403 -44.83 -12.45 -14.73
CA ASP B 403 -45.19 -12.27 -13.33
C ASP B 403 -44.62 -13.46 -12.55
N TYR B 404 -43.37 -13.32 -12.10
CA TYR B 404 -42.72 -14.40 -11.37
C TYR B 404 -43.25 -14.56 -9.95
N SER B 405 -44.06 -13.61 -9.46
CA SER B 405 -44.62 -13.75 -8.12
C SER B 405 -45.53 -14.96 -8.03
N VAL B 406 -46.35 -15.18 -9.05
CA VAL B 406 -47.23 -16.36 -9.06
C VAL B 406 -46.39 -17.63 -9.03
N LEU B 407 -45.34 -17.68 -9.84
CA LEU B 407 -44.50 -18.88 -9.87
C LEU B 407 -43.84 -19.12 -8.53
N TYR B 408 -43.33 -18.07 -7.89
CA TYR B 408 -42.69 -18.22 -6.59
C TYR B 408 -43.69 -18.68 -5.53
N ASN B 409 -44.90 -18.13 -5.57
CA ASN B 409 -45.91 -18.49 -4.58
C ASN B 409 -46.50 -19.87 -4.82
N SER B 410 -46.37 -20.40 -6.03
CA SER B 410 -46.89 -21.73 -6.34
C SER B 410 -46.14 -22.76 -5.52
N ALA B 411 -46.82 -23.34 -4.52
CA ALA B 411 -46.19 -24.33 -3.66
C ALA B 411 -45.94 -25.66 -4.36
N SER B 412 -46.49 -25.86 -5.56
CA SER B 412 -46.30 -27.11 -6.27
C SER B 412 -44.84 -27.37 -6.62
N PHE B 413 -44.00 -26.34 -6.60
CA PHE B 413 -42.59 -26.48 -6.97
C PHE B 413 -41.79 -26.87 -5.73
N SER B 414 -41.24 -28.08 -5.75
CA SER B 414 -40.44 -28.55 -4.62
C SER B 414 -39.15 -27.75 -4.47
N THR B 415 -38.48 -27.48 -5.59
CA THR B 415 -37.19 -26.78 -5.59
C THR B 415 -37.30 -25.53 -6.45
N PHE B 416 -36.90 -24.39 -5.89
CA PHE B 416 -36.89 -23.11 -6.61
C PHE B 416 -35.60 -22.38 -6.22
N LYS B 417 -34.55 -22.58 -7.00
CA LYS B 417 -33.22 -22.04 -6.70
C LYS B 417 -32.80 -21.04 -7.76
N CYS B 418 -32.46 -19.82 -7.35
CA CYS B 418 -31.98 -18.82 -8.28
C CYS B 418 -30.56 -18.39 -7.89
N TYR B 419 -29.70 -18.25 -8.90
CA TYR B 419 -28.28 -18.07 -8.69
C TYR B 419 -27.82 -16.64 -9.00
N GLY B 420 -28.05 -16.17 -10.21
CA GLY B 420 -27.63 -14.84 -10.59
C GLY B 420 -28.58 -13.74 -10.19
N VAL B 421 -29.74 -14.08 -9.65
CA VAL B 421 -30.74 -13.09 -9.26
C VAL B 421 -31.62 -13.71 -8.18
N SER B 422 -32.01 -12.90 -7.21
CA SER B 422 -32.89 -13.38 -6.16
C SER B 422 -34.31 -13.58 -6.72
N PRO B 423 -35.04 -14.58 -6.24
CA PRO B 423 -36.41 -14.77 -6.73
C PRO B 423 -37.28 -13.54 -6.53
N THR B 424 -37.21 -12.94 -5.33
CA THR B 424 -38.12 -11.85 -5.00
C THR B 424 -37.97 -10.70 -5.97
N LYS B 425 -36.74 -10.37 -6.33
CA LYS B 425 -36.49 -9.22 -7.20
C LYS B 425 -36.91 -9.46 -8.64
N LEU B 426 -37.27 -10.69 -9.01
CA LEU B 426 -37.57 -10.97 -10.41
C LEU B 426 -38.69 -10.11 -10.97
N ASN B 427 -39.56 -9.57 -10.11
CA ASN B 427 -40.67 -8.75 -10.57
C ASN B 427 -40.27 -7.32 -10.90
N ASP B 428 -39.04 -6.92 -10.61
CA ASP B 428 -38.58 -5.55 -10.84
C ASP B 428 -37.33 -5.53 -11.69
N LEU B 429 -37.29 -6.36 -12.73
CA LEU B 429 -36.14 -6.46 -13.60
C LEU B 429 -36.59 -6.62 -15.05
N CYS B 430 -35.73 -6.21 -15.97
CA CYS B 430 -35.97 -6.35 -17.39
C CYS B 430 -34.84 -7.18 -18.01
N PHE B 431 -35.21 -8.16 -18.82
CA PHE B 431 -34.28 -9.06 -19.47
C PHE B 431 -34.45 -8.97 -20.98
N THR B 432 -33.33 -9.17 -21.68
CA THR B 432 -33.35 -9.14 -23.14
C THR B 432 -34.19 -10.27 -23.71
N ASN B 433 -34.09 -11.46 -23.13
CA ASN B 433 -34.87 -12.61 -23.57
C ASN B 433 -34.67 -13.71 -22.54
N VAL B 434 -35.67 -14.59 -22.42
CA VAL B 434 -35.66 -15.66 -21.43
C VAL B 434 -35.72 -16.99 -22.17
N TYR B 435 -34.90 -17.93 -21.74
CA TYR B 435 -34.86 -19.28 -22.30
C TYR B 435 -35.46 -20.22 -21.26
N ALA B 436 -36.42 -21.05 -21.68
CA ALA B 436 -37.03 -22.02 -20.79
C ALA B 436 -36.70 -23.41 -21.29
N ASP B 437 -35.93 -24.16 -20.53
CA ASP B 437 -35.52 -25.50 -20.91
C ASP B 437 -36.24 -26.51 -20.04
N SER B 438 -36.90 -27.47 -20.69
CA SER B 438 -37.74 -28.45 -20.01
C SER B 438 -37.17 -29.84 -20.25
N PHE B 439 -37.15 -30.64 -19.18
CA PHE B 439 -36.77 -32.04 -19.28
C PHE B 439 -37.19 -32.76 -18.01
N VAL B 440 -36.99 -34.08 -18.02
CA VAL B 440 -37.36 -34.95 -16.91
C VAL B 440 -36.11 -35.68 -16.43
N ILE B 441 -35.89 -35.69 -15.12
CA ILE B 441 -34.74 -36.33 -14.52
C ILE B 441 -35.14 -36.99 -13.20
N ARG B 442 -34.21 -37.73 -12.62
CA ARG B 442 -34.46 -38.34 -11.32
C ARG B 442 -34.41 -37.28 -10.22
N GLY B 443 -34.91 -37.65 -9.04
CA GLY B 443 -34.82 -36.77 -7.89
C GLY B 443 -33.42 -36.62 -7.35
N ASP B 444 -32.54 -37.57 -7.65
CA ASP B 444 -31.16 -37.50 -7.16
C ASP B 444 -30.28 -36.60 -8.01
N GLU B 445 -30.70 -36.26 -9.22
CA GLU B 445 -29.93 -35.41 -10.12
C GLU B 445 -30.35 -33.95 -10.06
N VAL B 446 -31.29 -33.60 -9.18
CA VAL B 446 -31.64 -32.19 -8.99
C VAL B 446 -30.43 -31.42 -8.48
N ARG B 447 -29.63 -32.05 -7.62
CA ARG B 447 -28.38 -31.44 -7.18
C ARG B 447 -27.38 -31.35 -8.34
N GLN B 448 -27.37 -32.36 -9.21
CA GLN B 448 -26.44 -32.36 -10.33
C GLN B 448 -26.71 -31.21 -11.29
N ILE B 449 -27.99 -30.89 -11.53
CA ILE B 449 -28.35 -29.91 -12.53
C ILE B 449 -27.88 -28.51 -12.17
N ALA B 450 -27.41 -28.30 -10.94
CA ALA B 450 -26.96 -26.99 -10.52
C ALA B 450 -25.72 -26.56 -11.32
N PRO B 451 -25.52 -25.27 -11.52
CA PRO B 451 -24.38 -24.81 -12.31
C PRO B 451 -23.05 -25.11 -11.60
N GLY B 452 -22.02 -25.31 -12.41
CA GLY B 452 -20.71 -25.63 -11.88
C GLY B 452 -20.64 -26.96 -11.16
N GLN B 453 -21.63 -27.82 -11.31
CA GLN B 453 -21.69 -29.10 -10.64
C GLN B 453 -21.21 -30.21 -11.57
N THR B 454 -20.64 -31.25 -10.98
CA THR B 454 -20.14 -32.41 -11.71
C THR B 454 -21.11 -33.58 -11.55
N GLY B 455 -20.90 -34.60 -12.38
CA GLY B 455 -21.73 -35.79 -12.33
C GLY B 455 -22.10 -36.29 -13.71
N LYS B 456 -22.93 -37.34 -13.75
CA LYS B 456 -23.31 -37.94 -15.03
C LYS B 456 -24.07 -36.94 -15.91
N ILE B 457 -25.11 -36.33 -15.35
CA ILE B 457 -25.92 -35.41 -16.12
C ILE B 457 -25.11 -34.18 -16.51
N ALA B 458 -24.45 -33.55 -15.53
CA ALA B 458 -23.66 -32.37 -15.82
C ALA B 458 -22.51 -32.66 -16.76
N ASP B 459 -22.14 -33.94 -16.92
CA ASP B 459 -21.04 -34.30 -17.79
C ASP B 459 -21.49 -34.51 -19.22
N TYR B 460 -22.50 -35.37 -19.44
CA TYR B 460 -22.88 -35.66 -20.83
C TYR B 460 -24.39 -35.78 -21.04
N ASN B 461 -25.19 -35.03 -20.30
CA ASN B 461 -26.60 -34.91 -20.65
C ASN B 461 -27.09 -33.48 -20.69
N TYR B 462 -26.64 -32.63 -19.78
CA TYR B 462 -27.04 -31.23 -19.75
C TYR B 462 -26.08 -30.48 -18.84
N LYS B 463 -25.32 -29.54 -19.41
CA LYS B 463 -24.31 -28.81 -18.68
C LYS B 463 -24.70 -27.33 -18.61
N LEU B 464 -24.69 -26.77 -17.40
CA LEU B 464 -24.94 -25.35 -17.23
C LEU B 464 -23.62 -24.58 -17.26
N PRO B 465 -23.64 -23.34 -17.73
CA PRO B 465 -22.40 -22.54 -17.72
C PRO B 465 -21.95 -22.25 -16.31
N ASP B 466 -20.63 -22.08 -16.15
CA ASP B 466 -20.08 -21.80 -14.83
C ASP B 466 -20.63 -20.51 -14.25
N ASP B 467 -21.02 -19.56 -15.10
CA ASP B 467 -21.57 -18.28 -14.68
C ASP B 467 -23.05 -18.18 -15.01
N PHE B 468 -23.78 -19.28 -14.81
CA PHE B 468 -25.19 -19.31 -15.13
C PHE B 468 -25.95 -18.24 -14.35
N THR B 469 -26.82 -17.51 -15.05
CA THR B 469 -27.64 -16.46 -14.47
C THR B 469 -29.09 -16.80 -14.76
N GLY B 470 -29.79 -17.31 -13.76
CA GLY B 470 -31.17 -17.70 -13.95
C GLY B 470 -31.68 -18.49 -12.76
N CYS B 471 -32.82 -19.13 -12.98
CA CYS B 471 -33.50 -19.89 -11.93
C CYS B 471 -33.69 -21.34 -12.38
N VAL B 472 -33.63 -22.25 -11.42
CA VAL B 472 -33.84 -23.68 -11.63
C VAL B 472 -35.06 -24.07 -10.81
N ILE B 473 -36.07 -24.63 -11.46
CA ILE B 473 -37.31 -25.00 -10.82
C ILE B 473 -37.53 -26.48 -11.08
N ALA B 474 -37.81 -27.23 -10.01
CA ALA B 474 -37.99 -28.67 -10.12
C ALA B 474 -39.16 -29.08 -9.25
N TRP B 475 -39.97 -30.01 -9.75
CA TRP B 475 -41.06 -30.53 -8.92
C TRP B 475 -41.28 -32.00 -9.23
N ASN B 476 -41.79 -32.70 -8.23
CA ASN B 476 -42.04 -34.13 -8.38
C ASN B 476 -43.15 -34.36 -9.39
N SER B 477 -42.87 -35.21 -10.37
CA SER B 477 -43.82 -35.57 -11.41
C SER B 477 -44.20 -37.03 -11.32
N ASN B 478 -44.25 -37.58 -10.11
CA ASN B 478 -44.56 -38.99 -9.95
C ASN B 478 -45.96 -39.30 -10.46
N ASN B 479 -46.95 -38.51 -10.03
CA ASN B 479 -48.34 -38.80 -10.39
C ASN B 479 -48.58 -38.73 -11.89
N LEU B 480 -47.76 -38.00 -12.63
CA LEU B 480 -47.98 -37.80 -14.05
C LEU B 480 -47.07 -38.63 -14.94
N ASP B 481 -45.89 -39.02 -14.45
CA ASP B 481 -44.93 -39.77 -15.25
C ASP B 481 -44.76 -41.21 -14.78
N SER B 482 -45.39 -41.60 -13.68
CA SER B 482 -45.26 -42.95 -13.17
C SER B 482 -46.11 -43.91 -13.99
N LYS B 483 -45.57 -45.10 -14.25
CA LYS B 483 -46.26 -46.16 -14.95
C LYS B 483 -46.11 -47.45 -14.17
N VAL B 484 -47.21 -48.18 -14.01
CA VAL B 484 -47.15 -49.44 -13.27
C VAL B 484 -46.17 -50.41 -13.94
N GLY B 485 -46.22 -50.48 -15.27
CA GLY B 485 -45.28 -51.30 -16.00
C GLY B 485 -43.94 -50.66 -16.27
N GLY B 486 -43.79 -49.37 -15.98
CA GLY B 486 -42.54 -48.67 -16.20
C GLY B 486 -42.57 -47.79 -17.42
N ASN B 487 -42.37 -46.49 -17.23
CA ASN B 487 -42.34 -45.54 -18.33
C ASN B 487 -40.93 -45.50 -18.92
N TYR B 488 -40.76 -46.10 -20.09
CA TYR B 488 -39.47 -46.22 -20.74
C TYR B 488 -39.23 -45.14 -21.79
N ASN B 489 -40.15 -44.19 -21.96
CA ASN B 489 -39.99 -43.15 -22.96
C ASN B 489 -38.91 -42.14 -22.61
N TYR B 490 -38.43 -42.13 -21.37
CA TYR B 490 -37.44 -41.15 -20.92
C TYR B 490 -36.06 -41.80 -20.95
N LEU B 491 -35.14 -41.18 -21.69
CA LEU B 491 -33.81 -41.70 -21.92
C LEU B 491 -32.77 -40.72 -21.39
N TYR B 492 -31.54 -41.20 -21.24
CA TYR B 492 -30.42 -40.34 -20.86
C TYR B 492 -29.12 -41.05 -21.18
N ARG B 493 -28.10 -40.25 -21.49
CA ARG B 493 -26.82 -40.80 -21.92
C ARG B 493 -26.11 -41.48 -20.76
N LEU B 494 -25.56 -42.67 -21.03
CA LEU B 494 -24.71 -43.34 -20.05
C LEU B 494 -23.28 -42.84 -20.10
N PHE B 495 -22.77 -42.57 -21.30
CA PHE B 495 -21.42 -42.04 -21.45
C PHE B 495 -21.30 -41.36 -22.80
N ARG B 496 -20.29 -40.51 -22.92
CA ARG B 496 -20.05 -39.73 -24.14
C ARG B 496 -18.58 -39.77 -24.48
N LYS B 497 -18.28 -39.81 -25.78
CA LYS B 497 -16.89 -39.82 -26.23
C LYS B 497 -16.20 -38.48 -25.97
N SER B 498 -16.97 -37.40 -25.81
CA SER B 498 -16.45 -36.09 -25.48
C SER B 498 -16.91 -35.67 -24.09
N ASN B 499 -16.29 -34.62 -23.56
CA ASN B 499 -16.56 -34.16 -22.22
C ASN B 499 -17.77 -33.21 -22.23
N LEU B 500 -18.00 -32.53 -21.11
CA LEU B 500 -19.12 -31.63 -20.99
C LEU B 500 -18.93 -30.39 -21.87
N LYS B 501 -20.06 -29.76 -22.20
CA LYS B 501 -20.05 -28.51 -22.95
C LYS B 501 -21.35 -27.77 -22.66
N PRO B 502 -21.29 -26.54 -22.14
CA PRO B 502 -22.54 -25.87 -21.72
C PRO B 502 -23.52 -25.68 -22.87
N PHE B 503 -24.80 -25.81 -22.54
CA PHE B 503 -25.90 -25.49 -23.45
C PHE B 503 -25.70 -26.11 -24.83
N GLU B 504 -25.69 -27.44 -24.86
CA GLU B 504 -25.67 -28.20 -26.10
C GLU B 504 -26.54 -29.43 -25.94
N ARG B 505 -27.08 -29.90 -27.06
CA ARG B 505 -27.94 -31.08 -27.08
C ARG B 505 -27.31 -32.15 -27.96
N ASP B 506 -27.22 -33.37 -27.44
CA ASP B 506 -26.66 -34.51 -28.15
C ASP B 506 -27.78 -35.49 -28.47
N ILE B 507 -27.90 -35.85 -29.75
CA ILE B 507 -28.93 -36.78 -30.19
C ILE B 507 -28.24 -38.02 -30.75
N SER B 508 -27.06 -38.35 -30.21
CA SER B 508 -26.29 -39.49 -30.68
C SER B 508 -26.79 -40.76 -29.98
N THR B 509 -27.16 -41.76 -30.78
CA THR B 509 -27.61 -43.04 -30.26
C THR B 509 -26.88 -44.21 -30.90
N GLU B 510 -25.74 -43.96 -31.54
CA GLU B 510 -24.98 -45.00 -32.20
C GLU B 510 -24.17 -45.80 -31.19
N ILE B 511 -23.66 -46.95 -31.64
CA ILE B 511 -22.85 -47.80 -30.77
C ILE B 511 -21.53 -47.09 -30.47
N TYR B 512 -20.96 -47.44 -29.32
CA TYR B 512 -19.70 -46.84 -28.87
C TYR B 512 -18.53 -47.71 -29.31
N GLN B 513 -17.46 -47.05 -29.76
CA GLN B 513 -16.23 -47.72 -30.18
C GLN B 513 -15.10 -47.31 -29.25
N ALA B 514 -14.36 -48.29 -28.76
CA ALA B 514 -13.23 -48.03 -27.87
C ALA B 514 -12.04 -47.50 -28.66
N THR B 517 -10.48 -50.27 -29.37
CA THR B 517 -10.75 -51.23 -30.44
C THR B 517 -12.03 -50.86 -31.18
N PRO B 518 -12.06 -51.07 -32.50
CA PRO B 518 -13.27 -50.76 -33.26
C PRO B 518 -14.44 -51.60 -32.77
N CYS B 519 -15.63 -50.99 -32.77
CA CYS B 519 -16.85 -51.65 -32.34
C CYS B 519 -17.96 -51.34 -33.33
N ASN B 520 -18.78 -52.34 -33.62
CA ASN B 520 -19.87 -52.20 -34.57
C ASN B 520 -21.04 -53.02 -34.08
N GLY B 521 -22.05 -53.19 -34.95
CA GLY B 521 -23.21 -53.95 -34.56
C GLY B 521 -23.99 -53.26 -33.45
N VAL B 522 -24.63 -54.08 -32.61
CA VAL B 522 -25.42 -53.58 -31.49
C VAL B 522 -24.77 -53.87 -30.14
N GLU B 523 -23.74 -54.71 -30.10
CA GLU B 523 -23.07 -55.05 -28.85
C GLU B 523 -21.63 -55.43 -29.14
N GLY B 524 -20.81 -55.36 -28.11
CA GLY B 524 -19.41 -55.73 -28.23
C GLY B 524 -18.71 -55.57 -26.90
N PHE B 525 -17.45 -55.98 -26.88
CA PHE B 525 -16.65 -55.85 -25.67
C PHE B 525 -16.57 -54.40 -25.24
N ASN B 526 -16.83 -54.15 -23.96
CA ASN B 526 -16.88 -52.80 -23.40
C ASN B 526 -17.68 -51.85 -24.29
N CYS B 527 -18.67 -52.38 -25.01
CA CYS B 527 -19.57 -51.60 -25.85
C CYS B 527 -20.97 -51.71 -25.27
N TYR B 528 -21.56 -50.57 -24.94
CA TYR B 528 -22.88 -50.53 -24.31
C TYR B 528 -23.75 -49.52 -25.02
N PHE B 529 -25.06 -49.71 -24.89
CA PHE B 529 -26.01 -48.81 -25.52
C PHE B 529 -25.78 -47.39 -24.99
N PRO B 530 -25.89 -46.36 -25.85
CA PRO B 530 -25.64 -44.99 -25.36
C PRO B 530 -26.73 -44.45 -24.44
N LEU B 531 -27.96 -44.96 -24.53
CA LEU B 531 -29.06 -44.50 -23.70
C LEU B 531 -29.74 -45.67 -23.02
N GLN B 532 -30.25 -45.43 -21.82
CA GLN B 532 -31.00 -46.43 -21.07
C GLN B 532 -32.31 -45.80 -20.60
N SER B 533 -33.42 -46.49 -20.88
CA SER B 533 -34.73 -45.97 -20.54
C SER B 533 -34.89 -45.90 -19.03
N TYR B 534 -35.51 -44.81 -18.56
CA TYR B 534 -35.76 -44.65 -17.14
C TYR B 534 -36.77 -45.66 -16.64
N GLY B 535 -36.50 -46.25 -15.48
CA GLY B 535 -37.43 -47.16 -14.85
C GLY B 535 -38.39 -46.44 -13.92
N PHE B 536 -39.30 -45.66 -14.49
CA PHE B 536 -40.23 -44.84 -13.72
C PHE B 536 -41.45 -45.69 -13.38
N GLN B 537 -41.59 -46.03 -12.10
CA GLN B 537 -42.76 -46.74 -11.60
C GLN B 537 -43.27 -46.05 -10.35
N PRO B 538 -44.58 -46.10 -10.10
CA PRO B 538 -45.12 -45.45 -8.90
C PRO B 538 -44.58 -46.04 -7.61
N THR B 539 -44.12 -47.30 -7.63
CA THR B 539 -43.58 -47.93 -6.43
C THR B 539 -42.15 -47.51 -6.12
N ASN B 540 -41.49 -46.83 -7.04
CA ASN B 540 -40.11 -46.41 -6.80
C ASN B 540 -40.04 -45.46 -5.60
N GLY B 541 -38.98 -45.60 -4.81
CA GLY B 541 -38.82 -44.79 -3.62
C GLY B 541 -38.48 -43.35 -3.94
N VAL B 542 -38.54 -42.52 -2.89
CA VAL B 542 -38.23 -41.10 -3.06
C VAL B 542 -36.78 -40.96 -3.55
N GLY B 543 -36.55 -39.93 -4.35
CA GLY B 543 -35.27 -39.71 -5.00
C GLY B 543 -35.18 -40.41 -6.35
N TYR B 544 -35.72 -41.61 -6.43
CA TYR B 544 -35.80 -42.34 -7.69
C TYR B 544 -37.09 -42.07 -8.46
N GLN B 545 -37.99 -41.27 -7.90
CA GLN B 545 -39.22 -40.93 -8.60
C GLN B 545 -38.91 -39.98 -9.76
N PRO B 546 -39.71 -40.00 -10.82
CA PRO B 546 -39.52 -39.02 -11.89
C PRO B 546 -39.75 -37.60 -11.39
N TYR B 547 -39.01 -36.65 -11.95
CA TYR B 547 -39.10 -35.26 -11.58
C TYR B 547 -39.07 -34.42 -12.86
N ARG B 548 -39.85 -33.34 -12.87
CA ARG B 548 -39.92 -32.43 -14.01
C ARG B 548 -39.13 -31.18 -13.65
N VAL B 549 -38.15 -30.85 -14.50
CA VAL B 549 -37.23 -29.76 -14.26
C VAL B 549 -37.36 -28.75 -15.40
N VAL B 550 -37.54 -27.48 -15.03
CA VAL B 550 -37.57 -26.36 -15.95
C VAL B 550 -36.53 -25.35 -15.47
N VAL B 551 -35.63 -24.93 -16.36
CA VAL B 551 -34.61 -23.94 -16.01
C VAL B 551 -34.80 -22.72 -16.89
N LEU B 552 -34.85 -21.55 -16.25
CA LEU B 552 -34.99 -20.26 -16.89
C LEU B 552 -33.61 -19.62 -16.93
N SER B 553 -33.08 -19.41 -18.13
CA SER B 553 -31.77 -18.81 -18.34
C SER B 553 -31.93 -17.51 -19.10
N PHE B 554 -31.36 -16.43 -18.59
CA PHE B 554 -31.50 -15.15 -19.26
C PHE B 554 -30.26 -14.29 -19.03
N GLU B 555 -30.05 -13.36 -19.95
CA GLU B 555 -28.93 -12.43 -19.91
C GLU B 555 -29.47 -11.01 -19.73
N LEU B 556 -28.58 -10.12 -19.29
CA LEU B 556 -28.98 -8.78 -18.88
C LEU B 556 -28.14 -7.74 -19.59
N LEU B 557 -28.78 -6.66 -20.02
CA LEU B 557 -28.11 -5.47 -20.55
C LEU B 557 -27.32 -5.77 -21.82
N HIS B 558 -27.64 -6.85 -22.53
CA HIS B 558 -26.98 -7.18 -23.78
C HIS B 558 -27.77 -6.73 -25.00
N ALA B 559 -28.90 -6.07 -24.81
CA ALA B 559 -29.75 -5.63 -25.92
C ALA B 559 -30.91 -4.82 -25.37
N PRO B 560 -31.66 -4.09 -26.21
CA PRO B 560 -32.87 -3.44 -25.72
C PRO B 560 -33.83 -4.45 -25.09
N ALA B 561 -34.04 -4.34 -23.79
CA ALA B 561 -34.83 -5.32 -23.07
C ALA B 561 -36.26 -5.36 -23.61
N THR B 562 -36.79 -6.57 -23.75
CA THR B 562 -38.16 -6.77 -24.19
C THR B 562 -38.99 -7.61 -23.23
N VAL B 563 -38.40 -8.22 -22.22
CA VAL B 563 -39.14 -8.93 -21.17
C VAL B 563 -39.00 -8.11 -19.90
N CYS B 564 -40.13 -7.82 -19.24
CA CYS B 564 -40.09 -7.01 -18.04
C CYS B 564 -41.16 -7.48 -17.05
N GLY B 565 -40.94 -7.14 -15.79
CA GLY B 565 -41.85 -7.53 -14.74
C GLY B 565 -43.11 -6.69 -14.74
N PRO B 566 -44.05 -7.06 -13.88
CA PRO B 566 -45.33 -6.34 -13.80
C PRO B 566 -45.24 -5.08 -12.93
N LYS B 567 -44.67 -4.04 -13.50
CA LYS B 567 -44.50 -2.76 -12.82
C LYS B 567 -45.16 -1.66 -13.65
N LYS B 568 -45.86 -0.76 -12.97
CA LYS B 568 -46.60 0.31 -13.62
C LYS B 568 -45.71 1.52 -13.81
N SER B 569 -45.62 2.02 -15.04
CA SER B 569 -44.83 3.19 -15.33
C SER B 569 -45.49 4.44 -14.75
N THR B 570 -44.69 5.47 -14.56
CA THR B 570 -45.14 6.75 -14.02
C THR B 570 -44.84 7.87 -15.02
N ASN B 571 -45.34 9.06 -14.70
CA ASN B 571 -45.18 10.21 -15.58
C ASN B 571 -43.71 10.63 -15.64
N LEU B 572 -43.34 11.23 -16.77
CA LEU B 572 -41.97 11.69 -16.97
C LEU B 572 -41.72 12.98 -16.20
N VAL B 573 -40.56 13.07 -15.56
CA VAL B 573 -40.14 14.23 -14.80
C VAL B 573 -38.78 14.67 -15.29
N LYS B 574 -38.62 15.97 -15.51
CA LYS B 574 -37.38 16.53 -16.05
C LYS B 574 -36.91 17.68 -15.18
N ASN B 575 -35.61 17.96 -15.27
CA ASN B 575 -35.00 19.11 -14.61
C ASN B 575 -35.19 19.05 -13.09
N LYS B 576 -35.09 17.84 -12.53
CA LYS B 576 -35.21 17.66 -11.09
C LYS B 576 -34.40 16.43 -10.69
N CYS B 577 -33.95 16.44 -9.43
CA CYS B 577 -33.22 15.29 -8.88
C CYS B 577 -34.22 14.21 -8.53
N VAL B 578 -34.26 13.14 -9.32
CA VAL B 578 -35.22 12.06 -9.15
C VAL B 578 -34.51 10.72 -9.27
N ASN B 579 -35.17 9.69 -8.73
CA ASN B 579 -34.70 8.32 -8.83
C ASN B 579 -35.33 7.67 -10.06
N PHE B 580 -34.53 7.46 -11.09
CA PHE B 580 -35.02 6.92 -12.35
C PHE B 580 -34.85 5.41 -12.40
N ASN B 581 -35.69 4.78 -13.22
CA ASN B 581 -35.65 3.34 -13.45
C ASN B 581 -36.09 3.10 -14.90
N PHE B 582 -35.11 3.01 -15.80
CA PHE B 582 -35.35 2.78 -17.22
C PHE B 582 -35.03 1.32 -17.53
N ASN B 583 -36.07 0.50 -17.70
CA ASN B 583 -35.89 -0.92 -18.01
C ASN B 583 -34.99 -1.59 -16.97
N GLY B 584 -35.21 -1.26 -15.70
CA GLY B 584 -34.41 -1.81 -14.62
C GLY B 584 -33.10 -1.10 -14.37
N LEU B 585 -32.78 -0.07 -15.14
CA LEU B 585 -31.55 0.70 -14.95
C LEU B 585 -31.80 1.73 -13.86
N THR B 586 -31.83 1.24 -12.62
CA THR B 586 -32.11 2.11 -11.49
C THR B 586 -30.94 3.06 -11.26
N GLY B 587 -31.26 4.26 -10.80
CA GLY B 587 -30.25 5.25 -10.49
C GLY B 587 -30.88 6.53 -10.01
N THR B 588 -30.04 7.54 -9.82
CA THR B 588 -30.48 8.84 -9.34
C THR B 588 -29.81 9.93 -10.17
N GLY B 589 -30.56 10.97 -10.49
CA GLY B 589 -30.00 12.07 -11.25
C GLY B 589 -31.06 13.02 -11.75
N VAL B 590 -30.63 13.93 -12.62
CA VAL B 590 -31.47 14.94 -13.24
C VAL B 590 -31.60 14.59 -14.71
N LEU B 591 -32.84 14.36 -15.15
CA LEU B 591 -33.12 14.02 -16.54
C LEU B 591 -33.38 15.30 -17.32
N THR B 592 -32.65 15.47 -18.42
CA THR B 592 -32.76 16.68 -19.24
C THR B 592 -32.89 16.26 -20.70
N GLU B 593 -33.53 17.12 -21.49
CA GLU B 593 -33.62 16.85 -22.92
C GLU B 593 -32.22 16.86 -23.53
N SER B 594 -31.95 15.87 -24.38
CA SER B 594 -30.63 15.64 -24.93
C SER B 594 -30.59 16.06 -26.39
N ASN B 595 -29.56 16.80 -26.77
CA ASN B 595 -29.31 17.14 -28.16
C ASN B 595 -28.52 16.06 -28.88
N LYS B 596 -28.03 15.05 -28.17
CA LYS B 596 -27.31 13.96 -28.81
C LYS B 596 -28.24 13.22 -29.77
N LYS B 597 -27.68 12.83 -30.92
CA LYS B 597 -28.46 12.14 -31.94
C LYS B 597 -28.12 10.65 -31.89
N PHE B 598 -28.82 9.95 -31.00
CA PHE B 598 -28.70 8.50 -30.93
C PHE B 598 -29.07 7.88 -32.26
N LEU B 599 -28.30 6.88 -32.68
CA LEU B 599 -28.67 6.13 -33.86
C LEU B 599 -29.90 5.28 -33.55
N PRO B 600 -30.65 4.88 -34.58
CA PRO B 600 -31.93 4.19 -34.32
C PRO B 600 -31.76 2.94 -33.46
N PHE B 601 -30.62 2.27 -33.52
CA PHE B 601 -30.40 1.02 -32.81
C PHE B 601 -29.73 1.21 -31.45
N GLN B 602 -29.44 2.44 -31.05
CA GLN B 602 -28.74 2.70 -29.80
C GLN B 602 -29.71 3.07 -28.69
N GLN B 603 -29.50 2.50 -27.51
CA GLN B 603 -30.37 2.71 -26.36
C GLN B 603 -29.68 3.48 -25.25
N PHE B 604 -28.54 3.00 -24.76
CA PHE B 604 -27.85 3.63 -23.65
C PHE B 604 -26.78 4.60 -24.17
N GLY B 605 -26.16 5.30 -23.23
CA GLY B 605 -25.01 6.11 -23.52
C GLY B 605 -24.05 6.10 -22.35
N ARG B 606 -22.81 5.68 -22.58
CA ARG B 606 -21.85 5.45 -21.52
C ARG B 606 -20.81 6.57 -21.48
N ASP B 607 -20.25 6.78 -20.29
CA ASP B 607 -19.17 7.72 -20.06
C ASP B 607 -17.86 6.96 -19.85
N ILE B 608 -16.81 7.70 -19.51
CA ILE B 608 -15.49 7.10 -19.36
C ILE B 608 -15.50 6.03 -18.27
N ALA B 609 -16.20 6.31 -17.16
CA ALA B 609 -16.21 5.44 -16.00
C ALA B 609 -17.24 4.31 -16.11
N ASP B 610 -17.71 4.01 -17.31
CA ASP B 610 -18.83 3.10 -17.51
C ASP B 610 -19.99 3.59 -16.63
N THR B 611 -20.50 4.76 -17.00
CA THR B 611 -21.62 5.38 -16.31
C THR B 611 -22.63 5.84 -17.36
N THR B 612 -23.90 5.54 -17.11
CA THR B 612 -24.95 5.91 -18.06
C THR B 612 -25.22 7.40 -17.96
N ASP B 613 -24.71 8.17 -18.92
CA ASP B 613 -24.93 9.61 -18.97
C ASP B 613 -26.04 9.98 -19.93
N ALA B 614 -26.64 9.00 -20.63
CA ALA B 614 -27.73 9.29 -21.54
C ALA B 614 -28.54 8.03 -21.81
N VAL B 615 -29.87 8.12 -21.70
CA VAL B 615 -30.75 6.97 -21.84
C VAL B 615 -31.91 7.33 -22.75
N ARG B 616 -32.47 6.32 -23.39
CA ARG B 616 -33.60 6.49 -24.30
C ARG B 616 -34.86 5.99 -23.62
N ASP B 617 -35.88 6.85 -23.55
CA ASP B 617 -37.10 6.51 -22.85
C ASP B 617 -37.81 5.36 -23.55
N PRO B 618 -38.14 4.27 -22.85
CA PRO B 618 -38.78 3.13 -23.54
C PRO B 618 -40.10 3.47 -24.18
N GLN B 619 -40.90 4.35 -23.57
CA GLN B 619 -42.23 4.64 -24.09
C GLN B 619 -42.16 5.60 -25.28
N THR B 620 -41.68 6.81 -25.04
CA THR B 620 -41.43 7.77 -26.11
C THR B 620 -39.99 7.61 -26.59
N LEU B 621 -39.83 7.40 -27.89
CA LEU B 621 -38.49 7.17 -28.44
C LEU B 621 -37.70 8.47 -28.47
N GLU B 622 -37.28 8.94 -27.30
CA GLU B 622 -36.49 10.15 -27.16
C GLU B 622 -35.34 9.88 -26.21
N ILE B 623 -34.32 10.73 -26.29
CA ILE B 623 -33.07 10.56 -25.55
C ILE B 623 -32.97 11.66 -24.50
N LEU B 624 -32.59 11.27 -23.29
CA LEU B 624 -32.48 12.18 -22.15
C LEU B 624 -31.09 12.05 -21.55
N ASP B 625 -30.44 13.19 -21.35
CA ASP B 625 -29.18 13.25 -20.62
C ASP B 625 -29.44 13.06 -19.14
N ILE B 626 -28.52 12.37 -18.47
CA ILE B 626 -28.59 12.10 -17.05
C ILE B 626 -27.42 12.82 -16.39
N THR B 627 -27.71 13.80 -15.54
CA THR B 627 -26.68 14.53 -14.84
C THR B 627 -26.84 14.34 -13.34
N PRO B 628 -25.84 13.85 -12.61
CA PRO B 628 -26.05 13.56 -11.19
C PRO B 628 -26.41 14.81 -10.41
N CYS B 629 -27.22 14.61 -9.37
CA CYS B 629 -27.67 15.72 -8.54
C CYS B 629 -26.47 16.42 -7.92
N SER B 630 -26.59 17.74 -7.77
CA SER B 630 -25.47 18.54 -7.31
C SER B 630 -24.98 18.07 -5.95
N PHE B 631 -23.66 18.10 -5.78
CA PHE B 631 -23.03 17.69 -4.53
C PHE B 631 -21.71 18.42 -4.38
N GLY B 632 -21.20 18.44 -3.15
CA GLY B 632 -19.91 19.06 -2.93
C GLY B 632 -19.56 19.28 -1.48
N GLY B 633 -18.28 19.47 -1.17
CA GLY B 633 -17.88 19.58 0.22
C GLY B 633 -18.50 20.79 0.92
N VAL B 634 -18.63 20.66 2.23
CA VAL B 634 -19.11 21.74 3.09
C VAL B 634 -17.99 22.10 4.04
N SER B 635 -17.61 23.37 4.05
CA SER B 635 -16.57 23.88 4.96
C SER B 635 -17.21 24.87 5.91
N VAL B 636 -16.78 24.86 7.16
CA VAL B 636 -17.31 25.77 8.18
C VAL B 636 -16.22 26.78 8.52
N ILE B 637 -16.53 28.06 8.31
CA ILE B 637 -15.64 29.16 8.58
C ILE B 637 -16.05 29.74 9.92
N THR B 638 -15.16 29.67 10.90
CA THR B 638 -15.45 30.15 12.24
C THR B 638 -14.25 30.89 12.79
N PRO B 639 -14.47 31.92 13.60
CA PRO B 639 -13.40 32.46 14.43
C PRO B 639 -13.17 31.56 15.64
N GLY B 640 -12.26 31.99 16.51
CA GLY B 640 -11.99 31.22 17.70
C GLY B 640 -13.25 31.03 18.53
N THR B 641 -13.32 29.88 19.21
CA THR B 641 -14.53 29.57 19.98
C THR B 641 -14.75 30.59 21.09
N ASN B 642 -13.68 31.08 21.72
CA ASN B 642 -13.88 32.23 22.62
C ASN B 642 -14.47 33.40 21.85
N THR B 643 -13.88 33.71 20.69
CA THR B 643 -14.21 34.95 20.00
C THR B 643 -15.71 35.05 19.74
N SER B 644 -16.32 33.94 19.33
CA SER B 644 -17.76 33.91 19.11
C SER B 644 -18.17 32.50 18.72
N ASN B 645 -19.46 32.22 18.88
CA ASN B 645 -20.05 30.97 18.45
C ASN B 645 -20.74 31.09 17.10
N GLN B 646 -20.55 32.22 16.42
CA GLN B 646 -21.16 32.45 15.11
C GLN B 646 -20.24 31.93 14.02
N VAL B 647 -20.83 31.27 13.01
CA VAL B 647 -20.08 30.66 11.93
C VAL B 647 -20.77 30.94 10.61
N ALA B 648 -20.01 30.74 9.52
CA ALA B 648 -20.54 30.84 8.18
C ALA B 648 -20.11 29.63 7.37
N VAL B 649 -21.01 29.09 6.57
CA VAL B 649 -20.74 27.85 5.85
C VAL B 649 -20.45 28.14 4.39
N LEU B 650 -19.65 27.26 3.79
CA LEU B 650 -19.25 27.36 2.39
C LEU B 650 -19.59 26.04 1.72
N TYR B 651 -20.42 26.10 0.70
CA TYR B 651 -20.78 24.95 -0.13
C TYR B 651 -19.90 25.02 -1.36
N GLN B 652 -18.90 24.14 -1.43
CA GLN B 652 -17.90 24.21 -2.49
C GLN B 652 -18.49 23.77 -3.82
N GLY B 653 -18.23 24.55 -4.86
CA GLY B 653 -18.64 24.16 -6.19
C GLY B 653 -20.14 24.02 -6.38
N VAL B 654 -20.91 24.96 -5.85
CA VAL B 654 -22.36 24.93 -5.98
C VAL B 654 -22.86 26.36 -6.08
N ASN B 655 -23.81 26.59 -6.98
CA ASN B 655 -24.47 27.89 -7.05
C ASN B 655 -25.37 28.08 -5.84
N CYS B 656 -25.69 29.35 -5.57
CA CYS B 656 -26.50 29.69 -4.41
C CYS B 656 -27.99 29.45 -4.62
N THR B 657 -28.36 28.68 -5.64
CA THR B 657 -29.75 28.34 -5.89
C THR B 657 -30.10 26.92 -5.46
N GLU B 658 -29.14 26.00 -5.50
CA GLU B 658 -29.42 24.62 -5.11
C GLU B 658 -29.87 24.53 -3.66
N VAL B 659 -29.19 25.24 -2.77
CA VAL B 659 -29.49 25.18 -1.33
C VAL B 659 -30.87 25.78 -1.06
N PRO B 660 -31.17 26.99 -1.55
CA PRO B 660 -32.54 27.50 -1.36
C PRO B 660 -33.60 26.60 -1.96
N VAL B 661 -33.33 26.00 -3.12
CA VAL B 661 -34.29 25.10 -3.73
C VAL B 661 -34.50 23.87 -2.84
N ALA B 662 -33.41 23.32 -2.30
CA ALA B 662 -33.51 22.15 -1.44
C ALA B 662 -34.20 22.46 -0.11
N ILE B 663 -34.22 23.72 0.32
CA ILE B 663 -35.06 24.06 1.46
C ILE B 663 -36.41 24.56 0.94
N THR B 671 -28.95 16.21 8.22
CA THR B 671 -28.19 17.41 7.90
C THR B 671 -29.01 18.66 8.17
N TRP B 672 -28.41 19.59 8.92
CA TRP B 672 -29.08 20.85 9.22
C TRP B 672 -29.37 21.62 7.94
N ARG B 673 -30.49 22.36 7.96
CA ARG B 673 -30.87 23.22 6.84
C ARG B 673 -31.27 24.61 7.30
N VAL B 674 -31.10 24.93 8.59
CA VAL B 674 -31.57 26.21 9.11
C VAL B 674 -30.85 27.37 8.43
N TYR B 675 -29.63 27.14 7.95
CA TYR B 675 -28.89 28.20 7.27
C TYR B 675 -29.35 28.43 5.84
N SER B 676 -30.21 27.57 5.31
CA SER B 676 -30.68 27.74 3.94
C SER B 676 -31.66 28.90 3.78
N THR B 677 -32.10 29.51 4.88
CA THR B 677 -33.07 30.60 4.78
C THR B 677 -32.52 31.74 3.93
N GLY B 678 -31.26 32.10 4.14
CA GLY B 678 -30.63 33.14 3.34
C GLY B 678 -30.38 34.42 4.11
N SER B 679 -30.56 35.55 3.44
CA SER B 679 -30.30 36.91 3.93
C SER B 679 -28.81 37.20 4.00
N ASN B 680 -27.94 36.22 3.74
CA ASN B 680 -26.51 36.45 3.74
C ASN B 680 -25.79 35.72 2.62
N VAL B 681 -26.53 35.11 1.69
CA VAL B 681 -25.90 34.33 0.62
C VAL B 681 -24.97 35.22 -0.19
N PHE B 682 -23.90 34.62 -0.70
CA PHE B 682 -22.90 35.35 -1.47
C PHE B 682 -22.17 34.35 -2.35
N GLN B 683 -22.29 34.51 -3.67
CA GLN B 683 -21.71 33.56 -4.60
C GLN B 683 -20.24 33.91 -4.83
N THR B 684 -19.34 33.01 -4.48
CA THR B 684 -17.91 33.16 -4.71
C THR B 684 -17.45 32.15 -5.75
N ARG B 685 -16.28 32.40 -6.33
CA ARG B 685 -15.75 31.50 -7.34
C ARG B 685 -15.51 30.11 -6.77
N ALA B 686 -15.36 29.99 -5.45
CA ALA B 686 -15.17 28.70 -4.80
C ALA B 686 -16.48 28.04 -4.38
N GLY B 687 -17.61 28.74 -4.44
CA GLY B 687 -18.86 28.16 -4.01
C GLY B 687 -19.80 29.15 -3.35
N CYS B 688 -20.93 28.65 -2.85
CA CYS B 688 -21.86 29.53 -2.16
C CYS B 688 -21.41 29.75 -0.72
N LEU B 689 -21.37 31.01 -0.28
CA LEU B 689 -20.96 31.35 1.07
C LEU B 689 -22.17 31.93 1.79
N ILE B 690 -22.55 31.31 2.91
CA ILE B 690 -23.75 31.66 3.66
C ILE B 690 -23.34 32.07 5.05
N GLY B 691 -23.85 33.21 5.50
CA GLY B 691 -23.56 33.71 6.84
C GLY B 691 -22.45 34.73 6.92
N ALA B 692 -21.89 35.14 5.79
CA ALA B 692 -20.82 36.14 5.74
C ALA B 692 -21.29 37.35 4.98
N GLU B 693 -21.07 38.53 5.55
CA GLU B 693 -21.45 39.79 4.91
C GLU B 693 -20.34 40.21 3.96
N HIS B 694 -20.72 40.53 2.72
CA HIS B 694 -19.73 40.91 1.71
C HIS B 694 -19.43 42.39 1.82
N VAL B 695 -18.13 42.72 1.77
CA VAL B 695 -17.67 44.10 1.79
C VAL B 695 -16.60 44.24 0.72
N ASN B 696 -16.37 45.48 0.29
CA ASN B 696 -15.36 45.77 -0.73
C ASN B 696 -14.08 46.36 -0.15
N ASN B 697 -14.12 46.90 1.07
CA ASN B 697 -12.90 47.32 1.74
C ASN B 697 -11.97 46.12 1.87
N SER B 698 -10.81 46.21 1.22
CA SER B 698 -9.88 45.08 1.19
C SER B 698 -9.02 45.06 2.45
N TYR B 699 -8.85 43.87 3.01
CA TYR B 699 -8.02 43.66 4.19
C TYR B 699 -7.06 42.51 3.93
N GLU B 700 -6.04 42.40 4.79
CA GLU B 700 -5.14 41.26 4.72
C GLU B 700 -5.91 39.99 5.01
N CYS B 701 -5.52 38.91 4.34
CA CYS B 701 -6.23 37.65 4.49
C CYS B 701 -6.15 37.16 5.94
N ASP B 702 -7.29 36.74 6.47
CA ASP B 702 -7.38 36.18 7.81
C ASP B 702 -7.75 34.70 7.78
N ILE B 703 -8.87 34.37 7.16
CA ILE B 703 -9.29 32.99 6.95
C ILE B 703 -9.46 32.76 5.46
N PRO B 704 -8.49 32.11 4.80
CA PRO B 704 -8.60 31.91 3.35
C PRO B 704 -9.82 31.07 3.01
N ILE B 705 -10.46 31.41 1.88
CA ILE B 705 -11.61 30.67 1.39
C ILE B 705 -11.31 30.05 0.03
N GLY B 706 -10.84 30.85 -0.91
CA GLY B 706 -10.47 30.37 -2.23
C GLY B 706 -10.71 31.45 -3.26
N ALA B 707 -9.89 31.43 -4.31
CA ALA B 707 -10.02 32.37 -5.42
C ALA B 707 -9.94 33.82 -4.94
N GLY B 708 -9.04 34.07 -3.99
CA GLY B 708 -8.79 35.42 -3.55
C GLY B 708 -9.75 35.96 -2.53
N ILE B 709 -10.67 35.15 -2.02
CA ILE B 709 -11.64 35.58 -1.01
C ILE B 709 -11.15 35.13 0.36
N CYS B 710 -11.21 36.04 1.33
CA CYS B 710 -10.86 35.74 2.70
C CYS B 710 -11.93 36.27 3.63
N ALA B 711 -12.14 35.55 4.73
CA ALA B 711 -13.14 35.89 5.73
C ALA B 711 -12.48 36.26 7.04
N SER B 712 -13.11 37.18 7.76
CA SER B 712 -12.59 37.63 9.04
C SER B 712 -13.74 38.09 9.93
N TYR B 713 -13.50 38.07 11.23
CA TYR B 713 -14.50 38.49 12.22
C TYR B 713 -14.19 39.92 12.63
N GLN B 714 -15.08 40.84 12.27
CA GLN B 714 -14.86 42.26 12.52
C GLN B 714 -16.17 42.96 12.81
N THR B 715 -16.06 44.20 13.28
CA THR B 715 -17.24 45.00 13.61
C THR B 715 -18.12 45.19 12.39
N SER B 728 -23.13 45.26 14.54
CA SER B 728 -21.95 45.18 15.38
C SER B 728 -20.98 44.14 14.83
N GLN B 729 -20.42 43.31 15.71
CA GLN B 729 -19.47 42.30 15.27
C GLN B 729 -20.18 41.22 14.44
N SER B 730 -19.47 40.73 13.42
CA SER B 730 -20.01 39.70 12.54
C SER B 730 -18.85 39.16 11.71
N ILE B 731 -19.19 38.25 10.80
CA ILE B 731 -18.22 37.64 9.89
C ILE B 731 -18.37 38.30 8.52
N ILE B 732 -17.26 38.77 7.97
CA ILE B 732 -17.24 39.47 6.69
C ILE B 732 -16.33 38.72 5.73
N ALA B 733 -16.67 38.79 4.45
CA ALA B 733 -15.88 38.20 3.38
C ALA B 733 -15.45 39.32 2.43
N TYR B 734 -14.21 39.23 1.93
CA TYR B 734 -13.67 40.30 1.12
C TYR B 734 -12.60 39.73 0.19
N THR B 735 -12.10 40.60 -0.68
CA THR B 735 -10.98 40.27 -1.56
C THR B 735 -9.69 40.67 -0.86
N MET B 736 -8.80 39.71 -0.66
CA MET B 736 -7.59 39.97 0.10
C MET B 736 -6.74 41.03 -0.57
N SER B 737 -6.09 41.86 0.25
CA SER B 737 -5.15 42.87 -0.23
C SER B 737 -3.74 42.32 -0.13
N LEU B 738 -3.00 42.40 -1.24
CA LEU B 738 -1.64 41.88 -1.24
C LEU B 738 -0.71 42.69 -0.36
N GLY B 739 -0.92 44.00 -0.31
CA GLY B 739 -0.09 44.86 0.52
C GLY B 739 -0.35 46.31 0.21
N ALA B 740 0.33 47.18 0.95
CA ALA B 740 0.22 48.60 0.72
C ALA B 740 0.91 48.98 -0.57
N GLU B 741 0.26 49.83 -1.37
CA GLU B 741 0.89 50.35 -2.56
C GLU B 741 2.06 51.26 -2.19
N ASN B 742 3.13 51.20 -2.97
CA ASN B 742 4.31 52.03 -2.69
C ASN B 742 4.96 52.38 -4.02
N SER B 743 4.63 53.55 -4.56
CA SER B 743 5.23 54.02 -5.79
C SER B 743 6.61 54.58 -5.48
N VAL B 744 7.64 53.81 -5.82
CA VAL B 744 9.00 54.27 -5.55
C VAL B 744 9.26 55.57 -6.32
N ALA B 745 10.21 56.36 -5.82
CA ALA B 745 10.50 57.69 -6.34
C ALA B 745 11.64 57.66 -7.35
N TYR B 746 11.73 56.61 -8.15
CA TYR B 746 12.85 56.44 -9.07
C TYR B 746 12.96 57.63 -10.01
N SER B 747 14.17 58.13 -10.15
CA SER B 747 14.58 59.08 -11.17
C SER B 747 15.78 58.47 -11.88
N ASN B 748 16.44 59.24 -12.74
CA ASN B 748 17.72 58.79 -13.28
C ASN B 748 18.90 59.40 -12.55
N ASN B 749 18.69 60.44 -11.74
CA ASN B 749 19.77 61.12 -11.05
C ASN B 749 19.44 61.32 -9.58
N SER B 750 18.61 60.43 -9.02
CA SER B 750 18.24 60.47 -7.62
C SER B 750 18.50 59.10 -7.01
N ILE B 751 19.21 59.09 -5.88
CA ILE B 751 19.51 57.87 -5.16
C ILE B 751 18.95 58.04 -3.75
N ALA B 752 18.99 56.95 -2.98
CA ALA B 752 18.64 57.01 -1.57
C ALA B 752 19.64 56.18 -0.78
N ILE B 753 20.25 56.78 0.23
CA ILE B 753 21.30 56.15 1.01
C ILE B 753 20.87 56.16 2.48
N PRO B 754 20.98 55.05 3.20
CA PRO B 754 20.64 55.07 4.63
C PRO B 754 21.64 55.89 5.43
N THR B 755 21.13 56.52 6.49
CA THR B 755 21.95 57.27 7.44
C THR B 755 21.99 56.62 8.81
N ASN B 756 21.47 55.42 8.94
CA ASN B 756 21.35 54.75 10.23
C ASN B 756 21.07 53.28 9.97
N PHE B 757 20.98 52.50 11.04
CA PHE B 757 20.78 51.06 10.90
C PHE B 757 20.16 50.51 12.17
N THR B 758 19.63 49.30 12.05
CA THR B 758 19.08 48.55 13.17
C THR B 758 19.56 47.11 13.09
N ILE B 759 19.95 46.56 14.23
CA ILE B 759 20.34 45.16 14.33
C ILE B 759 19.10 44.37 14.73
N SER B 760 18.71 43.41 13.88
CA SER B 760 17.51 42.63 14.11
C SER B 760 17.86 41.16 14.31
N VAL B 761 17.26 40.56 15.32
CA VAL B 761 17.45 39.15 15.63
C VAL B 761 16.11 38.46 15.40
N THR B 762 16.06 37.58 14.41
CA THR B 762 14.85 36.84 14.07
C THR B 762 15.09 35.36 14.25
N THR B 763 14.11 34.67 14.85
CA THR B 763 14.23 33.25 15.08
C THR B 763 13.76 32.46 13.87
N GLU B 764 14.16 31.19 13.83
CA GLU B 764 13.75 30.29 12.75
C GLU B 764 13.79 28.86 13.28
N ILE B 765 12.68 28.14 13.11
CA ILE B 765 12.54 26.80 13.67
C ILE B 765 12.56 25.80 12.52
N LEU B 766 13.38 24.75 12.66
CA LEU B 766 13.50 23.72 11.65
C LEU B 766 13.39 22.35 12.31
N PRO B 767 12.44 21.50 11.92
CA PRO B 767 12.44 20.12 12.40
C PRO B 767 13.69 19.39 11.92
N VAL B 768 14.19 18.48 12.77
CA VAL B 768 15.40 17.73 12.50
C VAL B 768 15.16 16.23 12.50
N SER B 769 14.38 15.73 13.46
CA SER B 769 14.14 14.30 13.59
C SER B 769 12.76 14.07 14.17
N MET B 770 12.26 12.84 14.00
CA MET B 770 10.99 12.42 14.57
C MET B 770 11.22 11.15 15.37
N THR B 771 10.32 10.90 16.31
CA THR B 771 10.48 9.76 17.21
C THR B 771 10.56 8.46 16.42
N LYS B 772 11.53 7.62 16.79
CA LYS B 772 11.67 6.33 16.16
C LYS B 772 10.62 5.38 16.69
N THR B 773 10.13 4.50 15.82
CA THR B 773 9.16 3.48 16.21
C THR B 773 9.55 2.15 15.60
N SER B 774 9.41 1.09 16.39
CA SER B 774 9.57 -0.28 15.93
C SER B 774 8.30 -1.03 16.29
N VAL B 775 7.73 -1.73 15.31
CA VAL B 775 6.46 -2.42 15.46
C VAL B 775 6.70 -3.90 15.24
N ASP B 776 6.36 -4.72 16.23
CA ASP B 776 6.39 -6.16 16.09
C ASP B 776 5.20 -6.57 15.23
N CYS B 777 5.47 -6.87 13.96
CA CYS B 777 4.39 -7.16 13.02
C CYS B 777 3.55 -8.34 13.50
N THR B 778 4.22 -9.43 13.91
CA THR B 778 3.49 -10.61 14.35
C THR B 778 2.64 -10.31 15.56
N MET B 779 3.22 -9.64 16.57
CA MET B 779 2.46 -9.35 17.78
C MET B 779 1.26 -8.47 17.48
N TYR B 780 1.47 -7.42 16.69
CA TYR B 780 0.38 -6.50 16.37
C TYR B 780 -0.75 -7.22 15.65
N ILE B 781 -0.40 -8.00 14.61
CA ILE B 781 -1.44 -8.62 13.80
C ILE B 781 -2.14 -9.74 14.55
N CYS B 782 -1.39 -10.58 15.25
CA CYS B 782 -1.90 -11.84 15.79
C CYS B 782 -1.50 -11.99 17.25
N GLY B 783 -1.72 -10.95 18.06
CA GLY B 783 -1.32 -10.99 19.44
C GLY B 783 -1.76 -12.23 20.18
N ASP B 784 -0.80 -13.08 20.53
CA ASP B 784 -1.04 -14.27 21.34
C ASP B 784 -2.10 -15.15 20.67
N SER B 785 -1.74 -15.72 19.53
CA SER B 785 -2.64 -16.63 18.82
C SER B 785 -1.80 -17.48 17.87
N THR B 786 -1.64 -18.77 18.22
CA THR B 786 -0.84 -19.66 17.39
C THR B 786 -1.48 -19.86 16.02
N GLU B 787 -2.81 -20.01 15.99
CA GLU B 787 -3.49 -20.20 14.71
C GLU B 787 -3.31 -18.98 13.82
N CYS B 788 -3.46 -17.78 14.38
CA CYS B 788 -3.28 -16.56 13.60
C CYS B 788 -1.84 -16.43 13.12
N SER B 789 -0.87 -16.78 13.96
CA SER B 789 0.52 -16.73 13.54
C SER B 789 0.77 -17.70 12.38
N ASN B 790 0.23 -18.92 12.47
CA ASN B 790 0.40 -19.89 11.40
C ASN B 790 -0.23 -19.39 10.11
N LEU B 791 -1.40 -18.75 10.21
CA LEU B 791 -2.01 -18.17 9.01
C LEU B 791 -1.15 -17.07 8.43
N LEU B 792 -0.59 -16.21 9.28
CA LEU B 792 0.28 -15.13 8.80
C LEU B 792 1.53 -15.69 8.13
N LEU B 793 1.98 -16.87 8.55
CA LEU B 793 3.12 -17.48 7.89
C LEU B 793 2.87 -17.67 6.40
N GLN B 794 1.61 -17.78 5.99
CA GLN B 794 1.30 -17.89 4.56
C GLN B 794 1.77 -16.65 3.81
N TYR B 795 1.50 -15.47 4.36
CA TYR B 795 1.99 -14.24 3.74
C TYR B 795 3.51 -14.14 3.88
N GLY B 796 4.03 -14.35 5.09
CA GLY B 796 5.45 -14.53 5.26
C GLY B 796 6.27 -13.27 5.48
N SER B 797 6.90 -12.77 4.41
CA SER B 797 7.98 -11.79 4.53
C SER B 797 7.50 -10.35 4.67
N PHE B 798 6.19 -10.11 4.67
CA PHE B 798 5.71 -8.75 4.84
C PHE B 798 6.19 -8.14 6.14
N CYS B 799 6.17 -8.94 7.23
CA CYS B 799 6.64 -8.45 8.51
C CYS B 799 8.11 -8.05 8.44
N THR B 800 8.94 -8.87 7.79
CA THR B 800 10.35 -8.53 7.66
C THR B 800 10.54 -7.25 6.88
N GLN B 801 9.79 -7.08 5.78
CA GLN B 801 9.90 -5.85 5.00
C GLN B 801 9.54 -4.63 5.84
N LEU B 802 8.44 -4.71 6.58
CA LEU B 802 8.01 -3.57 7.39
C LEU B 802 9.04 -3.25 8.46
N ASN B 803 9.57 -4.28 9.13
CA ASN B 803 10.58 -4.04 10.16
C ASN B 803 11.84 -3.42 9.57
N ARG B 804 12.25 -3.87 8.38
CA ARG B 804 13.40 -3.27 7.74
C ARG B 804 13.16 -1.80 7.44
N ALA B 805 11.97 -1.47 6.94
CA ALA B 805 11.66 -0.07 6.63
C ALA B 805 11.72 0.79 7.90
N LEU B 806 11.11 0.30 8.99
CA LEU B 806 11.08 1.09 10.22
C LEU B 806 12.49 1.25 10.79
N THR B 807 13.31 0.20 10.73
CA THR B 807 14.69 0.32 11.22
C THR B 807 15.47 1.33 10.38
N GLY B 808 15.28 1.31 9.07
CA GLY B 808 15.91 2.32 8.23
C GLY B 808 15.49 3.72 8.62
N ILE B 809 14.20 3.91 8.91
CA ILE B 809 13.73 5.23 9.32
C ILE B 809 14.40 5.67 10.61
N ALA B 810 14.51 4.76 11.58
CA ALA B 810 15.12 5.12 12.86
C ALA B 810 16.59 5.50 12.69
N VAL B 811 17.32 4.70 11.91
CA VAL B 811 18.72 5.03 11.65
C VAL B 811 18.83 6.36 10.94
N GLU B 812 17.89 6.64 10.05
CA GLU B 812 17.88 7.93 9.36
C GLU B 812 17.68 9.08 10.34
N GLN B 813 16.81 8.89 11.33
CA GLN B 813 16.61 9.95 12.34
C GLN B 813 17.90 10.21 13.10
N ASP B 814 18.58 9.14 13.52
CA ASP B 814 19.84 9.31 14.22
C ASP B 814 20.86 10.04 13.35
N LYS B 815 20.94 9.65 12.08
CA LYS B 815 21.87 10.31 11.17
C LYS B 815 21.52 11.78 10.98
N ASN B 816 20.23 12.10 10.92
CA ASN B 816 19.81 13.48 10.77
C ASN B 816 20.29 14.32 11.95
N THR B 817 20.04 13.84 13.17
CA THR B 817 20.50 14.59 14.33
C THR B 817 22.01 14.74 14.33
N GLN B 818 22.73 13.67 14.03
CA GLN B 818 24.18 13.73 14.01
C GLN B 818 24.67 14.77 12.99
N GLU B 819 24.13 14.72 11.78
CA GLU B 819 24.57 15.64 10.74
C GLU B 819 24.26 17.08 11.13
N VAL B 820 23.10 17.33 11.71
CA VAL B 820 22.71 18.70 12.03
C VAL B 820 23.62 19.26 13.12
N PHE B 821 23.86 18.49 14.18
CA PHE B 821 24.48 19.06 15.38
C PHE B 821 25.98 18.78 15.49
N ALA B 822 26.41 17.55 15.25
CA ALA B 822 27.82 17.19 15.46
C ALA B 822 28.69 17.78 14.37
N GLN B 823 28.88 19.10 14.39
CA GLN B 823 29.70 19.79 13.41
C GLN B 823 30.92 20.46 14.04
N VAL B 824 31.29 20.07 15.26
CA VAL B 824 32.44 20.62 15.95
C VAL B 824 33.35 19.46 16.35
N LYS B 825 34.63 19.58 16.00
CA LYS B 825 35.60 18.54 16.35
C LYS B 825 36.00 18.60 17.82
N GLN B 826 35.75 19.72 18.50
CA GLN B 826 36.10 19.86 19.91
C GLN B 826 34.98 20.60 20.62
N ILE B 827 34.88 20.38 21.92
CA ILE B 827 33.85 21.00 22.74
C ILE B 827 34.47 22.26 23.31
N TYR B 828 34.25 23.38 22.64
CA TYR B 828 34.71 24.67 23.12
C TYR B 828 33.84 25.16 24.28
N LYS B 829 34.46 25.88 25.21
CA LYS B 829 33.75 26.46 26.34
C LYS B 829 34.13 27.92 26.48
N THR B 830 33.13 28.76 26.77
CA THR B 830 33.36 30.18 26.91
C THR B 830 34.24 30.47 28.12
N PRO B 831 35.06 31.51 28.07
CA PRO B 831 35.91 31.84 29.22
C PRO B 831 35.09 32.31 30.40
N PRO B 832 35.63 32.23 31.61
CA PRO B 832 34.85 32.66 32.79
C PRO B 832 34.42 34.11 32.73
N ILE B 833 35.22 34.99 32.14
CA ILE B 833 34.92 36.42 32.08
C ILE B 833 34.23 36.71 30.76
N LYS B 834 33.02 37.24 30.82
CA LYS B 834 32.22 37.51 29.63
C LYS B 834 32.38 38.98 29.23
N ASP B 835 33.60 39.32 28.81
CA ASP B 835 33.91 40.67 28.35
C ASP B 835 33.87 40.70 26.82
N PHE B 836 32.67 40.53 26.29
CA PHE B 836 32.46 40.48 24.84
C PHE B 836 32.14 41.86 24.26
N GLY B 837 33.00 42.84 24.56
CA GLY B 837 32.86 44.16 23.97
C GLY B 837 31.53 44.81 24.23
N GLY B 838 30.86 44.46 25.33
CA GLY B 838 29.58 45.03 25.68
C GLY B 838 28.38 44.22 25.22
N PHE B 839 28.58 43.19 24.40
CA PHE B 839 27.48 42.36 23.93
C PHE B 839 27.10 41.33 24.99
N ASN B 840 25.81 41.14 25.16
CA ASN B 840 25.24 40.19 26.10
C ASN B 840 24.86 38.90 25.38
N PHE B 841 25.32 37.76 25.91
CA PHE B 841 24.88 36.45 25.44
C PHE B 841 24.50 35.54 26.62
N SER B 842 24.13 36.13 27.76
CA SER B 842 23.78 35.32 28.92
C SER B 842 22.54 34.48 28.63
N GLN B 843 21.56 35.05 27.93
CA GLN B 843 20.31 34.36 27.68
C GLN B 843 20.45 33.17 26.75
N ILE B 844 21.57 33.04 26.05
CA ILE B 844 21.79 31.92 25.15
C ILE B 844 22.92 31.01 25.61
N LEU B 845 23.80 31.46 26.49
CA LEU B 845 24.85 30.61 27.01
C LEU B 845 24.30 29.66 28.06
N PRO B 846 24.98 28.54 28.31
CA PRO B 846 24.47 27.57 29.28
C PRO B 846 24.40 28.16 30.68
N ASP B 847 23.43 27.68 31.46
CA ASP B 847 23.28 28.07 32.86
C ASP B 847 23.67 26.90 33.75
N PRO B 848 24.83 26.92 34.39
CA PRO B 848 25.25 25.74 35.17
C PRO B 848 24.32 25.42 36.34
N SER B 849 23.55 26.39 36.82
CA SER B 849 22.73 26.14 38.01
C SER B 849 21.70 25.04 37.76
N LYS B 850 21.05 25.07 36.60
CA LYS B 850 19.99 24.11 36.33
C LYS B 850 20.56 22.70 36.16
N PRO B 851 19.82 21.67 36.56
CA PRO B 851 20.33 20.30 36.37
C PRO B 851 20.64 19.97 34.92
N SER B 852 19.80 20.45 34.00
CA SER B 852 20.08 20.33 32.58
C SER B 852 20.80 21.61 32.14
N LYS B 853 21.97 21.45 31.55
CA LYS B 853 22.83 22.58 31.20
C LYS B 853 22.35 23.23 29.90
N ARG B 854 21.09 23.65 29.91
CA ARG B 854 20.48 24.35 28.80
C ARG B 854 20.39 25.83 29.10
N SER B 855 20.34 26.63 28.03
CA SER B 855 20.22 28.07 28.18
C SER B 855 18.77 28.46 28.48
N PHE B 856 18.58 29.75 28.77
CA PHE B 856 17.24 30.24 29.09
C PHE B 856 16.29 30.00 27.94
N ILE B 857 16.69 30.37 26.73
CA ILE B 857 15.82 30.22 25.56
C ILE B 857 15.59 28.75 25.26
N GLU B 858 16.62 27.91 25.45
CA GLU B 858 16.43 26.48 25.25
C GLU B 858 15.39 25.92 26.21
N ASP B 859 15.44 26.34 27.47
CA ASP B 859 14.43 25.91 28.43
C ASP B 859 13.05 26.40 28.03
N LEU B 860 12.97 27.65 27.56
CA LEU B 860 11.69 28.18 27.11
C LEU B 860 11.12 27.32 25.99
N LEU B 861 11.95 26.99 25.00
CA LEU B 861 11.47 26.17 23.88
C LEU B 861 11.04 24.79 24.35
N PHE B 862 11.83 24.17 25.24
CA PHE B 862 11.48 22.84 25.72
C PHE B 862 10.15 22.85 26.46
N ASN B 863 9.93 23.87 27.29
CA ASN B 863 8.64 23.98 27.97
C ASN B 863 7.51 24.23 26.98
N LYS B 864 7.75 25.05 25.97
CA LYS B 864 6.69 25.36 25.00
C LYS B 864 6.25 24.11 24.26
N VAL B 865 7.19 23.28 23.82
CA VAL B 865 6.84 22.07 23.10
C VAL B 865 6.35 21.03 24.11
N THR B 866 5.13 20.53 23.90
CA THR B 866 4.51 19.58 24.81
C THR B 866 4.04 18.36 24.04
N LEU B 867 4.25 17.19 24.63
CA LEU B 867 3.80 15.95 24.01
C LEU B 867 2.28 15.83 24.10
N ALA B 868 1.74 14.83 23.43
CA ALA B 868 0.30 14.61 23.35
C ALA B 868 -0.15 13.34 24.04
N ASP B 869 0.43 12.19 23.68
CA ASP B 869 -0.01 10.92 24.24
C ASP B 869 0.59 10.70 25.63
N ALA B 870 1.90 10.59 25.71
CA ALA B 870 2.60 10.37 26.97
C ALA B 870 4.10 10.49 26.69
N GLY B 871 4.92 10.21 27.70
CA GLY B 871 6.35 10.27 27.51
C GLY B 871 6.81 9.31 26.43
N PHE B 872 7.83 9.72 25.68
CA PHE B 872 8.36 8.92 24.59
C PHE B 872 8.82 7.54 25.09
N ASP B 882 12.60 11.89 26.71
CA ASP B 882 11.47 12.04 27.63
C ASP B 882 11.91 11.88 29.07
N ILE B 883 10.94 11.81 29.97
CA ILE B 883 11.21 11.68 31.40
C ILE B 883 10.84 10.27 31.85
N ALA B 884 10.88 9.31 30.92
CA ALA B 884 10.51 7.94 31.24
C ALA B 884 11.50 7.34 32.24
N ALA B 885 10.97 6.67 33.25
CA ALA B 885 11.77 5.91 34.21
C ALA B 885 11.43 4.43 34.19
N ARG B 886 10.48 4.02 33.37
CA ARG B 886 10.04 2.64 33.26
C ARG B 886 9.59 2.43 31.82
N ASP B 887 8.79 1.39 31.59
CA ASP B 887 8.15 1.19 30.30
C ASP B 887 7.65 2.54 29.77
N LEU B 888 7.78 2.73 28.45
CA LEU B 888 7.56 4.05 27.86
C LEU B 888 6.19 4.62 28.18
N ILE B 889 5.28 3.84 28.76
CA ILE B 889 4.05 4.37 29.34
C ILE B 889 3.13 4.91 28.26
N CYS B 890 2.76 4.04 27.32
CA CYS B 890 1.78 4.39 26.31
C CYS B 890 0.89 3.18 26.01
N ALA B 891 -0.37 3.46 25.68
CA ALA B 891 -1.28 2.39 25.29
C ALA B 891 -0.75 1.63 24.08
N GLN B 892 0.14 2.27 23.31
CA GLN B 892 0.76 1.60 22.18
C GLN B 892 1.43 0.30 22.61
N LYS B 893 1.96 0.26 23.83
CA LYS B 893 2.63 -0.95 24.31
C LYS B 893 1.71 -2.16 24.23
N PHE B 894 0.40 -1.95 24.33
CA PHE B 894 -0.51 -3.08 24.34
C PHE B 894 -0.48 -3.88 23.05
N ASN B 895 0.06 -3.31 21.96
CA ASN B 895 -0.04 -3.94 20.65
C ASN B 895 1.30 -3.91 19.93
N GLY B 896 2.35 -4.33 20.62
CA GLY B 896 3.64 -4.53 19.96
C GLY B 896 4.21 -3.29 19.31
N LEU B 897 4.05 -2.14 19.95
CA LEU B 897 4.58 -0.87 19.47
C LEU B 897 5.58 -0.35 20.47
N THR B 898 6.79 -0.05 20.02
CA THR B 898 7.84 0.46 20.89
C THR B 898 8.49 1.67 20.23
N VAL B 899 9.05 2.55 21.05
CA VAL B 899 9.78 3.71 20.55
C VAL B 899 11.22 3.61 21.06
N LEU B 900 12.16 3.64 20.14
CA LEU B 900 13.57 3.55 20.53
C LEU B 900 14.07 4.92 20.94
N PRO B 901 14.79 5.03 22.06
CA PRO B 901 15.29 6.34 22.47
C PRO B 901 16.32 6.87 21.48
N PRO B 902 16.40 8.19 21.30
CA PRO B 902 17.40 8.73 20.39
C PRO B 902 18.81 8.47 20.89
N LEU B 903 19.73 8.31 19.94
CA LEU B 903 21.11 8.01 20.30
C LEU B 903 21.73 9.15 21.11
N LEU B 904 21.48 10.39 20.72
CA LEU B 904 22.02 11.56 21.40
C LEU B 904 20.97 12.10 22.36
N THR B 905 21.28 12.11 23.65
CA THR B 905 20.36 12.64 24.63
C THR B 905 20.33 14.17 24.57
N ASP B 906 19.29 14.74 25.18
CA ASP B 906 19.16 16.19 25.17
C ASP B 906 20.36 16.86 25.81
N GLU B 907 20.99 16.21 26.79
CA GLU B 907 22.20 16.77 27.38
C GLU B 907 23.32 16.88 26.35
N MET B 908 23.49 15.84 25.53
CA MET B 908 24.53 15.90 24.50
C MET B 908 24.19 16.90 23.41
N ILE B 909 22.91 17.02 23.06
CA ILE B 909 22.50 18.03 22.09
C ILE B 909 22.82 19.43 22.62
N ALA B 910 22.51 19.66 23.90
CA ALA B 910 22.83 20.95 24.51
C ALA B 910 24.33 21.18 24.54
N GLN B 911 25.12 20.12 24.79
CA GLN B 911 26.56 20.26 24.77
C GLN B 911 27.06 20.67 23.39
N TYR B 912 26.53 20.05 22.34
CA TYR B 912 26.89 20.44 20.99
C TYR B 912 26.53 21.90 20.72
N THR B 913 25.32 22.30 21.11
CA THR B 913 24.91 23.68 20.87
C THR B 913 25.80 24.66 21.63
N SER B 914 26.12 24.35 22.88
CA SER B 914 27.00 25.22 23.66
C SER B 914 28.38 25.30 23.03
N ALA B 915 28.91 24.17 22.56
CA ALA B 915 30.22 24.19 21.92
C ALA B 915 30.19 25.07 20.67
N LEU B 916 29.16 24.93 19.85
CA LEU B 916 29.07 25.75 18.64
C LEU B 916 28.98 27.23 18.99
N LEU B 917 28.15 27.58 19.97
CA LEU B 917 27.96 28.97 20.31
C LEU B 917 29.23 29.57 20.91
N ALA B 918 29.89 28.84 21.80
CA ALA B 918 31.14 29.33 22.38
C ALA B 918 32.20 29.50 21.31
N GLY B 919 32.35 28.51 20.43
CA GLY B 919 33.30 28.65 19.35
C GLY B 919 33.03 29.87 18.50
N THR B 920 31.76 30.09 18.16
CA THR B 920 31.40 31.28 17.40
C THR B 920 31.83 32.55 18.14
N ILE B 921 31.28 32.77 19.33
CA ILE B 921 31.51 34.03 20.02
C ILE B 921 32.95 34.24 20.46
N THR B 922 33.78 33.19 20.46
CA THR B 922 35.17 33.36 20.85
C THR B 922 36.17 33.32 19.70
N SER B 923 35.79 32.82 18.53
CA SER B 923 36.75 32.66 17.44
C SER B 923 36.19 33.01 16.07
N GLY B 924 35.02 33.66 15.99
CA GLY B 924 34.49 33.99 14.68
C GLY B 924 34.19 32.74 13.88
N TRP B 925 34.55 32.78 12.60
CA TRP B 925 34.32 31.66 11.69
C TRP B 925 35.53 30.76 11.54
N THR B 926 36.62 31.05 12.25
CA THR B 926 37.86 30.28 12.06
C THR B 926 37.72 28.86 12.57
N PHE B 927 36.94 28.64 13.63
CA PHE B 927 36.80 27.30 14.17
C PHE B 927 36.11 26.36 13.19
N GLY B 928 35.28 26.91 12.29
CA GLY B 928 34.65 26.09 11.28
C GLY B 928 35.57 25.68 10.16
N ALA B 929 36.65 26.43 9.94
CA ALA B 929 37.63 26.11 8.90
C ALA B 929 38.86 25.38 9.43
N GLY B 930 39.12 25.44 10.72
CA GLY B 930 40.26 24.76 11.29
C GLY B 930 40.38 24.96 12.79
N ALA B 931 41.60 25.20 13.27
CA ALA B 931 41.80 25.47 14.67
C ALA B 931 41.11 26.78 15.07
N ALA B 932 40.45 26.75 16.22
CA ALA B 932 39.73 27.93 16.69
C ALA B 932 40.73 29.01 17.12
N LEU B 933 40.75 30.11 16.39
CA LEU B 933 41.63 31.23 16.68
C LEU B 933 40.84 32.31 17.40
N GLN B 934 41.27 32.68 18.59
CA GLN B 934 40.55 33.68 19.36
C GLN B 934 40.73 35.06 18.76
N ILE B 935 39.72 35.90 18.95
CA ILE B 935 39.72 37.26 18.43
C ILE B 935 38.71 38.08 19.23
N PRO B 936 39.01 39.34 19.58
CA PRO B 936 38.02 40.12 20.34
C PRO B 936 36.71 40.22 19.59
N PHE B 937 35.61 40.17 20.35
CA PHE B 937 34.30 40.15 19.71
C PHE B 937 34.03 41.43 18.92
N ALA B 938 34.54 42.57 19.38
CA ALA B 938 34.39 43.79 18.61
C ALA B 938 35.08 43.66 17.26
N MET B 939 36.28 43.09 17.24
CA MET B 939 36.98 42.87 15.98
C MET B 939 36.22 41.90 15.09
N GLN B 940 35.65 40.85 15.68
CA GLN B 940 34.86 39.91 14.88
C GLN B 940 33.67 40.61 14.25
N MET B 941 32.97 41.43 15.02
CA MET B 941 31.83 42.15 14.47
C MET B 941 32.28 43.12 13.38
N ALA B 942 33.46 43.72 13.55
CA ALA B 942 33.99 44.58 12.50
C ALA B 942 34.25 43.80 11.23
N TYR B 943 34.78 42.58 11.37
CA TYR B 943 34.96 41.70 10.21
C TYR B 943 33.63 41.43 9.53
N ARG B 944 32.59 41.14 10.32
CA ARG B 944 31.28 40.87 9.73
C ARG B 944 30.74 42.10 9.00
N PHE B 945 30.92 43.29 9.59
CA PHE B 945 30.49 44.51 8.93
C PHE B 945 31.21 44.71 7.61
N ASN B 946 32.52 44.49 7.59
CA ASN B 946 33.25 44.50 6.33
C ASN B 946 32.66 43.48 5.36
N GLY B 947 32.24 42.34 5.87
CA GLY B 947 31.65 41.32 5.01
C GLY B 947 30.39 41.81 4.33
N ILE B 948 29.52 42.50 5.07
CA ILE B 948 28.29 43.01 4.46
C ILE B 948 28.49 44.30 3.70
N GLY B 949 29.72 44.77 3.57
CA GLY B 949 30.01 45.94 2.76
C GLY B 949 30.00 47.26 3.49
N VAL B 950 30.05 47.27 4.82
CA VAL B 950 30.07 48.49 5.61
C VAL B 950 31.45 48.62 6.25
N THR B 951 31.99 49.83 6.21
CA THR B 951 33.32 50.07 6.77
C THR B 951 33.31 49.81 8.28
N GLN B 952 34.44 49.30 8.78
CA GLN B 952 34.51 48.89 10.18
C GLN B 952 34.49 50.07 11.14
N ASN B 953 34.90 51.25 10.68
CA ASN B 953 34.83 52.43 11.54
C ASN B 953 33.39 52.67 12.01
N VAL B 954 32.41 52.28 11.19
CA VAL B 954 31.01 52.41 11.61
C VAL B 954 30.78 51.66 12.90
N LEU B 955 31.20 50.40 12.96
CA LEU B 955 31.05 49.62 14.18
C LEU B 955 31.88 50.22 15.31
N TYR B 956 33.15 50.53 15.04
CA TYR B 956 34.01 51.00 16.11
C TYR B 956 33.57 52.35 16.66
N GLU B 957 32.71 53.08 15.95
CA GLU B 957 32.18 54.34 16.44
C GLU B 957 30.75 54.23 16.95
N ASN B 958 30.04 53.14 16.62
CA ASN B 958 28.69 52.90 17.12
C ASN B 958 28.61 51.60 17.90
N GLN B 959 29.71 51.22 18.55
CA GLN B 959 29.74 49.94 19.26
C GLN B 959 28.70 49.90 20.38
N LYS B 960 28.59 50.98 21.15
CA LYS B 960 27.65 50.99 22.27
C LYS B 960 26.22 50.86 21.76
N LEU B 961 25.88 51.63 20.72
CA LEU B 961 24.53 51.56 20.17
C LEU B 961 24.24 50.17 19.62
N ILE B 962 25.20 49.57 18.93
CA ILE B 962 24.99 48.24 18.35
C ILE B 962 24.81 47.20 19.45
N ALA B 963 25.62 47.29 20.50
CA ALA B 963 25.46 46.34 21.61
C ALA B 963 24.11 46.50 22.28
N ASN B 964 23.67 47.74 22.50
CA ASN B 964 22.36 47.96 23.10
C ASN B 964 21.25 47.40 22.21
N GLN B 965 21.36 47.62 20.91
CA GLN B 965 20.34 47.11 19.99
C GLN B 965 20.31 45.59 20.00
N PHE B 966 21.47 44.95 20.00
CA PHE B 966 21.50 43.49 20.03
C PHE B 966 20.91 42.95 21.32
N ASN B 967 21.24 43.56 22.45
CA ASN B 967 20.69 43.11 23.72
C ASN B 967 19.17 43.28 23.74
N SER B 968 18.68 44.42 23.25
CA SER B 968 17.25 44.64 23.20
C SER B 968 16.56 43.63 22.31
N ALA B 969 17.16 43.31 21.17
CA ALA B 969 16.57 42.32 20.26
C ALA B 969 16.53 40.94 20.92
N ILE B 970 17.59 40.56 21.62
CA ILE B 970 17.60 39.27 22.31
C ILE B 970 16.51 39.23 23.37
N GLY B 971 16.38 40.32 24.14
CA GLY B 971 15.32 40.38 25.13
C GLY B 971 13.94 40.26 24.51
N LYS B 972 13.73 40.93 23.36
CA LYS B 972 12.45 40.83 22.68
C LYS B 972 12.19 39.41 22.21
N ILE B 973 13.23 38.72 21.71
CA ILE B 973 13.08 37.33 21.31
C ILE B 973 12.63 36.49 22.50
N GLN B 974 13.29 36.67 23.64
CA GLN B 974 12.93 35.91 24.83
C GLN B 974 11.49 36.18 25.23
N ASP B 975 11.09 37.45 25.25
CA ASP B 975 9.73 37.79 25.65
C ASP B 975 8.71 37.20 24.69
N SER B 976 8.97 37.27 23.39
CA SER B 976 8.04 36.71 22.40
C SER B 976 7.91 35.22 22.59
N LEU B 977 9.03 34.51 22.76
CA LEU B 977 8.95 33.07 22.96
C LEU B 977 8.20 32.73 24.23
N SER B 978 8.41 33.49 25.30
CA SER B 978 7.70 33.24 26.55
C SER B 978 6.20 33.46 26.39
N SER B 979 5.82 34.51 25.64
CA SER B 979 4.41 34.87 25.56
C SER B 979 3.64 34.01 24.57
N THR B 980 4.02 34.07 23.29
CA THR B 980 3.24 33.40 22.26
C THR B 980 3.39 31.88 22.37
N ALA B 981 2.46 31.17 21.73
CA ALA B 981 2.45 29.72 21.73
C ALA B 981 2.49 29.10 20.34
N SER B 982 2.22 29.88 19.29
CA SER B 982 2.23 29.36 17.92
C SER B 982 3.60 29.47 17.25
N ALA B 983 4.63 29.92 17.98
CA ALA B 983 5.94 30.07 17.37
C ALA B 983 6.52 28.74 16.93
N LEU B 984 6.31 27.69 17.72
CA LEU B 984 6.91 26.37 17.49
C LEU B 984 5.93 25.45 16.78
N GLY B 985 5.15 26.02 15.86
CA GLY B 985 4.12 25.24 15.17
C GLY B 985 4.70 24.06 14.43
N LYS B 986 5.87 24.22 13.82
CA LYS B 986 6.45 23.13 13.04
C LYS B 986 6.73 21.91 13.90
N LEU B 987 7.45 22.11 15.01
CA LEU B 987 7.78 20.99 15.88
C LEU B 987 6.52 20.41 16.53
N GLN B 988 5.59 21.28 16.94
CA GLN B 988 4.36 20.78 17.54
C GLN B 988 3.58 19.94 16.53
N ASP B 989 3.56 20.37 15.27
CA ASP B 989 2.86 19.61 14.23
C ASP B 989 3.54 18.27 13.98
N VAL B 990 4.87 18.24 14.00
CA VAL B 990 5.57 16.96 13.83
C VAL B 990 5.18 16.00 14.94
N VAL B 991 5.21 16.47 16.19
CA VAL B 991 4.86 15.61 17.32
C VAL B 991 3.42 15.15 17.21
N ASN B 992 2.51 16.07 16.88
CA ASN B 992 1.10 15.72 16.77
C ASN B 992 0.87 14.71 15.66
N GLN B 993 1.57 14.87 14.53
CA GLN B 993 1.42 13.93 13.43
C GLN B 993 1.86 12.54 13.83
N ASN B 994 3.00 12.43 14.50
CA ASN B 994 3.46 11.12 14.94
C ASN B 994 2.47 10.50 15.91
N ALA B 995 2.01 11.27 16.90
CA ALA B 995 1.08 10.74 17.88
C ALA B 995 -0.23 10.29 17.22
N GLN B 996 -0.74 11.10 16.29
CA GLN B 996 -1.99 10.76 15.63
C GLN B 996 -1.84 9.52 14.77
N ALA B 997 -0.71 9.38 14.08
CA ALA B 997 -0.49 8.19 13.27
C ALA B 997 -0.48 6.95 14.15
N LEU B 998 0.23 7.00 15.27
CA LEU B 998 0.26 5.84 16.16
C LEU B 998 -1.13 5.55 16.72
N ASN B 999 -1.87 6.61 17.09
CA ASN B 999 -3.20 6.42 17.64
C ASN B 999 -4.13 5.77 16.62
N THR B 1000 -4.06 6.21 15.36
CA THR B 1000 -4.88 5.60 14.33
C THR B 1000 -4.50 4.14 14.10
N LEU B 1001 -3.19 3.85 14.10
CA LEU B 1001 -2.75 2.47 13.94
C LEU B 1001 -3.32 1.59 15.04
N VAL B 1002 -3.29 2.08 16.28
CA VAL B 1002 -3.83 1.28 17.38
C VAL B 1002 -5.35 1.16 17.26
N LYS B 1003 -6.03 2.24 16.89
CA LYS B 1003 -7.48 2.20 16.76
C LYS B 1003 -7.93 1.24 15.68
N GLN B 1004 -7.10 1.01 14.67
CA GLN B 1004 -7.49 0.12 13.59
C GLN B 1004 -7.68 -1.32 14.06
N LEU B 1005 -7.21 -1.67 15.26
CA LEU B 1005 -7.38 -3.02 15.76
C LEU B 1005 -8.80 -3.32 16.20
N SER B 1006 -9.68 -2.31 16.27
CA SER B 1006 -11.05 -2.49 16.71
C SER B 1006 -12.02 -2.68 15.55
N SER B 1007 -11.54 -2.75 14.31
CA SER B 1007 -12.40 -2.87 13.16
C SER B 1007 -12.63 -4.34 12.78
N ASN B 1008 -13.83 -4.62 12.29
CA ASN B 1008 -14.17 -5.99 11.90
C ASN B 1008 -13.51 -6.38 10.59
N PHE B 1009 -13.42 -5.46 9.64
CA PHE B 1009 -12.91 -5.74 8.30
C PHE B 1009 -13.75 -6.78 7.58
N GLY B 1010 -15.01 -6.94 7.98
CA GLY B 1010 -15.88 -7.95 7.42
C GLY B 1010 -16.04 -9.20 8.27
N ALA B 1011 -15.18 -9.39 9.28
CA ALA B 1011 -15.30 -10.53 10.15
C ALA B 1011 -16.48 -10.35 11.10
N ILE B 1012 -16.89 -11.46 11.72
CA ILE B 1012 -18.02 -11.40 12.65
C ILE B 1012 -17.67 -10.56 13.88
N SER B 1013 -16.40 -10.51 14.25
CA SER B 1013 -15.97 -9.76 15.42
C SER B 1013 -14.55 -9.28 15.21
N SER B 1014 -14.17 -8.29 16.03
CA SER B 1014 -12.81 -7.76 16.01
C SER B 1014 -11.92 -8.38 17.08
N VAL B 1015 -12.42 -9.37 17.82
CA VAL B 1015 -11.68 -10.00 18.90
C VAL B 1015 -11.32 -11.41 18.44
N LEU B 1016 -10.01 -11.67 18.34
CA LEU B 1016 -9.54 -12.97 17.85
C LEU B 1016 -9.97 -14.09 18.77
N ASN B 1017 -9.85 -13.90 20.09
CA ASN B 1017 -10.26 -14.92 21.03
C ASN B 1017 -11.75 -15.18 20.92
N ASP B 1018 -12.55 -14.13 20.76
CA ASP B 1018 -13.99 -14.32 20.59
C ASP B 1018 -14.29 -15.13 19.34
N ILE B 1019 -13.63 -14.80 18.23
CA ILE B 1019 -13.84 -15.57 16.99
C ILE B 1019 -13.51 -17.03 17.22
N LEU B 1020 -12.33 -17.29 17.81
CA LEU B 1020 -11.89 -18.66 18.00
C LEU B 1020 -12.86 -19.43 18.89
N SER B 1021 -13.31 -18.81 19.98
CA SER B 1021 -14.22 -19.50 20.89
C SER B 1021 -15.58 -19.74 20.24
N ARG B 1022 -16.09 -18.78 19.47
CA ARG B 1022 -17.43 -18.87 18.94
C ARG B 1022 -17.52 -19.71 17.67
N LEU B 1023 -16.40 -19.97 16.99
CA LEU B 1023 -16.43 -20.70 15.74
C LEU B 1023 -15.40 -21.84 15.78
N ASP B 1024 -15.54 -22.74 14.82
CA ASP B 1024 -14.70 -23.93 14.70
C ASP B 1024 -13.66 -23.75 13.60
N PRO B 1025 -12.70 -24.66 13.50
CA PRO B 1025 -11.49 -24.42 12.70
C PRO B 1025 -11.77 -23.72 11.38
N PRO B 1026 -12.62 -24.27 10.52
CA PRO B 1026 -12.75 -23.72 9.16
C PRO B 1026 -13.18 -22.25 9.09
N GLU B 1027 -14.38 -21.96 9.62
CA GLU B 1027 -14.86 -20.59 9.56
C GLU B 1027 -14.06 -19.67 10.46
N ALA B 1028 -13.53 -20.19 11.57
CA ALA B 1028 -12.61 -19.39 12.37
C ALA B 1028 -11.41 -18.97 11.56
N GLU B 1029 -10.86 -19.88 10.75
CA GLU B 1029 -9.74 -19.54 9.90
C GLU B 1029 -10.13 -18.50 8.86
N VAL B 1030 -11.33 -18.63 8.30
CA VAL B 1030 -11.79 -17.64 7.31
C VAL B 1030 -11.85 -16.25 7.94
N GLN B 1031 -12.50 -16.14 9.10
CA GLN B 1031 -12.62 -14.84 9.76
C GLN B 1031 -11.26 -14.30 10.16
N ILE B 1032 -10.38 -15.16 10.68
CA ILE B 1032 -9.05 -14.73 11.08
C ILE B 1032 -8.26 -14.26 9.86
N ASP B 1033 -8.47 -14.90 8.71
CA ASP B 1033 -7.81 -14.43 7.49
C ASP B 1033 -8.29 -13.04 7.11
N ARG B 1034 -9.60 -12.79 7.24
CA ARG B 1034 -10.11 -11.45 6.99
C ARG B 1034 -9.45 -10.43 7.91
N LEU B 1035 -9.38 -10.75 9.20
CA LEU B 1035 -8.77 -9.83 10.15
C LEU B 1035 -7.29 -9.63 9.85
N ILE B 1036 -6.59 -10.70 9.47
CA ILE B 1036 -5.17 -10.61 9.14
C ILE B 1036 -4.98 -9.67 7.96
N THR B 1037 -5.80 -9.82 6.93
CA THR B 1037 -5.69 -8.96 5.76
C THR B 1037 -5.92 -7.50 6.15
N GLY B 1038 -6.95 -7.25 6.95
CA GLY B 1038 -7.22 -5.87 7.35
C GLY B 1038 -6.07 -5.25 8.14
N ARG B 1039 -5.55 -5.99 9.11
CA ARG B 1039 -4.49 -5.44 9.96
C ARG B 1039 -3.19 -5.30 9.18
N LEU B 1040 -2.90 -6.23 8.27
CA LEU B 1040 -1.72 -6.08 7.42
C LEU B 1040 -1.83 -4.85 6.54
N GLN B 1041 -3.01 -4.60 5.98
CA GLN B 1041 -3.20 -3.38 5.20
C GLN B 1041 -2.99 -2.14 6.06
N SER B 1042 -3.49 -2.16 7.29
CA SER B 1042 -3.30 -1.03 8.19
C SER B 1042 -1.81 -0.79 8.46
N LEU B 1043 -1.07 -1.86 8.72
CA LEU B 1043 0.36 -1.72 8.98
C LEU B 1043 1.08 -1.18 7.76
N GLN B 1044 0.74 -1.67 6.56
CA GLN B 1044 1.41 -1.19 5.36
C GLN B 1044 1.12 0.29 5.14
N THR B 1045 -0.13 0.71 5.35
CA THR B 1045 -0.46 2.12 5.22
C THR B 1045 0.34 2.97 6.20
N TYR B 1046 0.42 2.52 7.45
CA TYR B 1046 1.18 3.26 8.45
C TYR B 1046 2.65 3.37 8.05
N VAL B 1047 3.23 2.27 7.56
CA VAL B 1047 4.65 2.29 7.22
C VAL B 1047 4.91 3.20 6.02
N THR B 1048 4.01 3.19 5.04
CA THR B 1048 4.18 4.09 3.90
C THR B 1048 4.09 5.55 4.32
N GLN B 1049 3.12 5.87 5.18
CA GLN B 1049 3.01 7.23 5.69
C GLN B 1049 4.27 7.62 6.44
N GLN B 1050 4.80 6.70 7.24
CA GLN B 1050 6.02 6.99 7.99
C GLN B 1050 7.20 7.21 7.05
N LEU B 1051 7.29 6.43 5.96
CA LEU B 1051 8.38 6.63 5.01
C LEU B 1051 8.30 8.00 4.36
N ILE B 1052 7.10 8.43 3.96
CA ILE B 1052 6.97 9.74 3.33
C ILE B 1052 7.29 10.85 4.34
N ARG B 1053 6.80 10.72 5.57
CA ARG B 1053 7.10 11.71 6.59
C ARG B 1053 8.59 11.75 6.89
N ALA B 1054 9.25 10.60 6.87
CA ALA B 1054 10.69 10.56 7.09
C ALA B 1054 11.44 11.24 5.96
N ALA B 1055 10.96 11.08 4.73
CA ALA B 1055 11.56 11.82 3.63
C ALA B 1055 11.45 13.32 3.84
N GLU B 1056 10.27 13.79 4.26
CA GLU B 1056 10.10 15.22 4.53
C GLU B 1056 11.04 15.68 5.64
N ILE B 1057 11.13 14.89 6.71
CA ILE B 1057 11.96 15.28 7.85
C ILE B 1057 13.43 15.26 7.45
N ARG B 1058 13.84 14.32 6.60
CA ARG B 1058 15.22 14.30 6.14
C ARG B 1058 15.55 15.52 5.29
N ALA B 1059 14.61 15.93 4.43
CA ALA B 1059 14.83 17.16 3.68
C ALA B 1059 14.99 18.35 4.63
N SER B 1060 14.12 18.43 5.63
CA SER B 1060 14.22 19.53 6.60
C SER B 1060 15.55 19.47 7.37
N ALA B 1061 16.00 18.27 7.72
CA ALA B 1061 17.24 18.13 8.47
C ALA B 1061 18.45 18.48 7.63
N ASN B 1062 18.44 18.11 6.35
CA ASN B 1062 19.52 18.54 5.46
C ASN B 1062 19.55 20.05 5.32
N LEU B 1063 18.37 20.68 5.19
CA LEU B 1063 18.32 22.13 5.15
C LEU B 1063 18.87 22.73 6.44
N ALA B 1064 18.53 22.14 7.58
CA ALA B 1064 19.01 22.66 8.85
C ALA B 1064 20.52 22.52 8.98
N ALA B 1065 21.07 21.40 8.53
CA ALA B 1065 22.52 21.23 8.56
C ALA B 1065 23.21 22.24 7.66
N THR B 1066 22.67 22.47 6.47
CA THR B 1066 23.24 23.48 5.58
C THR B 1066 23.17 24.85 6.23
N LYS B 1067 22.03 25.17 6.85
CA LYS B 1067 21.90 26.47 7.50
C LYS B 1067 22.91 26.62 8.63
N MET B 1068 23.08 25.58 9.44
CA MET B 1068 24.10 25.63 10.50
C MET B 1068 25.47 25.92 9.90
N SER B 1069 25.86 25.13 8.89
CA SER B 1069 27.20 25.26 8.34
C SER B 1069 27.42 26.64 7.73
N GLU B 1070 26.41 27.19 7.05
CA GLU B 1070 26.61 28.41 6.28
C GLU B 1070 26.28 29.68 7.04
N CYS B 1071 25.57 29.60 8.16
CA CYS B 1071 25.22 30.77 8.95
C CYS B 1071 25.93 30.79 10.30
N VAL B 1072 25.93 29.68 11.04
CA VAL B 1072 26.56 29.67 12.35
C VAL B 1072 28.09 29.62 12.19
N LEU B 1073 28.58 28.75 11.30
CA LEU B 1073 30.01 28.57 11.12
C LEU B 1073 30.62 29.59 10.18
N GLY B 1074 29.83 30.48 9.60
CA GLY B 1074 30.35 31.48 8.71
C GLY B 1074 29.35 32.60 8.50
N GLN B 1075 29.66 33.45 7.54
CA GLN B 1075 28.78 34.56 7.15
C GLN B 1075 28.34 34.34 5.72
N SER B 1076 27.03 34.34 5.50
CA SER B 1076 26.46 33.95 4.22
C SER B 1076 26.06 35.18 3.41
N LYS B 1077 26.44 35.20 2.15
CA LYS B 1077 26.01 36.24 1.22
C LYS B 1077 24.71 35.90 0.51
N ARG B 1078 24.21 34.67 0.67
CA ARG B 1078 22.95 34.30 0.07
C ARG B 1078 21.82 35.12 0.67
N VAL B 1079 20.99 35.70 -0.19
CA VAL B 1079 19.94 36.60 0.27
C VAL B 1079 18.80 35.80 0.89
N ASP B 1080 18.31 36.28 2.02
CA ASP B 1080 17.16 35.70 2.72
C ASP B 1080 17.42 34.26 3.16
N PHE B 1081 18.68 33.82 3.16
CA PHE B 1081 18.98 32.47 3.65
C PHE B 1081 19.06 32.46 5.17
N CYS B 1082 19.99 33.22 5.73
CA CYS B 1082 20.11 33.34 7.19
C CYS B 1082 19.36 34.56 7.69
N GLY B 1083 18.06 34.59 7.38
CA GLY B 1083 17.19 35.65 7.86
C GLY B 1083 17.15 36.84 6.91
N LYS B 1084 16.11 37.66 7.09
CA LYS B 1084 15.94 38.83 6.26
C LYS B 1084 16.97 39.91 6.61
N GLY B 1085 17.44 40.61 5.59
CA GLY B 1085 18.49 41.60 5.75
C GLY B 1085 19.86 41.02 5.48
N TYR B 1086 20.87 41.86 5.67
CA TYR B 1086 22.25 41.45 5.48
C TYR B 1086 22.70 40.63 6.68
N HIS B 1087 23.04 39.37 6.44
CA HIS B 1087 23.38 38.46 7.54
C HIS B 1087 24.66 38.92 8.24
N LEU B 1088 24.62 38.88 9.57
CA LEU B 1088 25.81 39.14 10.39
C LEU B 1088 26.26 37.87 11.10
N MET B 1089 25.38 37.21 11.85
CA MET B 1089 25.80 35.97 12.51
C MET B 1089 24.58 35.25 13.04
N SER B 1090 24.71 33.95 13.24
CA SER B 1090 23.59 33.16 13.73
C SER B 1090 24.01 32.31 14.92
N PHE B 1091 23.06 32.09 15.83
CA PHE B 1091 23.32 31.31 17.02
C PHE B 1091 22.34 30.13 17.09
N PRO B 1092 22.83 28.90 17.28
CA PRO B 1092 21.92 27.76 17.37
C PRO B 1092 21.43 27.51 18.78
N GLN B 1093 20.19 27.02 18.86
CA GLN B 1093 19.56 26.66 20.12
C GLN B 1093 18.78 25.38 19.90
N SER B 1094 19.09 24.34 20.68
CA SER B 1094 18.41 23.07 20.50
C SER B 1094 16.95 23.19 20.90
N ALA B 1095 16.09 22.44 20.23
CA ALA B 1095 14.69 22.36 20.58
C ALA B 1095 14.24 20.91 20.42
N PRO B 1096 13.19 20.50 21.12
CA PRO B 1096 12.77 19.10 21.03
C PRO B 1096 12.49 18.69 19.59
N HIS B 1097 13.27 17.72 19.11
CA HIS B 1097 13.11 17.19 17.75
C HIS B 1097 13.32 18.28 16.71
N GLY B 1098 14.25 19.20 16.97
CA GLY B 1098 14.54 20.22 15.98
C GLY B 1098 15.56 21.22 16.49
N VAL B 1099 15.81 22.21 15.65
CA VAL B 1099 16.79 23.25 15.97
C VAL B 1099 16.16 24.61 15.73
N VAL B 1100 16.69 25.62 16.43
CA VAL B 1100 16.24 26.99 16.31
C VAL B 1100 17.46 27.85 16.03
N PHE B 1101 17.35 28.73 15.04
CA PHE B 1101 18.42 29.63 14.68
C PHE B 1101 18.01 31.04 15.03
N LEU B 1102 18.89 31.74 15.75
CA LEU B 1102 18.72 33.17 16.03
C LEU B 1102 19.62 33.89 15.03
N HIS B 1103 19.01 34.36 13.94
CA HIS B 1103 19.73 35.07 12.91
C HIS B 1103 19.83 36.54 13.26
N VAL B 1104 21.05 37.07 13.28
CA VAL B 1104 21.36 38.45 13.56
C VAL B 1104 21.74 39.09 12.24
N THR B 1105 20.96 40.11 11.85
CA THR B 1105 21.05 40.76 10.55
C THR B 1105 21.10 42.27 10.73
N TYR B 1106 21.70 42.92 9.74
CA TYR B 1106 21.85 44.37 9.71
C TYR B 1106 20.84 44.94 8.72
N VAL B 1107 20.03 45.90 9.16
CA VAL B 1107 18.95 46.44 8.36
C VAL B 1107 19.09 47.96 8.30
N PRO B 1108 19.25 48.56 7.13
CA PRO B 1108 19.28 50.03 7.05
C PRO B 1108 17.97 50.63 7.54
N ALA B 1109 18.07 51.79 8.18
CA ALA B 1109 16.94 52.37 8.91
C ALA B 1109 16.42 53.66 8.29
N GLN B 1110 17.27 54.69 8.15
CA GLN B 1110 16.82 56.03 7.80
C GLN B 1110 17.53 56.48 6.53
N GLU B 1111 16.75 56.71 5.47
CA GLU B 1111 17.30 57.00 4.15
C GLU B 1111 17.10 58.46 3.78
N LYS B 1112 18.13 59.05 3.18
CA LYS B 1112 18.07 60.35 2.53
C LYS B 1112 18.11 60.11 1.02
N ASN B 1113 17.78 61.14 0.23
CA ASN B 1113 17.98 60.92 -1.22
C ASN B 1113 19.30 61.39 -1.81
N PHE B 1114 19.60 62.70 -1.81
CA PHE B 1114 20.82 63.17 -2.46
C PHE B 1114 20.66 63.13 -3.98
N THR B 1115 21.33 64.03 -4.70
CA THR B 1115 21.42 63.92 -6.15
C THR B 1115 22.72 63.21 -6.54
N THR B 1116 22.66 62.30 -7.51
CA THR B 1116 23.79 61.44 -7.81
C THR B 1116 24.16 61.52 -9.29
N ALA B 1117 25.45 61.30 -9.57
CA ALA B 1117 26.00 61.29 -10.92
C ALA B 1117 26.93 60.10 -11.10
N PRO B 1118 26.91 59.44 -12.25
CA PRO B 1118 27.77 58.25 -12.42
C PRO B 1118 29.26 58.52 -12.31
N ALA B 1119 29.73 59.68 -12.77
CA ALA B 1119 31.15 59.99 -12.78
C ALA B 1119 31.33 61.48 -12.57
N ILE B 1120 32.57 61.96 -12.63
CA ILE B 1120 32.85 63.38 -12.45
C ILE B 1120 33.92 63.82 -13.46
N CYS B 1121 33.73 65.00 -14.01
CA CYS B 1121 34.69 65.62 -14.93
C CYS B 1121 35.54 66.63 -14.17
N HIS B 1122 36.86 66.50 -14.29
CA HIS B 1122 37.78 67.41 -13.62
C HIS B 1122 38.61 68.22 -14.62
N ASP B 1123 39.34 67.58 -15.51
CA ASP B 1123 40.19 68.25 -16.48
C ASP B 1123 40.07 67.57 -17.83
N GLY B 1124 38.83 67.27 -18.23
CA GLY B 1124 38.61 66.45 -19.40
C GLY B 1124 38.75 64.97 -19.15
N LYS B 1125 38.94 64.57 -17.89
CA LYS B 1125 39.07 63.18 -17.50
C LYS B 1125 37.89 62.78 -16.64
N ALA B 1126 37.44 61.54 -16.78
CA ALA B 1126 36.31 61.02 -16.04
C ALA B 1126 36.80 60.24 -14.83
N HIS B 1127 36.40 60.68 -13.64
CA HIS B 1127 36.72 60.04 -12.38
C HIS B 1127 35.52 59.23 -11.93
N PHE B 1128 35.76 57.95 -11.61
CA PHE B 1128 34.75 57.05 -11.08
C PHE B 1128 35.10 56.67 -9.65
N PRO B 1129 34.10 56.46 -8.79
CA PRO B 1129 34.41 56.09 -7.40
C PRO B 1129 35.11 54.75 -7.33
N ARG B 1130 36.04 54.63 -6.38
CA ARG B 1130 36.70 53.35 -6.15
C ARG B 1130 35.74 52.36 -5.50
N GLU B 1131 35.24 52.71 -4.31
CA GLU B 1131 34.23 51.91 -3.62
C GLU B 1131 33.26 52.90 -2.97
N GLY B 1132 32.16 53.16 -3.66
CA GLY B 1132 31.21 54.15 -3.20
C GLY B 1132 30.47 54.74 -4.39
N VAL B 1133 29.65 55.74 -4.08
CA VAL B 1133 28.84 56.42 -5.08
C VAL B 1133 28.92 57.91 -4.82
N PHE B 1134 28.91 58.69 -5.89
CA PHE B 1134 28.89 60.14 -5.79
C PHE B 1134 27.50 60.62 -5.41
N VAL B 1135 27.44 61.52 -4.43
CA VAL B 1135 26.18 62.11 -3.98
C VAL B 1135 26.38 63.60 -3.78
N SER B 1136 25.26 64.32 -3.71
CA SER B 1136 25.26 65.75 -3.49
C SER B 1136 24.06 66.11 -2.62
N ASN B 1137 24.31 66.87 -1.56
CA ASN B 1137 23.25 67.37 -0.71
C ASN B 1137 22.47 68.52 -1.34
N GLY B 1138 22.95 69.04 -2.48
CA GLY B 1138 22.27 70.13 -3.15
C GLY B 1138 23.23 71.17 -3.71
N THR B 1139 24.39 71.32 -3.09
CA THR B 1139 25.36 72.33 -3.51
C THR B 1139 26.75 71.78 -3.75
N HIS B 1140 27.19 70.80 -2.95
CA HIS B 1140 28.52 70.24 -3.06
C HIS B 1140 28.44 68.73 -3.27
N TRP B 1141 29.50 68.17 -3.84
CA TRP B 1141 29.55 66.76 -4.20
C TRP B 1141 30.51 66.03 -3.27
N PHE B 1142 30.12 64.81 -2.87
CA PHE B 1142 30.91 63.95 -2.03
C PHE B 1142 30.86 62.53 -2.60
N VAL B 1143 31.69 61.65 -2.05
CA VAL B 1143 31.69 60.24 -2.38
C VAL B 1143 31.47 59.47 -1.08
N THR B 1144 30.51 58.55 -1.08
CA THR B 1144 30.16 57.86 0.15
C THR B 1144 29.99 56.37 -0.11
N GLN B 1145 30.20 55.57 0.93
CA GLN B 1145 29.92 54.14 0.83
C GLN B 1145 28.43 53.93 0.62
N ARG B 1146 28.09 52.81 -0.02
CA ARG B 1146 26.76 52.61 -0.55
C ARG B 1146 25.75 52.12 0.48
N ASN B 1147 26.18 51.79 1.70
CA ASN B 1147 25.28 51.25 2.71
C ASN B 1147 25.21 52.11 3.97
N PHE B 1148 25.89 53.25 4.00
CA PHE B 1148 25.87 54.10 5.18
C PHE B 1148 26.39 55.48 4.79
N TYR B 1149 25.61 56.52 5.05
CA TYR B 1149 25.96 57.86 4.61
C TYR B 1149 27.15 58.35 5.41
N GLU B 1150 28.33 58.34 4.80
CA GLU B 1150 29.56 58.87 5.38
C GLU B 1150 30.21 59.76 4.34
N PRO B 1151 29.68 60.96 4.12
CA PRO B 1151 30.21 61.81 3.05
C PRO B 1151 31.68 62.14 3.25
N GLN B 1152 32.41 62.22 2.15
CA GLN B 1152 33.83 62.52 2.19
C GLN B 1152 34.19 63.35 0.96
N ILE B 1153 35.24 64.16 1.10
CA ILE B 1153 35.68 64.99 0.00
C ILE B 1153 36.18 64.11 -1.14
N ILE B 1154 35.80 64.45 -2.36
CA ILE B 1154 36.21 63.69 -3.53
C ILE B 1154 37.68 64.00 -3.80
N THR B 1155 38.54 63.00 -3.65
CA THR B 1155 39.96 63.15 -3.87
C THR B 1155 40.44 62.09 -4.86
N THR B 1156 41.68 62.26 -5.32
CA THR B 1156 42.25 61.28 -6.24
C THR B 1156 42.38 59.91 -5.61
N ASP B 1157 42.34 59.82 -4.28
CA ASP B 1157 42.43 58.53 -3.61
C ASP B 1157 41.11 57.76 -3.70
N ASN B 1158 39.99 58.45 -3.62
CA ASN B 1158 38.68 57.80 -3.65
C ASN B 1158 38.23 57.41 -5.05
N THR B 1159 38.87 57.92 -6.09
CA THR B 1159 38.40 57.74 -7.46
C THR B 1159 39.55 57.32 -8.36
N PHE B 1160 39.18 56.77 -9.51
CA PHE B 1160 40.15 56.42 -10.54
C PHE B 1160 39.68 56.98 -11.87
N VAL B 1161 40.64 57.32 -12.71
CA VAL B 1161 40.38 57.97 -13.99
C VAL B 1161 40.22 56.91 -15.07
N SER B 1162 39.33 57.17 -16.02
CA SER B 1162 39.17 56.27 -17.16
C SER B 1162 38.52 57.04 -18.31
N GLY B 1163 39.27 57.21 -19.40
CA GLY B 1163 38.73 57.86 -20.56
C GLY B 1163 38.60 59.36 -20.39
N ASN B 1164 37.74 59.95 -21.22
CA ASN B 1164 37.48 61.37 -21.21
C ASN B 1164 36.00 61.61 -20.92
N CYS B 1165 35.59 62.88 -21.00
CA CYS B 1165 34.29 63.28 -20.50
C CYS B 1165 33.15 62.84 -21.42
N ASP B 1166 33.34 62.99 -22.74
CA ASP B 1166 32.21 62.95 -23.66
C ASP B 1166 31.54 61.58 -23.77
N VAL B 1167 32.15 60.51 -23.24
CA VAL B 1167 31.60 59.18 -23.46
C VAL B 1167 30.48 58.89 -22.47
N VAL B 1168 30.71 59.14 -21.18
CA VAL B 1168 29.75 58.76 -20.15
C VAL B 1168 28.47 59.59 -20.30
N ILE B 1169 27.37 59.03 -19.85
CA ILE B 1169 26.06 59.69 -19.88
C ILE B 1169 25.71 60.08 -18.46
N GLY B 1170 25.54 61.37 -18.23
CA GLY B 1170 25.22 61.87 -16.92
C GLY B 1170 26.40 62.36 -16.10
N ILE B 1171 27.61 62.37 -16.68
CA ILE B 1171 28.76 62.87 -15.95
C ILE B 1171 28.52 64.34 -15.60
N VAL B 1172 29.06 64.76 -14.44
CA VAL B 1172 28.85 66.10 -13.91
C VAL B 1172 30.18 66.73 -13.55
N ASN B 1173 30.22 68.05 -13.58
CA ASN B 1173 31.46 68.80 -13.46
C ASN B 1173 31.74 69.10 -11.99
N ASN B 1174 32.90 68.69 -11.50
CA ASN B 1174 33.25 69.02 -10.13
C ASN B 1174 34.75 68.94 -9.95
N THR B 1175 35.27 69.83 -9.12
CA THR B 1175 36.68 69.81 -8.79
C THR B 1175 37.01 68.58 -7.95
N VAL B 1176 38.15 67.97 -8.26
CA VAL B 1176 38.63 66.80 -7.52
C VAL B 1176 39.91 67.22 -6.80
N TYR B 1177 39.85 67.25 -5.49
CA TYR B 1177 40.99 67.70 -4.69
C TYR B 1177 42.14 66.71 -4.80
N ASP B 1178 43.35 67.24 -4.95
CA ASP B 1178 44.55 66.41 -5.06
C ASP B 1178 45.40 66.57 -3.80
N PRO B 1179 45.47 65.56 -2.93
CA PRO B 1179 46.17 65.76 -1.65
C PRO B 1179 47.66 66.07 -1.79
N LEU B 1180 48.32 65.54 -2.82
CA LEU B 1180 49.77 65.72 -2.97
C LEU B 1180 50.13 67.18 -3.22
N GLN B 1181 49.30 67.86 -4.02
CA GLN B 1181 49.64 69.21 -4.48
C GLN B 1181 49.82 70.18 -3.33
N PRO B 1182 48.89 70.32 -2.39
CA PRO B 1182 49.12 71.24 -1.27
C PRO B 1182 50.30 70.84 -0.41
N GLU B 1183 50.54 69.53 -0.25
CA GLU B 1183 51.66 69.09 0.58
C GLU B 1183 52.97 69.65 0.05
N LEU B 1184 53.16 69.63 -1.27
CA LEU B 1184 54.38 70.23 -1.80
C LEU B 1184 54.27 71.74 -1.99
N ASP B 1185 53.06 72.24 -2.26
CA ASP B 1185 52.88 73.66 -2.52
C ASP B 1185 53.20 74.48 -1.27
N SER B 1186 52.76 74.02 -0.10
CA SER B 1186 53.12 74.70 1.13
C SER B 1186 54.62 74.69 1.36
N PHE B 1187 55.29 73.59 0.99
CA PHE B 1187 56.73 73.55 1.09
C PHE B 1187 57.38 74.61 0.22
N LYS B 1188 56.75 74.95 -0.91
CA LYS B 1188 57.34 75.95 -1.80
C LYS B 1188 57.59 77.27 -1.08
N GLU B 1189 56.61 77.78 -0.34
CA GLU B 1189 56.73 79.09 0.28
C GLU B 1189 57.79 79.09 1.37
N ALA C 66 -6.78 -14.55 -57.80
CA ALA C 66 -8.02 -13.79 -57.65
C ALA C 66 -8.16 -13.30 -56.22
N TYR C 67 -7.31 -12.34 -55.86
CA TYR C 67 -7.31 -11.75 -54.53
C TYR C 67 -7.33 -10.23 -54.66
N THR C 68 -7.79 -9.55 -53.61
CA THR C 68 -7.67 -8.10 -53.60
C THR C 68 -7.49 -7.63 -52.16
N ASN C 69 -7.02 -6.39 -52.02
CA ASN C 69 -6.67 -5.84 -50.73
C ASN C 69 -7.87 -5.10 -50.13
N SER C 70 -8.20 -5.45 -48.89
CA SER C 70 -9.25 -4.76 -48.14
C SER C 70 -8.55 -3.81 -47.18
N PHE C 71 -8.36 -2.57 -47.64
CA PHE C 71 -7.57 -1.61 -46.87
C PHE C 71 -8.17 -1.38 -45.49
N THR C 72 -9.36 -0.78 -45.45
CA THR C 72 -10.06 -0.50 -44.19
C THR C 72 -11.54 -0.77 -44.44
N ARG C 73 -11.98 -1.99 -44.15
CA ARG C 73 -13.37 -2.38 -44.36
C ARG C 73 -13.74 -3.40 -43.31
N GLY C 74 -15.05 -3.63 -43.16
CA GLY C 74 -15.55 -4.55 -42.18
C GLY C 74 -15.54 -4.00 -40.76
N VAL C 75 -15.53 -2.68 -40.60
CA VAL C 75 -15.58 -2.05 -39.29
C VAL C 75 -17.04 -1.69 -39.01
N TYR C 76 -17.60 -2.26 -37.96
CA TYR C 76 -18.98 -2.05 -37.57
C TYR C 76 -19.02 -1.55 -36.12
N TYR C 77 -20.23 -1.42 -35.58
CA TYR C 77 -20.40 -1.00 -34.20
C TYR C 77 -20.50 -2.24 -33.32
N PRO C 78 -19.51 -2.50 -32.45
CA PRO C 78 -19.56 -3.76 -31.68
C PRO C 78 -20.73 -3.84 -30.72
N ASP C 79 -21.33 -2.71 -30.35
CA ASP C 79 -22.41 -2.71 -29.38
C ASP C 79 -23.34 -1.54 -29.64
N LYS C 80 -24.52 -1.60 -29.05
CA LYS C 80 -25.56 -0.60 -29.23
C LYS C 80 -25.43 0.57 -28.26
N VAL C 81 -24.24 0.80 -27.72
CA VAL C 81 -24.01 1.84 -26.72
C VAL C 81 -23.51 3.09 -27.42
N PHE C 82 -24.17 4.21 -27.16
CA PHE C 82 -23.72 5.49 -27.71
C PHE C 82 -22.43 5.94 -27.03
N ARG C 83 -21.51 6.49 -27.81
CA ARG C 83 -20.22 6.92 -27.28
C ARG C 83 -19.65 7.95 -28.24
N SER C 84 -19.57 9.20 -27.81
CA SER C 84 -19.14 10.31 -28.66
C SER C 84 -17.81 10.88 -28.18
N SER C 85 -16.96 11.23 -29.14
CA SER C 85 -15.68 11.87 -28.84
C SER C 85 -14.86 11.06 -27.84
N VAL C 86 -14.87 9.74 -28.01
CA VAL C 86 -14.15 8.83 -27.14
C VAL C 86 -13.46 7.77 -28.00
N LEU C 87 -12.19 7.51 -27.74
CA LEU C 87 -11.45 6.45 -28.40
C LEU C 87 -11.61 5.18 -27.58
N HIS C 88 -12.40 4.25 -28.09
CA HIS C 88 -12.72 3.03 -27.36
C HIS C 88 -11.97 1.85 -27.97
N SER C 89 -11.31 1.08 -27.11
CA SER C 89 -10.58 -0.11 -27.54
C SER C 89 -11.41 -1.34 -27.22
N THR C 90 -11.69 -2.14 -28.24
CA THR C 90 -12.57 -3.29 -28.09
C THR C 90 -11.94 -4.53 -28.72
N GLN C 91 -12.35 -5.69 -28.25
CA GLN C 91 -11.89 -6.97 -28.78
C GLN C 91 -13.10 -7.70 -29.38
N ASP C 92 -13.04 -8.02 -30.66
CA ASP C 92 -14.17 -8.67 -31.30
C ASP C 92 -13.70 -9.31 -32.59
N LEU C 93 -14.60 -10.06 -33.21
CA LEU C 93 -14.35 -10.64 -34.52
C LEU C 93 -14.41 -9.54 -35.57
N PHE C 94 -13.26 -9.15 -36.10
CA PHE C 94 -13.16 -8.10 -37.10
C PHE C 94 -12.44 -8.62 -38.33
N LEU C 95 -12.57 -7.87 -39.43
CA LEU C 95 -11.83 -8.16 -40.65
C LEU C 95 -10.50 -7.44 -40.57
N PRO C 96 -9.37 -8.16 -40.49
CA PRO C 96 -8.08 -7.46 -40.34
C PRO C 96 -7.83 -6.50 -41.49
N PHE C 97 -7.23 -5.36 -41.16
CA PHE C 97 -6.93 -4.36 -42.18
C PHE C 97 -5.92 -4.90 -43.18
N PHE C 98 -6.08 -4.46 -44.43
CA PHE C 98 -5.18 -4.86 -45.51
C PHE C 98 -5.12 -6.37 -45.68
N SER C 99 -6.20 -7.05 -45.31
CA SER C 99 -6.30 -8.48 -45.57
C SER C 99 -6.54 -8.72 -47.05
N ASN C 100 -6.35 -9.96 -47.47
CA ASN C 100 -6.52 -10.34 -48.88
C ASN C 100 -7.89 -11.00 -49.03
N VAL C 101 -8.89 -10.18 -49.32
CA VAL C 101 -10.23 -10.68 -49.49
C VAL C 101 -10.32 -11.41 -50.83
N THR C 102 -10.94 -12.59 -50.80
CA THR C 102 -11.12 -13.37 -52.02
C THR C 102 -12.12 -12.68 -52.94
N TRP C 103 -11.82 -12.71 -54.23
CA TRP C 103 -12.63 -12.06 -55.25
C TRP C 103 -13.29 -13.15 -56.09
N PHE C 104 -14.60 -13.05 -56.26
CA PHE C 104 -15.38 -14.06 -56.96
C PHE C 104 -16.08 -13.42 -58.16
N HIS C 105 -15.91 -14.04 -59.32
CA HIS C 105 -16.57 -13.65 -60.55
C HIS C 105 -17.14 -14.90 -61.21
N ALA C 106 -18.25 -14.72 -61.92
CA ALA C 106 -18.94 -15.83 -62.57
C ALA C 106 -18.48 -15.91 -64.03
N ILE C 107 -17.83 -17.02 -64.39
CA ILE C 107 -17.36 -17.27 -65.74
C ILE C 107 -17.87 -18.64 -66.16
N HIS C 108 -18.47 -18.70 -67.35
CA HIS C 108 -19.07 -19.95 -67.84
C HIS C 108 -20.07 -20.53 -66.84
N LYS C 116 -21.86 -27.61 -64.82
CA LYS C 116 -20.66 -27.90 -65.62
C LYS C 116 -19.48 -27.08 -65.12
N ARG C 117 -19.36 -25.85 -65.61
CA ARG C 117 -18.31 -24.91 -65.18
C ARG C 117 -19.02 -23.72 -64.55
N PHE C 118 -19.31 -23.83 -63.26
CA PHE C 118 -20.05 -22.83 -62.49
C PHE C 118 -19.35 -22.56 -61.17
N ASP C 119 -18.06 -22.26 -61.24
CA ASP C 119 -17.18 -22.25 -60.07
C ASP C 119 -17.54 -21.07 -59.18
N ASN C 120 -18.57 -21.27 -58.35
CA ASN C 120 -18.94 -20.37 -57.28
C ASN C 120 -19.69 -21.19 -56.23
N PRO C 121 -19.03 -22.16 -55.61
CA PRO C 121 -19.73 -23.13 -54.77
C PRO C 121 -19.94 -22.59 -53.36
N VAL C 122 -20.53 -23.44 -52.52
CA VAL C 122 -20.71 -23.08 -51.12
C VAL C 122 -19.34 -22.90 -50.47
N LEU C 123 -19.18 -21.77 -49.78
CA LEU C 123 -17.92 -21.37 -49.18
C LEU C 123 -17.97 -21.52 -47.66
N PRO C 124 -16.85 -21.82 -47.01
CA PRO C 124 -16.89 -21.98 -45.55
C PRO C 124 -17.33 -20.72 -44.84
N PHE C 125 -18.02 -20.91 -43.71
CA PHE C 125 -18.47 -19.83 -42.84
C PHE C 125 -17.95 -20.16 -41.44
N ASN C 126 -16.75 -19.70 -41.13
CA ASN C 126 -16.12 -19.94 -39.84
C ASN C 126 -15.82 -18.61 -39.17
N ASP C 127 -16.26 -18.45 -37.93
CA ASP C 127 -15.99 -17.26 -37.14
C ASP C 127 -16.43 -16.00 -37.89
N GLY C 128 -17.62 -16.06 -38.49
CA GLY C 128 -18.18 -14.91 -39.19
C GLY C 128 -17.66 -14.81 -40.60
N VAL C 129 -18.32 -13.96 -41.39
CA VAL C 129 -17.91 -13.74 -42.77
C VAL C 129 -18.24 -12.33 -43.18
N TYR C 130 -17.37 -11.73 -43.98
CA TYR C 130 -17.58 -10.41 -44.55
C TYR C 130 -17.92 -10.58 -46.02
N PHE C 131 -18.99 -9.93 -46.46
CA PHE C 131 -19.45 -10.01 -47.84
C PHE C 131 -19.55 -8.59 -48.40
N ALA C 132 -19.15 -8.41 -49.65
CA ALA C 132 -19.32 -7.10 -50.26
C ALA C 132 -19.52 -7.27 -51.75
N SER C 133 -20.22 -6.32 -52.38
CA SER C 133 -20.38 -6.41 -53.82
C SER C 133 -21.04 -5.15 -54.34
N THR C 134 -20.72 -4.83 -55.60
CA THR C 134 -21.36 -3.73 -56.30
C THR C 134 -22.59 -4.26 -57.00
N GLU C 135 -23.76 -3.69 -56.70
CA GLU C 135 -25.02 -4.24 -57.15
C GLU C 135 -25.92 -3.15 -57.71
N LYS C 136 -26.76 -3.53 -58.66
CA LYS C 136 -27.74 -2.62 -59.24
C LYS C 136 -28.97 -3.42 -59.63
N SER C 137 -30.15 -2.92 -59.28
CA SER C 137 -31.42 -3.59 -59.51
C SER C 137 -31.54 -4.89 -58.72
N ASN C 138 -30.76 -5.04 -57.66
CA ASN C 138 -30.84 -6.19 -56.77
C ASN C 138 -30.54 -7.49 -57.52
N ILE C 139 -29.33 -7.56 -58.08
CA ILE C 139 -28.91 -8.76 -58.80
C ILE C 139 -28.83 -9.95 -57.86
N ILE C 140 -28.24 -9.76 -56.69
CA ILE C 140 -28.03 -10.84 -55.74
C ILE C 140 -29.36 -11.16 -55.07
N ARG C 141 -29.86 -12.38 -55.29
CA ARG C 141 -31.13 -12.78 -54.68
C ARG C 141 -31.01 -12.81 -53.16
N GLY C 142 -29.91 -13.38 -52.65
CA GLY C 142 -29.74 -13.52 -51.21
C GLY C 142 -28.67 -14.53 -50.85
N TRP C 143 -28.86 -15.28 -49.78
CA TRP C 143 -27.87 -16.24 -49.33
C TRP C 143 -28.57 -17.44 -48.71
N ILE C 144 -27.90 -18.59 -48.74
CA ILE C 144 -28.32 -19.77 -48.00
C ILE C 144 -27.20 -20.14 -47.03
N PHE C 145 -27.56 -20.37 -45.78
CA PHE C 145 -26.63 -20.73 -44.73
C PHE C 145 -26.98 -22.12 -44.21
N GLY C 146 -26.09 -22.66 -43.37
CA GLY C 146 -26.20 -23.99 -42.82
C GLY C 146 -24.87 -24.70 -42.87
N THR C 147 -24.92 -26.02 -42.66
CA THR C 147 -23.72 -26.84 -42.63
C THR C 147 -23.76 -27.98 -43.63
N THR C 148 -24.91 -28.61 -43.82
CA THR C 148 -25.09 -29.66 -44.81
C THR C 148 -26.19 -29.37 -45.80
N LEU C 149 -27.24 -28.63 -45.40
CA LEU C 149 -28.34 -28.26 -46.27
C LEU C 149 -28.77 -29.41 -47.17
N ASP C 150 -28.76 -30.62 -46.63
CA ASP C 150 -29.15 -31.83 -47.35
C ASP C 150 -30.35 -32.51 -46.69
N SER C 151 -31.16 -31.74 -45.97
CA SER C 151 -32.34 -32.20 -45.25
C SER C 151 -31.99 -32.92 -43.96
N LYS C 152 -30.73 -32.90 -43.54
CA LYS C 152 -30.31 -33.55 -42.31
C LYS C 152 -30.04 -32.58 -41.18
N THR C 153 -29.90 -31.28 -41.47
CA THR C 153 -29.70 -30.28 -40.44
C THR C 153 -30.52 -29.04 -40.79
N GLN C 154 -30.95 -28.33 -39.76
CA GLN C 154 -31.77 -27.13 -39.95
C GLN C 154 -30.94 -26.06 -40.65
N SER C 155 -31.30 -25.73 -41.88
CA SER C 155 -30.58 -24.75 -42.66
C SER C 155 -31.11 -23.34 -42.38
N LEU C 156 -30.54 -22.35 -43.04
CA LEU C 156 -30.97 -20.97 -42.89
C LEU C 156 -31.06 -20.31 -44.27
N LEU C 157 -31.91 -19.31 -44.38
CA LEU C 157 -32.19 -18.70 -45.67
C LEU C 157 -32.48 -17.22 -45.50
N ILE C 158 -31.87 -16.39 -46.35
CA ILE C 158 -32.08 -14.95 -46.35
C ILE C 158 -32.55 -14.52 -47.74
N VAL C 159 -33.28 -15.40 -48.42
CA VAL C 159 -33.70 -15.12 -49.79
C VAL C 159 -34.54 -13.84 -49.83
N ASN C 160 -34.53 -13.18 -50.98
CA ASN C 160 -35.41 -12.06 -51.25
C ASN C 160 -36.13 -12.33 -52.57
N ASN C 161 -37.46 -12.19 -52.56
CA ASN C 161 -38.27 -12.39 -53.75
C ASN C 161 -39.33 -11.30 -53.78
N ALA C 162 -39.95 -11.14 -54.95
CA ALA C 162 -41.00 -10.14 -55.13
C ALA C 162 -41.98 -10.16 -53.96
N THR C 163 -42.29 -11.35 -53.45
CA THR C 163 -43.25 -11.45 -52.35
C THR C 163 -42.72 -10.80 -51.08
N ASN C 164 -41.51 -11.16 -50.67
CA ASN C 164 -40.96 -10.69 -49.40
C ASN C 164 -39.54 -11.22 -49.24
N VAL C 165 -38.86 -10.71 -48.20
CA VAL C 165 -37.56 -11.25 -47.79
C VAL C 165 -37.85 -12.39 -46.83
N VAL C 166 -37.92 -13.60 -47.37
CA VAL C 166 -38.28 -14.77 -46.57
C VAL C 166 -37.12 -15.16 -45.70
N ILE C 167 -37.13 -14.72 -44.44
CA ILE C 167 -36.14 -15.16 -43.45
C ILE C 167 -36.75 -16.41 -42.81
N LYS C 168 -36.58 -17.54 -43.50
CA LYS C 168 -37.16 -18.82 -43.08
C LYS C 168 -36.02 -19.75 -42.70
N VAL C 169 -35.81 -19.90 -41.39
CA VAL C 169 -34.80 -20.81 -40.87
C VAL C 169 -35.50 -22.17 -40.74
N CYS C 170 -35.44 -22.95 -41.81
CA CYS C 170 -36.09 -24.25 -41.84
C CYS C 170 -35.24 -25.21 -42.66
N GLU C 171 -35.17 -26.46 -42.20
CA GLU C 171 -34.48 -27.48 -42.97
C GLU C 171 -35.12 -27.61 -44.35
N PHE C 172 -34.29 -27.71 -45.38
CA PHE C 172 -34.75 -27.78 -46.75
C PHE C 172 -34.27 -29.07 -47.39
N GLN C 173 -35.18 -29.77 -48.06
CA GLN C 173 -34.86 -31.00 -48.76
C GLN C 173 -34.39 -30.66 -50.18
N PHE C 174 -33.26 -31.23 -50.58
CA PHE C 174 -32.65 -30.96 -51.86
C PHE C 174 -32.80 -32.16 -52.79
N CYS C 175 -32.64 -31.91 -54.08
CA CYS C 175 -32.77 -32.94 -55.10
C CYS C 175 -31.50 -33.76 -55.16
N ASN C 176 -31.37 -34.58 -56.21
CA ASN C 176 -30.21 -35.47 -56.32
C ASN C 176 -28.91 -34.68 -56.38
N ASP C 177 -28.89 -33.59 -57.15
CA ASP C 177 -27.71 -32.73 -57.26
C ASP C 177 -27.99 -31.41 -56.55
N PRO C 178 -27.46 -31.19 -55.34
CA PRO C 178 -27.83 -29.98 -54.56
C PRO C 178 -27.19 -28.68 -55.08
N PHE C 179 -27.83 -28.08 -56.07
CA PHE C 179 -27.46 -26.75 -56.53
C PHE C 179 -28.67 -26.13 -57.21
N LEU C 180 -28.47 -24.95 -57.80
CA LEU C 180 -29.55 -24.23 -58.46
C LEU C 180 -29.85 -24.91 -59.79
N GLY C 181 -30.92 -25.69 -59.83
CA GLY C 181 -31.39 -26.34 -61.04
C GLY C 181 -32.40 -25.51 -61.83
N VAL C 182 -32.55 -24.22 -61.50
CA VAL C 182 -33.52 -23.39 -62.20
C VAL C 182 -33.18 -23.36 -63.68
N TYR C 183 -34.22 -23.43 -64.52
CA TYR C 183 -34.02 -23.39 -65.95
C TYR C 183 -33.32 -22.09 -66.34
N TYR C 184 -32.15 -22.23 -66.98
CA TYR C 184 -31.33 -21.09 -67.32
C TYR C 184 -31.78 -20.52 -68.66
N HIS C 185 -30.97 -19.62 -69.23
CA HIS C 185 -31.34 -18.93 -70.47
C HIS C 185 -31.21 -19.92 -71.64
N LYS C 186 -32.24 -20.73 -71.80
CA LYS C 186 -32.37 -21.63 -72.95
C LYS C 186 -33.08 -20.93 -74.10
N ASN C 187 -32.57 -19.77 -74.49
CA ASN C 187 -33.26 -18.88 -75.44
C ASN C 187 -34.59 -18.41 -74.85
N ASN C 188 -34.60 -18.16 -73.55
CA ASN C 188 -35.82 -17.73 -72.85
C ASN C 188 -35.63 -16.54 -71.93
N LYS C 189 -34.42 -16.25 -71.47
CA LYS C 189 -34.17 -15.11 -70.58
C LYS C 189 -35.08 -15.16 -69.36
N SER C 190 -35.29 -16.37 -68.84
CA SER C 190 -36.16 -16.60 -67.69
C SER C 190 -35.28 -16.75 -66.45
N TRP C 191 -34.93 -15.63 -65.84
CA TRP C 191 -34.12 -15.61 -64.64
C TRP C 191 -34.95 -15.54 -63.37
N MET C 192 -36.28 -15.54 -63.48
CA MET C 192 -37.14 -15.56 -62.31
C MET C 192 -37.27 -16.97 -61.77
N GLU C 193 -37.71 -17.08 -60.52
CA GLU C 193 -37.87 -18.37 -59.86
C GLU C 193 -39.16 -19.02 -60.36
N SER C 194 -39.02 -19.96 -61.29
CA SER C 194 -40.15 -20.70 -61.85
C SER C 194 -40.09 -22.18 -61.51
N GLU C 195 -38.98 -22.84 -61.78
CA GLU C 195 -38.77 -24.26 -61.46
C GLU C 195 -37.49 -24.34 -60.63
N PHE C 196 -37.63 -24.17 -59.33
CA PHE C 196 -36.48 -24.11 -58.42
C PHE C 196 -36.22 -25.49 -57.84
N ARG C 197 -34.99 -25.98 -58.01
CA ARG C 197 -34.56 -27.25 -57.45
C ARG C 197 -33.70 -27.08 -56.21
N VAL C 198 -33.51 -25.85 -55.74
CA VAL C 198 -32.71 -25.62 -54.54
C VAL C 198 -33.34 -26.29 -53.33
N TYR C 199 -34.66 -26.18 -53.19
CA TYR C 199 -35.37 -26.84 -52.11
C TYR C 199 -36.74 -27.27 -52.62
N SER C 200 -37.28 -28.33 -52.02
CA SER C 200 -38.58 -28.87 -52.42
C SER C 200 -39.72 -28.33 -51.56
N SER C 201 -39.60 -28.43 -50.23
CA SER C 201 -40.65 -27.97 -49.33
C SER C 201 -40.01 -27.62 -47.99
N ALA C 202 -40.84 -27.17 -47.05
CA ALA C 202 -40.36 -26.80 -45.72
C ALA C 202 -40.13 -28.05 -44.87
N ASN C 203 -39.73 -27.87 -43.62
CA ASN C 203 -39.48 -28.99 -42.72
C ASN C 203 -39.67 -28.56 -41.27
N ASN C 204 -39.38 -29.50 -40.37
CA ASN C 204 -39.46 -29.31 -38.93
C ASN C 204 -38.57 -28.16 -38.50
N CYS C 205 -39.18 -27.04 -38.14
CA CYS C 205 -38.39 -25.84 -37.87
C CYS C 205 -39.12 -24.93 -36.90
N THR C 206 -38.33 -24.07 -36.25
CA THR C 206 -38.77 -23.19 -35.19
C THR C 206 -38.91 -21.74 -35.62
N PHE C 207 -37.94 -21.20 -36.35
CA PHE C 207 -37.93 -19.79 -36.72
C PHE C 207 -38.35 -19.64 -38.18
N GLU C 208 -39.37 -18.82 -38.40
CA GLU C 208 -39.83 -18.51 -39.76
C GLU C 208 -40.20 -17.04 -39.91
N TYR C 209 -39.89 -16.20 -38.93
CA TYR C 209 -40.32 -14.81 -38.95
C TYR C 209 -39.74 -14.10 -40.17
N VAL C 210 -40.56 -13.23 -40.77
CA VAL C 210 -40.17 -12.43 -41.93
C VAL C 210 -40.03 -10.99 -41.49
N SER C 211 -38.88 -10.40 -41.79
CA SER C 211 -38.63 -8.99 -41.47
C SER C 211 -39.35 -8.12 -42.50
N GLN C 212 -39.06 -6.81 -42.49
CA GLN C 212 -39.69 -5.88 -43.41
C GLN C 212 -39.56 -6.40 -44.85
N PRO C 213 -40.65 -6.83 -45.48
CA PRO C 213 -40.55 -7.38 -46.83
C PRO C 213 -39.97 -6.37 -47.81
N PHE C 214 -39.15 -6.87 -48.74
CA PHE C 214 -38.65 -6.11 -49.87
C PHE C 214 -39.33 -6.66 -51.12
N LEU C 215 -40.11 -5.83 -51.79
CA LEU C 215 -40.95 -6.25 -52.92
C LEU C 215 -40.32 -5.75 -54.21
N MET C 216 -39.45 -6.57 -54.80
CA MET C 216 -38.87 -6.30 -56.11
C MET C 216 -38.75 -7.60 -56.88
N ASP C 217 -39.35 -7.65 -58.06
CA ASP C 217 -39.23 -8.82 -58.92
C ASP C 217 -37.78 -8.96 -59.40
N LEU C 218 -37.30 -10.20 -59.43
CA LEU C 218 -35.91 -10.49 -59.77
C LEU C 218 -35.89 -11.36 -61.02
N GLU C 219 -35.30 -10.83 -62.09
CA GLU C 219 -35.19 -11.55 -63.36
C GLU C 219 -34.30 -10.71 -64.27
N GLY C 220 -34.10 -11.20 -65.49
CA GLY C 220 -33.26 -10.50 -66.45
C GLY C 220 -31.79 -10.67 -66.15
N LYS C 221 -30.98 -9.84 -66.82
CA LYS C 221 -29.54 -9.88 -66.66
C LYS C 221 -28.99 -8.49 -66.91
N GLN C 222 -28.28 -7.94 -65.92
CA GLN C 222 -27.62 -6.65 -66.04
C GLN C 222 -26.19 -6.76 -65.55
N GLY C 223 -25.31 -5.96 -66.15
CA GLY C 223 -23.90 -6.02 -65.83
C GLY C 223 -23.32 -4.68 -65.38
N ASN C 224 -24.18 -3.72 -65.07
CA ASN C 224 -23.77 -2.41 -64.63
C ASN C 224 -24.08 -2.24 -63.15
N PHE C 225 -23.11 -1.72 -62.40
CA PHE C 225 -23.28 -1.45 -60.98
C PHE C 225 -22.83 -0.03 -60.67
N LYS C 226 -23.51 0.59 -59.71
CA LYS C 226 -23.21 1.95 -59.28
C LYS C 226 -23.03 2.10 -57.78
N ASN C 227 -23.59 1.21 -56.97
CA ASN C 227 -23.50 1.29 -55.52
C ASN C 227 -22.92 0.00 -54.95
N LEU C 228 -21.99 0.16 -54.01
CA LEU C 228 -21.36 -0.93 -53.30
C LEU C 228 -22.14 -1.16 -52.00
N ARG C 229 -22.57 -2.40 -51.81
CA ARG C 229 -23.27 -2.82 -50.61
C ARG C 229 -22.36 -3.79 -49.87
N GLU C 230 -22.12 -3.50 -48.59
CA GLU C 230 -21.27 -4.31 -47.73
C GLU C 230 -22.09 -4.84 -46.57
N PHE C 231 -21.85 -6.11 -46.24
CA PHE C 231 -22.55 -6.85 -45.19
C PHE C 231 -21.52 -7.61 -44.36
N VAL C 232 -21.85 -7.79 -43.09
CA VAL C 232 -21.06 -8.60 -42.18
C VAL C 232 -22.01 -9.53 -41.45
N PHE C 233 -21.66 -10.83 -41.41
CA PHE C 233 -22.50 -11.86 -40.82
C PHE C 233 -21.75 -12.48 -39.66
N LYS C 234 -22.39 -12.53 -38.50
CA LYS C 234 -21.82 -13.20 -37.33
C LYS C 234 -22.84 -14.18 -36.75
N ASN C 235 -22.33 -15.23 -36.12
CA ASN C 235 -23.17 -16.25 -35.47
C ASN C 235 -22.46 -16.68 -34.19
N ILE C 236 -22.86 -16.09 -33.06
CA ILE C 236 -22.24 -16.40 -31.78
C ILE C 236 -23.27 -16.33 -30.67
N ASP C 237 -23.05 -17.15 -29.64
CA ASP C 237 -23.91 -17.24 -28.45
C ASP C 237 -25.38 -17.28 -28.82
N GLY C 238 -25.72 -18.08 -29.84
CA GLY C 238 -27.11 -18.29 -30.21
C GLY C 238 -27.75 -17.16 -30.99
N TYR C 239 -26.99 -16.11 -31.33
CA TYR C 239 -27.50 -14.95 -32.04
C TYR C 239 -26.78 -14.82 -33.38
N PHE C 240 -27.53 -14.35 -34.38
CA PHE C 240 -27.05 -14.11 -35.73
C PHE C 240 -27.14 -12.61 -35.99
N LYS C 241 -26.03 -11.99 -36.31
CA LYS C 241 -25.95 -10.55 -36.47
C LYS C 241 -25.74 -10.21 -37.93
N ILE C 242 -26.53 -9.25 -38.43
CA ILE C 242 -26.37 -8.69 -39.76
C ILE C 242 -25.97 -7.23 -39.61
N TYR C 243 -24.85 -6.85 -40.22
CA TYR C 243 -24.46 -5.47 -40.34
C TYR C 243 -24.38 -5.13 -41.82
N SER C 244 -24.74 -3.91 -42.19
CA SER C 244 -24.69 -3.53 -43.59
C SER C 244 -24.55 -2.03 -43.72
N LYS C 245 -24.09 -1.59 -44.90
CA LYS C 245 -24.04 -0.16 -45.19
C LYS C 245 -24.03 0.01 -46.70
N HIS C 246 -25.07 0.66 -47.23
CA HIS C 246 -25.22 0.89 -48.67
C HIS C 246 -24.55 2.21 -49.03
N THR C 247 -23.42 2.15 -49.76
CA THR C 247 -22.73 3.37 -50.11
C THR C 247 -22.46 3.41 -51.61
N PRO C 248 -22.52 4.60 -52.24
CA PRO C 248 -22.27 4.65 -53.69
C PRO C 248 -20.79 4.60 -54.00
N ILE C 249 -20.41 3.66 -54.86
CA ILE C 249 -19.02 3.49 -55.29
C ILE C 249 -19.01 3.33 -56.80
N ASN C 250 -18.15 4.12 -57.46
CA ASN C 250 -18.05 4.03 -58.92
C ASN C 250 -17.29 2.79 -59.36
N LEU C 251 -16.23 2.43 -58.63
CA LEU C 251 -15.44 1.26 -59.01
C LEU C 251 -16.28 0.00 -58.93
N VAL C 252 -16.16 -0.84 -59.95
CA VAL C 252 -16.90 -2.10 -60.02
C VAL C 252 -15.99 -3.32 -60.11
N ARG C 253 -14.69 -3.14 -60.30
CA ARG C 253 -13.76 -4.25 -60.42
C ARG C 253 -12.81 -4.38 -59.24
N ASP C 254 -12.55 -3.29 -58.51
CA ASP C 254 -11.64 -3.31 -57.37
C ASP C 254 -12.31 -2.67 -56.17
N LEU C 255 -11.99 -3.20 -54.99
CA LEU C 255 -12.58 -2.70 -53.76
C LEU C 255 -12.14 -1.26 -53.53
N PRO C 256 -13.05 -0.34 -53.20
CA PRO C 256 -12.66 1.06 -53.08
C PRO C 256 -11.85 1.35 -51.82
N GLN C 257 -11.01 2.37 -51.91
CA GLN C 257 -10.22 2.82 -50.78
C GLN C 257 -11.00 3.87 -50.00
N GLY C 258 -11.10 3.68 -48.70
CA GLY C 258 -11.84 4.61 -47.85
C GLY C 258 -12.12 3.98 -46.50
N PHE C 259 -13.12 4.52 -45.82
CA PHE C 259 -13.53 4.00 -44.52
C PHE C 259 -15.00 4.32 -44.28
N SER C 260 -15.77 3.28 -43.99
CA SER C 260 -17.18 3.43 -43.65
C SER C 260 -17.52 2.44 -42.54
N ALA C 261 -18.45 2.84 -41.68
CA ALA C 261 -18.87 2.04 -40.54
C ALA C 261 -20.22 1.40 -40.84
N LEU C 262 -20.31 0.10 -40.59
CA LEU C 262 -21.53 -0.66 -40.84
C LEU C 262 -22.39 -0.67 -39.58
N GLU C 263 -23.67 -0.32 -39.73
CA GLU C 263 -24.60 -0.34 -38.61
C GLU C 263 -25.40 -1.65 -38.64
N PRO C 264 -25.72 -2.21 -37.47
CA PRO C 264 -26.58 -3.40 -37.47
C PRO C 264 -27.97 -3.08 -37.99
N LEU C 265 -28.58 -4.07 -38.64
CA LEU C 265 -29.96 -3.97 -39.07
C LEU C 265 -30.86 -5.05 -38.47
N VAL C 266 -30.31 -6.20 -38.08
CA VAL C 266 -31.12 -7.20 -37.39
C VAL C 266 -30.21 -8.11 -36.59
N ASP C 267 -30.71 -8.49 -35.42
CA ASP C 267 -30.07 -9.42 -34.48
C ASP C 267 -31.04 -10.58 -34.30
N LEU C 268 -30.96 -11.54 -35.21
CA LEU C 268 -31.90 -12.66 -35.23
C LEU C 268 -31.46 -13.70 -34.19
N PRO C 269 -32.29 -14.03 -33.20
CA PRO C 269 -31.92 -15.04 -32.21
C PRO C 269 -32.15 -16.47 -32.71
N ILE C 270 -31.57 -16.79 -33.87
CA ILE C 270 -31.82 -18.08 -34.50
C ILE C 270 -31.25 -19.22 -33.66
N GLY C 271 -29.97 -19.11 -33.27
CA GLY C 271 -29.32 -20.17 -32.53
C GLY C 271 -29.14 -21.45 -33.31
N ILE C 272 -28.35 -21.40 -34.38
CA ILE C 272 -28.09 -22.58 -35.21
C ILE C 272 -26.58 -22.77 -35.40
N ASN C 273 -26.22 -23.78 -36.19
CA ASN C 273 -24.82 -24.11 -36.45
C ASN C 273 -24.14 -23.16 -37.43
N ILE C 274 -24.51 -23.24 -38.71
CA ILE C 274 -23.85 -22.46 -39.76
C ILE C 274 -22.39 -22.89 -39.86
N THR C 275 -22.04 -23.57 -40.95
CA THR C 275 -20.65 -23.90 -41.27
C THR C 275 -20.28 -23.47 -42.69
N ARG C 276 -21.21 -23.55 -43.62
CA ARG C 276 -20.96 -23.17 -45.01
C ARG C 276 -22.15 -22.39 -45.53
N PHE C 277 -21.86 -21.39 -46.37
CA PHE C 277 -22.87 -20.51 -46.92
C PHE C 277 -22.64 -20.33 -48.42
N GLN C 278 -23.73 -20.09 -49.15
CA GLN C 278 -23.65 -19.91 -50.58
C GLN C 278 -24.49 -18.70 -50.99
N THR C 279 -23.89 -17.82 -51.78
CA THR C 279 -24.63 -16.68 -52.32
C THR C 279 -25.59 -17.15 -53.40
N LEU C 280 -26.66 -16.40 -53.60
CA LEU C 280 -27.73 -16.75 -54.54
C LEU C 280 -27.65 -15.80 -55.72
N LEU C 281 -27.08 -16.27 -56.83
CA LEU C 281 -26.99 -15.49 -58.04
C LEU C 281 -28.32 -15.48 -58.77
N ALA C 282 -28.47 -14.53 -59.69
CA ALA C 282 -29.68 -14.47 -60.49
C ALA C 282 -29.78 -15.71 -61.38
N LEU C 283 -30.97 -16.30 -61.43
CA LEU C 283 -31.22 -17.46 -62.27
C LEU C 283 -32.70 -17.85 -62.22
N SER C 293 -26.28 -27.66 -68.06
CA SER C 293 -25.38 -26.74 -68.75
C SER C 293 -24.76 -27.41 -69.98
N SER C 294 -25.61 -27.93 -70.85
CA SER C 294 -25.13 -28.61 -72.05
C SER C 294 -24.73 -27.60 -73.12
N SER C 295 -25.66 -26.72 -73.51
CA SER C 295 -25.39 -25.73 -74.54
C SER C 295 -26.24 -24.50 -74.27
N GLY C 296 -25.83 -23.38 -74.88
CA GLY C 296 -26.55 -22.13 -74.68
C GLY C 296 -26.53 -21.65 -73.25
N TRP C 297 -25.39 -21.76 -72.58
CA TRP C 297 -25.24 -21.36 -71.19
C TRP C 297 -24.44 -20.06 -71.13
N THR C 298 -24.98 -19.07 -70.42
CA THR C 298 -24.32 -17.79 -70.20
C THR C 298 -24.15 -17.58 -68.71
N ALA C 299 -22.93 -17.25 -68.30
CA ALA C 299 -22.64 -17.10 -66.88
C ALA C 299 -23.30 -15.84 -66.32
N GLY C 300 -23.68 -15.92 -65.04
CA GLY C 300 -24.23 -14.78 -64.35
C GLY C 300 -23.14 -13.86 -63.84
N ALA C 301 -22.51 -13.11 -64.74
CA ALA C 301 -21.36 -12.28 -64.38
C ALA C 301 -21.71 -11.36 -63.22
N ALA C 302 -21.03 -11.56 -62.10
CA ALA C 302 -21.20 -10.73 -60.92
C ALA C 302 -19.91 -10.78 -60.10
N ALA C 303 -19.48 -9.62 -59.61
CA ALA C 303 -18.25 -9.48 -58.86
C ALA C 303 -18.58 -9.30 -57.39
N TYR C 304 -18.27 -10.31 -56.57
CA TYR C 304 -18.53 -10.25 -55.14
C TYR C 304 -17.31 -10.73 -54.36
N TYR C 305 -17.02 -10.03 -53.26
CA TYR C 305 -15.87 -10.31 -52.43
C TYR C 305 -16.28 -10.99 -51.14
N VAL C 306 -15.49 -11.99 -50.75
CA VAL C 306 -15.69 -12.78 -49.54
C VAL C 306 -14.44 -12.67 -48.70
N GLY C 307 -14.58 -12.15 -47.47
CA GLY C 307 -13.54 -12.15 -46.48
C GLY C 307 -13.98 -12.83 -45.20
N TYR C 308 -13.04 -12.87 -44.25
CA TYR C 308 -13.23 -13.65 -43.04
C TYR C 308 -12.80 -12.80 -41.83
N LEU C 309 -13.40 -13.10 -40.69
CA LEU C 309 -13.17 -12.36 -39.46
C LEU C 309 -12.29 -13.18 -38.52
N GLN C 310 -11.55 -12.47 -37.67
CA GLN C 310 -10.67 -13.06 -36.69
C GLN C 310 -10.85 -12.34 -35.37
N PRO C 311 -10.53 -12.99 -34.25
CA PRO C 311 -10.70 -12.33 -32.95
C PRO C 311 -9.61 -11.30 -32.70
N ARG C 312 -9.81 -10.08 -33.21
CA ARG C 312 -8.78 -9.05 -33.14
C ARG C 312 -9.27 -7.88 -32.30
N THR C 313 -8.31 -7.10 -31.82
CA THR C 313 -8.57 -5.91 -31.03
C THR C 313 -8.44 -4.68 -31.92
N PHE C 314 -9.43 -3.80 -31.86
CA PHE C 314 -9.47 -2.58 -32.64
C PHE C 314 -9.59 -1.37 -31.72
N LEU C 315 -9.10 -0.24 -32.23
CA LEU C 315 -9.22 1.05 -31.56
C LEU C 315 -10.11 1.92 -32.43
N LEU C 316 -11.33 2.19 -31.97
CA LEU C 316 -12.33 2.92 -32.74
C LEU C 316 -12.42 4.34 -32.22
N LYS C 317 -12.43 5.31 -33.14
CA LYS C 317 -12.48 6.73 -32.81
C LYS C 317 -13.87 7.27 -33.11
N TYR C 318 -14.71 7.36 -32.09
CA TYR C 318 -16.01 7.99 -32.25
C TYR C 318 -15.84 9.50 -32.31
N ASN C 319 -16.49 10.14 -33.28
CA ASN C 319 -16.54 11.59 -33.34
C ASN C 319 -17.61 12.08 -32.38
N GLU C 320 -17.99 13.35 -32.49
CA GLU C 320 -18.96 13.93 -31.56
C GLU C 320 -20.37 13.41 -31.78
N ASN C 321 -20.58 12.47 -32.71
CA ASN C 321 -21.91 11.93 -32.97
C ASN C 321 -22.03 10.45 -32.58
N GLY C 322 -20.96 9.85 -32.09
CA GLY C 322 -20.97 8.42 -31.88
C GLY C 322 -20.82 7.61 -33.15
N THR C 323 -20.33 8.23 -34.23
CA THR C 323 -20.09 7.54 -35.48
C THR C 323 -18.60 7.21 -35.59
N ILE C 324 -18.29 5.96 -35.90
CA ILE C 324 -16.91 5.52 -36.00
C ILE C 324 -16.32 6.11 -37.28
N THR C 325 -15.53 7.18 -37.13
CA THR C 325 -14.94 7.85 -38.28
C THR C 325 -13.62 7.22 -38.70
N ASP C 326 -12.91 6.58 -37.78
CA ASP C 326 -11.65 5.94 -38.11
C ASP C 326 -11.37 4.84 -37.10
N ALA C 327 -10.54 3.89 -37.51
CA ALA C 327 -10.19 2.76 -36.66
C ALA C 327 -8.73 2.39 -36.92
N VAL C 328 -8.13 1.77 -35.91
CA VAL C 328 -6.74 1.32 -35.98
C VAL C 328 -6.68 -0.13 -35.51
N ASP C 329 -6.07 -0.98 -36.32
CA ASP C 329 -5.86 -2.37 -35.94
C ASP C 329 -4.78 -2.46 -34.87
N CYS C 330 -5.03 -3.24 -33.82
CA CYS C 330 -4.12 -3.32 -32.70
C CYS C 330 -2.99 -4.31 -32.91
N ALA C 331 -2.97 -5.04 -34.03
CA ALA C 331 -1.90 -6.00 -34.29
C ALA C 331 -1.46 -6.02 -35.75
N LEU C 332 -1.74 -4.97 -36.51
CA LEU C 332 -1.34 -4.97 -37.92
C LEU C 332 0.16 -4.82 -38.06
N ASP C 333 0.75 -3.87 -37.34
CA ASP C 333 2.18 -3.59 -37.44
C ASP C 333 2.62 -2.91 -36.15
N PRO C 334 3.93 -2.78 -35.93
CA PRO C 334 4.38 -2.15 -34.67
C PRO C 334 3.86 -0.74 -34.47
N LEU C 335 3.75 0.05 -35.54
CA LEU C 335 3.24 1.41 -35.37
C LEU C 335 1.80 1.40 -34.89
N SER C 336 0.97 0.55 -35.50
CA SER C 336 -0.41 0.46 -35.07
C SER C 336 -0.52 -0.09 -33.66
N GLU C 337 0.39 -1.02 -33.30
CA GLU C 337 0.40 -1.53 -31.93
C GLU C 337 0.73 -0.43 -30.93
N THR C 338 1.69 0.43 -31.27
CA THR C 338 2.01 1.55 -30.39
C THR C 338 0.83 2.51 -30.28
N LYS C 339 0.15 2.78 -31.39
CA LYS C 339 -1.05 3.61 -31.34
C LYS C 339 -2.08 2.99 -30.41
N CYS C 340 -2.29 1.69 -30.53
CA CYS C 340 -3.27 0.99 -29.71
C CYS C 340 -2.88 1.03 -28.24
N THR C 341 -1.60 0.95 -27.95
CA THR C 341 -1.14 0.96 -26.56
C THR C 341 -1.27 2.35 -25.95
N LEU C 342 -0.98 3.39 -26.73
CA LEU C 342 -1.07 4.76 -26.23
C LEU C 342 -2.48 5.33 -26.33
N LYS C 343 -3.43 4.61 -26.93
CA LYS C 343 -4.80 5.09 -27.05
C LYS C 343 -4.86 6.42 -27.79
N SER C 344 -4.01 6.56 -28.80
CA SER C 344 -3.98 7.76 -29.62
C SER C 344 -3.79 7.36 -31.07
N PHE C 345 -4.44 8.09 -31.98
CA PHE C 345 -4.26 7.86 -33.41
C PHE C 345 -2.99 8.51 -33.94
N THR C 346 -2.40 9.43 -33.18
CA THR C 346 -1.13 10.04 -33.54
C THR C 346 -0.18 9.87 -32.37
N VAL C 347 1.03 9.39 -32.66
CA VAL C 347 2.04 9.10 -31.65
C VAL C 347 3.22 10.04 -31.86
N GLU C 348 3.68 10.65 -30.78
CA GLU C 348 4.78 11.61 -30.86
C GLU C 348 6.11 10.87 -30.99
N LYS C 349 7.13 11.63 -31.37
CA LYS C 349 8.48 11.08 -31.52
C LYS C 349 8.95 10.48 -30.20
N GLY C 350 9.57 9.31 -30.28
CA GLY C 350 10.16 8.69 -29.11
C GLY C 350 10.22 7.19 -29.24
N ILE C 351 10.59 6.55 -28.13
CA ILE C 351 10.70 5.10 -28.03
C ILE C 351 9.73 4.65 -26.95
N TYR C 352 8.81 3.74 -27.31
CA TYR C 352 7.73 3.31 -26.45
C TYR C 352 7.81 1.81 -26.21
N GLN C 353 7.48 1.38 -25.01
CA GLN C 353 7.50 -0.04 -24.67
C GLN C 353 6.13 -0.63 -24.96
N THR C 354 6.10 -1.73 -25.70
CA THR C 354 4.84 -2.37 -26.08
C THR C 354 4.82 -3.84 -25.66
N SER C 355 3.81 -4.58 -26.11
CA SER C 355 3.61 -5.94 -25.64
C SER C 355 4.88 -6.77 -25.78
N ASN C 356 5.18 -7.56 -24.75
CA ASN C 356 6.36 -8.40 -24.73
C ASN C 356 6.28 -9.47 -25.80
N PHE C 357 7.34 -10.26 -25.96
CA PHE C 357 7.37 -11.36 -26.90
C PHE C 357 7.90 -12.60 -26.20
N ARG C 358 7.42 -13.77 -26.64
CA ARG C 358 7.79 -15.03 -26.03
C ARG C 358 7.75 -16.12 -27.09
N VAL C 359 8.69 -17.06 -27.00
CA VAL C 359 8.77 -18.17 -27.94
C VAL C 359 7.92 -19.31 -27.40
N GLN C 360 6.81 -19.61 -28.07
CA GLN C 360 5.93 -20.68 -27.62
C GLN C 360 6.55 -22.04 -27.92
N PRO C 361 6.21 -23.05 -27.14
CA PRO C 361 6.80 -24.38 -27.35
C PRO C 361 6.40 -24.99 -28.68
N THR C 362 7.32 -25.76 -29.25
CA THR C 362 7.04 -26.47 -30.50
C THR C 362 6.08 -27.62 -30.27
N GLU C 363 6.32 -28.42 -29.23
CA GLU C 363 5.49 -29.58 -28.93
C GLU C 363 5.60 -29.89 -27.44
N SER C 364 4.89 -30.92 -27.02
CA SER C 364 4.83 -31.31 -25.61
C SER C 364 5.59 -32.61 -25.39
N ILE C 365 6.14 -32.76 -24.18
CA ILE C 365 6.88 -33.95 -23.78
C ILE C 365 6.30 -34.45 -22.47
N VAL C 366 6.06 -35.76 -22.39
CA VAL C 366 5.63 -36.42 -21.16
C VAL C 366 6.57 -37.58 -20.89
N ARG C 367 7.09 -37.64 -19.67
CA ARG C 367 8.07 -38.65 -19.26
C ARG C 367 7.66 -39.24 -17.93
N PHE C 368 7.18 -40.48 -17.95
CA PHE C 368 6.78 -41.21 -16.76
C PHE C 368 7.61 -42.49 -16.64
N PRO C 369 7.71 -43.05 -15.44
CA PRO C 369 8.36 -44.36 -15.28
C PRO C 369 7.57 -45.48 -15.94
N ASN C 370 8.27 -46.57 -16.25
CA ASN C 370 7.77 -47.62 -17.13
C ASN C 370 7.16 -48.74 -16.29
N ILE C 371 6.03 -48.46 -15.67
CA ILE C 371 5.44 -49.39 -14.72
C ILE C 371 4.34 -50.18 -15.42
N THR C 372 4.41 -51.50 -15.30
CA THR C 372 3.47 -52.41 -15.94
C THR C 372 2.40 -52.93 -14.99
N ASN C 373 2.78 -53.35 -13.78
CA ASN C 373 1.80 -53.94 -12.87
C ASN C 373 0.68 -52.94 -12.57
N LEU C 374 -0.55 -53.42 -12.65
CA LEU C 374 -1.70 -52.57 -12.41
C LEU C 374 -1.99 -52.47 -10.92
N CYS C 375 -2.48 -51.30 -10.51
CA CYS C 375 -2.81 -51.09 -9.11
C CYS C 375 -3.96 -51.99 -8.70
N PRO C 376 -3.89 -52.63 -7.51
CA PRO C 376 -4.97 -53.52 -7.04
C PRO C 376 -6.18 -52.77 -6.49
N PHE C 377 -6.68 -51.80 -7.26
CA PHE C 377 -7.88 -51.08 -6.85
C PHE C 377 -9.09 -52.01 -6.81
N GLY C 378 -9.17 -52.94 -7.77
CA GLY C 378 -10.20 -53.95 -7.69
C GLY C 378 -10.15 -54.70 -6.37
N GLU C 379 -8.95 -55.14 -5.98
CA GLU C 379 -8.81 -55.89 -4.74
C GLU C 379 -9.19 -55.05 -3.53
N VAL C 380 -8.74 -53.78 -3.48
CA VAL C 380 -9.02 -52.97 -2.30
C VAL C 380 -10.52 -52.73 -2.17
N PHE C 381 -11.19 -52.38 -3.26
CA PHE C 381 -12.64 -52.18 -3.22
C PHE C 381 -13.37 -53.47 -2.84
N ASN C 382 -12.93 -54.60 -3.39
CA ASN C 382 -13.77 -55.79 -3.49
C ASN C 382 -13.27 -56.81 -2.48
N ALA C 383 -13.37 -56.45 -1.21
CA ALA C 383 -12.83 -57.22 -0.11
C ALA C 383 -13.93 -58.06 0.53
N THR C 384 -13.53 -59.21 1.06
CA THR C 384 -14.51 -60.16 1.57
C THR C 384 -15.38 -59.53 2.64
N ARG C 385 -14.80 -58.68 3.49
CA ARG C 385 -15.55 -58.08 4.59
C ARG C 385 -14.82 -56.83 5.06
N PHE C 386 -15.45 -55.67 4.86
CA PHE C 386 -14.85 -54.42 5.31
C PHE C 386 -14.74 -54.41 6.83
N ALA C 387 -13.68 -53.77 7.33
CA ALA C 387 -13.47 -53.67 8.77
C ALA C 387 -14.43 -52.65 9.37
N SER C 388 -14.54 -52.70 10.70
CA SER C 388 -15.42 -51.78 11.40
C SER C 388 -14.86 -50.36 11.34
N VAL C 389 -15.74 -49.39 11.55
CA VAL C 389 -15.34 -47.98 11.44
C VAL C 389 -14.27 -47.65 12.47
N TYR C 390 -14.44 -48.11 13.71
CA TYR C 390 -13.45 -47.80 14.74
C TYR C 390 -12.10 -48.42 14.42
N ALA C 391 -12.10 -49.57 13.74
CA ALA C 391 -10.88 -50.25 13.32
C ALA C 391 -10.70 -50.17 11.80
N TRP C 392 -11.07 -49.04 11.21
CA TRP C 392 -10.93 -48.79 9.78
C TRP C 392 -9.62 -49.36 9.25
N ASN C 393 -9.70 -50.12 8.16
CA ASN C 393 -8.51 -50.79 7.64
C ASN C 393 -7.79 -49.90 6.63
N ARG C 394 -6.50 -49.71 6.84
CA ARG C 394 -5.68 -48.88 5.96
C ARG C 394 -4.75 -49.76 5.16
N LYS C 395 -4.75 -49.57 3.84
CA LYS C 395 -3.91 -50.31 2.92
C LYS C 395 -2.99 -49.33 2.19
N ARG C 396 -1.70 -49.61 2.21
CA ARG C 396 -0.71 -48.80 1.52
C ARG C 396 -0.51 -49.33 0.11
N ILE C 397 -0.64 -48.46 -0.89
CA ILE C 397 -0.54 -48.85 -2.28
C ILE C 397 0.46 -47.94 -2.99
N SER C 398 1.36 -48.56 -3.75
CA SER C 398 2.42 -47.87 -4.46
C SER C 398 3.00 -48.84 -5.50
N ASN C 399 3.98 -48.35 -6.25
CA ASN C 399 4.68 -49.16 -7.25
C ASN C 399 3.70 -49.82 -8.22
N CYS C 400 2.72 -49.05 -8.68
CA CYS C 400 1.75 -49.55 -9.65
C CYS C 400 1.20 -48.38 -10.45
N VAL C 401 0.60 -48.70 -11.59
CA VAL C 401 -0.05 -47.70 -12.43
C VAL C 401 -1.50 -47.61 -12.02
N ALA C 402 -1.92 -46.44 -11.55
CA ALA C 402 -3.28 -46.22 -11.10
C ALA C 402 -4.15 -45.78 -12.27
N ASP C 403 -5.31 -46.41 -12.41
CA ASP C 403 -6.26 -46.10 -13.47
C ASP C 403 -7.57 -45.68 -12.80
N TYR C 404 -7.68 -44.40 -12.48
CA TYR C 404 -8.89 -43.86 -11.85
C TYR C 404 -10.02 -43.67 -12.84
N SER C 405 -9.74 -43.70 -14.15
CA SER C 405 -10.80 -43.52 -15.13
C SER C 405 -11.86 -44.62 -15.01
N VAL C 406 -11.41 -45.86 -14.84
CA VAL C 406 -12.36 -46.97 -14.72
C VAL C 406 -13.23 -46.80 -13.49
N LEU C 407 -12.61 -46.46 -12.35
CA LEU C 407 -13.37 -46.28 -11.13
C LEU C 407 -14.38 -45.15 -11.26
N TYR C 408 -13.97 -44.03 -11.87
CA TYR C 408 -14.89 -42.92 -12.04
C TYR C 408 -16.03 -43.28 -12.99
N ASN C 409 -15.73 -44.02 -14.05
CA ASN C 409 -16.77 -44.40 -15.00
C ASN C 409 -17.75 -45.39 -14.39
N SER C 410 -17.30 -46.23 -13.47
CA SER C 410 -18.20 -47.18 -12.82
C SER C 410 -19.35 -46.44 -12.17
N ALA C 411 -20.57 -46.94 -12.40
CA ALA C 411 -21.78 -46.31 -11.88
C ALA C 411 -22.20 -46.88 -10.53
N SER C 412 -21.45 -47.83 -9.98
CA SER C 412 -21.82 -48.43 -8.70
C SER C 412 -21.61 -47.49 -7.52
N PHE C 413 -20.97 -46.34 -7.73
CA PHE C 413 -20.62 -45.43 -6.65
C PHE C 413 -21.64 -44.30 -6.58
N SER C 414 -22.38 -44.24 -5.48
CA SER C 414 -23.33 -43.16 -5.29
C SER C 414 -22.63 -41.85 -4.95
N THR C 415 -21.61 -41.91 -4.10
CA THR C 415 -20.86 -40.73 -3.67
C THR C 415 -19.42 -40.85 -4.14
N PHE C 416 -18.95 -39.81 -4.84
CA PHE C 416 -17.58 -39.77 -5.35
C PHE C 416 -17.14 -38.31 -5.31
N LYS C 417 -16.46 -37.92 -4.23
CA LYS C 417 -16.12 -36.53 -3.97
C LYS C 417 -14.63 -36.38 -3.78
N CYS C 418 -14.00 -35.51 -4.57
CA CYS C 418 -12.58 -35.23 -4.44
C CYS C 418 -12.38 -33.79 -4.00
N TYR C 419 -11.41 -33.58 -3.10
CA TYR C 419 -11.23 -32.29 -2.43
C TYR C 419 -9.98 -31.58 -2.89
N GLY C 420 -8.81 -32.21 -2.78
CA GLY C 420 -7.58 -31.58 -3.21
C GLY C 420 -7.32 -31.68 -4.70
N VAL C 421 -8.09 -32.49 -5.41
CA VAL C 421 -7.93 -32.70 -6.85
C VAL C 421 -9.32 -32.82 -7.47
N SER C 422 -9.34 -33.04 -8.78
CA SER C 422 -10.57 -33.27 -9.51
C SER C 422 -10.52 -34.65 -10.16
N PRO C 423 -11.60 -35.44 -10.07
CA PRO C 423 -11.55 -36.81 -10.61
C PRO C 423 -11.18 -36.86 -12.07
N THR C 424 -11.64 -35.90 -12.87
CA THR C 424 -11.31 -35.90 -14.29
C THR C 424 -9.82 -35.75 -14.51
N LYS C 425 -9.17 -34.84 -13.78
CA LYS C 425 -7.74 -34.66 -13.88
C LYS C 425 -6.95 -35.74 -13.16
N LEU C 426 -7.62 -36.57 -12.36
CA LEU C 426 -6.91 -37.55 -11.54
C LEU C 426 -6.06 -38.48 -12.38
N ASN C 427 -6.43 -38.69 -13.64
CA ASN C 427 -5.70 -39.63 -14.49
C ASN C 427 -4.35 -39.10 -14.92
N ASP C 428 -4.05 -37.82 -14.70
CA ASP C 428 -2.81 -37.20 -15.16
C ASP C 428 -2.00 -36.64 -14.01
N LEU C 429 -1.87 -37.40 -12.93
CA LEU C 429 -1.11 -36.99 -11.77
C LEU C 429 -0.27 -38.15 -11.26
N CYS C 430 0.85 -37.82 -10.63
CA CYS C 430 1.74 -38.79 -10.02
C CYS C 430 1.85 -38.49 -8.53
N PHE C 431 1.64 -39.52 -7.71
CA PHE C 431 1.62 -39.42 -6.26
C PHE C 431 2.76 -40.25 -5.68
N THR C 432 3.30 -39.78 -4.56
CA THR C 432 4.38 -40.50 -3.88
C THR C 432 3.90 -41.85 -3.36
N ASN C 433 2.69 -41.89 -2.82
CA ASN C 433 2.10 -43.12 -2.27
C ASN C 433 0.63 -42.83 -2.01
N VAL C 434 -0.21 -43.85 -2.10
CA VAL C 434 -1.63 -43.70 -1.90
C VAL C 434 -2.09 -44.61 -0.77
N TYR C 435 -3.00 -44.11 0.07
CA TYR C 435 -3.57 -44.86 1.16
C TYR C 435 -5.04 -45.08 0.90
N ALA C 436 -5.50 -46.31 1.14
CA ALA C 436 -6.91 -46.66 0.98
C ALA C 436 -7.46 -47.10 2.32
N ASP C 437 -8.43 -46.34 2.84
CA ASP C 437 -9.05 -46.64 4.12
C ASP C 437 -10.45 -47.17 3.88
N SER C 438 -10.71 -48.40 4.30
CA SER C 438 -11.96 -49.09 4.04
C SER C 438 -12.70 -49.35 5.33
N PHE C 439 -14.02 -49.16 5.29
CA PHE C 439 -14.90 -49.48 6.40
C PHE C 439 -16.35 -49.32 5.93
N VAL C 440 -17.29 -49.56 6.85
CA VAL C 440 -18.72 -49.40 6.57
C VAL C 440 -19.31 -48.54 7.69
N ILE C 441 -20.17 -47.59 7.31
CA ILE C 441 -20.81 -46.72 8.29
C ILE C 441 -22.27 -46.50 7.94
N ARG C 442 -22.94 -45.69 8.75
CA ARG C 442 -24.34 -45.37 8.54
C ARG C 442 -24.52 -44.65 7.21
N GLY C 443 -25.63 -44.95 6.53
CA GLY C 443 -25.89 -44.32 5.26
C GLY C 443 -26.04 -42.82 5.35
N ASP C 444 -26.70 -42.34 6.41
CA ASP C 444 -26.94 -40.91 6.58
C ASP C 444 -25.72 -40.17 7.12
N GLU C 445 -24.72 -40.88 7.65
CA GLU C 445 -23.52 -40.26 8.20
C GLU C 445 -22.39 -40.18 7.19
N VAL C 446 -22.62 -40.60 5.95
CA VAL C 446 -21.55 -40.56 4.95
C VAL C 446 -21.02 -39.14 4.79
N ARG C 447 -21.91 -38.16 4.68
CA ARG C 447 -21.48 -36.76 4.57
C ARG C 447 -20.62 -36.34 5.75
N GLN C 448 -20.86 -36.92 6.93
CA GLN C 448 -20.08 -36.57 8.11
C GLN C 448 -18.60 -36.85 7.91
N ILE C 449 -18.25 -37.69 6.93
CA ILE C 449 -16.85 -38.02 6.70
C ILE C 449 -16.10 -36.94 5.95
N ALA C 450 -16.76 -35.85 5.55
CA ALA C 450 -16.07 -34.82 4.80
C ALA C 450 -15.00 -34.15 5.67
N PRO C 451 -13.94 -33.62 5.05
CA PRO C 451 -12.87 -33.01 5.85
C PRO C 451 -13.36 -31.79 6.62
N GLY C 452 -12.79 -31.60 7.80
CA GLY C 452 -13.14 -30.45 8.62
C GLY C 452 -14.61 -30.42 9.00
N GLN C 453 -15.19 -31.59 9.31
CA GLN C 453 -16.57 -31.70 9.70
C GLN C 453 -16.67 -31.99 11.19
N THR C 454 -17.90 -31.95 11.69
CA THR C 454 -18.19 -32.24 13.09
C THR C 454 -19.27 -33.31 13.17
N GLY C 455 -19.16 -34.15 14.17
CA GLY C 455 -20.10 -35.24 14.36
C GLY C 455 -19.49 -36.34 15.18
N LYS C 456 -20.34 -37.31 15.53
CA LYS C 456 -19.87 -38.42 16.35
C LYS C 456 -18.78 -39.21 15.65
N ILE C 457 -19.04 -39.63 14.41
CA ILE C 457 -18.06 -40.45 13.69
C ILE C 457 -16.76 -39.70 13.53
N ALA C 458 -16.83 -38.47 13.00
CA ALA C 458 -15.63 -37.70 12.72
C ALA C 458 -14.85 -37.40 13.99
N ASP C 459 -15.55 -37.08 15.08
CA ASP C 459 -14.90 -36.70 16.31
C ASP C 459 -14.32 -37.89 17.07
N TYR C 460 -14.85 -39.09 16.87
CA TYR C 460 -14.47 -40.24 17.69
C TYR C 460 -13.66 -41.29 16.95
N ASN C 461 -14.14 -41.80 15.81
CA ASN C 461 -13.55 -43.01 15.25
C ASN C 461 -12.78 -42.79 13.95
N TYR C 462 -13.05 -41.72 13.21
CA TYR C 462 -12.30 -41.48 11.97
C TYR C 462 -12.36 -40.00 11.64
N LYS C 463 -11.25 -39.30 11.82
CA LYS C 463 -11.16 -37.87 11.59
C LYS C 463 -10.24 -37.60 10.41
N LEU C 464 -10.70 -36.76 9.46
CA LEU C 464 -9.88 -36.36 8.33
C LEU C 464 -9.27 -34.99 8.58
N PRO C 465 -8.08 -34.74 8.05
CA PRO C 465 -7.46 -33.42 8.25
C PRO C 465 -8.21 -32.33 7.48
N ASP C 466 -8.04 -31.10 7.96
CA ASP C 466 -8.70 -29.97 7.31
C ASP C 466 -8.22 -29.80 5.88
N ASP C 467 -6.93 -30.01 5.64
CA ASP C 467 -6.33 -29.88 4.31
C ASP C 467 -6.22 -31.23 3.60
N PHE C 468 -7.18 -32.12 3.83
CA PHE C 468 -7.13 -33.44 3.21
C PHE C 468 -7.11 -33.31 1.69
N THR C 469 -6.22 -34.08 1.06
CA THR C 469 -6.06 -34.09 -0.39
C THR C 469 -6.32 -35.51 -0.88
N GLY C 470 -7.48 -35.73 -1.48
CA GLY C 470 -7.82 -37.05 -1.96
C GLY C 470 -9.29 -37.12 -2.32
N CYS C 471 -9.73 -38.35 -2.55
CA CYS C 471 -11.12 -38.61 -2.92
C CYS C 471 -11.77 -39.52 -1.89
N VAL C 472 -13.09 -39.38 -1.77
CA VAL C 472 -13.90 -40.19 -0.88
C VAL C 472 -14.96 -40.86 -1.75
N ILE C 473 -15.03 -42.18 -1.69
CA ILE C 473 -15.97 -42.97 -2.47
C ILE C 473 -16.84 -43.75 -1.50
N ALA C 474 -18.15 -43.68 -1.70
CA ALA C 474 -19.07 -44.38 -0.81
C ALA C 474 -20.26 -44.87 -1.62
N TRP C 475 -20.76 -46.05 -1.26
CA TRP C 475 -21.93 -46.57 -1.95
C TRP C 475 -22.68 -47.53 -1.05
N ASN C 476 -23.99 -47.57 -1.23
CA ASN C 476 -24.84 -48.44 -0.43
C ASN C 476 -24.47 -49.89 -0.65
N SER C 477 -24.37 -50.63 0.44
CA SER C 477 -24.11 -52.07 0.41
C SER C 477 -25.13 -52.79 1.28
N ASN C 478 -26.39 -52.38 1.17
CA ASN C 478 -27.43 -52.97 2.01
C ASN C 478 -27.57 -54.46 1.75
N ASN C 479 -27.74 -54.85 0.48
CA ASN C 479 -28.00 -56.24 0.15
C ASN C 479 -26.79 -57.13 0.40
N LEU C 480 -25.60 -56.56 0.57
CA LEU C 480 -24.39 -57.35 0.79
C LEU C 480 -23.95 -57.37 2.25
N ASP C 481 -24.30 -56.35 3.03
CA ASP C 481 -23.89 -56.25 4.43
C ASP C 481 -25.05 -56.50 5.39
N SER C 482 -26.18 -55.80 5.21
CA SER C 482 -27.30 -55.98 6.11
C SER C 482 -27.83 -57.40 6.03
N LYS C 483 -28.10 -57.99 7.18
CA LYS C 483 -28.64 -59.34 7.26
C LYS C 483 -30.12 -59.29 7.60
N VAL C 484 -30.86 -60.29 7.11
CA VAL C 484 -32.31 -60.33 7.36
C VAL C 484 -32.59 -60.37 8.86
N GLY C 485 -31.78 -61.12 9.60
CA GLY C 485 -31.92 -61.19 11.04
C GLY C 485 -31.26 -60.05 11.80
N GLY C 486 -30.59 -59.14 11.10
CA GLY C 486 -29.95 -58.01 11.74
C GLY C 486 -28.45 -58.21 11.90
N ASN C 487 -27.66 -57.58 11.03
CA ASN C 487 -26.21 -57.67 11.08
C ASN C 487 -25.70 -56.63 12.07
N TYR C 488 -25.37 -57.07 13.27
CA TYR C 488 -24.86 -56.20 14.33
C TYR C 488 -23.35 -56.31 14.49
N ASN C 489 -22.66 -56.98 13.56
CA ASN C 489 -21.22 -57.16 13.68
C ASN C 489 -20.46 -55.85 13.53
N TYR C 490 -21.07 -54.84 12.93
CA TYR C 490 -20.42 -53.54 12.78
C TYR C 490 -20.51 -52.77 14.10
N LEU C 491 -19.36 -52.40 14.65
CA LEU C 491 -19.27 -51.69 15.91
C LEU C 491 -18.68 -50.30 15.69
N TYR C 492 -19.06 -49.35 16.54
CA TYR C 492 -18.50 -48.02 16.48
C TYR C 492 -18.34 -47.45 17.88
N ARG C 493 -17.31 -46.62 18.05
CA ARG C 493 -17.04 -45.98 19.32
C ARG C 493 -18.02 -44.86 19.58
N LEU C 494 -18.44 -44.71 20.83
CA LEU C 494 -19.39 -43.68 21.23
C LEU C 494 -18.82 -42.65 22.18
N PHE C 495 -17.95 -43.07 23.11
CA PHE C 495 -17.38 -42.18 24.10
C PHE C 495 -15.86 -42.15 23.94
N ARG C 496 -15.29 -40.95 24.07
CA ARG C 496 -13.85 -40.78 24.06
C ARG C 496 -13.48 -39.64 24.99
N LYS C 497 -12.25 -39.68 25.51
CA LYS C 497 -11.79 -38.62 26.39
C LYS C 497 -11.74 -37.29 25.64
N SER C 498 -11.27 -37.30 24.39
CA SER C 498 -11.20 -36.10 23.58
C SER C 498 -11.23 -36.51 22.11
N ASN C 499 -11.50 -35.53 21.25
CA ASN C 499 -11.55 -35.80 19.82
C ASN C 499 -10.22 -36.33 19.33
N LEU C 500 -10.26 -37.40 18.55
CA LEU C 500 -9.04 -37.99 18.03
C LEU C 500 -8.45 -37.13 16.92
N LYS C 501 -7.12 -37.07 16.87
CA LYS C 501 -6.45 -36.30 15.84
C LYS C 501 -6.63 -36.97 14.48
N PRO C 502 -6.45 -36.22 13.39
CA PRO C 502 -6.68 -36.78 12.06
C PRO C 502 -5.83 -38.02 11.83
N PHE C 503 -6.42 -39.00 11.14
CA PHE C 503 -5.74 -40.25 10.80
C PHE C 503 -5.19 -40.92 12.07
N GLU C 504 -6.09 -41.16 13.02
CA GLU C 504 -5.78 -41.87 14.25
C GLU C 504 -6.75 -43.03 14.41
N ARG C 505 -6.23 -44.17 14.85
CA ARG C 505 -7.03 -45.37 15.09
C ARG C 505 -7.11 -45.61 16.59
N ASP C 506 -8.34 -45.79 17.08
CA ASP C 506 -8.59 -46.05 18.49
C ASP C 506 -9.33 -47.38 18.61
N ILE C 507 -8.69 -48.36 19.25
CA ILE C 507 -9.26 -49.67 19.46
C ILE C 507 -9.37 -50.01 20.94
N SER C 508 -9.11 -49.05 21.82
CA SER C 508 -9.21 -49.30 23.25
C SER C 508 -10.64 -49.69 23.62
N THR C 509 -10.77 -50.70 24.49
CA THR C 509 -12.05 -51.23 24.89
C THR C 509 -12.37 -50.96 26.36
N GLU C 510 -11.57 -50.15 27.04
CA GLU C 510 -11.83 -49.86 28.44
C GLU C 510 -13.14 -49.10 28.58
N ILE C 511 -13.90 -49.44 29.64
CA ILE C 511 -15.19 -48.81 29.84
C ILE C 511 -15.01 -47.33 30.13
N TYR C 512 -16.01 -46.54 29.72
CA TYR C 512 -15.96 -45.10 29.85
C TYR C 512 -16.82 -44.62 31.00
N GLN C 513 -16.34 -43.58 31.68
CA GLN C 513 -17.05 -42.95 32.79
C GLN C 513 -17.50 -41.56 32.37
N ALA C 514 -18.79 -41.30 32.49
CA ALA C 514 -19.37 -40.01 32.12
C ALA C 514 -19.44 -39.03 33.30
N GLY C 515 -19.09 -39.47 34.50
CA GLY C 515 -19.18 -38.65 35.69
C GLY C 515 -17.85 -38.52 36.41
N SER C 516 -17.88 -37.78 37.52
CA SER C 516 -16.69 -37.58 38.33
C SER C 516 -16.35 -38.80 39.19
N THR C 517 -17.32 -39.67 39.44
CA THR C 517 -17.05 -40.84 40.27
C THR C 517 -16.08 -41.77 39.55
N PRO C 518 -15.17 -42.42 40.29
CA PRO C 518 -14.26 -43.37 39.65
C PRO C 518 -15.02 -44.59 39.12
N CYS C 519 -14.49 -45.15 38.03
CA CYS C 519 -15.03 -46.36 37.41
C CYS C 519 -13.96 -47.43 37.50
N ASN C 520 -13.93 -48.14 38.63
CA ASN C 520 -12.96 -49.20 38.86
C ASN C 520 -13.49 -50.51 38.32
N GLY C 521 -12.55 -51.44 38.07
CA GLY C 521 -12.94 -52.73 37.54
C GLY C 521 -13.50 -52.62 36.14
N VAL C 522 -14.40 -53.56 35.80
CA VAL C 522 -15.00 -53.60 34.47
C VAL C 522 -16.32 -52.84 34.40
N GLU C 523 -16.89 -52.43 35.53
CA GLU C 523 -18.17 -51.75 35.54
C GLU C 523 -18.24 -50.82 36.74
N GLY C 524 -19.23 -49.94 36.72
CA GLY C 524 -19.43 -49.00 37.81
C GLY C 524 -20.65 -48.15 37.56
N PHE C 525 -20.82 -47.14 38.40
CA PHE C 525 -21.97 -46.26 38.29
C PHE C 525 -21.88 -45.44 37.01
N ASN C 526 -22.89 -45.58 36.15
CA ASN C 526 -22.94 -44.86 34.88
C ASN C 526 -21.66 -45.09 34.07
N CYS C 527 -21.18 -46.34 34.08
CA CYS C 527 -20.04 -46.75 33.27
C CYS C 527 -20.58 -47.40 32.01
N TYR C 528 -20.24 -46.82 30.86
CA TYR C 528 -20.79 -47.24 29.57
C TYR C 528 -19.69 -47.79 28.68
N PHE C 529 -19.98 -48.90 28.02
CA PHE C 529 -19.04 -49.49 27.09
C PHE C 529 -18.88 -48.56 25.88
N PRO C 530 -17.65 -48.24 25.47
CA PRO C 530 -17.48 -47.27 24.38
C PRO C 530 -18.01 -47.74 23.04
N LEU C 531 -18.21 -49.05 22.84
CA LEU C 531 -18.56 -49.60 21.55
C LEU C 531 -20.05 -49.95 21.51
N GLN C 532 -20.72 -49.51 20.44
CA GLN C 532 -22.11 -49.83 20.21
C GLN C 532 -22.27 -50.44 18.82
N SER C 533 -23.13 -51.45 18.74
CA SER C 533 -23.37 -52.17 17.49
C SER C 533 -24.25 -51.33 16.57
N TYR C 534 -24.32 -51.77 15.31
CA TYR C 534 -25.08 -51.09 14.27
C TYR C 534 -26.33 -51.89 13.95
N GLY C 535 -27.47 -51.22 13.96
CA GLY C 535 -28.73 -51.87 13.64
C GLY C 535 -29.02 -51.87 12.15
N PHE C 536 -28.27 -52.67 11.40
CA PHE C 536 -28.44 -52.76 9.95
C PHE C 536 -29.44 -53.87 9.65
N GLN C 537 -30.61 -53.49 9.13
CA GLN C 537 -31.64 -54.42 8.72
C GLN C 537 -32.14 -54.06 7.34
N PRO C 538 -32.49 -55.05 6.50
CA PRO C 538 -33.00 -54.72 5.17
C PRO C 538 -34.25 -53.86 5.21
N THR C 539 -35.09 -54.02 6.23
CA THR C 539 -36.29 -53.19 6.35
C THR C 539 -35.96 -51.74 6.62
N ASN C 540 -34.77 -51.45 7.13
CA ASN C 540 -34.37 -50.07 7.37
C ASN C 540 -34.34 -49.29 6.05
N GLY C 541 -34.84 -48.05 6.10
CA GLY C 541 -34.90 -47.22 4.93
C GLY C 541 -33.55 -46.58 4.60
N VAL C 542 -33.56 -45.79 3.54
CA VAL C 542 -32.34 -45.10 3.13
C VAL C 542 -31.88 -44.19 4.25
N GLY C 543 -30.56 -44.12 4.45
CA GLY C 543 -29.96 -43.37 5.52
C GLY C 543 -29.54 -44.20 6.72
N TYR C 544 -30.05 -45.42 6.83
CA TYR C 544 -29.64 -46.34 7.89
C TYR C 544 -29.04 -47.64 7.36
N GLN C 545 -29.16 -47.91 6.07
CA GLN C 545 -28.55 -49.10 5.52
C GLN C 545 -27.03 -48.98 5.58
N PRO C 546 -26.31 -50.10 5.68
CA PRO C 546 -24.86 -50.02 5.69
C PRO C 546 -24.34 -49.39 4.41
N TYR C 547 -23.30 -48.58 4.53
CA TYR C 547 -22.69 -47.92 3.38
C TYR C 547 -21.21 -48.24 3.39
N ARG C 548 -20.74 -48.89 2.33
CA ARG C 548 -19.32 -49.21 2.17
C ARG C 548 -18.59 -47.95 1.73
N VAL C 549 -17.61 -47.52 2.53
CA VAL C 549 -16.88 -46.28 2.32
C VAL C 549 -15.39 -46.61 2.20
N VAL C 550 -14.78 -46.11 1.13
CA VAL C 550 -13.34 -46.19 0.92
C VAL C 550 -12.83 -44.78 0.67
N VAL C 551 -11.78 -44.40 1.39
CA VAL C 551 -11.17 -43.08 1.29
C VAL C 551 -9.79 -43.23 0.70
N LEU C 552 -9.56 -42.58 -0.44
CA LEU C 552 -8.27 -42.57 -1.12
C LEU C 552 -7.56 -41.28 -0.73
N SER C 553 -6.55 -41.37 0.12
CA SER C 553 -5.79 -40.22 0.58
C SER C 553 -4.38 -40.31 0.03
N PHE C 554 -3.94 -39.26 -0.65
CA PHE C 554 -2.60 -39.22 -1.21
C PHE C 554 -2.05 -37.81 -1.11
N GLU C 555 -0.74 -37.72 -0.99
CA GLU C 555 -0.03 -36.46 -0.83
C GLU C 555 0.98 -36.30 -1.95
N LEU C 556 1.32 -35.05 -2.24
CA LEU C 556 2.07 -34.70 -3.43
C LEU C 556 3.28 -33.83 -3.08
N LEU C 557 4.33 -33.96 -3.90
CA LEU C 557 5.47 -33.05 -3.88
C LEU C 557 6.22 -33.13 -2.55
N HIS C 558 6.62 -34.35 -2.17
CA HIS C 558 7.52 -34.53 -1.04
C HIS C 558 8.57 -35.61 -1.28
N ALA C 559 8.54 -36.28 -2.42
CA ALA C 559 9.41 -37.43 -2.66
C ALA C 559 9.27 -37.88 -4.11
N PRO C 560 10.16 -38.74 -4.61
CA PRO C 560 9.99 -39.26 -5.97
C PRO C 560 8.66 -39.98 -6.13
N ALA C 561 8.04 -39.78 -7.28
CA ALA C 561 6.74 -40.39 -7.55
C ALA C 561 6.87 -41.91 -7.66
N THR C 562 5.83 -42.61 -7.20
CA THR C 562 5.80 -44.06 -7.24
C THR C 562 4.50 -44.55 -7.89
N VAL C 563 3.43 -43.79 -7.72
CA VAL C 563 2.14 -44.08 -8.33
C VAL C 563 1.91 -43.07 -9.44
N CYS C 564 1.55 -43.53 -10.63
CA CYS C 564 1.32 -42.64 -11.75
C CYS C 564 0.11 -43.10 -12.54
N GLY C 565 -0.50 -42.16 -13.25
CA GLY C 565 -1.67 -42.43 -14.04
C GLY C 565 -1.33 -43.15 -15.33
N PRO C 566 -2.36 -43.49 -16.09
CA PRO C 566 -2.17 -44.23 -17.35
C PRO C 566 -1.86 -43.32 -18.52
N LYS C 567 -0.73 -42.62 -18.44
CA LYS C 567 -0.28 -41.72 -19.48
C LYS C 567 0.86 -42.37 -20.25
N LYS C 568 0.74 -42.39 -21.58
CA LYS C 568 1.72 -43.02 -22.45
C LYS C 568 2.92 -42.07 -22.60
N SER C 569 4.07 -42.48 -22.07
CA SER C 569 5.26 -41.65 -22.17
C SER C 569 5.69 -41.50 -23.62
N THR C 570 6.09 -40.29 -23.99
CA THR C 570 6.54 -39.98 -25.34
C THR C 570 8.06 -39.92 -25.37
N ASN C 571 8.61 -39.54 -26.53
CA ASN C 571 10.05 -39.43 -26.69
C ASN C 571 10.56 -38.14 -26.03
N LEU C 572 11.87 -38.06 -25.89
CA LEU C 572 12.54 -36.93 -25.25
C LEU C 572 13.34 -36.17 -26.29
N VAL C 573 13.10 -34.86 -26.37
CA VAL C 573 13.81 -33.97 -27.29
C VAL C 573 14.28 -32.76 -26.51
N LYS C 574 15.52 -32.35 -26.76
CA LYS C 574 16.15 -31.26 -26.03
C LYS C 574 16.55 -30.14 -26.99
N ASN C 575 16.99 -29.03 -26.42
CA ASN C 575 17.42 -27.86 -27.17
C ASN C 575 16.29 -27.22 -27.97
N LYS C 576 15.04 -27.45 -27.56
CA LYS C 576 13.89 -26.88 -28.23
C LYS C 576 12.87 -26.43 -27.19
N CYS C 577 12.05 -25.46 -27.58
CA CYS C 577 10.97 -24.97 -26.72
C CYS C 577 9.87 -26.01 -26.67
N VAL C 578 9.70 -26.67 -25.51
CA VAL C 578 8.80 -27.80 -25.37
C VAL C 578 8.03 -27.68 -24.06
N ASN C 579 6.93 -28.41 -23.97
CA ASN C 579 6.10 -28.48 -22.76
C ASN C 579 6.44 -29.78 -22.04
N PHE C 580 7.48 -29.73 -21.21
CA PHE C 580 7.92 -30.92 -20.51
C PHE C 580 6.93 -31.32 -19.41
N ASN C 581 6.91 -32.61 -19.08
CA ASN C 581 6.07 -33.11 -18.00
C ASN C 581 6.80 -34.33 -17.41
N PHE C 582 7.56 -34.11 -16.34
CA PHE C 582 8.33 -35.15 -15.68
C PHE C 582 7.63 -35.55 -14.39
N ASN C 583 7.06 -36.75 -14.37
CA ASN C 583 6.40 -37.26 -13.17
C ASN C 583 5.28 -36.34 -12.71
N GLY C 584 4.59 -35.71 -13.66
CA GLY C 584 3.54 -34.77 -13.34
C GLY C 584 4.01 -33.37 -13.03
N LEU C 585 5.33 -33.12 -13.03
CA LEU C 585 5.88 -31.78 -12.83
C LEU C 585 5.80 -31.05 -14.16
N THR C 586 4.59 -30.54 -14.45
CA THR C 586 4.35 -29.90 -15.73
C THR C 586 5.08 -28.55 -15.80
N GLY C 587 5.34 -28.12 -17.03
CA GLY C 587 6.01 -26.86 -17.27
C GLY C 587 6.45 -26.76 -18.70
N THR C 588 6.97 -25.59 -19.04
CA THR C 588 7.43 -25.28 -20.38
C THR C 588 8.84 -24.72 -20.31
N GLY C 589 9.69 -25.14 -21.25
CA GLY C 589 11.04 -24.62 -21.31
C GLY C 589 11.87 -25.36 -22.34
N VAL C 590 13.18 -25.14 -22.24
CA VAL C 590 14.17 -25.78 -23.10
C VAL C 590 14.94 -26.74 -22.21
N LEU C 591 14.93 -28.01 -22.60
CA LEU C 591 15.68 -29.05 -21.91
C LEU C 591 17.10 -29.09 -22.43
N THR C 592 18.05 -29.42 -21.55
CA THR C 592 19.44 -29.56 -21.98
C THR C 592 20.14 -30.57 -21.09
N GLU C 593 21.03 -31.38 -21.65
CA GLU C 593 21.82 -32.26 -20.81
C GLU C 593 22.71 -31.42 -19.90
N SER C 594 22.84 -31.83 -18.64
CA SER C 594 23.46 -31.02 -17.60
C SER C 594 24.68 -31.72 -17.02
N ASN C 595 25.60 -30.91 -16.49
CA ASN C 595 26.76 -31.40 -15.79
C ASN C 595 26.60 -31.37 -14.28
N LYS C 596 25.39 -31.08 -13.79
CA LYS C 596 25.15 -31.07 -12.35
C LYS C 596 25.52 -32.41 -11.74
N LYS C 597 26.25 -32.36 -10.63
CA LYS C 597 26.68 -33.58 -9.94
C LYS C 597 25.59 -34.06 -8.98
N PHE C 598 24.45 -34.41 -9.55
CA PHE C 598 23.36 -34.97 -8.76
C PHE C 598 23.83 -36.22 -8.03
N LEU C 599 23.53 -36.29 -6.74
CA LEU C 599 23.82 -37.50 -5.98
C LEU C 599 22.78 -38.57 -6.32
N PRO C 600 23.11 -39.84 -6.08
CA PRO C 600 22.17 -40.90 -6.47
C PRO C 600 20.79 -40.75 -5.89
N PHE C 601 20.67 -40.23 -4.67
CA PHE C 601 19.36 -40.11 -4.03
C PHE C 601 18.60 -38.88 -4.49
N GLN C 602 19.31 -37.83 -4.92
CA GLN C 602 18.64 -36.60 -5.34
C GLN C 602 17.92 -36.82 -6.68
N GLN C 603 16.80 -36.13 -6.84
CA GLN C 603 15.99 -36.25 -8.06
C GLN C 603 15.69 -34.91 -8.72
N PHE C 604 15.40 -33.87 -7.95
CA PHE C 604 15.06 -32.56 -8.50
C PHE C 604 16.24 -31.62 -8.30
N GLY C 605 16.12 -30.42 -8.85
CA GLY C 605 17.13 -29.39 -8.66
C GLY C 605 16.53 -28.00 -8.60
N ARG C 606 17.01 -27.18 -7.66
CA ARG C 606 16.44 -25.85 -7.46
C ARG C 606 17.54 -24.81 -7.41
N ASP C 607 17.21 -23.61 -7.88
CA ASP C 607 18.14 -22.50 -7.97
C ASP C 607 18.07 -21.64 -6.70
N ILE C 608 18.70 -20.47 -6.74
CA ILE C 608 18.68 -19.58 -5.59
C ILE C 608 17.25 -19.09 -5.34
N ALA C 609 16.51 -18.80 -6.40
CA ALA C 609 15.12 -18.36 -6.28
C ALA C 609 14.21 -19.49 -5.83
N ASP C 610 14.71 -20.73 -5.75
CA ASP C 610 13.91 -21.87 -5.34
C ASP C 610 12.81 -22.16 -6.34
N THR C 611 13.18 -22.34 -7.60
CA THR C 611 12.27 -22.80 -8.64
C THR C 611 12.92 -23.95 -9.39
N THR C 612 12.11 -24.95 -9.75
CA THR C 612 12.62 -26.13 -10.43
C THR C 612 13.42 -25.74 -11.67
N ASP C 613 14.69 -26.10 -11.70
CA ASP C 613 15.55 -25.78 -12.83
C ASP C 613 16.39 -26.97 -13.29
N ALA C 614 16.18 -28.15 -12.71
CA ALA C 614 16.91 -29.33 -13.14
C ALA C 614 16.20 -30.59 -12.66
N VAL C 615 15.98 -31.55 -13.56
CA VAL C 615 15.24 -32.76 -13.23
C VAL C 615 15.98 -33.99 -13.76
N ARG C 616 15.62 -35.13 -13.20
CA ARG C 616 16.18 -36.42 -13.62
C ARG C 616 15.12 -37.19 -14.38
N ASP C 617 15.43 -37.59 -15.60
CA ASP C 617 14.44 -38.25 -16.44
C ASP C 617 14.01 -39.56 -15.80
N PRO C 618 12.71 -39.77 -15.58
CA PRO C 618 12.30 -41.01 -14.89
C PRO C 618 12.67 -42.28 -15.63
N GLN C 619 12.63 -42.27 -16.97
CA GLN C 619 12.91 -43.48 -17.72
C GLN C 619 14.39 -43.84 -17.65
N THR C 620 15.25 -42.97 -18.18
CA THR C 620 16.70 -43.14 -18.10
C THR C 620 17.26 -42.13 -17.11
N LEU C 621 18.09 -42.61 -16.19
CA LEU C 621 18.60 -41.77 -15.10
C LEU C 621 19.65 -40.82 -15.64
N GLU C 622 19.20 -39.69 -16.17
CA GLU C 622 20.08 -38.62 -16.61
C GLU C 622 19.53 -37.29 -16.14
N ILE C 623 20.42 -36.32 -15.98
CA ILE C 623 20.08 -35.01 -15.41
C ILE C 623 19.95 -34.00 -16.55
N LEU C 624 18.87 -33.24 -16.54
CA LEU C 624 18.59 -32.22 -17.54
C LEU C 624 18.35 -30.88 -16.87
N ASP C 625 19.08 -29.88 -17.34
CA ASP C 625 18.79 -28.49 -17.09
C ASP C 625 17.48 -28.07 -17.74
N ILE C 626 16.80 -27.15 -17.06
CA ILE C 626 15.54 -26.56 -17.50
C ILE C 626 15.78 -25.07 -17.67
N THR C 627 15.38 -24.51 -18.81
CA THR C 627 15.58 -23.09 -19.08
C THR C 627 14.41 -22.60 -19.90
N PRO C 628 13.42 -21.94 -19.28
CA PRO C 628 12.26 -21.49 -20.06
C PRO C 628 12.68 -20.60 -21.22
N CYS C 629 11.96 -20.78 -22.33
CA CYS C 629 12.41 -20.27 -23.62
C CYS C 629 12.65 -18.78 -23.57
N SER C 630 13.49 -18.30 -24.49
CA SER C 630 13.91 -16.91 -24.48
C SER C 630 12.72 -15.98 -24.59
N PHE C 631 12.75 -14.90 -23.82
CA PHE C 631 11.71 -13.89 -23.85
C PHE C 631 12.35 -12.54 -23.52
N GLY C 632 11.66 -11.48 -23.87
CA GLY C 632 12.16 -10.14 -23.60
C GLY C 632 11.14 -9.11 -24.01
N GLY C 633 11.47 -7.86 -23.69
CA GLY C 633 10.59 -6.76 -24.02
C GLY C 633 10.75 -6.30 -25.46
N VAL C 634 9.68 -5.72 -25.98
CA VAL C 634 9.64 -5.18 -27.34
C VAL C 634 9.40 -3.68 -27.21
N SER C 635 10.26 -2.88 -27.82
CA SER C 635 10.14 -1.43 -27.79
C SER C 635 10.14 -0.90 -29.22
N VAL C 636 9.25 0.04 -29.50
CA VAL C 636 9.09 0.59 -30.84
C VAL C 636 9.67 2.00 -30.86
N ILE C 637 10.52 2.27 -31.83
CA ILE C 637 11.19 3.55 -32.02
C ILE C 637 10.53 4.22 -33.21
N THR C 638 9.89 5.37 -32.97
CA THR C 638 9.18 6.07 -34.03
C THR C 638 9.54 7.55 -34.01
N PRO C 639 9.70 8.17 -35.18
CA PRO C 639 10.04 9.60 -35.23
C PRO C 639 8.87 10.58 -35.25
N GLY C 640 7.65 10.13 -34.96
CA GLY C 640 6.50 11.01 -34.95
C GLY C 640 5.52 10.67 -36.08
N THR C 641 4.27 11.11 -35.91
CA THR C 641 3.22 10.64 -36.81
C THR C 641 3.27 11.31 -38.18
N ASN C 642 3.51 12.63 -38.26
CA ASN C 642 3.93 13.10 -39.57
C ASN C 642 5.19 12.38 -40.02
N THR C 643 6.28 12.62 -39.29
CA THR C 643 7.59 12.58 -39.91
C THR C 643 7.75 11.34 -40.76
N SER C 644 7.12 10.25 -40.34
CA SER C 644 7.04 9.06 -41.17
C SER C 644 6.21 8.03 -40.40
N ASN C 645 5.67 7.06 -41.16
CA ASN C 645 5.05 5.90 -40.56
C ASN C 645 6.04 4.77 -40.38
N GLN C 646 7.30 4.98 -40.71
CA GLN C 646 8.34 3.98 -40.55
C GLN C 646 8.77 3.91 -39.08
N VAL C 647 9.01 2.70 -38.61
CA VAL C 647 9.37 2.44 -37.22
C VAL C 647 10.45 1.37 -37.17
N ALA C 648 11.15 1.31 -36.04
CA ALA C 648 12.15 0.27 -35.84
C ALA C 648 11.95 -0.35 -34.46
N VAL C 649 11.97 -1.68 -34.38
CA VAL C 649 11.69 -2.36 -33.13
C VAL C 649 12.98 -2.78 -32.46
N LEU C 650 12.90 -2.98 -31.15
CA LEU C 650 14.03 -3.33 -30.31
C LEU C 650 13.58 -4.46 -29.40
N TYR C 651 14.10 -5.66 -29.68
CA TYR C 651 13.90 -6.84 -28.84
C TYR C 651 14.98 -6.78 -27.77
N GLN C 652 14.68 -6.09 -26.68
CA GLN C 652 15.70 -5.82 -25.68
C GLN C 652 16.03 -7.08 -24.88
N GLY C 653 17.32 -7.29 -24.65
CA GLY C 653 17.76 -8.41 -23.84
C GLY C 653 17.84 -9.75 -24.55
N VAL C 654 18.25 -9.77 -25.82
CA VAL C 654 18.24 -10.98 -26.63
C VAL C 654 19.32 -10.87 -27.71
N ASN C 655 19.65 -12.01 -28.31
CA ASN C 655 20.39 -12.08 -29.57
C ASN C 655 19.68 -11.30 -30.67
N CYS C 656 20.30 -11.20 -31.84
CA CYS C 656 19.60 -10.99 -33.09
C CYS C 656 19.43 -12.29 -33.86
N THR C 657 19.59 -13.42 -33.17
CA THR C 657 19.50 -14.75 -33.72
C THR C 657 18.37 -15.56 -33.09
N GLU C 658 17.99 -15.25 -31.85
CA GLU C 658 16.80 -15.86 -31.27
C GLU C 658 15.56 -15.50 -32.06
N VAL C 659 15.46 -14.26 -32.52
CA VAL C 659 14.33 -13.88 -33.36
C VAL C 659 14.32 -14.65 -34.68
N PRO C 660 15.43 -14.72 -35.44
CA PRO C 660 15.42 -15.59 -36.62
C PRO C 660 15.10 -17.04 -36.31
N VAL C 661 15.64 -17.58 -35.21
CA VAL C 661 15.30 -18.95 -34.80
C VAL C 661 13.82 -19.06 -34.48
N ALA C 662 13.19 -17.95 -34.10
CA ALA C 662 11.76 -17.89 -33.82
C ALA C 662 10.98 -17.39 -35.03
N ILE C 663 11.40 -17.79 -36.23
CA ILE C 663 10.71 -17.37 -37.43
C ILE C 663 9.25 -17.84 -37.38
N HIS C 664 8.41 -17.20 -38.18
CA HIS C 664 6.97 -17.42 -38.12
C HIS C 664 6.57 -18.89 -38.26
N ALA C 665 7.51 -19.78 -38.60
CA ALA C 665 7.21 -21.21 -38.64
C ALA C 665 6.56 -21.66 -37.34
N ASP C 666 7.03 -21.13 -36.21
CA ASP C 666 6.44 -21.40 -34.91
C ASP C 666 5.76 -20.14 -34.38
N GLN C 667 4.64 -20.33 -33.69
CA GLN C 667 3.83 -19.20 -33.26
C GLN C 667 4.58 -18.36 -32.23
N LEU C 668 4.42 -17.04 -32.34
CA LEU C 668 4.99 -16.09 -31.40
C LEU C 668 3.93 -15.07 -30.99
N THR C 669 4.17 -14.44 -29.84
CA THR C 669 3.21 -13.45 -29.34
C THR C 669 3.03 -12.28 -30.30
N PRO C 670 4.09 -11.64 -30.82
CA PRO C 670 3.87 -10.58 -31.81
C PRO C 670 3.36 -11.14 -33.13
N THR C 671 2.12 -10.81 -33.48
CA THR C 671 1.53 -11.34 -34.70
C THR C 671 2.32 -10.91 -35.93
N TRP C 672 2.69 -9.64 -35.99
CA TRP C 672 3.46 -9.15 -37.13
C TRP C 672 4.87 -9.75 -37.12
N ARG C 673 5.33 -10.17 -38.29
CA ARG C 673 6.64 -10.80 -38.41
C ARG C 673 7.40 -10.32 -39.64
N VAL C 674 6.98 -9.22 -40.26
CA VAL C 674 7.67 -8.71 -41.45
C VAL C 674 9.09 -8.30 -41.12
N TYR C 675 9.39 -8.01 -39.86
CA TYR C 675 10.72 -7.57 -39.46
C TYR C 675 11.66 -8.73 -39.16
N SER C 676 11.16 -9.96 -39.09
CA SER C 676 12.06 -11.10 -38.91
C SER C 676 13.01 -11.24 -40.08
N THR C 677 12.59 -10.81 -41.28
CA THR C 677 13.48 -10.89 -42.44
C THR C 677 14.74 -10.06 -42.23
N GLY C 678 14.59 -8.84 -41.72
CA GLY C 678 15.74 -8.03 -41.39
C GLY C 678 16.42 -7.39 -42.59
N SER C 679 17.63 -7.84 -42.91
CA SER C 679 18.54 -7.31 -43.91
C SER C 679 19.23 -6.04 -43.40
N ASN C 680 18.83 -5.49 -42.25
CA ASN C 680 19.52 -4.37 -41.63
C ASN C 680 19.62 -4.59 -40.12
N VAL C 681 19.62 -5.85 -39.69
CA VAL C 681 19.60 -6.16 -38.27
C VAL C 681 20.87 -5.65 -37.60
N PHE C 682 20.70 -5.03 -36.43
CA PHE C 682 21.81 -4.50 -35.67
C PHE C 682 21.76 -5.08 -34.26
N GLN C 683 22.90 -5.45 -33.72
CA GLN C 683 22.99 -6.01 -32.38
C GLN C 683 23.65 -4.99 -31.46
N THR C 684 23.01 -4.70 -30.33
CA THR C 684 23.49 -3.70 -29.38
C THR C 684 23.43 -4.30 -27.99
N ARG C 685 24.17 -3.68 -27.07
CA ARG C 685 24.15 -4.13 -25.68
C ARG C 685 22.73 -4.15 -25.13
N ALA C 686 21.88 -3.24 -25.60
CA ALA C 686 20.50 -3.21 -25.13
C ALA C 686 19.70 -4.39 -25.67
N GLY C 687 19.98 -4.83 -26.89
CA GLY C 687 19.25 -5.94 -27.48
C GLY C 687 19.36 -5.90 -28.99
N CYS C 688 18.35 -6.45 -29.66
CA CYS C 688 18.36 -6.50 -31.12
C CYS C 688 17.54 -5.35 -31.67
N LEU C 689 18.16 -4.51 -32.49
CA LEU C 689 17.49 -3.39 -33.12
C LEU C 689 17.26 -3.75 -34.59
N ILE C 690 16.00 -3.85 -34.99
CA ILE C 690 15.61 -4.26 -36.34
C ILE C 690 14.82 -3.13 -36.97
N GLY C 691 15.18 -2.78 -38.19
CA GLY C 691 14.51 -1.71 -38.92
C GLY C 691 15.24 -0.39 -38.92
N ALA C 692 16.43 -0.33 -38.34
CA ALA C 692 17.23 0.89 -38.29
C ALA C 692 18.60 0.61 -38.88
N GLU C 693 19.04 1.48 -39.78
CA GLU C 693 20.35 1.34 -40.40
C GLU C 693 21.44 1.84 -39.46
N HIS C 694 22.52 1.09 -39.37
CA HIS C 694 23.63 1.41 -38.49
C HIS C 694 24.70 2.17 -39.26
N VAL C 695 25.19 3.26 -38.68
CA VAL C 695 26.22 4.08 -39.28
C VAL C 695 27.32 4.29 -38.26
N ASN C 696 28.52 4.63 -38.76
CA ASN C 696 29.67 4.86 -37.91
C ASN C 696 29.89 6.34 -37.61
N ASN C 697 28.98 7.20 -38.04
CA ASN C 697 29.04 8.61 -37.68
C ASN C 697 28.61 8.76 -36.22
N SER C 698 28.51 10.00 -35.77
CA SER C 698 28.08 10.28 -34.40
C SER C 698 27.41 11.64 -34.35
N TYR C 699 26.26 11.72 -33.71
CA TYR C 699 25.50 12.95 -33.58
C TYR C 699 24.92 13.04 -32.18
N GLU C 700 24.23 14.15 -31.91
CA GLU C 700 23.54 14.29 -30.64
C GLU C 700 22.40 13.28 -30.53
N CYS C 701 22.15 12.80 -29.31
CA CYS C 701 21.11 11.81 -29.12
C CYS C 701 19.76 12.40 -29.46
N ASP C 702 19.00 11.67 -30.27
CA ASP C 702 17.64 12.04 -30.65
C ASP C 702 16.60 11.16 -29.96
N ILE C 703 16.72 9.85 -30.12
CA ILE C 703 15.89 8.88 -29.42
C ILE C 703 16.83 7.92 -28.68
N PRO C 704 16.92 8.04 -27.36
CA PRO C 704 17.88 7.20 -26.62
C PRO C 704 17.44 5.75 -26.60
N ILE C 705 18.33 4.85 -27.00
CA ILE C 705 18.03 3.43 -27.00
C ILE C 705 18.61 2.73 -25.78
N GLY C 706 19.88 2.98 -25.48
CA GLY C 706 20.53 2.43 -24.32
C GLY C 706 21.94 2.00 -24.64
N ALA C 707 22.77 1.92 -23.60
CA ALA C 707 24.15 1.49 -23.74
C ALA C 707 24.92 2.36 -24.72
N GLY C 708 24.61 3.66 -24.76
CA GLY C 708 25.33 4.57 -25.61
C GLY C 708 24.86 4.65 -27.05
N ILE C 709 23.72 4.04 -27.37
CA ILE C 709 23.19 4.01 -28.73
C ILE C 709 21.98 4.91 -28.80
N CYS C 710 21.89 5.70 -29.86
CA CYS C 710 20.73 6.55 -30.10
C CYS C 710 20.27 6.38 -31.54
N ALA C 711 18.98 6.63 -31.75
CA ALA C 711 18.37 6.50 -33.06
C ALA C 711 17.75 7.83 -33.48
N SER C 712 17.76 8.10 -34.78
CA SER C 712 17.22 9.35 -35.28
C SER C 712 16.74 9.17 -36.72
N TYR C 713 15.92 10.08 -37.17
CA TYR C 713 15.35 10.04 -38.52
C TYR C 713 16.13 11.00 -39.40
N GLN C 714 16.86 10.45 -40.37
CA GLN C 714 17.71 11.28 -41.23
C GLN C 714 17.80 10.62 -42.60
N THR C 715 18.35 11.38 -43.55
CA THR C 715 18.51 10.90 -44.92
C THR C 715 19.59 9.82 -44.99
N SER C 728 15.11 10.54 -49.84
CA SER C 728 15.32 9.26 -49.18
C SER C 728 15.60 9.46 -47.69
N GLN C 729 14.64 9.07 -46.86
CA GLN C 729 14.75 9.18 -45.41
C GLN C 729 14.65 7.79 -44.78
N SER C 730 15.32 7.64 -43.63
CA SER C 730 15.28 6.38 -42.91
C SER C 730 15.71 6.61 -41.47
N ILE C 731 15.50 5.58 -40.66
CA ILE C 731 15.86 5.61 -39.24
C ILE C 731 17.26 5.03 -39.10
N ILE C 732 18.17 5.82 -38.55
CA ILE C 732 19.56 5.44 -38.36
C ILE C 732 19.82 5.25 -36.88
N ALA C 733 20.77 4.37 -36.58
CA ALA C 733 21.24 4.13 -35.22
C ALA C 733 22.73 4.38 -35.17
N TYR C 734 23.19 5.04 -34.11
CA TYR C 734 24.58 5.44 -34.01
C TYR C 734 24.99 5.49 -32.55
N THR C 735 26.25 5.85 -32.33
CA THR C 735 26.80 6.06 -30.99
C THR C 735 26.79 7.56 -30.70
N MET C 736 26.13 7.95 -29.61
CA MET C 736 25.97 9.36 -29.30
C MET C 736 27.32 10.03 -29.15
N SER C 737 27.41 11.27 -29.65
CA SER C 737 28.61 12.08 -29.51
C SER C 737 28.49 12.97 -28.29
N LEU C 738 29.52 12.98 -27.45
CA LEU C 738 29.48 13.79 -26.24
C LEU C 738 29.64 15.27 -26.53
N GLY C 739 30.38 15.60 -27.57
CA GLY C 739 30.57 17.00 -27.94
C GLY C 739 31.77 17.17 -28.83
N ALA C 740 31.93 18.39 -29.32
CA ALA C 740 33.06 18.71 -30.18
C ALA C 740 34.36 18.66 -29.37
N GLU C 741 35.34 17.93 -29.87
CA GLU C 741 36.61 17.83 -29.19
C GLU C 741 37.34 19.16 -29.24
N ASN C 742 37.93 19.55 -28.10
CA ASN C 742 38.65 20.82 -28.00
C ASN C 742 39.94 20.59 -27.22
N SER C 743 41.00 21.23 -27.68
CA SER C 743 42.33 21.14 -27.06
C SER C 743 42.74 22.55 -26.65
N VAL C 744 42.58 22.87 -25.37
CA VAL C 744 42.94 24.20 -24.90
C VAL C 744 44.43 24.41 -25.10
N ALA C 745 44.78 25.58 -25.63
CA ALA C 745 46.19 25.92 -25.91
C ALA C 745 46.90 26.34 -24.63
N TYR C 746 46.93 25.42 -23.67
CA TYR C 746 47.56 25.71 -22.39
C TYR C 746 49.07 25.74 -22.55
N SER C 747 49.71 26.70 -21.90
CA SER C 747 51.15 26.89 -21.99
C SER C 747 51.71 27.24 -20.62
N ASN C 748 53.04 27.34 -20.57
CA ASN C 748 53.72 27.83 -19.37
C ASN C 748 53.27 29.24 -19.02
N ASN C 749 53.33 30.15 -20.00
CA ASN C 749 53.17 31.58 -19.76
C ASN C 749 52.27 32.21 -20.81
N SER C 750 51.16 31.56 -21.12
CA SER C 750 50.18 32.09 -22.06
C SER C 750 48.84 32.24 -21.35
N ILE C 751 48.20 33.39 -21.53
CA ILE C 751 46.90 33.64 -20.91
C ILE C 751 45.97 34.19 -21.97
N ALA C 752 44.68 33.92 -21.82
CA ALA C 752 43.66 34.46 -22.72
C ALA C 752 42.70 35.33 -21.93
N ILE C 753 42.55 36.58 -22.34
CA ILE C 753 41.71 37.55 -21.67
C ILE C 753 40.65 38.01 -22.67
N PRO C 754 39.36 38.00 -22.30
CA PRO C 754 38.36 38.50 -23.24
C PRO C 754 38.56 39.97 -23.53
N THR C 755 38.27 40.34 -24.77
CA THR C 755 38.28 41.74 -25.18
C THR C 755 36.88 42.22 -25.50
N ASN C 756 35.86 41.52 -24.99
CA ASN C 756 34.48 41.86 -25.25
C ASN C 756 33.53 40.97 -24.46
N PHE C 757 32.25 41.38 -24.46
CA PHE C 757 31.21 40.72 -23.69
C PHE C 757 29.95 40.60 -24.54
N THR C 758 29.04 39.74 -24.09
CA THR C 758 27.69 39.65 -24.62
C THR C 758 26.75 39.44 -23.45
N ILE C 759 25.65 40.20 -23.45
CA ILE C 759 24.62 40.07 -22.43
C ILE C 759 23.62 39.03 -22.91
N SER C 760 23.44 37.97 -22.14
CA SER C 760 22.56 36.87 -22.53
C SER C 760 21.43 36.73 -21.53
N VAL C 761 20.22 36.54 -22.04
CA VAL C 761 19.03 36.32 -21.22
C VAL C 761 18.55 34.91 -21.48
N THR C 762 18.52 34.09 -20.44
CA THR C 762 18.11 32.70 -20.56
C THR C 762 16.90 32.44 -19.66
N THR C 763 15.96 31.66 -20.17
CA THR C 763 14.74 31.35 -19.43
C THR C 763 14.91 30.06 -18.64
N GLU C 764 14.23 29.99 -17.50
CA GLU C 764 14.23 28.79 -16.67
C GLU C 764 12.83 28.60 -16.10
N ILE C 765 12.20 27.48 -16.42
CA ILE C 765 10.83 27.18 -16.00
C ILE C 765 10.90 26.25 -14.80
N LEU C 766 10.12 26.55 -13.76
CA LEU C 766 10.10 25.76 -12.54
C LEU C 766 8.65 25.54 -12.12
N PRO C 767 8.19 24.29 -11.98
CA PRO C 767 6.86 24.06 -11.40
C PRO C 767 6.83 24.52 -9.95
N VAL C 768 5.65 24.99 -9.53
CA VAL C 768 5.45 25.49 -8.18
C VAL C 768 4.33 24.76 -7.47
N SER C 769 3.21 24.52 -8.15
CA SER C 769 2.06 23.89 -7.52
C SER C 769 1.33 23.03 -8.55
N MET C 770 0.44 22.17 -8.05
CA MET C 770 -0.40 21.34 -8.88
C MET C 770 -1.84 21.48 -8.43
N THR C 771 -2.77 21.17 -9.35
CA THR C 771 -4.18 21.40 -9.09
C THR C 771 -4.63 20.67 -7.84
N LYS C 772 -5.41 21.36 -7.01
CA LYS C 772 -5.94 20.75 -5.80
C LYS C 772 -7.12 19.85 -6.12
N THR C 773 -7.00 18.57 -5.78
CA THR C 773 -8.04 17.58 -6.05
C THR C 773 -8.45 16.93 -4.73
N SER C 774 -9.70 17.12 -4.35
CA SER C 774 -10.29 16.47 -3.19
C SER C 774 -11.22 15.37 -3.65
N VAL C 775 -11.02 14.17 -3.12
CA VAL C 775 -11.79 12.99 -3.48
C VAL C 775 -12.53 12.52 -2.24
N ASP C 776 -13.85 12.45 -2.32
CA ASP C 776 -14.66 11.93 -1.23
C ASP C 776 -14.58 10.41 -1.26
N CYS C 777 -13.93 9.83 -0.25
CA CYS C 777 -13.73 8.39 -0.25
C CYS C 777 -15.06 7.64 -0.27
N THR C 778 -16.00 8.05 0.58
CA THR C 778 -17.29 7.38 0.63
C THR C 778 -18.02 7.50 -0.69
N MET C 779 -18.08 8.71 -1.25
CA MET C 779 -18.79 8.89 -2.51
C MET C 779 -18.17 8.04 -3.61
N TYR C 780 -16.84 8.03 -3.68
CA TYR C 780 -16.17 7.28 -4.75
C TYR C 780 -16.43 5.78 -4.61
N ILE C 781 -16.21 5.23 -3.42
CA ILE C 781 -16.31 3.78 -3.25
C ILE C 781 -17.77 3.33 -3.33
N CYS C 782 -18.66 3.99 -2.59
CA CYS C 782 -20.03 3.56 -2.38
C CYS C 782 -21.01 4.67 -2.75
N GLY C 783 -20.82 5.26 -3.92
CA GLY C 783 -21.61 6.42 -4.31
C GLY C 783 -23.10 6.22 -4.15
N ASP C 784 -23.70 6.94 -3.19
CA ASP C 784 -25.14 6.92 -2.96
C ASP C 784 -25.63 5.48 -2.79
N SER C 785 -25.21 4.87 -1.68
CA SER C 785 -25.62 3.51 -1.36
C SER C 785 -25.47 3.32 0.14
N THR C 786 -26.60 3.25 0.85
CA THR C 786 -26.57 3.10 2.30
C THR C 786 -25.94 1.76 2.70
N GLU C 787 -26.31 0.68 2.01
CA GLU C 787 -25.75 -0.62 2.35
C GLU C 787 -24.24 -0.65 2.16
N CYS C 788 -23.77 -0.12 1.03
CA CYS C 788 -22.35 -0.10 0.77
C CYS C 788 -21.62 0.79 1.77
N SER C 789 -22.22 1.93 2.15
CA SER C 789 -21.61 2.78 3.16
C SER C 789 -21.50 2.07 4.49
N ASN C 790 -22.55 1.36 4.90
CA ASN C 790 -22.50 0.62 6.15
C ASN C 790 -21.43 -0.47 6.09
N LEU C 791 -21.31 -1.16 4.97
CA LEU C 791 -20.25 -2.16 4.82
C LEU C 791 -18.87 -1.50 4.91
N LEU C 792 -18.71 -0.34 4.29
CA LEU C 792 -17.41 0.34 4.30
C LEU C 792 -17.06 0.83 5.70
N LEU C 793 -18.05 1.17 6.51
CA LEU C 793 -17.76 1.62 7.87
C LEU C 793 -16.98 0.59 8.67
N GLN C 794 -17.07 -0.69 8.30
CA GLN C 794 -16.38 -1.74 9.03
C GLN C 794 -14.87 -1.73 8.81
N TYR C 795 -14.38 -0.95 7.85
CA TYR C 795 -12.96 -0.94 7.52
C TYR C 795 -12.14 0.06 8.32
N GLY C 796 -12.77 0.84 9.19
CA GLY C 796 -12.05 1.72 10.08
C GLY C 796 -11.98 3.15 9.53
N SER C 797 -10.78 3.73 9.57
CA SER C 797 -10.58 5.14 9.24
C SER C 797 -9.79 5.32 7.94
N PHE C 798 -9.92 4.38 7.01
CA PHE C 798 -9.20 4.50 5.75
C PHE C 798 -9.65 5.75 4.99
N CYS C 799 -10.97 5.97 4.92
CA CYS C 799 -11.48 7.14 4.21
C CYS C 799 -11.02 8.43 4.87
N THR C 800 -11.04 8.47 6.20
CA THR C 800 -10.58 9.66 6.92
C THR C 800 -9.10 9.92 6.63
N GLN C 801 -8.28 8.87 6.64
CA GLN C 801 -6.86 9.04 6.35
C GLN C 801 -6.66 9.58 4.94
N LEU C 802 -7.36 9.03 3.96
CA LEU C 802 -7.20 9.50 2.58
C LEU C 802 -7.64 10.95 2.45
N ASN C 803 -8.77 11.32 3.07
CA ASN C 803 -9.22 12.70 3.02
C ASN C 803 -8.20 13.63 3.66
N ARG C 804 -7.62 13.22 4.80
CA ARG C 804 -6.62 14.06 5.45
C ARG C 804 -5.41 14.25 4.56
N ALA C 805 -4.95 13.17 3.91
CA ALA C 805 -3.79 13.29 3.04
C ALA C 805 -4.06 14.25 1.89
N LEU C 806 -5.22 14.10 1.24
CA LEU C 806 -5.54 14.98 0.12
C LEU C 806 -5.67 16.42 0.57
N THR C 807 -6.29 16.65 1.73
CA THR C 807 -6.40 18.01 2.25
C THR C 807 -5.04 18.61 2.53
N GLY C 808 -4.13 17.82 3.10
CA GLY C 808 -2.79 18.31 3.34
C GLY C 808 -2.08 18.70 2.05
N ILE C 809 -2.21 17.86 1.03
CA ILE C 809 -1.61 18.20 -0.27
C ILE C 809 -2.18 19.50 -0.80
N ALA C 810 -3.51 19.63 -0.74
CA ALA C 810 -4.16 20.84 -1.24
C ALA C 810 -3.68 22.08 -0.51
N VAL C 811 -3.55 21.99 0.81
CA VAL C 811 -3.09 23.14 1.59
C VAL C 811 -1.65 23.48 1.23
N GLU C 812 -0.79 22.47 1.12
CA GLU C 812 0.60 22.76 0.84
C GLU C 812 0.80 23.31 -0.57
N GLN C 813 -0.14 23.09 -1.48
CA GLN C 813 -0.05 23.75 -2.78
C GLN C 813 -0.12 25.26 -2.62
N ASP C 814 -1.10 25.74 -1.86
CA ASP C 814 -1.21 27.18 -1.60
C ASP C 814 0.01 27.66 -0.82
N LYS C 815 0.50 26.86 0.11
CA LYS C 815 1.70 27.23 0.84
C LYS C 815 2.89 27.40 -0.11
N ASN C 816 3.03 26.50 -1.08
CA ASN C 816 4.12 26.61 -2.05
C ASN C 816 4.00 27.90 -2.85
N THR C 817 2.80 28.18 -3.34
CA THR C 817 2.63 29.41 -4.13
C THR C 817 2.96 30.64 -3.29
N GLN C 818 2.49 30.67 -2.05
CA GLN C 818 2.77 31.82 -1.19
C GLN C 818 4.27 31.97 -0.96
N GLU C 819 4.95 30.87 -0.64
CA GLU C 819 6.38 30.94 -0.38
C GLU C 819 7.13 31.44 -1.61
N VAL C 820 6.75 30.96 -2.80
CA VAL C 820 7.49 31.34 -4.00
C VAL C 820 7.26 32.81 -4.34
N PHE C 821 6.01 33.28 -4.26
CA PHE C 821 5.68 34.59 -4.80
C PHE C 821 5.57 35.68 -3.74
N ALA C 822 4.80 35.46 -2.68
CA ALA C 822 4.55 36.52 -1.70
C ALA C 822 5.79 36.72 -0.84
N GLN C 823 6.82 37.36 -1.41
CA GLN C 823 8.06 37.61 -0.69
C GLN C 823 8.26 39.07 -0.30
N VAL C 824 7.45 39.98 -0.85
CA VAL C 824 7.52 41.39 -0.52
C VAL C 824 6.12 41.85 -0.14
N LYS C 825 5.96 42.31 1.09
CA LYS C 825 4.67 42.80 1.57
C LYS C 825 4.54 44.30 1.37
N GLN C 826 4.79 44.74 0.14
CA GLN C 826 4.57 46.13 -0.25
C GLN C 826 4.60 46.17 -1.78
N ILE C 827 3.46 46.49 -2.38
CA ILE C 827 3.31 46.40 -3.83
C ILE C 827 3.99 47.62 -4.44
N TYR C 828 5.21 47.42 -4.95
CA TYR C 828 5.91 48.48 -5.67
C TYR C 828 5.35 48.60 -7.08
N LYS C 829 5.44 49.82 -7.63
CA LYS C 829 5.02 50.07 -8.99
C LYS C 829 5.99 51.04 -9.65
N THR C 830 6.35 50.73 -10.89
CA THR C 830 7.30 51.56 -11.61
C THR C 830 6.69 52.93 -11.90
N PRO C 831 7.51 53.98 -11.94
CA PRO C 831 6.99 55.32 -12.22
C PRO C 831 6.48 55.42 -13.64
N PRO C 832 5.62 56.39 -13.93
CA PRO C 832 5.12 56.52 -15.31
C PRO C 832 6.21 56.71 -16.34
N ILE C 833 7.27 57.44 -16.00
CA ILE C 833 8.39 57.64 -16.89
C ILE C 833 9.27 56.40 -16.88
N LYS C 834 9.75 56.00 -18.05
CA LYS C 834 10.52 54.77 -18.23
C LYS C 834 11.94 55.08 -18.67
N ASP C 835 12.57 56.07 -18.03
CA ASP C 835 13.94 56.47 -18.35
C ASP C 835 14.92 55.57 -17.60
N PHE C 836 14.95 54.31 -18.02
CA PHE C 836 15.84 53.31 -17.42
C PHE C 836 17.17 53.22 -18.17
N GLY C 837 17.81 54.36 -18.36
CA GLY C 837 19.12 54.38 -18.98
C GLY C 837 19.18 53.71 -20.35
N GLY C 838 18.09 53.76 -21.10
CA GLY C 838 18.05 53.16 -22.42
C GLY C 838 17.64 51.70 -22.46
N PHE C 839 17.36 51.09 -21.31
CA PHE C 839 16.97 49.69 -21.26
C PHE C 839 15.46 49.55 -21.37
N ASN C 840 15.01 48.72 -22.31
CA ASN C 840 13.63 48.25 -22.37
C ASN C 840 13.32 47.28 -21.25
N PHE C 841 12.13 47.44 -20.65
CA PHE C 841 11.45 46.39 -19.89
C PHE C 841 9.96 46.36 -20.22
N SER C 842 9.57 46.90 -21.37
CA SER C 842 8.15 46.94 -21.72
C SER C 842 7.57 45.54 -21.88
N GLN C 843 8.34 44.64 -22.49
CA GLN C 843 7.84 43.30 -22.77
C GLN C 843 7.67 42.45 -21.52
N ILE C 844 8.19 42.90 -20.38
CA ILE C 844 8.01 42.16 -19.12
C ILE C 844 7.18 42.91 -18.11
N LEU C 845 6.95 44.21 -18.28
CA LEU C 845 6.14 44.98 -17.35
C LEU C 845 4.66 44.77 -17.65
N PRO C 846 3.79 45.08 -16.70
CA PRO C 846 2.35 44.88 -16.92
C PRO C 846 1.83 45.73 -18.07
N ASP C 847 0.80 45.22 -18.74
CA ASP C 847 0.13 45.97 -19.81
C ASP C 847 -1.22 46.44 -19.31
N PRO C 848 -1.39 47.74 -19.03
CA PRO C 848 -2.69 48.20 -18.50
C PRO C 848 -3.85 47.95 -19.44
N SER C 849 -3.61 47.90 -20.75
CA SER C 849 -4.71 47.80 -21.71
C SER C 849 -5.53 46.53 -21.49
N LYS C 850 -4.87 45.41 -21.29
CA LYS C 850 -5.58 44.15 -21.16
C LYS C 850 -6.33 44.10 -19.83
N PRO C 851 -7.47 43.39 -19.77
CA PRO C 851 -8.19 43.30 -18.50
C PRO C 851 -7.35 42.71 -17.38
N SER C 852 -6.53 41.72 -17.69
CA SER C 852 -5.55 41.19 -16.76
C SER C 852 -4.23 41.93 -16.93
N LYS C 853 -3.54 42.18 -15.82
CA LYS C 853 -2.31 42.94 -15.84
C LYS C 853 -1.10 42.10 -16.21
N ARG C 854 -1.30 40.94 -16.81
CA ARG C 854 -0.19 40.11 -17.23
C ARG C 854 0.58 40.78 -18.36
N SER C 855 1.90 40.68 -18.29
CA SER C 855 2.75 41.28 -19.32
C SER C 855 2.66 40.47 -20.62
N PHE C 856 3.38 40.95 -21.64
CA PHE C 856 3.37 40.27 -22.92
C PHE C 856 3.87 38.84 -22.79
N ILE C 857 5.01 38.65 -22.12
CA ILE C 857 5.58 37.31 -22.01
C ILE C 857 4.71 36.43 -21.13
N GLU C 858 4.08 37.01 -20.10
CA GLU C 858 3.18 36.23 -19.26
C GLU C 858 1.97 35.74 -20.07
N ASP C 859 1.42 36.61 -20.92
CA ASP C 859 0.33 36.19 -21.80
C ASP C 859 0.79 35.09 -22.73
N LEU C 860 1.99 35.23 -23.29
CA LEU C 860 2.52 34.18 -24.16
C LEU C 860 2.60 32.85 -23.43
N LEU C 861 3.15 32.86 -22.21
CA LEU C 861 3.27 31.62 -21.46
C LEU C 861 1.91 31.01 -21.17
N PHE C 862 0.94 31.85 -20.75
CA PHE C 862 -0.38 31.34 -20.44
C PHE C 862 -1.03 30.72 -21.68
N ASN C 863 -0.87 31.35 -22.84
CA ASN C 863 -1.41 30.78 -24.06
C ASN C 863 -0.72 29.45 -24.39
N LYS C 864 0.59 29.39 -24.19
CA LYS C 864 1.33 28.18 -24.54
C LYS C 864 0.96 27.01 -23.64
N VAL C 865 0.64 27.26 -22.38
CA VAL C 865 0.27 26.20 -21.45
C VAL C 865 -1.25 26.03 -21.47
N THR C 866 -1.68 24.77 -21.60
CA THR C 866 -3.10 24.41 -21.63
C THR C 866 -3.46 23.62 -20.39
N LEU C 867 -4.65 23.89 -19.86
CA LEU C 867 -5.14 23.25 -18.64
C LEU C 867 -6.40 22.46 -18.93
N ALA C 868 -6.69 21.50 -18.05
CA ALA C 868 -7.88 20.67 -18.14
C ALA C 868 -8.53 20.56 -16.78
N ASP C 869 -9.86 20.49 -16.78
CA ASP C 869 -10.64 20.33 -15.55
C ASP C 869 -10.40 21.49 -14.59
N ALA C 870 -10.72 22.71 -15.09
CA ALA C 870 -10.63 23.89 -14.25
C ALA C 870 -11.62 23.82 -13.08
N GLY C 871 -12.83 23.35 -13.35
CA GLY C 871 -13.82 23.17 -12.30
C GLY C 871 -14.43 24.43 -11.75
N PHE C 872 -14.45 25.52 -12.54
CA PHE C 872 -15.09 26.76 -12.12
C PHE C 872 -16.59 26.67 -12.39
N ILE C 873 -17.24 25.82 -11.60
CA ILE C 873 -18.69 25.60 -11.71
C ILE C 873 -19.00 25.19 -13.14
N LYS C 874 -18.52 24.02 -13.55
CA LYS C 874 -18.71 23.53 -14.90
C LYS C 874 -19.98 22.69 -14.98
N GLN C 875 -20.80 22.97 -15.99
CA GLN C 875 -22.06 22.27 -16.19
C GLN C 875 -22.00 21.39 -17.45
N ASP C 887 -17.29 16.38 -21.26
CA ASP C 887 -16.05 15.76 -21.71
C ASP C 887 -15.26 15.25 -20.50
N LEU C 888 -13.93 15.38 -20.53
CA LEU C 888 -13.12 14.91 -19.42
C LEU C 888 -13.50 15.61 -18.12
N ILE C 889 -13.73 16.92 -18.18
CA ILE C 889 -14.05 17.69 -16.98
C ILE C 889 -15.25 17.08 -16.27
N CYS C 890 -16.38 17.01 -16.98
CA CYS C 890 -17.62 16.56 -16.37
C CYS C 890 -17.52 15.10 -15.90
N ALA C 891 -17.04 14.23 -16.78
CA ALA C 891 -16.98 12.81 -16.44
C ALA C 891 -16.09 12.57 -15.22
N GLN C 892 -14.94 13.24 -15.16
CA GLN C 892 -14.08 13.11 -14.00
C GLN C 892 -14.76 13.65 -12.75
N LYS C 893 -15.35 14.85 -12.84
CA LYS C 893 -15.83 15.53 -11.65
C LYS C 893 -17.02 14.82 -11.02
N PHE C 894 -17.93 14.30 -11.84
CA PHE C 894 -19.24 13.91 -11.34
C PHE C 894 -19.27 12.52 -10.70
N ASN C 895 -18.15 12.00 -10.22
CA ASN C 895 -18.11 10.74 -9.50
C ASN C 895 -17.30 10.86 -8.22
N GLY C 896 -17.50 11.95 -7.48
CA GLY C 896 -16.82 12.17 -6.22
C GLY C 896 -15.57 13.02 -6.32
N LEU C 897 -15.08 13.30 -7.52
CA LEU C 897 -13.89 14.12 -7.69
C LEU C 897 -14.27 15.60 -7.65
N THR C 898 -13.47 16.40 -6.95
CA THR C 898 -13.67 17.84 -6.94
C THR C 898 -12.30 18.51 -7.04
N VAL C 899 -12.27 19.69 -7.64
CA VAL C 899 -11.06 20.48 -7.77
C VAL C 899 -11.29 21.82 -7.07
N LEU C 900 -10.38 22.16 -6.17
CA LEU C 900 -10.54 23.41 -5.44
C LEU C 900 -9.73 24.53 -6.09
N PRO C 901 -10.29 25.73 -6.25
CA PRO C 901 -9.55 26.80 -6.89
C PRO C 901 -8.38 27.23 -6.03
N PRO C 902 -7.28 27.69 -6.64
CA PRO C 902 -6.15 28.17 -5.84
C PRO C 902 -6.53 29.41 -5.04
N LEU C 903 -5.90 29.55 -3.87
CA LEU C 903 -6.20 30.69 -3.01
C LEU C 903 -5.85 32.00 -3.68
N LEU C 904 -4.71 32.05 -4.36
CA LEU C 904 -4.25 33.25 -5.05
C LEU C 904 -4.64 33.17 -6.51
N THR C 905 -5.42 34.13 -6.98
CA THR C 905 -5.83 34.15 -8.37
C THR C 905 -4.66 34.54 -9.27
N ASP C 906 -4.83 34.26 -10.56
CA ASP C 906 -3.79 34.63 -11.53
C ASP C 906 -3.53 36.12 -11.50
N GLU C 907 -4.57 36.92 -11.28
CA GLU C 907 -4.36 38.36 -11.15
C GLU C 907 -3.46 38.68 -9.97
N MET C 908 -3.67 38.01 -8.84
CA MET C 908 -2.84 38.27 -7.67
C MET C 908 -1.39 37.82 -7.90
N ILE C 909 -1.21 36.68 -8.56
CA ILE C 909 0.15 36.22 -8.87
C ILE C 909 0.84 37.21 -9.79
N ALA C 910 0.12 37.70 -10.80
CA ALA C 910 0.69 38.69 -11.70
C ALA C 910 1.03 39.97 -10.95
N GLN C 911 0.20 40.37 -9.99
CA GLN C 911 0.49 41.55 -9.19
C GLN C 911 1.75 41.35 -8.36
N TYR C 912 1.91 40.17 -7.76
CA TYR C 912 3.13 39.88 -7.02
C TYR C 912 4.35 39.97 -7.92
N THR C 913 4.26 39.36 -9.11
CA THR C 913 5.39 39.39 -10.03
C THR C 913 5.70 40.82 -10.46
N SER C 914 4.67 41.61 -10.74
CA SER C 914 4.89 43.01 -11.12
C SER C 914 5.54 43.79 -9.99
N ALA C 915 5.10 43.57 -8.76
CA ALA C 915 5.71 44.25 -7.62
C ALA C 915 7.17 43.89 -7.50
N LEU C 916 7.50 42.60 -7.59
CA LEU C 916 8.89 42.18 -7.49
C LEU C 916 9.73 42.81 -8.60
N LEU C 917 9.22 42.79 -9.83
CA LEU C 917 9.98 43.30 -10.96
C LEU C 917 10.18 44.82 -10.85
N ALA C 918 9.13 45.55 -10.48
CA ALA C 918 9.25 47.00 -10.34
C ALA C 918 10.21 47.36 -9.21
N GLY C 919 10.11 46.66 -8.08
CA GLY C 919 11.05 46.90 -7.01
C GLY C 919 12.48 46.65 -7.44
N THR C 920 12.72 45.54 -8.14
CA THR C 920 14.05 45.28 -8.65
C THR C 920 14.54 46.41 -9.53
N ILE C 921 13.74 46.79 -10.53
CA ILE C 921 14.16 47.80 -11.50
C ILE C 921 14.48 49.11 -10.80
N THR C 922 13.64 49.51 -9.84
CA THR C 922 13.76 50.84 -9.27
C THR C 922 14.70 50.92 -8.07
N SER C 923 15.05 49.79 -7.44
CA SER C 923 15.84 49.87 -6.22
C SER C 923 16.91 48.79 -6.11
N GLY C 924 17.28 48.13 -7.21
CA GLY C 924 18.32 47.13 -7.11
C GLY C 924 17.92 46.01 -6.15
N TRP C 925 18.85 45.63 -5.29
CA TRP C 925 18.61 44.59 -4.30
C TRP C 925 18.25 45.14 -2.92
N THR C 926 18.16 46.46 -2.78
CA THR C 926 17.91 47.04 -1.46
C THR C 926 16.53 46.68 -0.93
N PHE C 927 15.54 46.59 -1.82
CA PHE C 927 14.18 46.31 -1.38
C PHE C 927 14.07 44.92 -0.76
N GLY C 928 14.94 43.99 -1.15
CA GLY C 928 14.93 42.67 -0.54
C GLY C 928 15.55 42.61 0.84
N ALA C 929 16.37 43.59 1.19
CA ALA C 929 17.00 43.65 2.50
C ALA C 929 16.30 44.60 3.46
N GLY C 930 15.57 45.59 2.94
CA GLY C 930 14.87 46.53 3.79
C GLY C 930 13.95 47.43 3.01
N ALA C 931 13.91 48.70 3.37
CA ALA C 931 13.11 49.67 2.61
C ALA C 931 13.74 49.88 1.24
N ALA C 932 12.89 49.91 0.22
CA ALA C 932 13.37 50.11 -1.14
C ALA C 932 14.03 51.48 -1.25
N LEU C 933 15.23 51.50 -1.85
CA LEU C 933 15.99 52.73 -2.03
C LEU C 933 16.19 52.93 -3.53
N GLN C 934 15.70 54.04 -4.05
CA GLN C 934 15.82 54.31 -5.47
C GLN C 934 17.27 54.50 -5.87
N ILE C 935 17.59 54.11 -7.10
CA ILE C 935 18.92 54.30 -7.67
C ILE C 935 18.81 54.19 -9.18
N PRO C 936 19.48 55.04 -9.95
CA PRO C 936 19.36 54.95 -11.41
C PRO C 936 19.77 53.57 -11.90
N PHE C 937 19.07 53.09 -12.92
CA PHE C 937 19.33 51.73 -13.39
C PHE C 937 20.75 51.59 -13.92
N ALA C 938 21.30 52.65 -14.51
CA ALA C 938 22.70 52.59 -14.94
C ALA C 938 23.62 52.36 -13.75
N MET C 939 23.37 53.05 -12.64
CA MET C 939 24.18 52.85 -11.45
C MET C 939 23.99 51.44 -10.88
N GLN C 940 22.75 50.94 -10.89
CA GLN C 940 22.51 49.59 -10.42
C GLN C 940 23.29 48.57 -11.26
N MET C 941 23.25 48.73 -12.58
CA MET C 941 23.97 47.82 -13.45
C MET C 941 25.48 47.95 -13.25
N ALA C 942 25.96 49.16 -12.95
CA ALA C 942 27.37 49.33 -12.62
C ALA C 942 27.72 48.56 -11.35
N TYR C 943 26.83 48.59 -10.36
CA TYR C 943 27.05 47.79 -9.16
C TYR C 943 27.12 46.32 -9.50
N ARG C 944 26.23 45.85 -10.38
CA ARG C 944 26.27 44.44 -10.77
C ARG C 944 27.59 44.10 -11.46
N PHE C 945 28.05 44.98 -12.35
CA PHE C 945 29.32 44.76 -13.03
C PHE C 945 30.46 44.68 -12.03
N ASN C 946 30.50 45.60 -11.06
CA ASN C 946 31.47 45.49 -9.99
C ASN C 946 31.33 44.16 -9.25
N GLY C 947 30.11 43.67 -9.14
CA GLY C 947 29.89 42.40 -8.44
C GLY C 947 30.51 41.23 -9.18
N ILE C 948 30.42 41.23 -10.51
CA ILE C 948 30.97 40.11 -11.29
C ILE C 948 32.45 40.33 -11.55
N GLY C 949 33.03 41.36 -10.93
CA GLY C 949 34.46 41.58 -11.04
C GLY C 949 34.91 42.38 -12.24
N VAL C 950 34.05 43.24 -12.78
CA VAL C 950 34.38 44.10 -13.90
C VAL C 950 34.23 45.55 -13.46
N THR C 951 35.20 46.38 -13.81
CA THR C 951 35.15 47.79 -13.44
C THR C 951 33.94 48.47 -14.07
N GLN C 952 33.36 49.41 -13.32
CA GLN C 952 32.13 50.06 -13.76
C GLN C 952 32.36 51.00 -14.95
N ASN C 953 33.60 51.42 -15.18
CA ASN C 953 33.87 52.24 -16.36
C ASN C 953 33.50 51.50 -17.64
N VAL C 954 33.62 50.17 -17.64
CA VAL C 954 33.21 49.39 -18.80
C VAL C 954 31.75 49.65 -19.12
N LEU C 955 30.89 49.56 -18.10
CA LEU C 955 29.48 49.84 -18.31
C LEU C 955 29.25 51.28 -18.73
N TYR C 956 29.84 52.22 -18.00
CA TYR C 956 29.57 53.62 -18.29
C TYR C 956 30.12 54.06 -19.64
N GLU C 957 30.99 53.27 -20.26
CA GLU C 957 31.45 53.54 -21.60
C GLU C 957 30.75 52.70 -22.67
N ASN C 958 30.10 51.60 -22.29
CA ASN C 958 29.40 50.74 -23.23
C ASN C 958 27.92 50.64 -22.88
N GLN C 959 27.35 51.71 -22.31
CA GLN C 959 25.95 51.68 -21.91
C GLN C 959 25.03 51.45 -23.09
N LYS C 960 25.28 52.16 -24.20
CA LYS C 960 24.40 52.02 -25.37
C LYS C 960 24.45 50.59 -25.90
N LEU C 961 25.66 50.05 -26.06
CA LEU C 961 25.79 48.70 -26.59
C LEU C 961 25.13 47.68 -25.66
N ILE C 962 25.32 47.84 -24.34
CA ILE C 962 24.75 46.88 -23.41
C ILE C 962 23.23 46.95 -23.42
N ALA C 963 22.67 48.16 -23.50
CA ALA C 963 21.22 48.29 -23.58
C ALA C 963 20.68 47.66 -24.86
N ASN C 964 21.37 47.88 -25.98
CA ASN C 964 20.94 47.27 -27.23
C ASN C 964 20.98 45.75 -27.14
N GLN C 965 22.05 45.20 -26.54
CA GLN C 965 22.14 43.75 -26.40
C GLN C 965 21.02 43.21 -25.52
N PHE C 966 20.72 43.89 -24.42
CA PHE C 966 19.66 43.43 -23.54
C PHE C 966 18.30 43.45 -24.26
N ASN C 967 18.02 44.52 -24.99
CA ASN C 967 16.76 44.60 -25.73
C ASN C 967 16.68 43.51 -26.79
N SER C 968 17.79 43.26 -27.48
CA SER C 968 17.80 42.20 -28.49
C SER C 968 17.56 40.84 -27.85
N ALA C 969 18.16 40.59 -26.68
CA ALA C 969 17.95 39.33 -25.99
C ALA C 969 16.49 39.17 -25.58
N ILE C 970 15.86 40.25 -25.10
CA ILE C 970 14.46 40.17 -24.73
C ILE C 970 13.61 39.86 -25.96
N GLY C 971 13.90 40.52 -27.08
CA GLY C 971 13.19 40.20 -28.31
C GLY C 971 13.37 38.75 -28.73
N LYS C 972 14.59 38.23 -28.61
CA LYS C 972 14.86 36.85 -28.98
C LYS C 972 14.07 35.88 -28.12
N ILE C 973 14.03 36.13 -26.81
CA ILE C 973 13.29 35.23 -25.93
C ILE C 973 11.80 35.31 -26.23
N GLN C 974 11.29 36.51 -26.53
CA GLN C 974 9.89 36.63 -26.90
C GLN C 974 9.59 35.81 -28.16
N ASP C 975 10.46 35.93 -29.17
CA ASP C 975 10.25 35.17 -30.40
C ASP C 975 10.31 33.67 -30.15
N SER C 976 11.26 33.23 -29.31
CA SER C 976 11.38 31.81 -29.01
C SER C 976 10.12 31.29 -28.33
N LEU C 977 9.60 32.06 -27.36
CA LEU C 977 8.38 31.64 -26.69
C LEU C 977 7.20 31.61 -27.67
N SER C 978 7.13 32.59 -28.58
CA SER C 978 6.04 32.62 -29.54
C SER C 978 6.11 31.47 -30.52
N SER C 979 7.32 31.03 -30.89
CA SER C 979 7.46 30.01 -31.93
C SER C 979 7.46 28.59 -31.34
N THR C 980 8.43 28.29 -30.48
CA THR C 980 8.56 26.94 -29.97
C THR C 980 7.45 26.62 -28.96
N ALA C 981 6.98 25.38 -28.98
CA ALA C 981 5.91 24.95 -28.09
C ALA C 981 6.39 24.06 -26.95
N SER C 982 7.54 23.41 -27.08
CA SER C 982 8.07 22.54 -26.04
C SER C 982 8.84 23.31 -24.97
N ALA C 983 8.68 24.63 -24.89
CA ALA C 983 9.39 25.40 -23.88
C ALA C 983 8.89 25.09 -22.47
N LEU C 984 7.57 25.01 -22.30
CA LEU C 984 6.95 24.80 -21.00
C LEU C 984 6.64 23.34 -20.74
N GLY C 985 7.46 22.43 -21.26
CA GLY C 985 7.25 21.03 -21.03
C GLY C 985 7.26 20.66 -19.56
N LYS C 986 8.00 21.41 -18.74
CA LYS C 986 8.08 21.09 -17.32
C LYS C 986 6.72 21.21 -16.66
N LEU C 987 5.97 22.27 -16.96
CA LEU C 987 4.63 22.41 -16.41
C LEU C 987 3.63 21.53 -17.12
N GLN C 988 3.79 21.36 -18.44
CA GLN C 988 2.86 20.52 -19.18
C GLN C 988 2.92 19.08 -18.70
N ASP C 989 4.10 18.59 -18.33
CA ASP C 989 4.23 17.23 -17.83
C ASP C 989 3.51 17.07 -16.50
N VAL C 990 3.59 18.07 -15.62
CA VAL C 990 2.88 17.99 -14.34
C VAL C 990 1.38 17.93 -14.60
N VAL C 991 0.88 18.79 -15.48
CA VAL C 991 -0.54 18.81 -15.78
C VAL C 991 -0.98 17.46 -16.35
N ASN C 992 -0.19 16.93 -17.29
CA ASN C 992 -0.52 15.67 -17.92
C ASN C 992 -0.51 14.52 -16.92
N GLN C 993 0.48 14.51 -16.02
CA GLN C 993 0.55 13.45 -15.02
C GLN C 993 -0.66 13.49 -14.10
N ASN C 994 -1.05 14.68 -13.64
CA ASN C 994 -2.22 14.77 -12.78
C ASN C 994 -3.48 14.32 -13.52
N ALA C 995 -3.65 14.76 -14.76
CA ALA C 995 -4.83 14.38 -15.52
C ALA C 995 -4.87 12.88 -15.74
N GLN C 996 -3.73 12.27 -16.06
CA GLN C 996 -3.68 10.83 -16.29
C GLN C 996 -3.97 10.06 -15.01
N ALA C 997 -3.46 10.53 -13.87
CA ALA C 997 -3.77 9.86 -12.61
C ALA C 997 -5.27 9.91 -12.33
N LEU C 998 -5.89 11.07 -12.53
CA LEU C 998 -7.33 11.16 -12.32
C LEU C 998 -8.08 10.25 -13.29
N ASN C 999 -7.64 10.20 -14.55
CA ASN C 999 -8.31 9.35 -15.53
C ASN C 999 -8.22 7.89 -15.13
N THR C 1000 -7.05 7.44 -14.67
CA THR C 1000 -6.91 6.06 -14.23
C THR C 1000 -7.79 5.77 -13.03
N LEU C 1001 -7.82 6.70 -12.07
CA LEU C 1001 -8.68 6.50 -10.90
C LEU C 1001 -10.14 6.38 -11.30
N VAL C 1002 -10.58 7.20 -12.25
CA VAL C 1002 -11.97 7.14 -12.69
C VAL C 1002 -12.23 5.84 -13.44
N LYS C 1003 -11.31 5.44 -14.32
CA LYS C 1003 -11.49 4.20 -15.07
C LYS C 1003 -11.54 2.98 -14.16
N GLN C 1004 -10.87 3.05 -13.00
CA GLN C 1004 -10.89 1.91 -12.09
C GLN C 1004 -12.29 1.62 -11.57
N LEU C 1005 -13.23 2.55 -11.71
CA LEU C 1005 -14.59 2.31 -11.27
C LEU C 1005 -15.34 1.34 -12.18
N SER C 1006 -14.77 0.97 -13.32
CA SER C 1006 -15.42 0.11 -14.29
C SER C 1006 -14.93 -1.34 -14.22
N SER C 1007 -14.23 -1.71 -13.15
CA SER C 1007 -13.65 -3.04 -13.02
C SER C 1007 -14.53 -3.89 -12.11
N ASN C 1008 -14.77 -5.14 -12.55
CA ASN C 1008 -15.57 -6.05 -11.75
C ASN C 1008 -14.89 -6.39 -10.43
N PHE C 1009 -13.56 -6.57 -10.45
CA PHE C 1009 -12.80 -7.02 -9.30
C PHE C 1009 -13.27 -8.39 -8.81
N GLY C 1010 -13.88 -9.18 -9.69
CA GLY C 1010 -14.40 -10.48 -9.34
C GLY C 1010 -15.89 -10.50 -9.06
N ALA C 1011 -16.52 -9.34 -8.90
CA ALA C 1011 -17.95 -9.30 -8.64
C ALA C 1011 -18.73 -9.62 -9.92
N ILE C 1012 -20.02 -9.91 -9.74
CA ILE C 1012 -20.85 -10.26 -10.88
C ILE C 1012 -20.96 -9.08 -11.84
N SER C 1013 -20.98 -7.86 -11.30
CA SER C 1013 -21.08 -6.66 -12.13
C SER C 1013 -20.27 -5.55 -11.49
N SER C 1014 -19.94 -4.55 -12.29
CA SER C 1014 -19.19 -3.39 -11.83
C SER C 1014 -20.09 -2.23 -11.44
N VAL C 1015 -21.41 -2.40 -11.49
CA VAL C 1015 -22.36 -1.35 -11.16
C VAL C 1015 -23.00 -1.68 -9.82
N LEU C 1016 -22.79 -0.81 -8.84
CA LEU C 1016 -23.32 -1.05 -7.50
C LEU C 1016 -24.83 -1.09 -7.51
N ASN C 1017 -25.47 -0.21 -8.29
CA ASN C 1017 -26.92 -0.22 -8.37
C ASN C 1017 -27.43 -1.53 -8.95
N ASP C 1018 -26.77 -2.03 -10.01
CA ASP C 1018 -27.17 -3.31 -10.59
C ASP C 1018 -27.02 -4.43 -9.59
N ILE C 1019 -25.91 -4.45 -8.85
CA ILE C 1019 -25.73 -5.49 -7.84
C ILE C 1019 -26.84 -5.42 -6.80
N LEU C 1020 -27.16 -4.21 -6.34
CA LEU C 1020 -28.17 -4.06 -5.29
C LEU C 1020 -29.57 -4.40 -5.80
N SER C 1021 -29.80 -4.27 -7.11
CA SER C 1021 -31.13 -4.45 -7.67
C SER C 1021 -31.40 -5.89 -8.11
N ARG C 1022 -30.46 -6.82 -7.90
CA ARG C 1022 -30.62 -8.18 -8.36
C ARG C 1022 -30.57 -9.23 -7.26
N LEU C 1023 -29.98 -8.92 -6.11
CA LEU C 1023 -29.78 -9.92 -5.06
C LEU C 1023 -30.29 -9.38 -3.73
N ASP C 1024 -30.66 -10.31 -2.84
CA ASP C 1024 -31.01 -9.94 -1.48
C ASP C 1024 -29.75 -9.59 -0.71
N PRO C 1025 -29.88 -8.86 0.40
CA PRO C 1025 -28.70 -8.33 1.11
C PRO C 1025 -27.67 -9.40 1.39
N PRO C 1026 -28.09 -10.58 1.90
CA PRO C 1026 -27.08 -11.58 2.27
C PRO C 1026 -26.18 -12.00 1.12
N GLU C 1027 -26.73 -12.15 -0.09
CA GLU C 1027 -25.91 -12.51 -1.23
C GLU C 1027 -25.22 -11.30 -1.85
N ALA C 1028 -25.87 -10.14 -1.80
CA ALA C 1028 -25.29 -8.93 -2.38
C ALA C 1028 -24.01 -8.54 -1.64
N GLU C 1029 -24.00 -8.73 -0.32
CA GLU C 1029 -22.88 -8.25 0.49
C GLU C 1029 -21.53 -8.75 -0.02
N VAL C 1030 -21.48 -9.97 -0.56
CA VAL C 1030 -20.21 -10.50 -1.04
C VAL C 1030 -19.68 -9.68 -2.21
N GLN C 1031 -20.55 -9.43 -3.20
CA GLN C 1031 -20.13 -8.64 -4.35
C GLN C 1031 -19.81 -7.21 -3.93
N ILE C 1032 -20.62 -6.65 -3.03
CA ILE C 1032 -20.38 -5.29 -2.55
C ILE C 1032 -19.02 -5.23 -1.88
N ASP C 1033 -18.66 -6.25 -1.11
CA ASP C 1033 -17.38 -6.26 -0.43
C ASP C 1033 -16.22 -6.39 -1.42
N ARG C 1034 -16.40 -7.20 -2.46
CA ARG C 1034 -15.36 -7.29 -3.49
C ARG C 1034 -15.12 -5.93 -4.14
N LEU C 1035 -16.21 -5.25 -4.51
CA LEU C 1035 -16.08 -3.92 -5.11
C LEU C 1035 -15.45 -2.94 -4.14
N ILE C 1036 -15.85 -3.01 -2.86
CA ILE C 1036 -15.31 -2.10 -1.86
C ILE C 1036 -13.80 -2.29 -1.74
N THR C 1037 -13.36 -3.54 -1.67
CA THR C 1037 -11.92 -3.81 -1.56
C THR C 1037 -11.18 -3.27 -2.77
N GLY C 1038 -11.69 -3.55 -3.97
CA GLY C 1038 -11.02 -3.09 -5.17
C GLY C 1038 -10.90 -1.58 -5.22
N ARG C 1039 -12.00 -0.88 -4.95
CA ARG C 1039 -12.01 0.57 -5.05
C ARG C 1039 -11.19 1.21 -3.93
N LEU C 1040 -11.19 0.61 -2.74
CA LEU C 1040 -10.33 1.10 -1.67
C LEU C 1040 -8.87 0.97 -2.04
N GLN C 1041 -8.49 -0.15 -2.65
CA GLN C 1041 -7.11 -0.31 -3.11
C GLN C 1041 -6.76 0.74 -4.16
N SER C 1042 -7.68 0.98 -5.09
CA SER C 1042 -7.43 1.99 -6.12
C SER C 1042 -7.23 3.37 -5.50
N LEU C 1043 -8.07 3.74 -4.54
CA LEU C 1043 -7.93 5.03 -3.89
C LEU C 1043 -6.61 5.12 -3.13
N GLN C 1044 -6.23 4.05 -2.44
CA GLN C 1044 -4.95 4.07 -1.71
C GLN C 1044 -3.79 4.28 -2.66
N THR C 1045 -3.79 3.56 -3.78
CA THR C 1045 -2.72 3.73 -4.76
C THR C 1045 -2.67 5.16 -5.28
N TYR C 1046 -3.83 5.71 -5.62
CA TYR C 1046 -3.87 7.08 -6.15
C TYR C 1046 -3.35 8.07 -5.12
N VAL C 1047 -3.75 7.90 -3.86
CA VAL C 1047 -3.35 8.86 -2.83
C VAL C 1047 -1.85 8.76 -2.56
N THR C 1048 -1.30 7.54 -2.56
CA THR C 1048 0.14 7.40 -2.36
C THR C 1048 0.91 8.07 -3.50
N GLN C 1049 0.47 7.84 -4.75
CA GLN C 1049 1.13 8.48 -5.88
C GLN C 1049 1.04 10.00 -5.76
N GLN C 1050 -0.13 10.50 -5.35
CA GLN C 1050 -0.30 11.95 -5.21
C GLN C 1050 0.62 12.49 -4.12
N LEU C 1051 0.78 11.76 -3.02
CA LEU C 1051 1.67 12.21 -1.96
C LEU C 1051 3.11 12.31 -2.46
N ILE C 1052 3.57 11.29 -3.19
CA ILE C 1052 4.94 11.32 -3.70
C ILE C 1052 5.12 12.48 -4.68
N ARG C 1053 4.15 12.66 -5.58
CA ARG C 1053 4.24 13.76 -6.55
C ARG C 1053 4.20 15.11 -5.85
N ALA C 1054 3.40 15.24 -4.79
CA ALA C 1054 3.35 16.47 -4.03
C ALA C 1054 4.67 16.76 -3.35
N ALA C 1055 5.34 15.72 -2.84
CA ALA C 1055 6.67 15.92 -2.27
C ALA C 1055 7.64 16.43 -3.32
N GLU C 1056 7.59 15.84 -4.53
CA GLU C 1056 8.47 16.31 -5.60
C GLU C 1056 8.18 17.77 -5.94
N ILE C 1057 6.90 18.12 -6.05
CA ILE C 1057 6.53 19.49 -6.39
C ILE C 1057 6.92 20.45 -5.28
N ARG C 1058 6.85 20.01 -4.02
CA ARG C 1058 7.29 20.86 -2.92
C ARG C 1058 8.78 21.12 -2.99
N ALA C 1059 9.56 20.09 -3.35
CA ALA C 1059 10.99 20.31 -3.55
C ALA C 1059 11.22 21.32 -4.66
N SER C 1060 10.48 21.18 -5.76
CA SER C 1060 10.62 22.15 -6.86
C SER C 1060 10.24 23.55 -6.41
N ALA C 1061 9.19 23.67 -5.61
CA ALA C 1061 8.75 24.98 -5.13
C ALA C 1061 9.77 25.60 -4.19
N ASN C 1062 10.40 24.79 -3.34
CA ASN C 1062 11.47 25.30 -2.49
C ASN C 1062 12.63 25.80 -3.33
N LEU C 1063 12.99 25.05 -4.37
CA LEU C 1063 14.06 25.50 -5.26
C LEU C 1063 13.67 26.82 -5.93
N ALA C 1064 12.42 26.94 -6.37
CA ALA C 1064 11.98 28.17 -7.02
C ALA C 1064 12.01 29.36 -6.06
N ALA C 1065 11.59 29.13 -4.81
CA ALA C 1065 11.63 30.21 -3.83
C ALA C 1065 13.06 30.66 -3.55
N THR C 1066 13.97 29.69 -3.42
CA THR C 1066 15.37 30.05 -3.22
C THR C 1066 15.91 30.82 -4.42
N LYS C 1067 15.58 30.37 -5.63
CA LYS C 1067 16.03 31.08 -6.82
C LYS C 1067 15.50 32.50 -6.84
N MET C 1068 14.22 32.68 -6.50
CA MET C 1068 13.68 34.04 -6.42
C MET C 1068 14.49 34.87 -5.43
N SER C 1069 14.63 34.36 -4.20
CA SER C 1069 15.26 35.14 -3.15
C SER C 1069 16.69 35.53 -3.51
N GLU C 1070 17.41 34.65 -4.21
CA GLU C 1070 18.82 34.90 -4.47
C GLU C 1070 19.05 35.64 -5.79
N CYS C 1071 18.51 35.12 -6.89
CA CYS C 1071 18.74 35.75 -8.19
C CYS C 1071 17.97 37.06 -8.32
N VAL C 1072 16.69 37.07 -7.92
CA VAL C 1072 15.86 38.25 -8.16
C VAL C 1072 16.13 39.32 -7.12
N LEU C 1073 16.13 38.94 -5.84
CA LEU C 1073 16.33 39.90 -4.76
C LEU C 1073 17.80 40.20 -4.50
N GLY C 1074 18.71 39.57 -5.22
CA GLY C 1074 20.12 39.83 -5.05
C GLY C 1074 20.89 39.47 -6.29
N GLN C 1075 22.21 39.36 -6.14
CA GLN C 1075 23.10 38.93 -7.21
C GLN C 1075 23.88 37.73 -6.72
N SER C 1076 23.60 36.57 -7.29
CA SER C 1076 24.17 35.33 -6.80
C SER C 1076 25.54 35.09 -7.40
N LYS C 1077 26.50 34.71 -6.56
CA LYS C 1077 27.82 34.30 -7.00
C LYS C 1077 27.94 32.80 -7.19
N ARG C 1078 26.89 32.04 -6.88
CA ARG C 1078 26.91 30.60 -7.12
C ARG C 1078 26.90 30.33 -8.61
N VAL C 1079 27.78 29.44 -9.05
CA VAL C 1079 27.97 29.19 -10.47
C VAL C 1079 26.81 28.36 -11.00
N ASP C 1080 26.32 28.74 -12.19
CA ASP C 1080 25.28 28.01 -12.90
C ASP C 1080 23.99 27.91 -12.09
N PHE C 1081 23.84 28.73 -11.04
CA PHE C 1081 22.60 28.74 -10.30
C PHE C 1081 21.56 29.63 -10.98
N CYS C 1082 21.90 30.90 -11.18
CA CYS C 1082 21.03 31.83 -11.90
C CYS C 1082 21.49 31.97 -13.36
N GLY C 1083 21.39 30.87 -14.09
CA GLY C 1083 21.71 30.85 -15.50
C GLY C 1083 23.18 30.60 -15.77
N LYS C 1084 23.49 30.41 -17.05
CA LYS C 1084 24.86 30.14 -17.49
C LYS C 1084 25.60 31.43 -17.72
N GLY C 1085 26.78 31.55 -17.13
CA GLY C 1085 27.59 32.75 -17.19
C GLY C 1085 27.67 33.43 -15.83
N TYR C 1086 28.15 34.66 -15.86
CA TYR C 1086 28.24 35.47 -14.65
C TYR C 1086 26.91 36.17 -14.45
N HIS C 1087 26.21 35.84 -13.37
CA HIS C 1087 24.88 36.37 -13.14
C HIS C 1087 24.93 37.88 -12.92
N LEU C 1088 24.01 38.58 -13.58
CA LEU C 1088 23.83 40.00 -13.39
C LEU C 1088 22.51 40.32 -12.69
N MET C 1089 21.40 39.79 -13.18
CA MET C 1089 20.14 40.01 -12.49
C MET C 1089 19.04 39.19 -13.17
N SER C 1090 18.01 38.86 -12.40
CA SER C 1090 16.95 38.00 -12.93
C SER C 1090 15.59 38.67 -12.73
N PHE C 1091 14.67 38.34 -13.63
CA PHE C 1091 13.31 38.84 -13.59
C PHE C 1091 12.32 37.70 -13.48
N PRO C 1092 11.36 37.74 -12.57
CA PRO C 1092 10.35 36.67 -12.50
C PRO C 1092 9.13 36.95 -13.38
N GLN C 1093 8.57 35.86 -13.91
CA GLN C 1093 7.36 35.91 -14.73
C GLN C 1093 6.47 34.75 -14.30
N SER C 1094 5.21 35.04 -14.02
CA SER C 1094 4.29 34.00 -13.60
C SER C 1094 3.86 33.15 -14.77
N ALA C 1095 3.75 31.84 -14.56
CA ALA C 1095 3.25 30.91 -15.55
C ALA C 1095 2.25 30.00 -14.88
N PRO C 1096 1.34 29.40 -15.64
CA PRO C 1096 0.30 28.57 -15.02
C PRO C 1096 0.91 27.47 -14.17
N HIS C 1097 0.65 27.53 -12.86
CA HIS C 1097 1.14 26.53 -11.91
C HIS C 1097 2.67 26.46 -11.93
N GLY C 1098 3.31 27.62 -12.07
CA GLY C 1098 4.76 27.64 -12.05
C GLY C 1098 5.30 29.04 -12.23
N VAL C 1099 6.62 29.13 -12.24
CA VAL C 1099 7.31 30.39 -12.38
C VAL C 1099 8.37 30.25 -13.46
N VAL C 1100 8.74 31.39 -14.04
CA VAL C 1100 9.75 31.45 -15.09
C VAL C 1100 10.72 32.55 -14.71
N PHE C 1101 12.01 32.28 -14.83
CA PHE C 1101 13.04 33.25 -14.51
C PHE C 1101 13.78 33.63 -15.78
N LEU C 1102 13.92 34.93 -16.01
CA LEU C 1102 14.73 35.48 -17.09
C LEU C 1102 16.04 35.90 -16.44
N HIS C 1103 17.04 35.04 -16.55
CA HIS C 1103 18.36 35.30 -16.00
C HIS C 1103 19.18 36.11 -16.99
N VAL C 1104 19.62 37.30 -16.59
CA VAL C 1104 20.49 38.16 -17.35
C VAL C 1104 21.90 37.93 -16.85
N THR C 1105 22.77 37.44 -17.73
CA THR C 1105 24.13 37.03 -17.42
C THR C 1105 25.09 37.73 -18.37
N TYR C 1106 26.34 37.83 -17.91
CA TYR C 1106 27.43 38.46 -18.63
C TYR C 1106 28.35 37.36 -19.15
N VAL C 1107 28.62 37.36 -20.45
CA VAL C 1107 29.41 36.29 -21.06
C VAL C 1107 30.55 36.88 -21.88
N PRO C 1108 31.80 36.73 -21.48
CA PRO C 1108 32.89 37.23 -22.34
C PRO C 1108 32.85 36.56 -23.72
N ALA C 1109 33.15 37.34 -24.75
CA ALA C 1109 32.90 36.92 -26.13
C ALA C 1109 34.17 36.73 -26.94
N GLN C 1110 35.01 37.76 -27.05
CA GLN C 1110 36.15 37.75 -27.98
C GLN C 1110 37.43 37.69 -27.17
N GLU C 1111 38.13 36.56 -27.24
CA GLU C 1111 39.30 36.31 -26.41
C GLU C 1111 40.56 36.38 -27.26
N LYS C 1112 41.45 37.30 -26.90
CA LYS C 1112 42.81 37.31 -27.41
C LYS C 1112 43.60 36.28 -26.61
N ASN C 1113 44.91 36.19 -26.84
CA ASN C 1113 45.78 35.71 -25.77
C ASN C 1113 47.08 36.49 -25.81
N PHE C 1114 47.66 36.68 -24.63
CA PHE C 1114 48.87 37.45 -24.40
C PHE C 1114 49.89 36.57 -23.66
N THR C 1115 51.09 37.12 -23.48
CA THR C 1115 52.13 36.47 -22.68
C THR C 1115 52.06 37.00 -21.25
N THR C 1116 52.01 36.11 -20.28
CA THR C 1116 51.78 36.51 -18.89
C THR C 1116 52.96 36.10 -18.02
N ALA C 1117 53.15 36.86 -16.94
CA ALA C 1117 54.17 36.60 -15.94
C ALA C 1117 53.57 36.75 -14.55
N PRO C 1118 53.91 35.87 -13.61
CA PRO C 1118 53.34 35.99 -12.26
C PRO C 1118 53.69 37.28 -11.55
N ALA C 1119 54.89 37.82 -11.78
CA ALA C 1119 55.33 39.02 -11.07
C ALA C 1119 56.24 39.82 -11.99
N ILE C 1120 56.76 40.93 -11.48
CA ILE C 1120 57.65 41.80 -12.23
C ILE C 1120 58.87 42.14 -11.39
N CYS C 1121 60.05 42.09 -12.02
CA CYS C 1121 61.28 42.52 -11.39
C CYS C 1121 61.61 43.92 -11.86
N HIS C 1122 61.70 44.87 -10.92
CA HIS C 1122 61.96 46.26 -11.25
C HIS C 1122 63.29 46.75 -10.73
N ASP C 1123 63.53 46.63 -9.42
CA ASP C 1123 64.75 47.11 -8.79
C ASP C 1123 65.24 46.10 -7.78
N GLY C 1124 65.20 44.81 -8.14
CA GLY C 1124 65.47 43.75 -7.20
C GLY C 1124 64.30 43.41 -6.31
N LYS C 1125 63.15 44.03 -6.51
CA LYS C 1125 61.96 43.81 -5.69
C LYS C 1125 60.86 43.24 -6.56
N ALA C 1126 60.20 42.19 -6.07
CA ALA C 1126 59.12 41.56 -6.81
C ALA C 1126 57.84 42.39 -6.67
N HIS C 1127 57.22 42.71 -7.80
CA HIS C 1127 55.98 43.45 -7.86
C HIS C 1127 54.86 42.51 -8.29
N PHE C 1128 53.71 42.61 -7.63
CA PHE C 1128 52.55 41.82 -7.96
C PHE C 1128 51.35 42.73 -8.19
N PRO C 1129 50.42 42.35 -9.06
CA PRO C 1129 49.28 43.24 -9.33
C PRO C 1129 48.33 43.28 -8.13
N ARG C 1130 47.89 44.49 -7.78
CA ARG C 1130 46.94 44.63 -6.69
C ARG C 1130 45.64 43.89 -7.01
N GLU C 1131 45.05 44.20 -8.15
CA GLU C 1131 43.97 43.39 -8.70
C GLU C 1131 44.10 43.43 -10.21
N GLY C 1132 44.20 42.28 -10.84
CA GLY C 1132 44.39 42.19 -12.27
C GLY C 1132 45.41 41.12 -12.59
N VAL C 1133 46.04 41.26 -13.75
CA VAL C 1133 47.03 40.29 -14.20
C VAL C 1133 47.97 41.00 -15.16
N PHE C 1134 49.23 40.57 -15.15
CA PHE C 1134 50.23 41.09 -16.06
C PHE C 1134 50.11 40.41 -17.41
N VAL C 1135 50.10 41.20 -18.48
CA VAL C 1135 50.02 40.70 -19.84
C VAL C 1135 51.04 41.44 -20.69
N SER C 1136 51.38 40.83 -21.83
CA SER C 1136 52.28 41.39 -22.80
C SER C 1136 51.76 41.10 -24.19
N ASN C 1137 51.73 42.14 -25.02
CA ASN C 1137 51.33 42.08 -26.42
C ASN C 1137 52.46 41.60 -27.31
N GLY C 1138 53.66 41.43 -26.78
CA GLY C 1138 54.81 41.01 -27.56
C GLY C 1138 56.04 41.86 -27.36
N THR C 1139 55.86 43.13 -26.99
CA THR C 1139 56.98 44.04 -26.85
C THR C 1139 56.98 44.75 -25.49
N HIS C 1140 55.80 45.07 -24.98
CA HIS C 1140 55.67 45.80 -23.73
C HIS C 1140 54.72 45.07 -22.79
N TRP C 1141 54.71 45.50 -21.53
CA TRP C 1141 53.94 44.85 -20.49
C TRP C 1141 52.90 45.81 -19.94
N PHE C 1142 51.77 45.24 -19.52
CA PHE C 1142 50.65 45.99 -18.97
C PHE C 1142 50.02 45.17 -17.85
N VAL C 1143 49.19 45.82 -17.05
CA VAL C 1143 48.38 45.17 -16.04
C VAL C 1143 46.93 45.47 -16.35
N THR C 1144 46.11 44.43 -16.46
CA THR C 1144 44.72 44.60 -16.86
C THR C 1144 43.81 43.74 -15.98
N GLN C 1145 42.57 44.18 -15.84
CA GLN C 1145 41.59 43.40 -15.12
C GLN C 1145 41.36 42.07 -15.84
N ARG C 1146 40.99 41.05 -15.07
CA ARG C 1146 41.01 39.69 -15.58
C ARG C 1146 39.87 39.42 -16.55
N ASN C 1147 38.71 40.04 -16.34
CA ASN C 1147 37.52 39.71 -17.11
C ASN C 1147 37.28 40.63 -18.30
N PHE C 1148 38.18 41.58 -18.57
CA PHE C 1148 38.00 42.49 -19.69
C PHE C 1148 39.33 43.15 -19.99
N TYR C 1149 39.77 43.08 -21.24
CA TYR C 1149 41.08 43.57 -21.63
C TYR C 1149 41.05 45.08 -21.77
N GLU C 1150 41.65 45.78 -20.82
CA GLU C 1150 41.90 47.21 -20.93
C GLU C 1150 43.27 47.48 -20.31
N PRO C 1151 44.32 47.53 -21.12
CA PRO C 1151 45.67 47.61 -20.55
C PRO C 1151 45.92 48.92 -19.82
N GLN C 1152 46.77 48.83 -18.79
CA GLN C 1152 47.19 49.98 -18.02
C GLN C 1152 48.70 49.92 -17.82
N ILE C 1153 49.33 51.10 -17.75
CA ILE C 1153 50.75 51.15 -17.50
C ILE C 1153 51.03 50.63 -16.10
N ILE C 1154 52.06 49.78 -15.99
CA ILE C 1154 52.42 49.18 -14.71
C ILE C 1154 53.07 50.25 -13.85
N THR C 1155 52.36 50.73 -12.83
CA THR C 1155 52.86 51.74 -11.92
C THR C 1155 52.83 51.19 -10.49
N THR C 1156 53.41 51.96 -9.57
CA THR C 1156 53.41 51.56 -8.17
C THR C 1156 52.00 51.49 -7.60
N ASP C 1157 51.04 52.18 -8.21
CA ASP C 1157 49.66 52.12 -7.75
C ASP C 1157 48.98 50.82 -8.16
N ASN C 1158 49.32 50.29 -9.33
CA ASN C 1158 48.71 49.04 -9.76
C ASN C 1158 49.24 47.84 -9.00
N THR C 1159 50.47 47.91 -8.50
CA THR C 1159 51.17 46.77 -7.94
C THR C 1159 51.62 47.05 -6.52
N PHE C 1160 51.92 45.97 -5.80
CA PHE C 1160 52.49 46.02 -4.47
C PHE C 1160 53.74 45.16 -4.43
N VAL C 1161 54.70 45.59 -3.63
CA VAL C 1161 56.01 44.94 -3.53
C VAL C 1161 55.95 43.84 -2.49
N SER C 1162 56.70 42.77 -2.72
CA SER C 1162 56.80 41.69 -1.74
C SER C 1162 58.05 40.88 -2.02
N GLY C 1163 59.01 40.94 -1.10
CA GLY C 1163 60.21 40.12 -1.23
C GLY C 1163 61.13 40.63 -2.33
N ASN C 1164 61.93 39.70 -2.84
CA ASN C 1164 62.91 39.98 -3.89
C ASN C 1164 62.67 39.04 -5.07
N CYS C 1165 63.59 39.07 -6.03
CA CYS C 1165 63.41 38.42 -7.31
C CYS C 1165 63.84 36.96 -7.32
N ASP C 1166 64.41 36.45 -6.23
CA ASP C 1166 65.03 35.13 -6.23
C ASP C 1166 64.06 34.00 -5.88
N VAL C 1167 62.83 34.30 -5.50
CA VAL C 1167 61.89 33.30 -5.02
C VAL C 1167 60.84 32.94 -6.07
N VAL C 1168 60.27 33.95 -6.72
CA VAL C 1168 59.17 33.71 -7.64
C VAL C 1168 59.66 32.94 -8.85
N ILE C 1169 58.86 31.98 -9.30
CA ILE C 1169 59.15 31.17 -10.48
C ILE C 1169 58.44 31.80 -11.67
N GLY C 1170 59.20 32.16 -12.69
CA GLY C 1170 58.65 32.78 -13.88
C GLY C 1170 58.63 34.29 -13.88
N ILE C 1171 59.27 34.92 -12.89
CA ILE C 1171 59.28 36.38 -12.84
C ILE C 1171 60.03 36.93 -14.05
N VAL C 1172 59.63 38.12 -14.49
CA VAL C 1172 60.19 38.75 -15.68
C VAL C 1172 60.58 40.18 -15.32
N ASN C 1173 61.77 40.60 -15.76
CA ASN C 1173 62.11 42.01 -15.57
C ASN C 1173 61.36 42.92 -16.52
N ASN C 1174 61.00 44.09 -16.00
CA ASN C 1174 60.34 45.20 -16.68
C ASN C 1174 60.36 46.39 -15.73
N THR C 1175 60.57 47.58 -16.28
CA THR C 1175 60.56 48.78 -15.46
C THR C 1175 59.14 49.05 -14.96
N VAL C 1176 59.04 49.50 -13.72
CA VAL C 1176 57.77 49.85 -13.10
C VAL C 1176 57.74 51.38 -12.94
N TYR C 1177 56.80 52.02 -13.62
CA TYR C 1177 56.73 53.47 -13.61
C TYR C 1177 56.32 53.98 -12.23
N ASP C 1178 56.89 55.13 -11.85
CA ASP C 1178 56.57 55.75 -10.56
C ASP C 1178 55.78 57.04 -10.81
N PRO C 1179 54.50 57.09 -10.45
CA PRO C 1179 53.73 58.32 -10.73
C PRO C 1179 54.28 59.54 -10.03
N LEU C 1180 54.87 59.37 -8.85
CA LEU C 1180 55.38 60.50 -8.09
C LEU C 1180 56.70 61.04 -8.64
N GLN C 1181 57.38 60.28 -9.50
CA GLN C 1181 58.67 60.73 -10.00
C GLN C 1181 58.59 62.00 -10.83
N PRO C 1182 57.68 62.12 -11.82
CA PRO C 1182 57.59 63.41 -12.54
C PRO C 1182 57.23 64.57 -11.65
N GLU C 1183 56.35 64.35 -10.67
CA GLU C 1183 56.02 65.41 -9.72
C GLU C 1183 57.25 65.82 -8.93
N LEU C 1184 58.06 64.86 -8.51
CA LEU C 1184 59.30 65.16 -7.81
C LEU C 1184 60.27 65.93 -8.71
N ASP C 1185 60.33 65.56 -9.99
CA ASP C 1185 61.20 66.25 -10.92
C ASP C 1185 60.79 67.71 -11.08
N SER C 1186 59.49 67.95 -11.24
CA SER C 1186 59.00 69.32 -11.32
C SER C 1186 59.25 70.07 -10.02
N PHE C 1187 59.07 69.40 -8.88
CA PHE C 1187 59.33 70.02 -7.59
C PHE C 1187 60.79 70.44 -7.47
N LYS C 1188 61.71 69.59 -7.93
CA LYS C 1188 63.12 69.96 -7.96
C LYS C 1188 63.35 71.14 -8.89
N GLU C 1189 62.73 71.13 -10.06
CA GLU C 1189 62.97 72.16 -11.06
C GLU C 1189 62.53 73.53 -10.56
N GLU C 1190 61.29 73.63 -10.09
CA GLU C 1190 60.75 74.90 -9.62
C GLU C 1190 60.42 74.84 -8.13
#